data_6ULA
#
_entry.id   6ULA
#
_cell.length_a   98.723
_cell.length_b   138.888
_cell.length_c   177.154
_cell.angle_alpha   90.000
_cell.angle_beta   89.984
_cell.angle_gamma   90.000
#
_symmetry.space_group_name_H-M   'P 1 21 1'
#
loop_
_entity.id
_entity.type
_entity.pdbx_description
1 polymer 'Glutaminase kidney isoform, mitochondrial'
2 non-polymer 2-cyclopropyl-N-{5-[4-({5-[(cyclopropylacetyl)amino]-1,3,4-thiadiazol-2-yl}oxy)piperidin-1-yl]-1,3,4-thiadiazol-2-yl}acetamide
#
_entity_poly.entity_id   1
_entity_poly.type   'polypeptide(L)'
_entity_poly.pdbx_seq_one_letter_code
;LSSSPSEILQELGKGSTHPQPGVSPPAAPAAPGPKDGPGETDAFGNSEGKELVASGENKIKQGLLPSLEDLLFYTIAEGQ
EKIPVHKFITALKSTGLRTSDPRLKECMDMLRLTLQTTSDGVMLDKDLFKKCVQSNIVLLTQAFRRKFVIPDFMSFTSHI
DELYESAKKQSGGKVADYIPQLAKFSPDLWGVSVCTADGQRHSTGDTKVPFCLQSCVKPLKYAIAVNDLGTEYVHRYVGK
EPSGLRFNKLFLNEDDKPHNPMVNAGAIVVTSLIKQGVNNAEKFDYVMQFLNKMAGNEYVGFSNATFQSERESGDRNFAI
GYYLKEKKCFPEGTDMVGILDFYFQLCSIEVTCESASVMAATLANGGFCPITGERVLSPEAVRNTLSLMHSCGMYDFSGQ
FAFHVGLPAKSGVAGGILLVVPNVMGMMCWSPPLDKMGNSVKGIHFCHDLVSLCNFHNYDNLRHFAKKLDPRREGGDQRH
SFGPLDYESLQQELALKETVWKKVSPESNEDISTTVVYRMESLGEKS
;
_entity_poly.pdbx_strand_id   A,B,C,D,E,G,F,H
#
loop_
_chem_comp.id
_chem_comp.type
_chem_comp.name
_chem_comp.formula
QA4 non-polymer 2-cyclopropyl-N-{5-[4-({5-[(cyclopropylacetyl)amino]-1,3,4-thiadiazol-2-yl}oxy)piperidin-1-yl]-1,3,4-thiadiazol-2-yl}acetamide 'C19 H25 N7 O3 S2'
#
# COMPACT_ATOMS: atom_id res chain seq x y z
N PRO A 66 -58.85 50.00 -15.73
CA PRO A 66 -58.44 49.33 -14.49
C PRO A 66 -57.26 50.05 -13.85
N SER A 67 -57.01 49.86 -12.56
CA SER A 67 -55.94 50.56 -11.84
C SER A 67 -55.67 49.79 -10.57
N LEU A 68 -54.46 49.27 -10.37
CA LEU A 68 -54.38 48.37 -9.23
C LEU A 68 -54.16 49.15 -7.93
N GLU A 69 -53.58 50.37 -8.02
CA GLU A 69 -53.53 51.26 -6.85
C GLU A 69 -54.94 51.61 -6.42
N ASP A 70 -55.85 51.76 -7.40
CA ASP A 70 -57.23 52.14 -7.13
C ASP A 70 -58.04 50.92 -6.77
N LEU A 71 -57.69 49.77 -7.35
CA LEU A 71 -58.34 48.52 -6.95
C LEU A 71 -58.15 48.28 -5.47
N LEU A 72 -56.93 48.54 -4.97
CA LEU A 72 -56.67 48.37 -3.56
C LEU A 72 -57.30 49.47 -2.72
N PHE A 73 -57.50 50.66 -3.30
CA PHE A 73 -58.20 51.69 -2.55
C PHE A 73 -59.56 51.19 -2.09
N TYR A 74 -60.32 50.61 -3.00
CA TYR A 74 -61.68 50.22 -2.64
C TYR A 74 -61.70 49.03 -1.70
N THR A 75 -60.73 48.10 -1.82
CA THR A 75 -60.63 46.99 -0.87
C THR A 75 -60.61 47.47 0.58
N ILE A 76 -59.84 48.51 0.87
CA ILE A 76 -59.77 49.03 2.23
C ILE A 76 -60.85 50.08 2.48
N ALA A 77 -61.28 50.80 1.43
CA ALA A 77 -62.17 51.93 1.61
C ALA A 77 -63.60 51.49 1.92
N GLU A 78 -64.00 50.30 1.47
CA GLU A 78 -65.34 49.73 1.70
C GLU A 78 -66.41 50.39 0.82
N GLY A 79 -66.01 51.00 -0.30
CA GLY A 79 -66.94 51.84 -1.00
C GLY A 79 -67.28 53.13 -0.30
N GLN A 80 -66.67 53.37 0.84
CA GLN A 80 -66.90 54.56 1.65
C GLN A 80 -65.96 55.70 1.21
N GLU A 81 -66.26 56.90 1.72
CA GLU A 81 -65.69 58.20 1.36
C GLU A 81 -64.18 58.13 1.18
N LYS A 82 -63.48 58.22 2.30
CA LYS A 82 -62.03 58.15 2.29
C LYS A 82 -61.56 57.18 3.36
N ILE A 83 -60.27 56.88 3.30
CA ILE A 83 -59.66 55.98 4.26
C ILE A 83 -58.99 56.82 5.34
N PRO A 84 -59.44 56.76 6.58
CA PRO A 84 -58.68 57.37 7.67
C PRO A 84 -57.33 56.67 7.70
N VAL A 85 -56.27 57.39 8.05
CA VAL A 85 -54.94 56.83 7.89
C VAL A 85 -54.72 55.76 8.95
N HIS A 86 -55.25 55.98 10.16
CA HIS A 86 -55.13 54.95 11.19
C HIS A 86 -55.78 53.65 10.73
N LYS A 87 -56.91 53.74 10.05
CA LYS A 87 -57.58 52.56 9.55
C LYS A 87 -56.72 51.84 8.51
N PHE A 88 -55.91 52.59 7.75
CA PHE A 88 -55.02 51.95 6.79
C PHE A 88 -53.89 51.20 7.46
N ILE A 89 -53.24 51.83 8.45
CA ILE A 89 -52.09 51.18 9.07
C ILE A 89 -52.57 50.02 9.93
N THR A 90 -53.76 50.13 10.51
CA THR A 90 -54.25 49.00 11.28
C THR A 90 -54.56 47.82 10.37
N ALA A 91 -55.11 48.10 9.18
CA ALA A 91 -55.18 47.08 8.15
C ALA A 91 -53.79 46.53 7.82
N LEU A 92 -52.79 47.41 7.79
CA LEU A 92 -51.45 46.98 7.42
C LEU A 92 -50.84 46.08 8.48
N LYS A 93 -50.95 46.46 9.75
CA LYS A 93 -50.32 45.63 10.77
C LYS A 93 -50.98 44.27 10.84
N SER A 94 -52.25 44.18 10.45
CA SER A 94 -52.96 42.91 10.42
C SER A 94 -52.32 41.92 9.46
N THR A 95 -51.72 42.39 8.38
CA THR A 95 -51.06 41.46 7.46
C THR A 95 -49.85 40.76 8.09
N GLY A 96 -49.31 41.32 9.18
CA GLY A 96 -48.04 40.88 9.74
C GLY A 96 -46.88 41.79 9.43
N LEU A 97 -47.05 42.68 8.45
CA LEU A 97 -46.03 43.67 8.20
C LEU A 97 -46.00 44.66 9.36
N ARG A 98 -44.81 45.20 9.61
CA ARG A 98 -44.58 46.26 10.57
C ARG A 98 -44.39 47.57 9.81
N THR A 99 -44.82 48.67 10.41
CA THR A 99 -44.74 49.94 9.70
C THR A 99 -43.29 50.35 9.46
N SER A 100 -42.35 49.81 10.21
CA SER A 100 -40.94 50.09 10.04
C SER A 100 -40.27 49.23 8.97
N ASP A 101 -41.04 48.42 8.24
CA ASP A 101 -40.47 47.60 7.18
C ASP A 101 -39.65 48.45 6.21
N PRO A 102 -38.40 48.10 5.96
CA PRO A 102 -37.61 48.83 4.95
C PRO A 102 -38.24 48.89 3.57
N ARG A 103 -38.98 47.87 3.15
CA ARG A 103 -39.58 47.91 1.82
C ARG A 103 -40.77 48.83 1.74
N LEU A 104 -41.11 49.46 2.86
CA LEU A 104 -42.25 50.34 2.95
C LEU A 104 -41.86 51.79 3.21
N LYS A 105 -40.55 52.10 3.22
CA LYS A 105 -40.11 53.44 3.62
C LYS A 105 -40.73 54.51 2.74
N GLU A 106 -40.65 54.35 1.41
CA GLU A 106 -41.21 55.35 0.51
C GLU A 106 -42.69 55.58 0.79
N CYS A 107 -43.43 54.50 1.09
CA CYS A 107 -44.81 54.69 1.50
C CYS A 107 -44.90 55.43 2.83
N MET A 108 -44.06 55.06 3.79
CA MET A 108 -44.15 55.71 5.09
C MET A 108 -43.63 57.13 4.99
N ASP A 109 -42.60 57.33 4.16
CA ASP A 109 -42.07 58.68 3.97
C ASP A 109 -43.14 59.60 3.43
N MET A 110 -43.98 59.10 2.54
CA MET A 110 -45.05 59.90 1.98
C MET A 110 -46.28 59.92 2.87
N LEU A 111 -46.39 59.01 3.82
CA LEU A 111 -47.38 59.20 4.88
C LEU A 111 -46.95 60.30 5.82
N ARG A 112 -45.65 60.37 6.14
CA ARG A 112 -45.17 61.44 7.00
C ARG A 112 -45.30 62.80 6.32
N LEU A 113 -45.19 62.82 4.99
CA LEU A 113 -45.38 64.05 4.24
C LEU A 113 -46.83 64.54 4.34
N THR A 114 -47.81 63.67 4.02
CA THR A 114 -49.20 64.11 4.05
C THR A 114 -49.70 64.40 5.46
N LEU A 115 -49.05 63.86 6.49
CA LEU A 115 -49.54 64.20 7.81
C LEU A 115 -49.01 65.52 8.31
N GLN A 116 -48.34 66.25 7.45
CA GLN A 116 -47.98 67.63 7.68
C GLN A 116 -48.70 68.62 6.78
N THR A 117 -49.53 68.13 5.88
CA THR A 117 -50.22 68.98 4.92
C THR A 117 -51.17 69.92 5.63
N THR A 118 -51.93 69.39 6.60
CA THR A 118 -52.88 70.14 7.41
C THR A 118 -53.48 69.13 8.37
N SER A 119 -53.08 69.23 9.64
CA SER A 119 -53.17 68.21 10.68
C SER A 119 -54.58 67.66 10.99
N ASP A 120 -55.71 68.33 10.78
CA ASP A 120 -56.84 67.40 10.93
C ASP A 120 -57.52 67.07 9.59
N GLY A 121 -58.42 66.08 9.67
CA GLY A 121 -59.05 65.44 8.54
C GLY A 121 -58.07 64.44 7.99
N VAL A 122 -57.73 63.40 8.77
CA VAL A 122 -56.60 62.54 8.45
C VAL A 122 -56.94 61.59 7.30
N MET A 123 -57.80 62.00 6.38
CA MET A 123 -58.40 61.09 5.43
C MET A 123 -57.71 61.18 4.08
N LEU A 124 -57.72 60.05 3.35
CA LEU A 124 -57.03 59.88 2.08
C LEU A 124 -58.05 59.70 0.97
N ASP A 125 -57.99 60.53 -0.07
CA ASP A 125 -58.83 60.29 -1.24
C ASP A 125 -58.23 59.12 -2.01
N LYS A 126 -58.81 58.80 -3.17
CA LYS A 126 -58.28 57.73 -4.01
C LYS A 126 -56.92 58.09 -4.62
N ASP A 127 -56.63 59.38 -4.79
CA ASP A 127 -55.41 59.88 -5.41
C ASP A 127 -54.31 60.32 -4.45
N LEU A 128 -54.63 60.57 -3.19
CA LEU A 128 -53.56 60.73 -2.19
C LEU A 128 -53.19 59.39 -1.59
N PHE A 129 -54.16 58.49 -1.43
CA PHE A 129 -53.82 57.11 -1.12
C PHE A 129 -52.87 56.57 -2.18
N LYS A 130 -53.20 56.79 -3.45
CA LYS A 130 -52.30 56.34 -4.51
C LYS A 130 -51.00 57.13 -4.49
N LYS A 131 -51.06 58.37 -4.00
CA LYS A 131 -49.86 59.17 -3.86
C LYS A 131 -48.85 58.48 -2.95
N CYS A 132 -49.32 57.75 -1.94
CA CYS A 132 -48.40 57.12 -1.00
C CYS A 132 -48.05 55.68 -1.38
N VAL A 133 -49.05 54.91 -1.82
CA VAL A 133 -48.84 53.50 -2.09
C VAL A 133 -48.26 53.23 -3.46
N GLN A 134 -48.18 54.26 -4.31
CA GLN A 134 -47.62 54.12 -5.64
C GLN A 134 -46.32 53.31 -5.59
N SER A 135 -45.43 53.72 -4.71
CA SER A 135 -44.05 53.26 -4.75
C SER A 135 -43.95 51.79 -4.37
N ASN A 136 -44.74 51.36 -3.40
CA ASN A 136 -44.72 50.01 -2.85
C ASN A 136 -46.03 49.26 -3.11
N ILE A 137 -46.63 49.45 -4.29
CA ILE A 137 -47.97 48.92 -4.51
C ILE A 137 -47.96 47.40 -4.62
N VAL A 138 -46.94 46.82 -5.25
CA VAL A 138 -47.03 45.40 -5.50
C VAL A 138 -46.89 44.63 -4.19
N LEU A 139 -46.03 45.12 -3.29
CA LEU A 139 -45.90 44.48 -1.98
C LEU A 139 -47.16 44.69 -1.14
N LEU A 140 -47.79 45.86 -1.24
CA LEU A 140 -48.99 46.13 -0.44
C LEU A 140 -50.17 45.29 -0.88
N THR A 141 -50.27 45.01 -2.19
CA THR A 141 -51.43 44.25 -2.65
C THR A 141 -51.26 42.79 -2.32
N GLN A 142 -50.03 42.28 -2.39
CA GLN A 142 -49.78 40.91 -2.00
C GLN A 142 -50.16 40.67 -0.55
N ALA A 143 -49.94 41.67 0.30
CA ALA A 143 -50.37 41.56 1.69
C ALA A 143 -51.89 41.59 1.81
N PHE A 144 -52.53 42.47 1.06
CA PHE A 144 -53.94 42.68 1.25
C PHE A 144 -54.78 41.70 0.44
N ARG A 145 -54.21 41.10 -0.59
CA ARG A 145 -54.84 39.98 -1.27
C ARG A 145 -54.43 38.66 -0.67
N ARG A 146 -54.07 38.68 0.61
CA ARG A 146 -53.65 37.53 1.40
C ARG A 146 -52.84 36.53 0.57
N LYS A 147 -51.73 37.01 0.01
CA LYS A 147 -50.83 36.17 -0.77
C LYS A 147 -49.54 35.83 -0.02
N PHE A 148 -49.43 36.23 1.26
CA PHE A 148 -48.23 35.90 2.01
C PHE A 148 -48.28 34.46 2.47
N VAL A 149 -47.10 33.93 2.79
CA VAL A 149 -46.92 32.48 2.96
C VAL A 149 -47.84 31.95 4.05
N ILE A 150 -48.17 32.79 5.03
CA ILE A 150 -49.18 32.51 6.02
C ILE A 150 -50.29 33.55 5.85
N PRO A 151 -51.39 33.18 5.21
CA PRO A 151 -52.40 34.18 4.86
C PRO A 151 -53.09 34.76 6.07
N ASP A 152 -53.60 33.91 6.96
CA ASP A 152 -54.26 34.40 8.16
C ASP A 152 -53.21 34.53 9.26
N PHE A 153 -52.38 35.56 9.11
CA PHE A 153 -51.28 35.71 10.04
C PHE A 153 -51.76 36.08 11.43
N MET A 154 -52.90 36.76 11.56
CA MET A 154 -53.25 37.16 12.91
C MET A 154 -53.63 35.94 13.74
N SER A 155 -54.13 34.89 13.08
CA SER A 155 -54.47 33.69 13.83
C SER A 155 -53.23 32.85 14.13
N PHE A 156 -52.28 32.78 13.21
CA PHE A 156 -51.05 32.04 13.45
C PHE A 156 -50.32 32.60 14.67
N THR A 157 -50.25 33.93 14.81
CA THR A 157 -49.57 34.48 15.96
C THR A 157 -50.29 34.17 17.26
N SER A 158 -51.61 33.98 17.21
CA SER A 158 -52.31 33.63 18.42
C SER A 158 -51.91 32.23 18.89
N HIS A 159 -51.59 31.34 17.94
CA HIS A 159 -51.02 30.05 18.30
C HIS A 159 -49.61 30.23 18.85
N ILE A 160 -48.80 31.10 18.24
CA ILE A 160 -47.47 31.36 18.79
C ILE A 160 -47.58 31.77 20.25
N ASP A 161 -48.55 32.63 20.54
CA ASP A 161 -48.74 33.05 21.91
C ASP A 161 -49.04 31.86 22.80
N GLU A 162 -49.93 30.96 22.34
CA GLU A 162 -50.22 29.79 23.17
C GLU A 162 -49.00 28.90 23.31
N LEU A 163 -48.28 28.64 22.22
CA LEU A 163 -47.09 27.82 22.34
C LEU A 163 -46.07 28.46 23.26
N TYR A 164 -45.85 29.78 23.12
CA TYR A 164 -44.93 30.48 24.00
C TYR A 164 -45.37 30.40 25.45
N GLU A 165 -46.64 30.70 25.73
CA GLU A 165 -46.98 30.70 27.15
C GLU A 165 -47.07 29.31 27.71
N SER A 166 -47.31 28.32 26.86
CA SER A 166 -47.26 26.98 27.39
C SER A 166 -45.83 26.55 27.68
N ALA A 167 -44.88 27.05 26.88
CA ALA A 167 -43.48 26.77 27.16
C ALA A 167 -42.99 27.53 28.38
N LYS A 168 -43.61 28.68 28.67
CA LYS A 168 -43.15 29.51 29.77
C LYS A 168 -43.21 28.79 31.10
N LYS A 169 -44.02 27.75 31.19
CA LYS A 169 -44.21 27.06 32.46
C LYS A 169 -43.14 26.04 32.75
N GLN A 170 -42.22 25.79 31.83
CA GLN A 170 -41.18 24.77 32.02
C GLN A 170 -39.94 25.42 32.62
N SER A 171 -39.92 25.51 33.95
CA SER A 171 -38.97 26.36 34.63
C SER A 171 -37.74 25.61 35.08
N GLY A 172 -37.56 24.38 34.62
CA GLY A 172 -36.37 23.63 34.94
C GLY A 172 -35.17 24.14 34.15
N GLY A 173 -34.02 23.54 34.45
CA GLY A 173 -32.75 23.87 33.82
C GLY A 173 -31.86 24.73 34.70
N LYS A 174 -30.64 24.90 34.21
CA LYS A 174 -29.55 25.63 34.83
C LYS A 174 -28.98 26.66 33.84
N VAL A 175 -28.78 27.88 34.33
CA VAL A 175 -28.16 28.93 33.55
C VAL A 175 -26.68 28.62 33.41
N ALA A 176 -26.11 28.88 32.26
CA ALA A 176 -24.67 28.67 32.15
C ALA A 176 -23.96 29.62 33.12
N ASP A 177 -23.16 29.07 34.03
CA ASP A 177 -22.50 29.89 35.02
C ASP A 177 -21.01 29.96 34.82
N TYR A 178 -20.47 29.21 33.83
CA TYR A 178 -19.02 29.16 33.66
C TYR A 178 -18.44 30.54 33.44
N ILE A 179 -19.21 31.47 32.89
CA ILE A 179 -18.74 32.85 32.83
C ILE A 179 -19.68 33.69 33.71
N PRO A 180 -19.18 34.73 34.37
CA PRO A 180 -20.08 35.58 35.16
C PRO A 180 -21.06 36.35 34.30
N GLN A 181 -20.88 36.38 32.97
CA GLN A 181 -21.74 37.21 32.12
C GLN A 181 -23.06 36.51 31.78
N LEU A 182 -23.04 35.19 31.61
CA LEU A 182 -24.30 34.48 31.48
C LEU A 182 -24.88 34.21 32.86
N ALA A 183 -24.03 34.07 33.90
CA ALA A 183 -24.54 33.89 35.26
C ALA A 183 -25.31 35.10 35.77
N LYS A 184 -24.97 36.32 35.34
CA LYS A 184 -25.86 37.45 35.64
C LYS A 184 -27.21 37.42 34.91
N PHE A 185 -27.43 36.58 33.90
CA PHE A 185 -28.71 36.61 33.20
C PHE A 185 -29.77 35.86 34.01
N SER A 186 -31.01 36.41 34.03
CA SER A 186 -32.07 35.83 34.87
C SER A 186 -32.69 34.60 34.21
N PRO A 187 -33.09 33.61 35.01
CA PRO A 187 -33.74 32.41 34.47
C PRO A 187 -35.16 32.65 33.97
N ASP A 188 -35.76 33.80 34.28
CA ASP A 188 -37.14 34.06 33.93
C ASP A 188 -37.29 34.74 32.59
N LEU A 189 -36.18 35.10 31.95
CA LEU A 189 -36.25 35.63 30.59
C LEU A 189 -36.68 34.55 29.62
N TRP A 190 -37.59 34.93 28.73
CA TRP A 190 -38.10 33.99 27.74
C TRP A 190 -38.73 34.81 26.64
N GLY A 191 -38.18 34.73 25.43
CA GLY A 191 -38.70 35.48 24.31
C GLY A 191 -38.73 34.61 23.07
N VAL A 192 -39.73 34.86 22.23
CA VAL A 192 -39.89 34.19 20.94
C VAL A 192 -40.25 35.25 19.90
N SER A 193 -39.56 35.21 18.75
CA SER A 193 -39.84 36.12 17.64
C SER A 193 -39.90 35.35 16.34
N VAL A 194 -40.82 35.79 15.47
CA VAL A 194 -41.12 35.12 14.21
C VAL A 194 -40.89 36.12 13.08
N CYS A 195 -40.32 35.61 11.98
CA CYS A 195 -40.18 36.39 10.77
C CYS A 195 -40.46 35.45 9.61
N THR A 196 -41.46 35.77 8.80
CA THR A 196 -41.81 34.86 7.70
C THR A 196 -40.87 35.08 6.53
N ALA A 197 -40.95 34.17 5.56
CA ALA A 197 -40.19 34.42 4.34
C ALA A 197 -40.70 35.66 3.61
N ASP A 198 -41.80 36.26 4.09
CA ASP A 198 -42.38 37.44 3.46
C ASP A 198 -42.27 38.71 4.30
N GLY A 199 -41.68 38.65 5.48
CA GLY A 199 -41.56 39.84 6.30
C GLY A 199 -42.65 40.04 7.33
N GLN A 200 -43.54 39.08 7.53
CA GLN A 200 -44.54 39.21 8.58
C GLN A 200 -43.90 38.92 9.92
N ARG A 201 -44.15 39.78 10.91
CA ARG A 201 -43.45 39.67 12.19
C ARG A 201 -44.41 39.52 13.35
N HIS A 202 -43.91 38.83 14.37
CA HIS A 202 -44.60 38.74 15.64
C HIS A 202 -43.58 38.43 16.72
N SER A 203 -43.79 38.98 17.91
CA SER A 203 -42.96 38.61 19.05
C SER A 203 -43.79 38.45 20.31
N THR A 204 -43.19 37.77 21.29
CA THR A 204 -43.83 37.57 22.58
C THR A 204 -42.71 37.37 23.59
N GLY A 205 -42.83 38.06 24.72
CA GLY A 205 -41.80 37.99 25.73
C GLY A 205 -40.67 38.97 25.54
N ASP A 206 -39.52 38.62 26.09
CA ASP A 206 -38.36 39.50 26.14
C ASP A 206 -37.58 39.39 24.84
N THR A 207 -38.16 39.99 23.81
CA THR A 207 -37.67 39.87 22.46
C THR A 207 -36.74 41.01 22.05
N LYS A 208 -36.60 42.03 22.89
CA LYS A 208 -35.73 43.18 22.65
C LYS A 208 -34.54 43.26 23.61
N VAL A 209 -34.25 42.19 24.35
CA VAL A 209 -33.12 42.13 25.27
C VAL A 209 -31.96 41.53 24.49
N PRO A 210 -30.81 42.18 24.47
CA PRO A 210 -29.67 41.62 23.75
C PRO A 210 -29.00 40.49 24.51
N PHE A 211 -28.49 39.51 23.74
CA PHE A 211 -27.78 38.38 24.30
C PHE A 211 -26.80 37.84 23.26
N CYS A 212 -25.83 37.04 23.70
CA CYS A 212 -24.80 36.61 22.77
C CYS A 212 -25.23 35.37 22.00
N LEU A 213 -24.73 35.26 20.77
CA LEU A 213 -25.15 34.14 19.95
C LEU A 213 -24.48 32.88 20.45
N GLN A 214 -23.24 33.03 20.90
CA GLN A 214 -22.38 31.92 21.25
C GLN A 214 -22.42 31.00 20.03
N SER A 215 -22.76 29.72 20.16
CA SER A 215 -22.66 28.84 19.02
C SER A 215 -23.87 28.94 18.08
N CYS A 216 -24.85 29.80 18.36
CA CYS A 216 -25.76 30.13 17.27
C CYS A 216 -25.08 30.88 16.13
N VAL A 217 -23.88 31.41 16.37
CA VAL A 217 -23.15 32.09 15.31
C VAL A 217 -22.44 31.09 14.40
N LYS A 218 -22.29 29.84 14.82
CA LYS A 218 -21.54 28.90 14.00
C LYS A 218 -22.15 28.72 12.61
N PRO A 219 -23.46 28.50 12.45
CA PRO A 219 -23.97 28.38 11.08
C PRO A 219 -23.83 29.66 10.28
N LEU A 220 -23.96 30.82 10.94
CA LEU A 220 -23.89 32.09 10.24
C LEU A 220 -22.52 32.31 9.61
N LYS A 221 -21.44 31.98 10.33
CA LYS A 221 -20.14 32.17 9.70
C LYS A 221 -19.86 31.08 8.68
N TYR A 222 -20.40 29.88 8.90
CA TYR A 222 -20.31 28.86 7.86
C TYR A 222 -20.92 29.34 6.58
N ALA A 223 -22.09 29.99 6.66
CA ALA A 223 -22.72 30.51 5.46
C ALA A 223 -21.81 31.52 4.76
N ILE A 224 -21.25 32.44 5.55
CA ILE A 224 -20.36 33.45 4.98
C ILE A 224 -19.20 32.77 4.28
N ALA A 225 -18.63 31.78 4.94
CA ALA A 225 -17.45 31.11 4.40
C ALA A 225 -17.75 30.48 3.06
N VAL A 226 -18.82 29.69 3.00
CA VAL A 226 -19.20 29.04 1.76
C VAL A 226 -19.62 30.07 0.74
N ASN A 227 -20.31 31.13 1.19
CA ASN A 227 -20.73 32.18 0.25
C ASN A 227 -19.55 32.80 -0.47
N ASP A 228 -18.46 33.06 0.25
CA ASP A 228 -17.30 33.71 -0.34
C ASP A 228 -16.33 32.74 -0.98
N LEU A 229 -16.29 31.49 -0.55
CA LEU A 229 -15.21 30.61 -0.96
C LEU A 229 -15.66 29.33 -1.64
N GLY A 230 -16.92 28.95 -1.53
CA GLY A 230 -17.43 27.78 -2.23
C GLY A 230 -17.33 26.51 -1.42
N THR A 231 -18.27 25.60 -1.69
CA THR A 231 -18.33 24.34 -0.95
C THR A 231 -17.00 23.60 -0.97
N GLU A 232 -16.34 23.54 -2.12
CA GLU A 232 -15.23 22.63 -2.29
C GLU A 232 -14.02 23.13 -1.51
N TYR A 233 -13.79 24.43 -1.46
CA TYR A 233 -12.68 24.92 -0.64
C TYR A 233 -12.96 24.69 0.84
N VAL A 234 -14.10 25.18 1.32
CA VAL A 234 -14.36 25.08 2.75
C VAL A 234 -14.28 23.65 3.21
N HIS A 235 -14.83 22.72 2.44
CA HIS A 235 -14.88 21.36 2.93
C HIS A 235 -13.61 20.60 2.65
N ARG A 236 -12.58 21.29 2.16
CA ARG A 236 -11.23 20.79 2.26
C ARG A 236 -10.72 20.85 3.69
N TYR A 237 -11.27 21.72 4.51
CA TYR A 237 -10.74 21.94 5.84
C TYR A 237 -11.63 21.42 6.97
N VAL A 238 -12.87 21.02 6.68
CA VAL A 238 -13.84 20.60 7.69
C VAL A 238 -14.83 19.61 7.06
N GLY A 239 -15.24 18.60 7.81
CA GLY A 239 -16.14 17.58 7.30
C GLY A 239 -17.57 18.07 7.11
N LYS A 240 -18.47 17.12 6.77
CA LYS A 240 -19.87 17.50 6.57
C LYS A 240 -20.87 16.48 7.14
N GLU A 241 -20.48 15.67 8.12
CA GLU A 241 -21.37 14.69 8.70
C GLU A 241 -21.38 14.89 10.21
N PRO A 242 -22.38 14.37 10.90
CA PRO A 242 -22.35 14.42 12.38
C PRO A 242 -21.35 13.43 12.97
N SER A 243 -20.79 13.84 14.12
CA SER A 243 -19.83 13.02 14.85
C SER A 243 -20.35 11.61 15.08
N GLY A 244 -21.54 11.51 15.70
CA GLY A 244 -22.01 10.26 16.28
C GLY A 244 -22.01 10.35 17.79
N LEU A 245 -23.07 9.90 18.48
CA LEU A 245 -23.25 10.30 19.89
C LEU A 245 -22.12 9.78 20.77
N ARG A 246 -21.20 9.06 20.17
CA ARG A 246 -20.00 8.60 20.83
C ARG A 246 -18.85 9.51 20.43
N PHE A 247 -19.16 10.71 19.88
CA PHE A 247 -18.03 11.56 19.50
C PHE A 247 -18.18 13.07 19.69
N ASN A 248 -18.93 13.58 20.66
CA ASN A 248 -18.58 14.99 20.98
C ASN A 248 -17.25 15.17 21.67
N LYS A 249 -16.52 14.07 21.92
CA LYS A 249 -15.24 14.18 22.60
C LYS A 249 -14.07 14.31 21.62
N LEU A 250 -14.25 13.88 20.39
CA LEU A 250 -13.17 13.88 19.41
C LEU A 250 -13.15 15.17 18.59
N PHE A 251 -11.95 15.62 18.26
CA PHE A 251 -11.84 16.82 17.45
C PHE A 251 -11.87 16.51 15.95
N LEU A 252 -11.29 15.38 15.56
CA LEU A 252 -11.04 15.07 14.16
C LEU A 252 -11.70 13.76 13.82
N ASN A 253 -12.10 13.65 12.55
CA ASN A 253 -12.65 12.45 11.97
C ASN A 253 -11.50 11.62 11.39
N GLU A 254 -11.78 10.63 10.51
CA GLU A 254 -10.72 9.75 10.01
C GLU A 254 -9.77 10.47 9.07
N ASP A 255 -10.24 11.52 8.38
CA ASP A 255 -9.43 12.29 7.45
C ASP A 255 -8.71 13.47 8.11
N ASP A 256 -8.72 13.53 9.44
CA ASP A 256 -8.02 14.55 10.23
C ASP A 256 -8.56 15.97 10.02
N LYS A 257 -9.85 16.09 9.67
CA LYS A 257 -10.62 17.33 9.67
C LYS A 257 -11.73 17.26 10.71
N PRO A 258 -12.06 18.38 11.36
CA PRO A 258 -13.19 18.37 12.32
C PRO A 258 -14.45 17.91 11.63
N HIS A 259 -15.37 17.36 12.43
CA HIS A 259 -16.46 16.55 11.87
C HIS A 259 -17.44 17.36 11.03
N ASN A 260 -17.70 18.60 11.40
CA ASN A 260 -18.69 19.42 10.72
C ASN A 260 -18.58 20.84 11.27
N PRO A 261 -19.14 21.82 10.58
CA PRO A 261 -18.98 23.21 11.00
C PRO A 261 -19.67 23.55 12.31
N MET A 262 -20.51 22.67 12.86
CA MET A 262 -21.25 23.05 14.07
C MET A 262 -20.56 22.61 15.34
N VAL A 263 -19.47 21.86 15.27
CA VAL A 263 -18.76 21.50 16.48
C VAL A 263 -17.55 22.41 16.61
N ASN A 264 -17.07 22.56 17.85
CA ASN A 264 -16.12 23.63 18.19
C ASN A 264 -14.83 23.53 17.39
N ALA A 265 -14.31 22.32 17.18
CA ALA A 265 -13.12 22.23 16.34
C ALA A 265 -13.43 22.69 14.93
N GLY A 266 -14.63 22.38 14.43
CA GLY A 266 -14.98 22.81 13.09
C GLY A 266 -15.18 24.30 12.99
N ALA A 267 -15.90 24.87 13.96
CA ALA A 267 -16.14 26.30 13.97
C ALA A 267 -14.83 27.07 14.00
N ILE A 268 -13.88 26.60 14.82
CA ILE A 268 -12.57 27.22 14.89
C ILE A 268 -11.88 27.15 13.54
N VAL A 269 -11.95 26.00 12.87
CA VAL A 269 -11.37 25.92 11.54
C VAL A 269 -12.10 26.84 10.56
N VAL A 270 -13.45 26.89 10.63
CA VAL A 270 -14.18 27.75 9.72
C VAL A 270 -13.79 29.20 9.92
N THR A 271 -13.66 29.62 11.18
CA THR A 271 -13.19 30.95 11.50
C THR A 271 -11.85 31.28 10.83
N SER A 272 -10.97 30.30 10.70
CA SER A 272 -9.69 30.53 10.03
C SER A 272 -9.82 30.75 8.52
N LEU A 273 -11.02 30.58 7.95
CA LEU A 273 -11.21 30.72 6.51
C LEU A 273 -11.75 32.08 6.08
N ILE A 274 -12.41 32.82 6.97
CA ILE A 274 -13.13 34.02 6.59
C ILE A 274 -12.15 35.17 6.43
N LYS A 275 -12.09 35.72 5.22
CA LYS A 275 -11.36 36.96 4.95
C LYS A 275 -9.90 36.84 5.38
N GLN A 276 -9.23 35.85 4.82
CA GLN A 276 -7.83 35.64 5.13
C GLN A 276 -7.00 36.84 4.67
N GLY A 277 -5.83 37.00 5.28
CA GLY A 277 -4.91 38.03 4.85
C GLY A 277 -5.22 39.43 5.35
N VAL A 278 -6.35 39.61 5.99
CA VAL A 278 -6.69 40.85 6.66
C VAL A 278 -6.54 40.63 8.16
N ASN A 279 -6.38 41.71 8.92
CA ASN A 279 -6.17 41.53 10.36
C ASN A 279 -7.50 41.32 11.09
N ASN A 280 -7.40 40.99 12.39
CA ASN A 280 -8.58 40.57 13.14
C ASN A 280 -9.60 41.67 13.31
N ALA A 281 -9.15 42.93 13.33
CA ALA A 281 -10.11 44.02 13.48
C ALA A 281 -11.03 44.13 12.28
N GLU A 282 -10.46 44.00 11.07
CA GLU A 282 -11.25 44.14 9.85
C GLU A 282 -12.03 42.89 9.52
N LYS A 283 -11.51 41.70 9.84
CA LYS A 283 -12.30 40.48 9.70
C LYS A 283 -13.58 40.59 10.52
N PHE A 284 -13.45 41.06 11.75
CA PHE A 284 -14.63 41.25 12.57
C PHE A 284 -15.57 42.28 11.95
N ASP A 285 -15.03 43.39 11.44
CA ASP A 285 -15.89 44.39 10.80
C ASP A 285 -16.62 43.80 9.62
N TYR A 286 -15.92 42.93 8.88
CA TYR A 286 -16.53 42.26 7.74
C TYR A 286 -17.68 41.36 8.15
N VAL A 287 -17.50 40.54 9.19
CA VAL A 287 -18.57 39.65 9.59
C VAL A 287 -19.74 40.45 10.12
N MET A 288 -19.47 41.53 10.85
CA MET A 288 -20.54 42.37 11.35
C MET A 288 -21.32 43.02 10.22
N GLN A 289 -20.62 43.46 9.16
CA GLN A 289 -21.30 43.98 7.98
C GLN A 289 -22.19 42.90 7.37
N PHE A 290 -21.72 41.65 7.36
CA PHE A 290 -22.51 40.55 6.82
C PHE A 290 -23.73 40.26 7.70
N LEU A 291 -23.52 40.13 9.00
CA LEU A 291 -24.66 39.85 9.86
C LEU A 291 -25.66 40.99 9.81
N ASN A 292 -25.19 42.22 9.58
CA ASN A 292 -26.11 43.34 9.39
C ASN A 292 -27.03 43.10 8.18
N LYS A 293 -26.47 42.61 7.06
CA LYS A 293 -27.30 42.33 5.90
C LYS A 293 -28.35 41.26 6.22
N MET A 294 -27.93 40.19 6.89
CA MET A 294 -28.84 39.09 7.21
C MET A 294 -29.99 39.54 8.11
N ALA A 295 -29.75 40.51 8.99
CA ALA A 295 -30.75 40.91 9.93
C ALA A 295 -31.52 42.17 9.49
N GLY A 296 -31.39 42.56 8.23
CA GLY A 296 -32.10 43.76 7.80
C GLY A 296 -31.76 44.99 8.60
N ASN A 297 -30.53 45.06 9.10
CA ASN A 297 -30.02 46.22 9.83
C ASN A 297 -30.73 46.43 11.16
N GLU A 298 -31.25 45.35 11.73
CA GLU A 298 -31.74 45.35 13.11
C GLU A 298 -30.55 45.04 14.00
N TYR A 299 -30.79 44.84 15.30
CA TYR A 299 -29.74 44.91 16.29
C TYR A 299 -28.70 43.82 16.10
N VAL A 300 -27.47 44.21 15.82
CA VAL A 300 -26.32 43.33 15.97
C VAL A 300 -25.31 44.07 16.83
N GLY A 301 -24.91 43.47 17.93
CA GLY A 301 -23.96 44.13 18.80
C GLY A 301 -22.80 43.26 19.24
N PHE A 302 -22.18 43.65 20.34
CA PHE A 302 -21.02 42.94 20.85
C PHE A 302 -20.91 43.27 22.33
N SER A 303 -20.65 42.26 23.14
CA SER A 303 -20.42 42.48 24.56
C SER A 303 -18.95 42.16 24.84
N ASN A 304 -18.15 43.20 25.09
CA ASN A 304 -16.75 42.96 25.37
C ASN A 304 -16.57 42.15 26.65
N ALA A 305 -17.53 42.27 27.57
CA ALA A 305 -17.50 41.51 28.82
C ALA A 305 -17.41 40.00 28.58
N THR A 306 -18.41 39.43 27.88
CA THR A 306 -18.37 37.98 27.68
C THR A 306 -17.15 37.61 26.84
N PHE A 307 -16.69 38.53 25.99
CA PHE A 307 -15.47 38.28 25.24
C PHE A 307 -14.28 38.11 26.16
N GLN A 308 -14.16 38.98 27.17
CA GLN A 308 -13.06 38.86 28.11
C GLN A 308 -13.10 37.51 28.82
N SER A 309 -14.28 37.09 29.27
CA SER A 309 -14.32 35.87 30.06
C SER A 309 -14.08 34.63 29.19
N GLU A 310 -14.54 34.65 27.93
CA GLU A 310 -14.18 33.54 27.04
C GLU A 310 -12.69 33.54 26.78
N ARG A 311 -12.07 34.71 26.83
CA ARG A 311 -10.65 34.81 26.55
C ARG A 311 -9.83 34.25 27.70
N GLU A 312 -10.25 34.47 28.94
CA GLU A 312 -9.54 33.93 30.09
C GLU A 312 -9.98 32.50 30.44
N SER A 313 -10.97 31.95 29.75
CA SER A 313 -11.55 30.67 30.14
C SER A 313 -11.58 29.64 29.02
N GLY A 314 -10.93 29.89 27.90
CA GLY A 314 -11.01 28.92 26.83
C GLY A 314 -9.87 27.93 26.79
N ASP A 315 -9.52 27.36 27.94
CA ASP A 315 -8.48 26.33 27.95
C ASP A 315 -8.83 25.23 26.95
N ARG A 316 -10.09 24.80 26.94
CA ARG A 316 -10.51 23.77 25.99
C ARG A 316 -10.39 24.28 24.57
N ASN A 317 -10.74 25.55 24.33
CA ASN A 317 -10.60 26.08 22.99
C ASN A 317 -9.14 26.15 22.60
N PHE A 318 -8.27 26.53 23.55
CA PHE A 318 -6.83 26.50 23.29
C PHE A 318 -6.32 25.08 23.06
N ALA A 319 -6.80 24.13 23.85
CA ALA A 319 -6.44 22.73 23.60
C ALA A 319 -6.80 22.33 22.16
N ILE A 320 -8.01 22.66 21.71
CA ILE A 320 -8.41 22.31 20.35
C ILE A 320 -7.53 23.03 19.34
N GLY A 321 -7.24 24.30 19.60
CA GLY A 321 -6.45 25.06 18.64
C GLY A 321 -5.10 24.43 18.42
N TYR A 322 -4.42 24.09 19.51
CA TYR A 322 -3.11 23.47 19.39
C TYR A 322 -3.20 22.08 18.74
N TYR A 323 -4.24 21.29 19.04
CA TYR A 323 -4.38 20.02 18.33
C TYR A 323 -4.51 20.28 16.84
N LEU A 324 -5.33 21.27 16.47
CA LEU A 324 -5.53 21.60 15.07
C LEU A 324 -4.24 22.11 14.45
N LYS A 325 -3.49 22.95 15.16
CA LYS A 325 -2.22 23.42 14.61
C LYS A 325 -1.27 22.26 14.38
N GLU A 326 -1.19 21.36 15.36
CA GLU A 326 -0.28 20.22 15.24
C GLU A 326 -0.68 19.28 14.11
N LYS A 327 -1.98 19.01 13.94
CA LYS A 327 -2.38 18.14 12.83
C LYS A 327 -2.69 18.93 11.56
N LYS A 328 -2.21 20.18 11.50
CA LYS A 328 -2.16 21.01 10.28
C LYS A 328 -3.51 21.10 9.55
N CYS A 329 -4.53 21.53 10.30
CA CYS A 329 -5.89 21.64 9.81
C CYS A 329 -6.30 23.06 9.44
N PHE A 330 -5.45 24.09 9.72
CA PHE A 330 -5.69 25.48 9.35
C PHE A 330 -5.03 25.75 8.01
N PRO A 331 -5.55 26.74 7.27
CA PRO A 331 -4.86 27.14 6.04
C PRO A 331 -3.50 27.71 6.35
N GLU A 332 -2.58 27.58 5.38
CA GLU A 332 -1.21 27.98 5.61
C GLU A 332 -1.14 29.49 5.76
N GLY A 333 -0.25 29.92 6.63
CA GLY A 333 -0.20 31.31 7.03
C GLY A 333 -1.16 31.69 8.12
N THR A 334 -1.68 30.70 8.86
CA THR A 334 -2.61 30.96 9.95
C THR A 334 -1.86 31.35 11.23
N ASP A 335 -2.29 32.44 11.86
CA ASP A 335 -1.83 32.74 13.21
C ASP A 335 -2.84 32.12 14.15
N MET A 336 -2.56 30.89 14.59
CA MET A 336 -3.59 30.13 15.29
C MET A 336 -4.07 30.85 16.54
N VAL A 337 -3.18 31.48 17.29
CA VAL A 337 -3.63 32.03 18.56
C VAL A 337 -4.50 33.27 18.34
N GLY A 338 -4.31 33.97 17.23
CA GLY A 338 -5.20 35.07 16.91
C GLY A 338 -6.57 34.61 16.46
N ILE A 339 -6.62 33.52 15.71
CA ILE A 339 -7.90 32.95 15.29
C ILE A 339 -8.76 32.58 16.49
N LEU A 340 -8.13 32.09 17.55
CA LEU A 340 -8.91 31.81 18.76
C LEU A 340 -9.53 33.08 19.28
N ASP A 341 -8.75 34.16 19.33
CA ASP A 341 -9.25 35.47 19.73
C ASP A 341 -10.40 35.91 18.83
N PHE A 342 -10.23 35.78 17.52
CA PHE A 342 -11.34 36.10 16.63
C PHE A 342 -12.57 35.28 16.98
N TYR A 343 -12.37 33.96 17.18
CA TYR A 343 -13.48 33.08 17.48
C TYR A 343 -14.20 33.53 18.74
N PHE A 344 -13.46 33.83 19.81
CA PHE A 344 -14.09 34.32 21.02
C PHE A 344 -14.93 35.56 20.74
N GLN A 345 -14.40 36.47 19.92
CA GLN A 345 -15.19 37.65 19.60
C GLN A 345 -16.51 37.25 18.95
N LEU A 346 -16.43 36.38 17.94
CA LEU A 346 -17.60 35.97 17.19
C LEU A 346 -18.68 35.37 18.07
N CYS A 347 -18.31 34.65 19.13
CA CYS A 347 -19.34 34.12 20.01
C CYS A 347 -19.89 35.16 20.96
N SER A 348 -19.28 36.33 21.05
CA SER A 348 -19.79 37.37 21.94
C SER A 348 -20.54 38.42 21.17
N ILE A 349 -20.85 38.15 19.90
CA ILE A 349 -21.71 39.03 19.14
C ILE A 349 -23.09 39.01 19.76
N GLU A 350 -23.72 40.16 19.85
CA GLU A 350 -25.00 40.26 20.52
C GLU A 350 -26.10 40.36 19.49
N VAL A 351 -27.25 39.76 19.82
CA VAL A 351 -28.48 39.84 19.05
C VAL A 351 -29.63 39.98 20.05
N THR A 352 -30.79 40.37 19.53
CA THR A 352 -32.03 40.19 20.27
C THR A 352 -32.84 39.12 19.57
N CYS A 353 -33.96 38.75 20.18
CA CYS A 353 -34.76 37.74 19.52
C CYS A 353 -35.30 38.25 18.19
N GLU A 354 -35.66 39.52 18.14
CA GLU A 354 -36.24 40.03 16.92
C GLU A 354 -35.20 40.09 15.82
N SER A 355 -34.06 40.70 16.10
CA SER A 355 -33.06 40.85 15.06
C SER A 355 -32.61 39.48 14.56
N ALA A 356 -32.38 38.54 15.47
CA ALA A 356 -31.86 37.26 15.03
C ALA A 356 -32.90 36.46 14.25
N SER A 357 -34.18 36.58 14.63
CA SER A 357 -35.20 35.86 13.89
C SER A 357 -35.17 36.26 12.42
N VAL A 358 -34.78 37.49 12.13
CA VAL A 358 -34.68 37.93 10.75
C VAL A 358 -33.52 37.23 10.07
N MET A 359 -32.42 37.06 10.79
CA MET A 359 -31.32 36.27 10.25
C MET A 359 -31.81 34.87 9.92
N ALA A 360 -32.56 34.25 10.83
CA ALA A 360 -33.13 32.94 10.56
C ALA A 360 -33.95 32.96 9.28
N ALA A 361 -34.74 34.01 9.07
CA ALA A 361 -35.59 34.10 7.90
C ALA A 361 -34.78 34.28 6.63
N THR A 362 -33.63 34.96 6.72
CA THR A 362 -32.74 35.03 5.57
C THR A 362 -32.34 33.63 5.09
N LEU A 363 -32.13 32.71 6.02
CA LEU A 363 -31.87 31.33 5.66
C LEU A 363 -33.12 30.61 5.17
N ALA A 364 -34.28 30.90 5.78
CA ALA A 364 -35.52 30.30 5.34
C ALA A 364 -35.90 30.75 3.94
N ASN A 365 -35.29 31.81 3.45
CA ASN A 365 -35.73 32.44 2.23
C ASN A 365 -34.67 32.37 1.13
N GLY A 366 -33.88 31.29 1.11
CA GLY A 366 -32.88 31.10 0.07
C GLY A 366 -31.75 32.10 0.02
N GLY A 367 -31.51 32.83 1.10
CA GLY A 367 -30.43 33.79 1.12
C GLY A 367 -30.84 35.23 0.88
N PHE A 368 -32.12 35.51 0.63
CA PHE A 368 -32.60 36.87 0.47
C PHE A 368 -33.17 37.38 1.79
N CYS A 369 -32.70 38.53 2.23
CA CYS A 369 -33.23 39.07 3.48
C CYS A 369 -34.69 39.48 3.28
N PRO A 370 -35.61 38.92 4.06
CA PRO A 370 -37.04 39.15 3.79
C PRO A 370 -37.53 40.55 4.10
N ILE A 371 -36.85 41.35 4.94
CA ILE A 371 -37.36 42.69 5.19
C ILE A 371 -36.66 43.73 4.35
N THR A 372 -35.67 43.34 3.55
CA THR A 372 -35.01 44.27 2.64
C THR A 372 -35.03 43.84 1.18
N GLY A 373 -35.18 42.55 0.89
CA GLY A 373 -35.10 42.05 -0.47
C GLY A 373 -33.70 41.89 -1.01
N GLU A 374 -32.70 42.23 -0.22
CA GLU A 374 -31.30 42.10 -0.63
C GLU A 374 -30.85 40.64 -0.70
N ARG A 375 -30.14 40.26 -1.77
CA ARG A 375 -29.53 38.93 -1.82
C ARG A 375 -28.27 38.92 -0.95
N VAL A 376 -28.32 38.16 0.14
CA VAL A 376 -27.26 38.18 1.13
C VAL A 376 -26.37 36.94 1.10
N LEU A 377 -26.89 35.78 0.72
CA LEU A 377 -26.11 34.54 0.68
C LEU A 377 -26.40 33.75 -0.60
N SER A 378 -25.35 33.11 -1.14
CA SER A 378 -25.53 32.27 -2.32
C SER A 378 -26.37 31.05 -1.95
N PRO A 379 -27.16 30.54 -2.89
CA PRO A 379 -28.03 29.41 -2.54
C PRO A 379 -27.25 28.21 -2.10
N GLU A 380 -26.04 28.05 -2.63
CA GLU A 380 -25.16 26.97 -2.19
C GLU A 380 -24.81 27.14 -0.72
N ALA A 381 -24.61 28.37 -0.26
CA ALA A 381 -24.31 28.59 1.15
C ALA A 381 -25.50 28.27 2.04
N VAL A 382 -26.71 28.65 1.63
CA VAL A 382 -27.83 28.47 2.55
C VAL A 382 -28.26 27.02 2.62
N ARG A 383 -28.23 26.30 1.51
CA ARG A 383 -28.61 24.90 1.55
C ARG A 383 -27.68 24.14 2.45
N ASN A 384 -26.37 24.36 2.25
CA ASN A 384 -25.37 23.67 3.04
C ASN A 384 -25.61 23.90 4.54
N THR A 385 -25.84 25.15 4.93
CA THR A 385 -26.01 25.46 6.35
C THR A 385 -27.25 24.81 6.95
N LEU A 386 -28.36 24.85 6.25
CA LEU A 386 -29.54 24.18 6.74
C LEU A 386 -29.31 22.68 6.83
N SER A 387 -28.55 22.12 5.87
CA SER A 387 -28.25 20.70 5.91
C SER A 387 -27.48 20.31 7.17
N LEU A 388 -26.52 21.13 7.58
CA LEU A 388 -25.69 20.79 8.73
C LEU A 388 -26.31 21.21 10.05
N MET A 389 -27.22 22.20 10.03
CA MET A 389 -28.03 22.47 11.21
C MET A 389 -28.95 21.29 11.51
N HIS A 390 -29.44 20.62 10.45
CA HIS A 390 -30.32 19.45 10.59
C HIS A 390 -29.69 18.40 11.48
N SER A 391 -28.47 17.97 11.12
CA SER A 391 -27.88 16.79 11.72
C SER A 391 -26.93 17.07 12.86
N CYS A 392 -26.42 18.30 13.00
CA CYS A 392 -25.38 18.61 13.97
C CYS A 392 -25.70 19.85 14.79
N GLY A 393 -26.97 20.25 14.87
CA GLY A 393 -27.23 21.57 15.37
C GLY A 393 -27.49 21.70 16.85
N MET A 394 -27.73 20.61 17.54
CA MET A 394 -28.22 20.69 18.92
C MET A 394 -27.37 19.88 19.87
N TYR A 395 -26.06 19.84 19.64
CA TYR A 395 -25.15 19.14 20.55
C TYR A 395 -25.58 17.67 20.60
N ASP A 396 -25.54 17.00 21.75
CA ASP A 396 -25.93 15.60 21.80
C ASP A 396 -27.41 15.36 21.50
N PHE A 397 -28.19 16.41 21.38
CA PHE A 397 -29.59 16.28 21.08
C PHE A 397 -29.87 16.30 19.60
N SER A 398 -28.86 16.36 18.73
CA SER A 398 -29.17 16.58 17.31
C SER A 398 -29.94 15.40 16.73
N GLY A 399 -29.58 14.17 17.15
CA GLY A 399 -30.29 13.01 16.63
C GLY A 399 -31.75 13.00 17.05
N GLN A 400 -32.00 13.13 18.35
CA GLN A 400 -33.37 13.12 18.84
C GLN A 400 -34.12 14.32 18.33
N PHE A 401 -33.43 15.45 18.13
CA PHE A 401 -34.07 16.65 17.63
C PHE A 401 -34.46 16.51 16.17
N ALA A 402 -33.55 16.00 15.35
CA ALA A 402 -33.88 15.86 13.94
C ALA A 402 -35.05 14.91 13.74
N PHE A 403 -35.12 13.86 14.55
CA PHE A 403 -36.19 12.88 14.40
C PHE A 403 -37.54 13.48 14.76
N HIS A 404 -37.66 14.11 15.93
CA HIS A 404 -38.97 14.54 16.42
C HIS A 404 -39.42 15.88 15.89
N VAL A 405 -38.49 16.82 15.74
CA VAL A 405 -38.80 18.16 15.28
C VAL A 405 -38.58 18.32 13.79
N GLY A 406 -37.47 17.79 13.28
CA GLY A 406 -37.23 17.85 11.85
C GLY A 406 -37.12 19.26 11.30
N LEU A 407 -36.54 20.19 12.07
CA LEU A 407 -36.26 21.51 11.51
C LEU A 407 -34.79 21.84 11.70
N PRO A 408 -34.16 22.52 10.75
CA PRO A 408 -32.80 23.00 10.99
C PRO A 408 -32.82 24.02 12.12
N ALA A 409 -32.00 23.77 13.13
CA ALA A 409 -31.92 24.68 14.25
C ALA A 409 -30.47 24.72 14.73
N LYS A 410 -30.12 25.76 15.46
CA LYS A 410 -28.80 25.80 16.09
C LYS A 410 -28.96 26.40 17.47
N SER A 411 -28.34 25.77 18.47
CA SER A 411 -28.49 26.27 19.83
C SER A 411 -27.20 26.89 20.33
N GLY A 412 -27.33 27.69 21.39
CA GLY A 412 -26.19 28.28 22.05
C GLY A 412 -26.38 28.34 23.56
N VAL A 413 -25.25 28.51 24.26
CA VAL A 413 -25.19 28.39 25.71
C VAL A 413 -25.78 29.62 26.43
N ALA A 414 -25.95 30.73 25.73
CA ALA A 414 -26.67 31.84 26.33
C ALA A 414 -28.15 31.58 26.45
N GLY A 415 -28.64 30.45 25.96
CA GLY A 415 -30.05 30.14 25.98
C GLY A 415 -30.74 30.32 24.64
N GLY A 416 -29.99 30.52 23.55
CA GLY A 416 -30.58 30.80 22.25
C GLY A 416 -30.82 29.53 21.46
N ILE A 417 -31.86 29.58 20.63
CA ILE A 417 -32.11 28.56 19.60
C ILE A 417 -32.59 29.25 18.34
N LEU A 418 -31.75 29.24 17.30
CA LEU A 418 -32.08 29.83 16.02
C LEU A 418 -32.73 28.77 15.16
N LEU A 419 -33.99 28.99 14.79
CA LEU A 419 -34.80 27.97 14.15
C LEU A 419 -35.19 28.40 12.74
N VAL A 420 -35.10 27.47 11.79
CA VAL A 420 -35.50 27.76 10.42
C VAL A 420 -36.58 26.79 10.02
N VAL A 421 -37.69 27.32 9.52
CA VAL A 421 -38.67 26.51 8.83
C VAL A 421 -38.56 26.85 7.36
N PRO A 422 -37.85 26.06 6.57
CA PRO A 422 -37.60 26.42 5.16
C PRO A 422 -38.87 26.77 4.41
N ASN A 423 -38.77 27.80 3.59
CA ASN A 423 -39.82 28.31 2.72
C ASN A 423 -41.01 28.88 3.49
N VAL A 424 -40.93 29.01 4.82
CA VAL A 424 -42.05 29.55 5.60
C VAL A 424 -41.61 30.76 6.43
N MET A 425 -40.68 30.54 7.35
CA MET A 425 -40.35 31.55 8.35
C MET A 425 -39.04 31.20 9.06
N GLY A 426 -38.50 32.19 9.74
CA GLY A 426 -37.30 32.03 10.55
C GLY A 426 -37.69 32.37 11.97
N MET A 427 -36.92 31.89 12.96
CA MET A 427 -37.30 32.07 14.37
C MET A 427 -36.05 32.23 15.22
N MET A 428 -36.22 32.87 16.38
CA MET A 428 -35.22 32.85 17.45
C MET A 428 -35.95 32.71 18.77
N CYS A 429 -35.59 31.70 19.57
CA CYS A 429 -36.12 31.53 20.92
C CYS A 429 -34.99 31.68 21.91
N TRP A 430 -35.29 32.27 23.06
CA TRP A 430 -34.21 32.56 24.00
C TRP A 430 -34.76 32.51 25.42
N SER A 431 -34.25 31.57 26.19
CA SER A 431 -34.39 31.59 27.65
C SER A 431 -33.14 30.94 28.21
N PRO A 432 -32.43 31.62 29.07
CA PRO A 432 -31.05 31.21 29.45
C PRO A 432 -30.96 29.84 30.11
N PRO A 433 -31.95 29.37 30.89
CA PRO A 433 -31.79 28.05 31.53
C PRO A 433 -31.67 26.93 30.51
N LEU A 434 -30.54 26.23 30.54
CA LEU A 434 -30.23 25.10 29.65
C LEU A 434 -30.54 23.76 30.31
N ASP A 435 -30.75 22.75 29.46
CA ASP A 435 -30.90 21.41 29.98
C ASP A 435 -29.50 20.82 30.07
N LYS A 436 -29.41 19.53 30.44
CA LYS A 436 -28.13 18.92 30.76
C LYS A 436 -27.37 18.52 29.52
N MET A 437 -27.94 18.82 28.35
CA MET A 437 -27.27 18.68 27.08
C MET A 437 -26.83 20.02 26.49
N GLY A 438 -27.22 21.14 27.09
CA GLY A 438 -26.79 22.45 26.60
C GLY A 438 -27.83 23.26 25.85
N ASN A 439 -29.07 22.78 25.74
CA ASN A 439 -30.10 23.45 24.98
C ASN A 439 -31.10 24.12 25.92
N SER A 440 -31.52 25.33 25.56
CA SER A 440 -32.53 26.04 26.33
C SER A 440 -33.73 25.16 26.57
N VAL A 441 -34.07 24.98 27.84
CA VAL A 441 -35.20 24.14 28.21
C VAL A 441 -36.49 24.65 27.58
N LYS A 442 -36.83 25.93 27.80
CA LYS A 442 -38.04 26.47 27.20
C LYS A 442 -37.97 26.38 25.69
N GLY A 443 -36.81 26.67 25.11
CA GLY A 443 -36.68 26.60 23.67
C GLY A 443 -37.07 25.24 23.15
N ILE A 444 -36.47 24.19 23.71
CA ILE A 444 -36.71 22.85 23.20
C ILE A 444 -38.18 22.49 23.32
N HIS A 445 -38.79 22.82 24.45
CA HIS A 445 -40.21 22.54 24.64
C HIS A 445 -41.03 23.24 23.57
N PHE A 446 -40.66 24.47 23.23
CA PHE A 446 -41.37 25.20 22.21
C PHE A 446 -41.30 24.53 20.84
N CYS A 447 -40.12 24.03 20.44
CA CYS A 447 -40.02 23.54 19.07
C CYS A 447 -40.68 22.19 18.91
N HIS A 448 -40.73 21.40 19.98
CA HIS A 448 -41.59 20.23 19.96
C HIS A 448 -43.05 20.62 19.80
N ASP A 449 -43.52 21.54 20.65
CA ASP A 449 -44.90 22.01 20.55
C ASP A 449 -45.19 22.58 19.18
N LEU A 450 -44.23 23.29 18.59
CA LEU A 450 -44.46 23.87 17.28
C LEU A 450 -44.73 22.80 16.24
N VAL A 451 -43.81 21.84 16.12
CA VAL A 451 -43.94 20.84 15.06
C VAL A 451 -45.12 19.92 15.36
N SER A 452 -45.44 19.73 16.62
CA SER A 452 -46.59 18.92 16.93
C SER A 452 -47.88 19.60 16.52
N LEU A 453 -47.90 20.93 16.48
CA LEU A 453 -49.11 21.65 16.08
C LEU A 453 -49.25 21.85 14.59
N CYS A 454 -48.17 22.16 13.89
CA CYS A 454 -48.26 22.43 12.46
C CYS A 454 -47.39 21.46 11.69
N ASN A 455 -47.72 21.29 10.42
CA ASN A 455 -47.02 20.33 9.58
C ASN A 455 -45.74 20.96 9.04
N PHE A 456 -44.90 21.46 9.94
CA PHE A 456 -43.64 22.05 9.53
C PHE A 456 -42.49 21.05 9.58
N HIS A 457 -42.72 19.87 10.15
CA HIS A 457 -41.68 18.85 10.17
C HIS A 457 -41.18 18.63 8.76
N ASN A 458 -39.87 18.51 8.63
CA ASN A 458 -39.25 18.36 7.32
C ASN A 458 -39.87 17.24 6.50
N TYR A 459 -40.48 16.26 7.14
CA TYR A 459 -40.99 15.09 6.44
C TYR A 459 -42.46 14.87 6.74
N ASP A 460 -43.13 15.92 7.16
CA ASP A 460 -44.56 15.94 7.07
C ASP A 460 -44.94 15.97 5.60
N ASN A 461 -46.19 15.62 5.34
CA ASN A 461 -46.77 15.71 4.02
C ASN A 461 -47.60 16.98 3.92
N LEU A 462 -47.50 17.67 2.79
CA LEU A 462 -48.27 18.90 2.60
C LEU A 462 -49.70 18.65 2.19
N ARG A 463 -50.06 17.41 1.86
CA ARG A 463 -51.40 17.07 1.40
C ARG A 463 -52.19 16.28 2.42
N HIS A 464 -51.57 15.29 3.06
CA HIS A 464 -52.23 14.41 4.03
C HIS A 464 -51.45 14.52 5.32
N PHE A 465 -51.97 15.26 6.30
CA PHE A 465 -51.17 15.54 7.48
C PHE A 465 -51.98 15.40 8.77
N ALA A 466 -52.90 14.46 8.80
CA ALA A 466 -53.55 14.01 10.05
C ALA A 466 -54.30 15.21 10.62
N LYS A 467 -54.24 15.40 11.93
CA LYS A 467 -54.95 16.46 12.63
C LYS A 467 -54.06 17.68 12.87
N LYS A 468 -52.92 17.73 12.21
CA LYS A 468 -52.09 18.91 12.27
C LYS A 468 -52.73 20.05 11.49
N LEU A 469 -52.48 21.28 11.95
CA LEU A 469 -52.89 22.51 11.28
C LEU A 469 -51.79 23.00 10.33
N ASP A 470 -52.19 23.55 9.16
CA ASP A 470 -51.24 24.13 8.20
C ASP A 470 -51.45 25.62 8.03
N PRO A 471 -50.57 26.45 8.59
CA PRO A 471 -50.76 27.90 8.52
C PRO A 471 -50.68 28.48 7.12
N ARG A 472 -50.18 27.73 6.14
CA ARG A 472 -50.09 28.23 4.79
C ARG A 472 -51.41 28.22 4.05
N ARG A 473 -52.46 27.71 4.67
CA ARG A 473 -53.75 27.54 4.03
C ARG A 473 -54.82 28.29 4.78
N GLU A 474 -55.95 28.47 4.13
CA GLU A 474 -57.08 29.19 4.69
C GLU A 474 -58.13 28.21 5.24
N PRO B 66 43.69 -17.58 60.75
CA PRO B 66 43.11 -17.30 59.42
C PRO B 66 43.23 -15.80 59.09
N SER B 67 43.08 -15.38 57.83
CA SER B 67 43.33 -13.97 57.55
C SER B 67 42.62 -13.48 56.28
N LEU B 68 41.85 -12.42 56.47
CA LEU B 68 40.93 -11.89 55.48
C LEU B 68 41.63 -11.53 54.17
N GLU B 69 42.57 -10.59 54.25
CA GLU B 69 43.39 -10.20 53.10
C GLU B 69 44.37 -11.29 52.67
N ASP B 70 44.80 -12.17 53.58
CA ASP B 70 45.98 -12.99 53.30
C ASP B 70 45.68 -14.20 52.43
N LEU B 71 44.64 -14.97 52.74
CA LEU B 71 44.30 -16.04 51.81
C LEU B 71 43.86 -15.49 50.47
N LEU B 72 43.27 -14.30 50.45
CA LEU B 72 42.99 -13.70 49.16
C LEU B 72 44.28 -13.33 48.44
N PHE B 73 45.34 -13.06 49.21
CA PHE B 73 46.65 -12.87 48.63
C PHE B 73 47.11 -14.14 47.93
N TYR B 74 47.02 -15.29 48.62
CA TYR B 74 47.54 -16.52 48.05
C TYR B 74 46.68 -17.03 46.91
N THR B 75 45.37 -16.81 46.97
CA THR B 75 44.51 -17.16 45.84
C THR B 75 45.05 -16.55 44.55
N ILE B 76 45.51 -15.31 44.63
CA ILE B 76 45.97 -14.64 43.43
C ILE B 76 47.46 -14.88 43.26
N ALA B 77 48.18 -15.17 44.36
CA ALA B 77 49.63 -15.31 44.33
C ALA B 77 50.05 -16.60 43.65
N GLU B 78 49.29 -17.68 43.83
CA GLU B 78 49.57 -18.96 43.19
C GLU B 78 50.80 -19.63 43.79
N GLY B 79 50.94 -19.55 45.11
CA GLY B 79 52.12 -20.05 45.80
C GLY B 79 53.39 -19.25 45.61
N GLN B 80 53.36 -18.14 44.89
CA GLN B 80 54.56 -17.36 44.66
C GLN B 80 54.84 -16.41 45.83
N GLU B 81 56.04 -15.86 45.84
CA GLU B 81 56.46 -14.79 46.74
C GLU B 81 55.93 -13.39 46.48
N LYS B 82 56.00 -12.88 45.29
CA LYS B 82 55.43 -11.57 45.07
C LYS B 82 54.52 -11.57 43.83
N ILE B 83 53.51 -10.71 43.88
CA ILE B 83 52.53 -10.55 42.81
C ILE B 83 52.92 -9.33 42.00
N PRO B 84 53.22 -9.47 40.71
CA PRO B 84 53.40 -8.28 39.88
C PRO B 84 52.12 -7.44 39.94
N VAL B 85 52.29 -6.12 39.91
CA VAL B 85 51.14 -5.27 40.15
C VAL B 85 50.21 -5.28 38.95
N HIS B 86 50.77 -5.33 37.74
CA HIS B 86 49.93 -5.45 36.56
C HIS B 86 49.15 -6.77 36.56
N LYS B 87 49.77 -7.84 37.04
CA LYS B 87 49.06 -9.11 37.13
C LYS B 87 47.88 -8.99 38.07
N PHE B 88 48.02 -8.19 39.12
CA PHE B 88 46.86 -7.93 39.98
C PHE B 88 45.80 -7.15 39.23
N ILE B 89 46.24 -6.19 38.41
CA ILE B 89 45.27 -5.31 37.77
C ILE B 89 44.47 -6.07 36.71
N THR B 90 45.12 -6.93 35.93
CA THR B 90 44.30 -7.60 34.93
C THR B 90 43.41 -8.69 35.55
N ALA B 91 43.90 -9.36 36.60
CA ALA B 91 43.03 -10.26 37.34
C ALA B 91 41.77 -9.55 37.81
N LEU B 92 41.92 -8.30 38.26
CA LEU B 92 40.79 -7.54 38.73
C LEU B 92 39.89 -7.14 37.57
N LYS B 93 40.46 -6.68 36.47
CA LYS B 93 39.65 -6.22 35.35
C LYS B 93 38.88 -7.37 34.69
N SER B 94 39.44 -8.58 34.73
CA SER B 94 38.74 -9.74 34.21
C SER B 94 37.43 -9.99 34.96
N THR B 95 37.38 -9.64 36.24
CA THR B 95 36.13 -9.75 36.97
C THR B 95 35.05 -8.86 36.37
N GLY B 96 35.42 -7.90 35.54
CA GLY B 96 34.49 -6.94 35.05
C GLY B 96 34.54 -5.61 35.78
N LEU B 97 35.19 -5.56 36.94
CA LEU B 97 35.36 -4.27 37.59
C LEU B 97 36.27 -3.41 36.74
N ARG B 98 36.04 -2.11 36.79
CA ARG B 98 36.92 -1.13 36.17
C ARG B 98 37.75 -0.53 37.29
N THR B 99 38.99 -0.20 36.97
CA THR B 99 39.85 0.28 38.04
C THR B 99 39.40 1.66 38.56
N SER B 100 38.56 2.36 37.81
CA SER B 100 38.00 3.63 38.25
C SER B 100 36.76 3.48 39.15
N ASP B 101 36.35 2.26 39.50
CA ASP B 101 35.22 2.03 40.39
C ASP B 101 35.37 2.85 41.69
N PRO B 102 34.39 3.69 42.03
CA PRO B 102 34.43 4.43 43.29
C PRO B 102 34.53 3.56 44.54
N ARG B 103 34.02 2.34 44.53
CA ARG B 103 34.22 1.48 45.69
C ARG B 103 35.62 0.93 45.76
N LEU B 104 36.46 1.27 44.78
CA LEU B 104 37.83 0.79 44.69
C LEU B 104 38.86 1.90 44.80
N LYS B 105 38.44 3.14 45.06
CA LYS B 105 39.36 4.28 45.02
C LYS B 105 40.47 4.13 46.05
N GLU B 106 40.12 3.74 47.28
CA GLU B 106 41.12 3.62 48.35
C GLU B 106 42.24 2.66 47.97
N CYS B 107 41.89 1.52 47.37
CA CYS B 107 42.88 0.55 46.91
C CYS B 107 43.75 1.12 45.78
N MET B 108 43.13 1.79 44.81
CA MET B 108 43.91 2.32 43.70
C MET B 108 44.78 3.49 44.13
N ASP B 109 44.28 4.34 45.04
CA ASP B 109 45.08 5.48 45.48
C ASP B 109 46.37 5.00 46.11
N MET B 110 46.30 3.95 46.91
CA MET B 110 47.47 3.40 47.58
C MET B 110 48.28 2.47 46.68
N LEU B 111 47.71 2.03 45.56
CA LEU B 111 48.51 1.28 44.60
C LEU B 111 49.48 2.17 43.84
N ARG B 112 49.03 3.30 43.30
CA ARG B 112 49.97 4.17 42.62
C ARG B 112 50.85 4.91 43.61
N LEU B 113 50.40 5.13 44.83
CA LEU B 113 51.30 5.74 45.80
C LEU B 113 52.49 4.82 46.00
N THR B 114 52.26 3.53 46.25
CA THR B 114 53.41 2.66 46.45
C THR B 114 54.21 2.49 45.17
N LEU B 115 53.62 2.77 44.00
CA LEU B 115 54.39 2.77 42.77
C LEU B 115 55.19 4.05 42.60
N GLN B 116 55.09 4.96 43.56
CA GLN B 116 56.02 6.07 43.70
C GLN B 116 56.98 5.88 44.86
N THR B 117 56.51 5.39 46.01
CA THR B 117 57.34 5.27 47.21
C THR B 117 58.42 4.19 47.03
N THR B 118 58.09 3.10 46.36
CA THR B 118 59.03 2.02 46.08
C THR B 118 58.99 1.78 44.57
N SER B 119 59.26 2.88 43.85
CA SER B 119 59.12 3.01 42.40
C SER B 119 59.91 2.00 41.58
N ASP B 120 60.97 1.43 42.14
CA ASP B 120 61.75 0.43 41.43
C ASP B 120 61.40 -0.94 42.00
N GLY B 121 60.69 -1.75 41.23
CA GLY B 121 60.31 -3.07 41.66
C GLY B 121 58.80 -3.18 41.81
N VAL B 122 58.14 -3.64 40.77
CA VAL B 122 56.68 -3.49 40.67
C VAL B 122 55.91 -4.59 41.42
N MET B 123 56.52 -5.25 42.41
CA MET B 123 55.88 -6.42 43.01
C MET B 123 55.62 -6.29 44.51
N LEU B 124 54.55 -6.95 44.98
CA LEU B 124 53.98 -6.79 46.33
C LEU B 124 54.19 -8.05 47.18
N ASP B 125 54.78 -7.90 48.38
CA ASP B 125 54.90 -9.02 49.32
C ASP B 125 53.52 -9.35 49.85
N LYS B 126 53.45 -10.28 50.80
CA LYS B 126 52.15 -10.52 51.42
C LYS B 126 51.68 -9.31 52.26
N ASP B 127 52.56 -8.39 52.77
CA ASP B 127 52.01 -7.38 53.68
C ASP B 127 51.77 -6.05 52.92
N LEU B 128 52.40 -5.85 51.74
CA LEU B 128 52.15 -4.68 50.91
C LEU B 128 50.90 -4.87 50.07
N PHE B 129 50.65 -6.09 49.60
CA PHE B 129 49.30 -6.38 49.14
C PHE B 129 48.32 -6.05 50.26
N LYS B 130 48.67 -6.43 51.50
CA LYS B 130 47.81 -6.15 52.64
C LYS B 130 47.61 -4.66 52.83
N LYS B 131 48.62 -3.86 52.52
CA LYS B 131 48.55 -2.41 52.65
C LYS B 131 47.52 -1.78 51.72
N CYS B 132 47.31 -2.35 50.54
CA CYS B 132 46.44 -1.73 49.55
C CYS B 132 45.01 -2.24 49.56
N VAL B 133 44.81 -3.55 49.68
CA VAL B 133 43.45 -4.07 49.61
C VAL B 133 42.73 -4.04 50.95
N GLN B 134 43.43 -3.73 52.04
CA GLN B 134 42.80 -3.62 53.35
C GLN B 134 41.53 -2.76 53.29
N SER B 135 41.52 -1.63 52.54
CA SER B 135 40.36 -0.75 52.56
C SER B 135 39.17 -1.35 51.83
N ASN B 136 39.40 -2.01 50.68
CA ASN B 136 38.31 -2.54 49.87
C ASN B 136 38.31 -4.06 49.77
N ILE B 137 38.67 -4.75 50.85
CA ILE B 137 38.95 -6.19 50.74
C ILE B 137 37.67 -6.98 50.47
N VAL B 138 36.56 -6.58 51.09
CA VAL B 138 35.37 -7.41 50.97
C VAL B 138 34.83 -7.36 49.54
N LEU B 139 34.89 -6.19 48.91
CA LEU B 139 34.47 -6.09 47.53
C LEU B 139 35.43 -6.84 46.64
N LEU B 140 36.70 -6.79 47.00
CA LEU B 140 37.71 -7.46 46.18
C LEU B 140 37.57 -8.96 46.24
N THR B 141 37.20 -9.50 47.38
CA THR B 141 37.16 -10.95 47.44
C THR B 141 35.95 -11.49 46.70
N GLN B 142 34.81 -10.81 46.83
CA GLN B 142 33.64 -11.27 46.10
C GLN B 142 33.92 -11.30 44.61
N ALA B 143 34.75 -10.38 44.13
CA ALA B 143 35.16 -10.37 42.73
C ALA B 143 36.03 -11.56 42.39
N PHE B 144 36.95 -11.93 43.28
CA PHE B 144 37.91 -12.98 42.97
C PHE B 144 37.42 -14.37 43.35
N ARG B 145 36.47 -14.48 44.26
CA ARG B 145 35.82 -15.74 44.58
C ARG B 145 34.58 -16.01 43.73
N ARG B 146 34.55 -15.47 42.49
CA ARG B 146 33.44 -15.53 41.54
C ARG B 146 32.09 -15.55 42.25
N LYS B 147 31.84 -14.56 43.09
CA LYS B 147 30.59 -14.41 43.79
C LYS B 147 29.74 -13.30 43.19
N PHE B 148 30.18 -12.73 42.08
CA PHE B 148 29.38 -11.73 41.41
C PHE B 148 28.27 -12.42 40.62
N VAL B 149 27.24 -11.63 40.28
CA VAL B 149 26.02 -12.19 39.70
C VAL B 149 26.30 -12.91 38.40
N ILE B 150 27.30 -12.46 37.67
CA ILE B 150 27.81 -13.12 36.48
C ILE B 150 29.25 -13.51 36.73
N PRO B 151 29.52 -14.80 37.03
CA PRO B 151 30.87 -15.17 37.45
C PRO B 151 31.88 -15.07 36.33
N ASP B 152 31.57 -15.64 35.15
CA ASP B 152 32.47 -15.61 34.00
C ASP B 152 32.12 -14.40 33.12
N PHE B 153 32.54 -13.23 33.59
CA PHE B 153 32.19 -12.02 32.86
C PHE B 153 32.92 -11.94 31.53
N MET B 154 34.09 -12.57 31.42
CA MET B 154 34.84 -12.42 30.18
C MET B 154 34.15 -13.15 29.04
N SER B 155 33.45 -14.26 29.35
CA SER B 155 32.78 -14.99 28.29
C SER B 155 31.45 -14.35 27.91
N PHE B 156 30.76 -13.79 28.91
CA PHE B 156 29.51 -13.07 28.67
C PHE B 156 29.74 -11.89 27.72
N THR B 157 30.85 -11.17 27.90
CA THR B 157 31.10 -10.02 27.04
C THR B 157 31.35 -10.42 25.59
N SER B 158 31.92 -11.58 25.33
CA SER B 158 32.12 -11.91 23.92
C SER B 158 30.80 -12.20 23.24
N HIS B 159 29.84 -12.68 24.03
CA HIS B 159 28.50 -12.84 23.52
C HIS B 159 27.85 -11.48 23.23
N ILE B 160 27.98 -10.54 24.17
CA ILE B 160 27.48 -9.19 23.94
C ILE B 160 28.06 -8.63 22.66
N ASP B 161 29.36 -8.83 22.46
CA ASP B 161 30.01 -8.33 21.27
C ASP B 161 29.42 -8.98 20.01
N GLU B 162 29.20 -10.29 20.02
CA GLU B 162 28.61 -10.93 18.84
C GLU B 162 27.21 -10.42 18.60
N LEU B 163 26.43 -10.29 19.69
CA LEU B 163 25.08 -9.72 19.61
C LEU B 163 25.12 -8.32 19.06
N TYR B 164 26.09 -7.52 19.53
CA TYR B 164 26.30 -6.18 19.01
C TYR B 164 26.61 -6.23 17.52
N GLU B 165 27.50 -7.14 17.13
CA GLU B 165 27.91 -7.21 15.74
C GLU B 165 26.77 -7.73 14.86
N SER B 166 25.87 -8.52 15.44
CA SER B 166 24.74 -8.98 14.64
C SER B 166 23.71 -7.88 14.44
N ALA B 167 23.55 -7.01 15.43
CA ALA B 167 22.65 -5.89 15.24
C ALA B 167 23.26 -4.83 14.35
N LYS B 168 24.58 -4.73 14.35
CA LYS B 168 25.23 -3.69 13.55
C LYS B 168 24.90 -3.86 12.08
N LYS B 169 24.46 -5.06 11.67
CA LYS B 169 24.07 -5.30 10.29
C LYS B 169 22.64 -4.90 9.96
N GLN B 170 21.81 -4.54 10.94
CA GLN B 170 20.40 -4.24 10.68
C GLN B 170 20.29 -2.75 10.42
N SER B 171 20.50 -2.38 9.16
CA SER B 171 20.79 -1.00 8.80
C SER B 171 19.57 -0.23 8.32
N GLY B 172 18.37 -0.77 8.50
CA GLY B 172 17.15 -0.06 8.18
C GLY B 172 16.74 0.99 9.20
N GLY B 173 15.63 1.66 8.89
CA GLY B 173 15.05 2.67 9.76
C GLY B 173 15.33 4.08 9.27
N LYS B 174 14.71 5.03 9.96
CA LYS B 174 14.84 6.44 9.63
C LYS B 174 15.09 7.26 10.89
N VAL B 175 16.13 8.08 10.86
CA VAL B 175 16.49 8.91 12.00
C VAL B 175 15.43 9.98 12.22
N ALA B 176 15.10 10.23 13.49
CA ALA B 176 14.11 11.24 13.81
C ALA B 176 14.62 12.61 13.37
N ASP B 177 13.87 13.26 12.48
CA ASP B 177 14.28 14.54 11.92
C ASP B 177 13.38 15.69 12.34
N TYR B 178 12.34 15.44 13.16
CA TYR B 178 11.38 16.50 13.44
C TYR B 178 12.05 17.77 13.98
N ILE B 179 13.19 17.66 14.65
CA ILE B 179 14.00 18.82 14.96
C ILE B 179 15.38 18.62 14.33
N PRO B 180 16.10 19.70 13.97
CA PRO B 180 17.44 19.53 13.37
C PRO B 180 18.49 18.96 14.30
N GLN B 181 18.22 18.84 15.61
CA GLN B 181 19.24 18.33 16.53
C GLN B 181 19.27 16.81 16.54
N LEU B 182 18.13 16.14 16.36
CA LEU B 182 18.13 14.69 16.21
C LEU B 182 18.50 14.28 14.80
N ALA B 183 18.15 15.12 13.82
CA ALA B 183 18.60 14.90 12.45
C ALA B 183 20.11 14.99 12.36
N LYS B 184 20.73 15.71 13.30
CA LYS B 184 22.18 15.87 13.33
C LYS B 184 22.90 14.52 13.44
N PHE B 185 22.29 13.49 14.02
CA PHE B 185 23.01 12.26 14.34
C PHE B 185 23.09 11.31 13.15
N SER B 186 24.25 10.71 12.99
CA SER B 186 24.47 9.82 11.85
C SER B 186 23.77 8.49 12.11
N PRO B 187 23.25 7.84 11.06
CA PRO B 187 22.54 6.57 11.27
C PRO B 187 23.43 5.42 11.69
N ASP B 188 24.75 5.55 11.59
CA ASP B 188 25.64 4.43 11.82
C ASP B 188 26.13 4.33 13.26
N LEU B 189 25.80 5.30 14.09
CA LEU B 189 26.13 5.20 15.49
C LEU B 189 25.31 4.08 16.14
N TRP B 190 25.98 3.27 16.94
CA TRP B 190 25.36 2.10 17.56
C TRP B 190 26.22 1.75 18.76
N GLY B 191 25.66 1.84 19.96
CA GLY B 191 26.42 1.57 21.16
C GLY B 191 25.62 0.76 22.16
N VAL B 192 26.33 -0.10 22.89
CA VAL B 192 25.73 -0.91 23.94
C VAL B 192 26.65 -0.88 25.15
N SER B 193 26.07 -0.67 26.34
CA SER B 193 26.85 -0.69 27.58
C SER B 193 26.13 -1.47 28.65
N VAL B 194 26.90 -2.19 29.44
CA VAL B 194 26.38 -3.10 30.45
C VAL B 194 26.91 -2.65 31.79
N CYS B 195 26.07 -2.77 32.81
CA CYS B 195 26.48 -2.58 34.20
C CYS B 195 25.72 -3.60 35.02
N THR B 196 26.42 -4.49 35.71
CA THR B 196 25.66 -5.47 36.47
C THR B 196 25.17 -4.86 37.79
N ALA B 197 24.33 -5.62 38.50
CA ALA B 197 23.97 -5.19 39.85
C ALA B 197 25.18 -5.19 40.78
N ASP B 198 26.33 -5.68 40.32
CA ASP B 198 27.56 -5.76 41.10
C ASP B 198 28.63 -4.80 40.63
N GLY B 199 28.37 -4.02 39.58
CA GLY B 199 29.33 -3.04 39.10
C GLY B 199 30.22 -3.49 37.97
N GLN B 200 29.99 -4.68 37.42
CA GLN B 200 30.79 -5.11 36.28
C GLN B 200 30.35 -4.37 35.03
N ARG B 201 31.31 -3.90 34.26
CA ARG B 201 31.04 -3.06 33.10
C ARG B 201 31.58 -3.66 31.81
N HIS B 202 30.93 -3.35 30.71
CA HIS B 202 31.47 -3.62 29.40
C HIS B 202 30.75 -2.71 28.42
N SER B 203 31.49 -2.23 27.42
CA SER B 203 30.87 -1.47 26.36
C SER B 203 31.43 -1.93 25.03
N THR B 204 30.69 -1.61 23.98
CA THR B 204 31.08 -1.95 22.63
C THR B 204 30.35 -0.99 21.70
N GLY B 205 31.07 -0.42 20.74
CA GLY B 205 30.47 0.57 19.86
C GLY B 205 30.57 1.98 20.40
N ASP B 206 29.66 2.84 19.96
CA ASP B 206 29.71 4.28 20.25
C ASP B 206 29.07 4.60 21.61
N THR B 207 29.76 4.17 22.65
CA THR B 207 29.19 4.19 23.98
C THR B 207 29.58 5.42 24.76
N LYS B 208 30.41 6.30 24.20
CA LYS B 208 30.81 7.51 24.88
C LYS B 208 30.27 8.77 24.20
N VAL B 209 29.29 8.61 23.31
CA VAL B 209 28.66 9.73 22.60
C VAL B 209 27.43 10.22 23.34
N PRO B 210 27.32 11.50 23.65
CA PRO B 210 26.13 11.99 24.33
C PRO B 210 24.95 12.10 23.38
N PHE B 211 23.77 11.85 23.95
CA PHE B 211 22.51 11.95 23.26
C PHE B 211 21.46 12.22 24.33
N CYS B 212 20.27 12.62 23.90
CA CYS B 212 19.25 13.05 24.85
C CYS B 212 18.43 11.85 25.27
N LEU B 213 17.91 11.91 26.49
CA LEU B 213 17.11 10.80 26.95
C LEU B 213 15.77 10.78 26.23
N GLN B 214 15.19 11.96 26.02
CA GLN B 214 13.84 12.09 25.48
C GLN B 214 12.95 11.25 26.39
N SER B 215 12.14 10.32 25.86
CA SER B 215 11.20 9.63 26.72
C SER B 215 11.85 8.56 27.55
N CYS B 216 13.16 8.36 27.41
CA CYS B 216 13.82 7.53 28.41
C CYS B 216 13.79 8.16 29.78
N VAL B 217 13.48 9.45 29.85
CA VAL B 217 13.43 10.08 31.15
C VAL B 217 12.10 9.84 31.87
N LYS B 218 11.06 9.40 31.16
CA LYS B 218 9.75 9.24 31.80
C LYS B 218 9.79 8.25 32.95
N PRO B 219 10.37 7.05 32.82
CA PRO B 219 10.40 6.17 33.98
C PRO B 219 11.23 6.75 35.11
N LEU B 220 12.31 7.45 34.78
CA LEU B 220 13.18 8.00 35.81
C LEU B 220 12.47 9.06 36.64
N LYS B 221 11.69 9.95 36.00
CA LYS B 221 11.05 10.97 36.81
C LYS B 221 9.86 10.41 37.54
N TYR B 222 9.20 9.42 36.94
CA TYR B 222 8.16 8.71 37.66
C TYR B 222 8.70 8.11 38.95
N ALA B 223 9.87 7.48 38.89
CA ALA B 223 10.46 6.93 40.10
C ALA B 223 10.70 8.03 41.14
N ILE B 224 11.23 9.18 40.72
CA ILE B 224 11.46 10.28 41.67
C ILE B 224 10.17 10.68 42.34
N ALA B 225 9.10 10.79 41.56
CA ALA B 225 7.81 11.19 42.12
C ALA B 225 7.36 10.21 43.19
N VAL B 226 7.35 8.92 42.85
CA VAL B 226 6.96 7.90 43.82
C VAL B 226 7.95 7.84 44.97
N ASN B 227 9.23 8.01 44.66
CA ASN B 227 10.23 8.01 45.72
C ASN B 227 9.94 9.11 46.74
N ASP B 228 9.57 10.28 46.26
CA ASP B 228 9.31 11.43 47.13
C ASP B 228 7.88 11.46 47.69
N LEU B 229 6.94 10.84 47.03
CA LEU B 229 5.54 10.98 47.37
C LEU B 229 4.82 9.66 47.53
N GLY B 230 5.40 8.57 47.07
CA GLY B 230 4.69 7.35 47.34
C GLY B 230 3.72 7.01 46.24
N THR B 231 3.43 5.71 46.13
CA THR B 231 2.51 5.24 45.11
C THR B 231 1.17 5.94 45.17
N GLU B 232 0.58 5.98 46.35
CA GLU B 232 -0.84 6.25 46.43
C GLU B 232 -1.15 7.67 45.99
N TYR B 233 -0.28 8.63 46.36
CA TYR B 233 -0.48 10.01 45.95
C TYR B 233 -0.32 10.15 44.44
N VAL B 234 0.80 9.66 43.89
CA VAL B 234 1.06 9.84 42.47
C VAL B 234 -0.08 9.28 41.63
N HIS B 235 -0.58 8.12 41.99
CA HIS B 235 -1.55 7.50 41.11
C HIS B 235 -2.97 8.03 41.34
N ARG B 236 -3.11 9.05 42.20
CA ARG B 236 -4.29 9.90 42.14
C ARG B 236 -4.33 10.69 40.86
N TYR B 237 -3.17 10.96 40.26
CA TYR B 237 -3.12 11.83 39.11
C TYR B 237 -2.82 11.11 37.81
N VAL B 238 -2.45 9.82 37.85
CA VAL B 238 -1.99 9.12 36.67
C VAL B 238 -2.30 7.64 36.80
N GLY B 239 -2.73 7.03 35.70
CA GLY B 239 -3.15 5.66 35.72
C GLY B 239 -1.97 4.74 35.86
N LYS B 240 -2.24 3.43 35.78
CA LYS B 240 -1.19 2.44 35.90
C LYS B 240 -1.40 1.29 34.94
N GLU B 241 -2.04 1.51 33.82
CA GLU B 241 -2.29 0.46 32.85
C GLU B 241 -1.90 0.92 31.45
N PRO B 242 -1.65 -0.01 30.54
CA PRO B 242 -1.44 0.40 29.15
C PRO B 242 -2.76 0.76 28.49
N SER B 243 -2.69 1.73 27.58
CA SER B 243 -3.86 2.23 26.87
C SER B 243 -4.73 1.13 26.29
N GLY B 244 -4.12 0.24 25.52
CA GLY B 244 -4.86 -0.57 24.58
C GLY B 244 -4.41 -0.04 23.23
N LEU B 245 -4.10 -0.92 22.27
CA LEU B 245 -3.23 -0.50 21.17
C LEU B 245 -3.86 0.44 20.14
N ARG B 246 -5.16 0.72 20.23
CA ARG B 246 -5.63 1.98 19.68
C ARG B 246 -6.41 2.83 20.67
N PHE B 247 -5.66 3.33 21.67
CA PHE B 247 -6.01 4.51 22.47
C PHE B 247 -4.78 5.40 22.65
N ASN B 248 -3.86 5.41 21.66
CA ASN B 248 -2.64 6.25 21.59
C ASN B 248 -2.89 7.74 21.28
N LYS B 249 -4.04 8.13 20.79
CA LYS B 249 -4.39 9.54 20.60
C LYS B 249 -5.22 10.03 21.77
N LEU B 250 -5.71 9.12 22.62
CA LEU B 250 -6.54 9.56 23.74
C LEU B 250 -5.61 9.98 24.87
N PHE B 251 -5.96 11.08 25.52
CA PHE B 251 -5.04 11.55 26.56
C PHE B 251 -5.38 10.92 27.91
N LEU B 252 -6.67 10.72 28.16
CA LEU B 252 -7.19 10.32 29.46
C LEU B 252 -7.98 9.04 29.36
N ASN B 253 -7.97 8.27 30.44
CA ASN B 253 -8.76 7.06 30.57
C ASN B 253 -10.13 7.46 31.12
N GLU B 254 -10.91 6.50 31.64
CA GLU B 254 -12.28 6.79 32.05
C GLU B 254 -12.36 7.70 33.26
N ASP B 255 -11.39 7.62 34.18
CA ASP B 255 -11.40 8.42 35.39
C ASP B 255 -10.78 9.78 35.16
N ASP B 256 -10.57 10.15 33.91
CA ASP B 256 -10.02 11.45 33.54
C ASP B 256 -8.58 11.64 34.04
N LYS B 257 -7.83 10.52 34.20
CA LYS B 257 -6.38 10.51 34.41
C LYS B 257 -5.68 9.97 33.16
N PRO B 258 -4.46 10.42 32.89
CA PRO B 258 -3.70 9.79 31.81
C PRO B 258 -3.52 8.30 32.09
N HIS B 259 -3.32 7.54 31.03
CA HIS B 259 -3.42 6.10 31.18
C HIS B 259 -2.33 5.56 32.09
N ASN B 260 -1.15 6.14 32.01
CA ASN B 260 0.00 5.65 32.74
C ASN B 260 1.10 6.68 32.61
N PRO B 261 2.16 6.57 33.42
CA PRO B 261 3.24 7.55 33.37
C PRO B 261 4.11 7.50 32.10
N MET B 262 3.95 6.52 31.23
CA MET B 262 4.88 6.42 30.12
C MET B 262 4.38 7.09 28.84
N VAL B 263 3.15 7.61 28.84
CA VAL B 263 2.60 8.32 27.69
C VAL B 263 2.80 9.80 27.95
N ASN B 264 2.83 10.59 26.87
CA ASN B 264 3.29 11.97 27.02
C ASN B 264 2.42 12.73 27.99
N ALA B 265 1.11 12.48 27.94
CA ALA B 265 0.22 13.13 28.90
C ALA B 265 0.52 12.68 30.31
N GLY B 266 0.87 11.40 30.50
CA GLY B 266 1.16 10.92 31.83
C GLY B 266 2.46 11.50 32.35
N ALA B 267 3.50 11.51 31.52
CA ALA B 267 4.76 12.11 31.91
C ALA B 267 4.57 13.56 32.32
N ILE B 268 3.76 14.30 31.55
CA ILE B 268 3.55 15.71 31.86
C ILE B 268 2.92 15.87 33.24
N VAL B 269 1.91 15.07 33.54
CA VAL B 269 1.29 15.17 34.86
C VAL B 269 2.29 14.84 35.95
N VAL B 270 3.11 13.81 35.72
CA VAL B 270 4.11 13.47 36.72
C VAL B 270 5.07 14.63 36.93
N THR B 271 5.55 15.21 35.83
CA THR B 271 6.42 16.37 35.97
C THR B 271 5.77 17.40 36.87
N SER B 272 4.44 17.52 36.82
CA SER B 272 3.75 18.48 37.66
C SER B 272 3.79 18.14 39.15
N LEU B 273 4.20 16.93 39.54
CA LEU B 273 4.21 16.59 40.96
C LEU B 273 5.58 16.74 41.61
N ILE B 274 6.64 16.80 40.80
CA ILE B 274 7.99 16.76 41.35
C ILE B 274 8.29 18.11 42.00
N LYS B 275 8.58 18.09 43.29
CA LYS B 275 9.09 19.25 44.02
C LYS B 275 8.21 20.47 43.79
N GLN B 276 6.93 20.32 44.11
CA GLN B 276 5.99 21.41 43.87
C GLN B 276 6.38 22.62 44.70
N GLY B 277 5.97 23.80 44.23
CA GLY B 277 6.18 25.05 44.95
C GLY B 277 7.54 25.73 44.78
N VAL B 278 8.48 25.14 44.05
CA VAL B 278 9.76 25.75 43.73
C VAL B 278 9.78 26.19 42.25
N ASN B 279 10.72 27.07 41.91
CA ASN B 279 10.80 27.48 40.51
C ASN B 279 11.54 26.43 39.68
N ASN B 280 11.51 26.60 38.36
CA ASN B 280 12.00 25.57 37.45
C ASN B 280 13.51 25.34 37.56
N ALA B 281 14.27 26.35 37.96
CA ALA B 281 15.72 26.16 38.05
C ALA B 281 16.07 25.13 39.11
N GLU B 282 15.48 25.27 40.31
CA GLU B 282 15.82 24.34 41.37
C GLU B 282 15.13 23.00 41.18
N LYS B 283 13.91 23.00 40.61
CA LYS B 283 13.29 21.73 40.25
C LYS B 283 14.23 20.96 39.34
N PHE B 284 14.79 21.64 38.34
CA PHE B 284 15.74 20.99 37.45
C PHE B 284 16.97 20.50 38.21
N ASP B 285 17.55 21.34 39.07
CA ASP B 285 18.72 20.91 39.82
C ASP B 285 18.37 19.77 40.77
N TYR B 286 17.16 19.78 41.32
CA TYR B 286 16.74 18.70 42.19
C TYR B 286 16.72 17.38 41.43
N VAL B 287 16.15 17.39 40.23
CA VAL B 287 16.08 16.17 39.45
C VAL B 287 17.46 15.75 38.98
N MET B 288 18.28 16.71 38.56
CA MET B 288 19.59 16.31 38.09
C MET B 288 20.47 15.82 39.23
N GLN B 289 20.39 16.43 40.39
CA GLN B 289 21.09 15.91 41.55
C GLN B 289 20.72 14.45 41.76
N PHE B 290 19.46 14.12 41.48
CA PHE B 290 18.99 12.75 41.61
C PHE B 290 19.64 11.85 40.57
N LEU B 291 19.58 12.26 39.30
CA LEU B 291 20.09 11.38 38.26
C LEU B 291 21.58 11.12 38.40
N ASN B 292 22.35 12.10 38.88
CA ASN B 292 23.77 11.85 39.04
C ASN B 292 23.99 10.68 39.98
N LYS B 293 23.23 10.63 41.08
CA LYS B 293 23.35 9.52 42.00
C LYS B 293 23.03 8.20 41.30
N MET B 294 21.98 8.19 40.48
CA MET B 294 21.58 6.96 39.81
C MET B 294 22.68 6.45 38.89
N ALA B 295 23.47 7.35 38.33
CA ALA B 295 24.52 7.00 37.39
C ALA B 295 25.90 6.96 38.03
N GLY B 296 25.95 6.96 39.36
CA GLY B 296 27.22 6.97 40.06
C GLY B 296 28.08 8.14 39.68
N ASN B 297 27.46 9.28 39.38
CA ASN B 297 28.14 10.51 39.03
C ASN B 297 28.89 10.43 37.71
N GLU B 298 28.44 9.57 36.79
CA GLU B 298 28.98 9.61 35.44
C GLU B 298 28.22 10.65 34.63
N TYR B 299 28.42 10.66 33.30
CA TYR B 299 28.02 11.83 32.52
C TYR B 299 26.52 11.96 32.50
N VAL B 300 26.02 13.02 33.10
CA VAL B 300 24.66 13.48 32.90
C VAL B 300 24.75 14.92 32.46
N GLY B 301 24.21 15.23 31.31
CA GLY B 301 24.30 16.57 30.79
C GLY B 301 22.97 17.15 30.35
N PHE B 302 23.03 18.15 29.50
CA PHE B 302 21.84 18.88 29.12
C PHE B 302 22.12 19.56 27.80
N SER B 303 21.20 19.43 26.88
CA SER B 303 21.36 20.03 25.57
C SER B 303 20.42 21.22 25.53
N ASN B 304 20.99 22.42 25.54
CA ASN B 304 20.11 23.58 25.38
C ASN B 304 19.56 23.65 23.97
N ALA B 305 20.33 23.17 22.98
CA ALA B 305 19.84 23.17 21.61
C ALA B 305 18.51 22.41 21.50
N THR B 306 18.48 21.18 22.01
CA THR B 306 17.26 20.38 21.91
C THR B 306 16.13 21.01 22.71
N PHE B 307 16.44 21.63 23.85
CA PHE B 307 15.41 22.27 24.64
C PHE B 307 14.73 23.37 23.85
N GLN B 308 15.52 24.20 23.17
CA GLN B 308 14.94 25.30 22.41
C GLN B 308 14.01 24.78 21.33
N SER B 309 14.46 23.79 20.56
CA SER B 309 13.66 23.32 19.44
C SER B 309 12.46 22.51 19.89
N GLU B 310 12.57 21.78 21.01
CA GLU B 310 11.38 21.12 21.50
C GLU B 310 10.33 22.10 21.99
N ARG B 311 10.75 23.24 22.53
CA ARG B 311 9.74 24.19 23.01
C ARG B 311 9.13 24.90 21.82
N GLU B 312 9.92 25.17 20.80
CA GLU B 312 9.46 25.82 19.58
C GLU B 312 8.35 25.04 18.89
N SER B 313 8.37 23.73 19.05
CA SER B 313 7.62 22.85 18.16
C SER B 313 6.69 21.87 18.88
N GLY B 314 6.52 22.00 20.19
CA GLY B 314 5.71 21.04 20.91
C GLY B 314 4.25 21.42 20.95
N ASP B 315 3.68 21.70 19.77
CA ASP B 315 2.25 22.00 19.65
C ASP B 315 1.37 20.92 20.28
N ARG B 316 1.66 19.64 19.97
CA ARG B 316 0.89 18.55 20.57
C ARG B 316 1.04 18.53 22.06
N ASN B 317 2.26 18.80 22.57
CA ASN B 317 2.42 18.82 24.02
C ASN B 317 1.61 19.96 24.63
N PHE B 318 1.64 21.14 24.02
CA PHE B 318 0.78 22.21 24.49
C PHE B 318 -0.69 21.82 24.35
N ALA B 319 -1.03 21.13 23.26
CA ALA B 319 -2.38 20.58 23.14
C ALA B 319 -2.72 19.75 24.36
N ILE B 320 -1.80 18.87 24.75
CA ILE B 320 -2.03 18.06 25.95
C ILE B 320 -2.11 18.95 27.18
N GLY B 321 -1.24 19.96 27.27
CA GLY B 321 -1.20 20.79 28.46
C GLY B 321 -2.52 21.49 28.72
N TYR B 322 -3.07 22.09 27.68
CA TYR B 322 -4.35 22.76 27.89
C TYR B 322 -5.45 21.75 28.17
N TYR B 323 -5.46 20.62 27.47
CA TYR B 323 -6.51 19.63 27.73
C TYR B 323 -6.51 19.19 29.17
N LEU B 324 -5.31 18.94 29.73
CA LEU B 324 -5.19 18.47 31.10
C LEU B 324 -5.64 19.55 32.08
N LYS B 325 -5.32 20.80 31.79
CA LYS B 325 -5.80 21.88 32.66
C LYS B 325 -7.33 21.95 32.62
N GLU B 326 -7.92 21.77 31.45
CA GLU B 326 -9.37 21.86 31.37
C GLU B 326 -10.04 20.74 32.16
N LYS B 327 -9.48 19.53 32.09
CA LYS B 327 -10.05 18.39 32.83
C LYS B 327 -9.43 18.25 34.22
N LYS B 328 -8.79 19.32 34.71
CA LYS B 328 -8.30 19.49 36.09
C LYS B 328 -7.47 18.29 36.55
N CYS B 329 -6.43 17.99 35.78
CA CYS B 329 -5.61 16.81 36.05
C CYS B 329 -4.35 17.11 36.83
N PHE B 330 -4.02 18.35 37.04
CA PHE B 330 -2.87 18.81 37.77
C PHE B 330 -3.21 19.11 39.21
N PRO B 331 -2.22 19.09 40.10
CA PRO B 331 -2.44 19.55 41.48
C PRO B 331 -2.81 21.03 41.51
N GLU B 332 -3.50 21.42 42.58
CA GLU B 332 -3.99 22.79 42.65
C GLU B 332 -2.80 23.75 42.73
N GLY B 333 -2.95 24.91 42.10
CA GLY B 333 -1.83 25.83 42.04
C GLY B 333 -0.78 25.48 41.00
N THR B 334 -1.11 24.66 40.00
CA THR B 334 -0.14 24.29 38.98
C THR B 334 -0.07 25.35 37.90
N ASP B 335 1.15 25.80 37.59
CA ASP B 335 1.38 26.69 36.45
C ASP B 335 1.63 25.81 35.22
N MET B 336 0.58 25.59 34.42
CA MET B 336 0.63 24.58 33.38
C MET B 336 1.71 24.86 32.33
N VAL B 337 1.88 26.12 31.92
CA VAL B 337 2.84 26.34 30.83
C VAL B 337 4.28 26.29 31.35
N GLY B 338 4.49 26.57 32.63
CA GLY B 338 5.82 26.37 33.19
C GLY B 338 6.18 24.90 33.34
N ILE B 339 5.20 24.09 33.75
CA ILE B 339 5.42 22.65 33.81
C ILE B 339 5.80 22.11 32.45
N LEU B 340 5.17 22.65 31.40
CA LEU B 340 5.54 22.24 30.05
C LEU B 340 6.99 22.58 29.75
N ASP B 341 7.43 23.79 30.10
CA ASP B 341 8.83 24.16 29.94
C ASP B 341 9.73 23.16 30.66
N PHE B 342 9.41 22.89 31.93
CA PHE B 342 10.15 21.90 32.71
C PHE B 342 10.15 20.52 32.03
N TYR B 343 9.02 20.09 31.48
CA TYR B 343 8.97 18.81 30.80
C TYR B 343 9.93 18.79 29.60
N PHE B 344 9.90 19.84 28.79
CA PHE B 344 10.84 19.91 27.67
C PHE B 344 12.29 19.83 28.14
N GLN B 345 12.60 20.51 29.24
CA GLN B 345 13.96 20.45 29.76
C GLN B 345 14.37 19.01 30.07
N LEU B 346 13.53 18.29 30.83
CA LEU B 346 13.83 16.92 31.21
C LEU B 346 14.03 16.03 30.00
N CYS B 347 13.36 16.31 28.87
CA CYS B 347 13.58 15.53 27.66
C CYS B 347 14.88 15.88 26.94
N SER B 348 15.56 16.96 27.33
CA SER B 348 16.81 17.34 26.69
C SER B 348 18.04 17.06 27.54
N ILE B 349 17.87 16.31 28.63
CA ILE B 349 19.00 15.86 29.42
C ILE B 349 19.81 14.82 28.67
N GLU B 350 21.13 14.93 28.74
CA GLU B 350 21.99 14.06 27.95
C GLU B 350 22.65 12.98 28.80
N VAL B 351 22.87 11.82 28.17
CA VAL B 351 23.65 10.74 28.75
C VAL B 351 24.50 10.16 27.63
N THR B 352 25.45 9.33 28.02
CA THR B 352 26.08 8.42 27.09
C THR B 352 25.55 7.04 27.38
N CYS B 353 25.95 6.07 26.55
CA CYS B 353 25.47 4.73 26.82
C CYS B 353 26.04 4.24 28.12
N GLU B 354 27.24 4.68 28.47
CA GLU B 354 27.85 4.24 29.72
C GLU B 354 27.12 4.82 30.92
N SER B 355 26.91 6.14 30.94
CA SER B 355 26.27 6.74 32.10
C SER B 355 24.83 6.21 32.30
N ALA B 356 24.07 6.05 31.21
CA ALA B 356 22.68 5.61 31.39
C ALA B 356 22.63 4.15 31.84
N SER B 357 23.55 3.32 31.34
CA SER B 357 23.57 1.90 31.71
C SER B 357 23.68 1.71 33.21
N VAL B 358 24.33 2.66 33.90
CA VAL B 358 24.41 2.58 35.34
C VAL B 358 23.06 2.93 35.95
N MET B 359 22.35 3.91 35.37
CA MET B 359 21.00 4.21 35.84
C MET B 359 20.11 2.97 35.73
N ALA B 360 20.13 2.33 34.57
CA ALA B 360 19.38 1.10 34.40
C ALA B 360 19.72 0.09 35.49
N ALA B 361 20.99 0.02 35.85
CA ALA B 361 21.42 -0.93 36.87
C ALA B 361 20.90 -0.58 38.25
N THR B 362 20.77 0.70 38.59
CA THR B 362 20.14 1.03 39.87
C THR B 362 18.73 0.49 39.94
N LEU B 363 18.02 0.51 38.81
CA LEU B 363 16.70 -0.09 38.78
C LEU B 363 16.78 -1.61 38.86
N ALA B 364 17.76 -2.20 38.20
CA ALA B 364 17.94 -3.63 38.32
C ALA B 364 18.31 -4.02 39.74
N ASN B 365 18.77 -3.06 40.56
CA ASN B 365 19.37 -3.37 41.84
C ASN B 365 18.52 -2.87 43.04
N GLY B 366 17.20 -2.84 42.90
CA GLY B 366 16.38 -2.45 44.03
C GLY B 366 16.58 -1.02 44.51
N GLY B 367 17.15 -0.16 43.66
CA GLY B 367 17.34 1.23 43.99
C GLY B 367 18.73 1.60 44.47
N PHE B 368 19.64 0.65 44.62
CA PHE B 368 21.01 0.94 45.03
C PHE B 368 21.89 1.06 43.80
N CYS B 369 22.60 2.16 43.69
CA CYS B 369 23.49 2.35 42.55
C CYS B 369 24.64 1.36 42.68
N PRO B 370 24.83 0.46 41.71
CA PRO B 370 25.72 -0.66 41.99
C PRO B 370 27.18 -0.28 42.09
N ILE B 371 27.59 0.88 41.56
CA ILE B 371 28.99 1.27 41.61
C ILE B 371 29.30 2.24 42.75
N THR B 372 28.30 2.69 43.51
CA THR B 372 28.60 3.51 44.66
C THR B 372 28.04 2.95 45.94
N GLY B 373 27.03 2.06 45.89
CA GLY B 373 26.38 1.63 47.10
C GLY B 373 25.40 2.61 47.67
N GLU B 374 25.21 3.75 47.02
CA GLU B 374 24.24 4.74 47.47
C GLU B 374 22.82 4.20 47.25
N ARG B 375 21.97 4.31 48.27
CA ARG B 375 20.54 4.05 48.09
C ARG B 375 19.93 5.29 47.45
N VAL B 376 19.46 5.17 46.21
CA VAL B 376 18.98 6.31 45.46
C VAL B 376 17.46 6.32 45.32
N LEU B 377 16.83 5.15 45.29
CA LEU B 377 15.39 5.06 45.09
C LEU B 377 14.81 4.03 46.07
N SER B 378 13.59 4.31 46.53
CA SER B 378 12.89 3.37 47.37
C SER B 378 12.51 2.12 46.58
N PRO B 379 12.48 0.95 47.23
CA PRO B 379 12.06 -0.28 46.53
C PRO B 379 10.66 -0.17 45.96
N GLU B 380 9.80 0.57 46.63
CA GLU B 380 8.48 0.86 46.09
C GLU B 380 8.58 1.65 44.78
N ALA B 381 9.53 2.57 44.70
CA ALA B 381 9.70 3.35 43.48
C ALA B 381 10.21 2.49 42.34
N VAL B 382 11.15 1.60 42.63
CA VAL B 382 11.75 0.83 41.57
C VAL B 382 10.83 -0.28 41.10
N ARG B 383 10.08 -0.88 42.03
CA ARG B 383 9.15 -1.90 41.60
C ARG B 383 8.12 -1.29 40.66
N ASN B 384 7.50 -0.19 41.09
CA ASN B 384 6.47 0.44 40.28
C ASN B 384 7.00 0.78 38.91
N THR B 385 8.17 1.42 38.87
CA THR B 385 8.72 1.85 37.58
C THR B 385 9.03 0.67 36.68
N LEU B 386 9.55 -0.42 37.23
CA LEU B 386 9.80 -1.57 36.39
C LEU B 386 8.49 -2.17 35.89
N SER B 387 7.46 -2.16 36.74
CA SER B 387 6.18 -2.73 36.31
C SER B 387 5.64 -2.02 35.08
N LEU B 388 5.75 -0.70 35.05
CA LEU B 388 5.17 0.07 33.97
C LEU B 388 6.06 0.13 32.74
N MET B 389 7.38 -0.06 32.91
CA MET B 389 8.23 -0.24 31.73
C MET B 389 7.93 -1.55 31.03
N HIS B 390 7.64 -2.61 31.80
CA HIS B 390 7.29 -3.90 31.22
C HIS B 390 6.18 -3.73 30.19
N SER B 391 5.07 -3.11 30.59
CA SER B 391 3.84 -3.08 29.81
C SER B 391 3.64 -1.83 28.96
N CYS B 392 4.26 -0.70 29.28
CA CYS B 392 3.95 0.52 28.56
C CYS B 392 5.18 1.28 28.11
N GLY B 393 6.32 0.61 28.02
CA GLY B 393 7.56 1.36 27.86
C GLY B 393 8.04 1.56 26.46
N MET B 394 7.44 0.90 25.47
CA MET B 394 8.02 0.88 24.13
C MET B 394 7.01 1.33 23.09
N TYR B 395 6.16 2.28 23.45
CA TYR B 395 5.15 2.90 22.55
C TYR B 395 4.21 1.78 22.07
N ASP B 396 3.77 1.81 20.82
CA ASP B 396 2.85 0.76 20.37
C ASP B 396 3.48 -0.62 20.29
N PHE B 397 4.77 -0.76 20.54
CA PHE B 397 5.37 -2.08 20.53
C PHE B 397 5.36 -2.73 21.90
N SER B 398 4.73 -2.10 22.88
CA SER B 398 4.92 -2.55 24.26
C SER B 398 4.33 -3.93 24.49
N GLY B 399 3.20 -4.23 23.87
CA GLY B 399 2.66 -5.57 24.02
C GLY B 399 3.55 -6.61 23.39
N GLN B 400 3.96 -6.36 22.14
CA GLN B 400 4.81 -7.31 21.43
C GLN B 400 6.16 -7.45 22.10
N PHE B 401 6.67 -6.34 22.66
CA PHE B 401 7.96 -6.36 23.32
C PHE B 401 7.91 -7.14 24.62
N ALA B 402 6.86 -6.93 25.44
CA ALA B 402 6.74 -7.71 26.66
C ALA B 402 6.57 -9.17 26.32
N PHE B 403 5.81 -9.47 25.26
CA PHE B 403 5.62 -10.88 24.93
C PHE B 403 6.95 -11.53 24.53
N HIS B 404 7.64 -10.96 23.53
CA HIS B 404 8.80 -11.64 22.99
C HIS B 404 10.08 -11.38 23.80
N VAL B 405 10.31 -10.16 24.27
CA VAL B 405 11.52 -9.91 25.05
C VAL B 405 11.24 -10.05 26.53
N GLY B 406 10.10 -9.53 27.00
CA GLY B 406 9.78 -9.73 28.39
C GLY B 406 10.76 -9.11 29.35
N LEU B 407 11.28 -7.92 29.04
CA LEU B 407 12.07 -7.17 29.99
C LEU B 407 11.56 -5.76 30.14
N PRO B 408 11.69 -5.20 31.35
CA PRO B 408 11.38 -3.77 31.53
C PRO B 408 12.29 -2.93 30.68
N ALA B 409 11.71 -2.11 29.81
CA ALA B 409 12.52 -1.27 28.95
C ALA B 409 11.78 0.02 28.69
N LYS B 410 12.53 1.05 28.30
CA LYS B 410 11.95 2.31 27.86
C LYS B 410 12.74 2.80 26.66
N SER B 411 12.02 3.22 25.63
CA SER B 411 12.62 3.72 24.41
C SER B 411 12.47 5.23 24.35
N GLY B 412 13.29 5.85 23.50
CA GLY B 412 13.23 7.27 23.28
C GLY B 412 13.48 7.59 21.82
N VAL B 413 13.10 8.80 21.42
CA VAL B 413 13.13 9.13 20.00
C VAL B 413 14.55 9.43 19.48
N ALA B 414 15.52 9.67 20.35
CA ALA B 414 16.91 9.79 19.94
C ALA B 414 17.55 8.48 19.55
N GLY B 415 16.88 7.35 19.76
CA GLY B 415 17.43 6.06 19.47
C GLY B 415 17.89 5.24 20.66
N GLY B 416 17.63 5.70 21.89
CA GLY B 416 18.05 4.97 23.07
C GLY B 416 17.00 3.96 23.50
N ILE B 417 17.45 2.87 24.11
CA ILE B 417 16.55 1.93 24.76
C ILE B 417 17.17 1.58 26.10
N LEU B 418 16.56 2.01 27.18
CA LEU B 418 17.05 1.73 28.51
C LEU B 418 16.45 0.41 28.95
N LEU B 419 17.30 -0.59 29.19
CA LEU B 419 16.87 -1.96 29.43
C LEU B 419 17.30 -2.45 30.81
N VAL B 420 16.42 -3.17 31.48
CA VAL B 420 16.70 -3.68 32.82
C VAL B 420 16.49 -5.19 32.82
N VAL B 421 17.47 -5.93 33.31
CA VAL B 421 17.26 -7.31 33.68
C VAL B 421 17.26 -7.35 35.20
N PRO B 422 16.10 -7.39 35.81
CA PRO B 422 16.03 -7.35 37.28
C PRO B 422 16.95 -8.38 37.91
N ASN B 423 17.62 -7.98 39.00
CA ASN B 423 18.54 -8.77 39.81
C ASN B 423 19.79 -9.16 39.06
N VAL B 424 19.98 -8.66 37.84
CA VAL B 424 21.14 -8.99 37.05
C VAL B 424 21.86 -7.74 36.58
N MET B 425 21.24 -6.94 35.73
CA MET B 425 22.02 -5.88 35.11
C MET B 425 21.10 -4.86 34.44
N GLY B 426 21.70 -3.72 34.11
CA GLY B 426 21.07 -2.71 33.30
C GLY B 426 21.89 -2.46 32.06
N MET B 427 21.25 -1.94 31.01
CA MET B 427 21.90 -1.71 29.72
C MET B 427 21.27 -0.48 29.11
N MET B 428 22.00 0.14 28.21
CA MET B 428 21.42 1.13 27.34
C MET B 428 21.98 0.89 25.96
N CYS B 429 21.09 0.74 24.99
CA CYS B 429 21.47 0.62 23.58
C CYS B 429 21.07 1.92 22.89
N TRP B 430 21.87 2.30 21.90
CA TRP B 430 21.66 3.58 21.24
C TRP B 430 22.00 3.43 19.77
N SER B 431 20.99 3.65 18.94
CA SER B 431 21.15 3.80 17.51
C SER B 431 20.05 4.75 17.02
N PRO B 432 20.41 5.87 16.40
CA PRO B 432 19.43 6.95 16.10
C PRO B 432 18.30 6.54 15.15
N PRO B 433 18.52 5.65 14.18
CA PRO B 433 17.42 5.29 13.27
C PRO B 433 16.24 4.65 13.98
N LEU B 434 15.06 5.25 13.81
CA LEU B 434 13.84 4.67 14.38
C LEU B 434 13.09 3.87 13.33
N ASP B 435 12.31 2.91 13.82
CA ASP B 435 11.38 2.15 13.00
C ASP B 435 10.05 2.90 12.98
N LYS B 436 9.01 2.32 12.39
CA LYS B 436 7.82 3.15 12.24
C LYS B 436 6.95 3.21 13.49
N MET B 437 7.37 2.58 14.58
CA MET B 437 6.68 2.76 15.84
C MET B 437 7.42 3.69 16.78
N GLY B 438 8.62 4.12 16.40
CA GLY B 438 9.42 5.05 17.18
C GLY B 438 10.63 4.47 17.90
N ASN B 439 10.90 3.16 17.74
CA ASN B 439 11.96 2.48 18.48
C ASN B 439 13.20 2.27 17.60
N SER B 440 14.38 2.45 18.20
CA SER B 440 15.62 2.14 17.50
C SER B 440 15.60 0.73 16.90
N VAL B 441 15.84 0.66 15.58
CA VAL B 441 15.84 -0.63 14.89
C VAL B 441 16.89 -1.56 15.48
N LYS B 442 18.15 -1.11 15.48
CA LYS B 442 19.22 -1.93 16.04
C LYS B 442 18.95 -2.23 17.51
N GLY B 443 18.40 -1.26 18.25
CA GLY B 443 18.08 -1.51 19.65
C GLY B 443 17.15 -2.70 19.80
N ILE B 444 16.02 -2.66 19.08
CA ILE B 444 15.04 -3.72 19.23
C ILE B 444 15.61 -5.06 18.80
N HIS B 445 16.35 -5.07 17.69
CA HIS B 445 16.95 -6.30 17.21
C HIS B 445 17.89 -6.90 18.25
N PHE B 446 18.65 -6.05 18.94
CA PHE B 446 19.57 -6.50 19.98
C PHE B 446 18.81 -7.17 21.11
N CYS B 447 17.63 -6.65 21.46
CA CYS B 447 16.99 -7.19 22.64
C CYS B 447 16.30 -8.51 22.39
N HIS B 448 15.80 -8.71 21.16
CA HIS B 448 15.36 -10.04 20.78
C HIS B 448 16.52 -11.03 20.80
N ASP B 449 17.62 -10.67 20.14
CA ASP B 449 18.78 -11.55 20.13
C ASP B 449 19.21 -11.86 21.56
N LEU B 450 19.13 -10.86 22.44
CA LEU B 450 19.61 -11.04 23.81
C LEU B 450 18.83 -12.12 24.52
N VAL B 451 17.50 -12.03 24.50
CA VAL B 451 16.72 -12.99 25.29
C VAL B 451 16.64 -14.35 24.60
N SER B 452 16.79 -14.41 23.28
CA SER B 452 16.80 -15.73 22.67
C SER B 452 18.05 -16.50 23.09
N LEU B 453 19.11 -15.79 23.47
CA LEU B 453 20.36 -16.35 23.93
C LEU B 453 20.39 -16.70 25.42
N CYS B 454 19.81 -15.85 26.27
CA CYS B 454 19.87 -16.05 27.71
C CYS B 454 18.49 -16.12 28.35
N ASN B 455 18.42 -16.76 29.52
CA ASN B 455 17.15 -16.95 30.19
C ASN B 455 16.81 -15.70 31.00
N PHE B 456 16.86 -14.55 30.33
CA PHE B 456 16.56 -13.30 31.00
C PHE B 456 15.10 -12.89 30.86
N HIS B 457 14.35 -13.55 29.96
CA HIS B 457 12.92 -13.27 29.82
C HIS B 457 12.27 -13.36 31.17
N ASN B 458 11.35 -12.43 31.41
CA ASN B 458 10.70 -12.33 32.71
C ASN B 458 10.11 -13.66 33.16
N TYR B 459 9.78 -14.53 32.22
CA TYR B 459 9.15 -15.78 32.57
C TYR B 459 9.90 -17.00 32.00
N ASP B 460 11.18 -16.85 31.68
CA ASP B 460 11.99 -18.05 31.55
C ASP B 460 12.10 -18.73 32.90
N ASN B 461 12.45 -20.00 32.90
CA ASN B 461 12.69 -20.69 34.16
C ASN B 461 14.18 -20.71 34.48
N LEU B 462 14.52 -20.50 35.75
CA LEU B 462 15.93 -20.53 36.11
C LEU B 462 16.46 -21.94 36.28
N ARG B 463 15.61 -22.95 36.26
CA ARG B 463 16.02 -24.33 36.42
C ARG B 463 15.89 -25.15 35.13
N HIS B 464 14.80 -24.98 34.37
CA HIS B 464 14.59 -25.71 33.13
C HIS B 464 14.41 -24.72 31.98
N PHE B 465 15.44 -24.53 31.17
CA PHE B 465 15.38 -23.47 30.19
C PHE B 465 15.97 -23.88 28.85
N ALA B 466 15.86 -25.17 28.51
CA ALA B 466 16.14 -25.61 27.13
C ALA B 466 17.59 -25.30 26.79
N LYS B 467 17.85 -24.74 25.61
CA LYS B 467 19.20 -24.48 25.13
C LYS B 467 19.60 -23.01 25.30
N LYS B 468 18.86 -22.25 26.10
CA LYS B 468 19.30 -20.90 26.44
C LYS B 468 20.50 -20.97 27.38
N LEU B 469 21.36 -19.95 27.29
CA LEU B 469 22.52 -19.87 28.17
C LEU B 469 22.15 -19.12 29.45
N ASP B 470 22.71 -19.54 30.60
CA ASP B 470 22.48 -18.84 31.87
C ASP B 470 23.78 -18.24 32.39
N PRO B 471 24.00 -16.93 32.22
CA PRO B 471 25.23 -16.31 32.71
C PRO B 471 25.34 -16.19 34.22
N ARG B 472 24.24 -16.40 34.96
CA ARG B 472 24.34 -16.40 36.42
C ARG B 472 24.96 -17.66 36.99
N ARG B 473 25.24 -18.65 36.15
CA ARG B 473 25.66 -20.00 36.54
C ARG B 473 27.03 -20.33 35.98
N GLU B 474 27.61 -21.42 36.46
CA GLU B 474 29.02 -21.64 36.14
C GLU B 474 29.28 -22.52 34.92
N GLY B 475 29.25 -23.84 35.09
CA GLY B 475 29.51 -24.76 34.00
C GLY B 475 28.53 -25.90 33.95
N PRO C 66 32.59 -42.84 52.89
CA PRO C 66 31.36 -42.04 52.88
C PRO C 66 30.22 -42.81 52.19
N SER C 67 28.98 -42.46 52.51
CA SER C 67 27.81 -43.18 52.00
C SER C 67 26.63 -42.25 52.17
N LEU C 68 25.99 -41.79 51.08
CA LEU C 68 25.10 -40.70 51.45
C LEU C 68 23.79 -41.21 51.98
N GLU C 69 23.62 -42.54 52.00
CA GLU C 69 22.42 -43.10 52.63
C GLU C 69 22.44 -43.03 54.15
N ASP C 70 23.56 -43.39 54.78
CA ASP C 70 23.62 -43.24 56.23
C ASP C 70 24.28 -41.95 56.67
N LEU C 71 24.88 -41.19 55.75
CA LEU C 71 25.16 -39.82 56.10
C LEU C 71 23.86 -39.18 56.52
N LEU C 72 22.79 -39.53 55.82
CA LEU C 72 21.44 -39.12 56.12
C LEU C 72 20.86 -39.88 57.32
N PHE C 73 21.26 -41.14 57.51
CA PHE C 73 20.76 -41.93 58.64
C PHE C 73 21.09 -41.25 59.95
N TYR C 74 22.35 -40.87 60.15
CA TYR C 74 22.70 -40.27 61.42
C TYR C 74 22.07 -38.90 61.57
N THR C 75 21.92 -38.16 60.44
CA THR C 75 21.23 -36.88 60.45
C THR C 75 19.87 -36.99 61.12
N ILE C 76 19.10 -38.02 60.79
CA ILE C 76 17.82 -38.24 61.44
C ILE C 76 17.98 -39.09 62.69
N ALA C 77 19.05 -39.89 62.77
CA ALA C 77 19.12 -40.90 63.82
C ALA C 77 19.31 -40.30 65.20
N GLU C 78 20.01 -39.15 65.29
CA GLU C 78 20.37 -38.44 66.53
C GLU C 78 21.69 -38.95 67.16
N GLY C 79 22.61 -39.56 66.39
CA GLY C 79 23.72 -40.24 67.03
C GLY C 79 23.28 -41.48 67.74
N GLN C 80 21.98 -41.70 67.65
CA GLN C 80 21.19 -42.75 68.26
C GLN C 80 21.20 -44.02 67.42
N GLU C 81 21.50 -45.15 68.04
CA GLU C 81 20.61 -46.29 68.15
C GLU C 81 19.87 -46.69 66.82
N LYS C 82 18.54 -46.67 66.83
CA LYS C 82 17.69 -46.96 65.66
C LYS C 82 16.72 -45.80 65.50
N ILE C 83 16.18 -45.62 64.31
CA ILE C 83 15.20 -44.58 64.04
C ILE C 83 13.83 -45.23 64.09
N PRO C 84 12.92 -44.80 64.96
CA PRO C 84 11.52 -45.23 64.83
C PRO C 84 10.96 -44.76 63.49
N VAL C 85 10.00 -45.52 62.92
CA VAL C 85 9.54 -45.21 61.57
C VAL C 85 8.68 -43.95 61.59
N HIS C 86 7.84 -43.83 62.64
CA HIS C 86 7.01 -42.63 62.74
C HIS C 86 7.86 -41.38 62.80
N LYS C 87 8.98 -41.44 63.54
CA LYS C 87 9.89 -40.31 63.61
C LYS C 87 10.50 -39.99 62.26
N PHE C 88 10.71 -41.01 61.43
CA PHE C 88 11.21 -40.73 60.09
C PHE C 88 10.17 -40.05 59.22
N ILE C 89 8.93 -40.55 59.20
CA ILE C 89 7.97 -39.95 58.29
C ILE C 89 7.57 -38.58 58.79
N THR C 90 7.58 -38.38 60.12
CA THR C 90 7.24 -37.07 60.64
C THR C 90 8.35 -36.07 60.33
N ALA C 91 9.60 -36.52 60.39
CA ALA C 91 10.71 -35.75 59.86
C ALA C 91 10.47 -35.43 58.38
N LEU C 92 9.90 -36.38 57.65
CA LEU C 92 9.67 -36.20 56.22
C LEU C 92 8.55 -35.21 55.95
N LYS C 93 7.42 -35.35 56.66
CA LYS C 93 6.32 -34.41 56.41
C LYS C 93 6.74 -33.01 56.84
N SER C 94 7.69 -32.94 57.76
CA SER C 94 8.30 -31.68 58.16
C SER C 94 8.92 -30.97 56.95
N THR C 95 9.42 -31.72 55.99
CA THR C 95 9.94 -31.15 54.76
C THR C 95 8.88 -30.49 53.91
N GLY C 96 7.62 -30.89 54.07
CA GLY C 96 6.59 -30.49 53.16
C GLY C 96 6.29 -31.53 52.09
N LEU C 97 7.15 -32.51 51.92
CA LEU C 97 6.76 -33.61 51.05
C LEU C 97 5.64 -34.37 51.74
N ARG C 98 4.77 -34.97 50.93
CA ARG C 98 3.74 -35.86 51.43
C ARG C 98 4.14 -37.30 51.22
N THR C 99 3.72 -38.18 52.13
CA THR C 99 4.11 -39.58 51.98
C THR C 99 3.56 -40.17 50.70
N SER C 100 2.55 -39.53 50.11
CA SER C 100 1.98 -39.96 48.84
C SER C 100 2.74 -39.41 47.63
N ASP C 101 3.86 -38.72 47.83
CA ASP C 101 4.62 -38.21 46.70
C ASP C 101 4.96 -39.34 45.73
N PRO C 102 4.67 -39.19 44.44
CA PRO C 102 5.05 -40.24 43.48
C PRO C 102 6.54 -40.55 43.43
N ARG C 103 7.40 -39.55 43.61
CA ARG C 103 8.85 -39.78 43.56
C ARG C 103 9.35 -40.54 44.79
N LEU C 104 8.46 -40.91 45.69
CA LEU C 104 8.79 -41.63 46.91
C LEU C 104 8.20 -43.02 46.95
N LYS C 105 7.62 -43.48 45.83
CA LYS C 105 6.87 -44.74 45.86
C LYS C 105 7.75 -45.91 46.29
N GLU C 106 8.88 -46.06 45.64
CA GLU C 106 9.77 -47.18 45.92
C GLU C 106 10.17 -47.18 47.38
N CYS C 107 10.49 -45.99 47.91
CA CYS C 107 10.75 -45.90 49.34
C CYS C 107 9.52 -46.26 50.17
N MET C 108 8.35 -45.76 49.80
CA MET C 108 7.20 -46.05 50.63
C MET C 108 6.79 -47.51 50.50
N ASP C 109 6.89 -48.07 49.29
CA ASP C 109 6.62 -49.47 49.10
C ASP C 109 7.56 -50.32 49.94
N MET C 110 8.81 -49.87 50.08
CA MET C 110 9.80 -50.61 50.85
C MET C 110 9.65 -50.40 52.35
N LEU C 111 9.03 -49.29 52.77
CA LEU C 111 8.59 -49.17 54.15
C LEU C 111 7.38 -50.05 54.38
N ARG C 112 6.48 -50.09 53.40
CA ARG C 112 5.30 -50.91 53.54
C ARG C 112 5.67 -52.38 53.59
N LEU C 113 6.70 -52.77 52.86
CA LEU C 113 7.14 -54.16 52.90
C LEU C 113 7.73 -54.52 54.26
N THR C 114 8.73 -53.77 54.73
CA THR C 114 9.35 -54.13 56.00
C THR C 114 8.44 -53.86 57.19
N LEU C 115 7.45 -52.97 57.07
CA LEU C 115 6.55 -52.82 58.21
C LEU C 115 5.45 -53.89 58.20
N GLN C 116 5.64 -54.93 57.38
CA GLN C 116 4.89 -56.17 57.42
C GLN C 116 5.65 -57.25 58.21
N THR C 117 6.98 -57.26 58.07
CA THR C 117 7.85 -58.32 58.58
C THR C 117 7.87 -58.36 60.10
N THR C 118 7.95 -57.20 60.73
CA THR C 118 8.20 -57.08 62.16
C THR C 118 7.18 -56.21 62.89
N SER C 119 6.16 -56.84 63.46
CA SER C 119 5.34 -56.10 64.41
C SER C 119 6.11 -55.67 65.68
N ASP C 120 7.20 -56.37 66.06
CA ASP C 120 8.16 -55.94 67.10
C ASP C 120 9.44 -55.35 66.53
N GLY C 121 9.70 -54.09 66.93
CA GLY C 121 10.88 -53.39 66.49
C GLY C 121 10.48 -52.42 65.40
N VAL C 122 9.71 -51.38 65.73
CA VAL C 122 9.13 -50.56 64.69
C VAL C 122 10.26 -49.68 64.18
N MET C 123 11.48 -50.09 64.48
CA MET C 123 12.72 -49.35 64.37
C MET C 123 13.55 -49.86 63.20
N LEU C 124 14.41 -48.98 62.72
CA LEU C 124 15.15 -49.07 61.48
C LEU C 124 16.62 -49.17 61.86
N ASP C 125 17.30 -50.23 61.43
CA ASP C 125 18.73 -50.20 61.67
C ASP C 125 19.34 -49.28 60.61
N LYS C 126 20.65 -49.10 60.68
CA LYS C 126 21.30 -48.33 59.63
C LYS C 126 21.25 -49.05 58.28
N ASP C 127 21.01 -50.37 58.27
CA ASP C 127 21.05 -51.13 57.02
C ASP C 127 19.69 -51.32 56.38
N LEU C 128 18.61 -51.25 57.16
CA LEU C 128 17.27 -51.31 56.59
C LEU C 128 16.75 -49.94 56.21
N PHE C 129 17.12 -48.92 56.99
CA PHE C 129 16.89 -47.56 56.53
C PHE C 129 17.47 -47.39 55.14
N LYS C 130 18.72 -47.83 54.97
CA LYS C 130 19.32 -47.74 53.65
C LYS C 130 18.61 -48.66 52.67
N LYS C 131 18.06 -49.78 53.16
CA LYS C 131 17.32 -50.67 52.30
C LYS C 131 16.12 -49.96 51.70
N CYS C 132 15.53 -49.02 52.43
CA CYS C 132 14.31 -48.39 51.96
C CYS C 132 14.58 -47.10 51.20
N VAL C 133 15.47 -46.27 51.74
CA VAL C 133 15.74 -44.97 51.15
C VAL C 133 16.77 -45.02 50.03
N GLN C 134 17.40 -46.19 49.82
CA GLN C 134 18.41 -46.31 48.78
C GLN C 134 17.95 -45.68 47.46
N SER C 135 16.77 -46.04 46.99
CA SER C 135 16.35 -45.72 45.62
C SER C 135 16.05 -44.25 45.44
N ASN C 136 15.48 -43.60 46.47
CA ASN C 136 15.08 -42.20 46.40
C ASN C 136 15.98 -41.32 47.26
N ILE C 137 17.26 -41.68 47.34
CA ILE C 137 18.15 -41.06 48.31
C ILE C 137 18.44 -39.63 47.93
N VAL C 138 18.55 -39.35 46.63
CA VAL C 138 18.95 -38.00 46.26
C VAL C 138 17.83 -37.01 46.54
N LEU C 139 16.57 -37.40 46.31
CA LEU C 139 15.48 -36.49 46.64
C LEU C 139 15.33 -36.34 48.15
N LEU C 140 15.52 -37.42 48.89
CA LEU C 140 15.41 -37.36 50.34
C LEU C 140 16.51 -36.51 50.96
N THR C 141 17.69 -36.45 50.33
CA THR C 141 18.79 -35.73 50.95
C THR C 141 18.57 -34.24 50.86
N GLN C 142 18.13 -33.76 49.71
CA GLN C 142 17.82 -32.34 49.57
C GLN C 142 16.73 -31.92 50.50
N ALA C 143 15.78 -32.82 50.77
CA ALA C 143 14.70 -32.51 51.69
C ALA C 143 15.21 -32.25 53.09
N PHE C 144 16.12 -33.11 53.56
CA PHE C 144 16.65 -33.03 54.90
C PHE C 144 17.87 -32.14 54.97
N ARG C 145 18.45 -31.87 53.81
CA ARG C 145 19.55 -30.93 53.72
C ARG C 145 19.13 -29.52 53.42
N ARG C 146 17.88 -29.19 53.75
CA ARG C 146 17.24 -27.91 53.52
C ARG C 146 17.73 -27.26 52.23
N LYS C 147 17.59 -28.01 51.15
CA LYS C 147 17.95 -27.53 49.84
C LYS C 147 16.73 -27.22 48.99
N PHE C 148 15.53 -27.34 49.53
CA PHE C 148 14.34 -27.06 48.74
C PHE C 148 14.13 -25.56 48.59
N VAL C 149 13.30 -25.18 47.62
CA VAL C 149 13.22 -23.79 47.24
C VAL C 149 12.83 -22.95 48.44
N ILE C 150 12.08 -23.52 49.35
CA ILE C 150 11.73 -22.94 50.64
C ILE C 150 12.37 -23.80 51.71
N PRO C 151 13.49 -23.41 52.29
CA PRO C 151 14.15 -24.31 53.24
C PRO C 151 13.31 -24.48 54.48
N ASP C 152 12.85 -23.38 55.07
CA ASP C 152 12.00 -23.47 56.26
C ASP C 152 10.54 -23.44 55.82
N PHE C 153 10.10 -24.58 55.29
CA PHE C 153 8.73 -24.70 54.81
C PHE C 153 7.73 -24.69 55.95
N MET C 154 8.11 -25.13 57.15
CA MET C 154 7.12 -25.21 58.21
C MET C 154 6.72 -23.82 58.70
N SER C 155 7.61 -22.84 58.59
CA SER C 155 7.20 -21.50 58.97
C SER C 155 6.40 -20.83 57.87
N PHE C 156 6.78 -21.09 56.62
CA PHE C 156 6.05 -20.54 55.48
C PHE C 156 4.59 -20.95 55.50
N THR C 157 4.30 -22.21 55.87
CA THR C 157 2.91 -22.61 55.95
C THR C 157 2.20 -21.91 57.10
N SER C 158 2.92 -21.53 58.15
CA SER C 158 2.25 -20.82 59.23
C SER C 158 1.86 -19.41 58.78
N HIS C 159 2.62 -18.82 57.86
CA HIS C 159 2.21 -17.57 57.24
C HIS C 159 1.02 -17.78 56.31
N ILE C 160 1.06 -18.83 55.48
CA ILE C 160 -0.08 -19.13 54.63
C ILE C 160 -1.33 -19.21 55.47
N ASP C 161 -1.23 -19.85 56.64
CA ASP C 161 -2.39 -19.95 57.52
C ASP C 161 -2.89 -18.57 57.93
N GLU C 162 -1.97 -17.66 58.29
CA GLU C 162 -2.44 -16.31 58.64
C GLU C 162 -3.07 -15.62 57.44
N LEU C 163 -2.43 -15.70 56.26
CA LEU C 163 -3.01 -15.09 55.06
C LEU C 163 -4.40 -15.65 54.78
N TYR C 164 -4.57 -16.97 54.94
CA TYR C 164 -5.88 -17.61 54.79
C TYR C 164 -6.90 -17.06 55.78
N GLU C 165 -6.51 -16.94 57.05
CA GLU C 165 -7.49 -16.54 58.05
C GLU C 165 -7.87 -15.07 57.90
N SER C 166 -6.99 -14.26 57.35
CA SER C 166 -7.34 -12.87 57.14
C SER C 166 -8.31 -12.72 55.99
N ALA C 167 -8.17 -13.57 54.97
CA ALA C 167 -9.12 -13.55 53.86
C ALA C 167 -10.45 -14.13 54.28
N LYS C 168 -10.45 -15.05 55.25
CA LYS C 168 -11.69 -15.67 55.66
C LYS C 168 -12.68 -14.64 56.17
N LYS C 169 -12.19 -13.47 56.59
CA LYS C 169 -13.00 -12.39 57.13
C LYS C 169 -13.64 -11.50 56.06
N GLN C 170 -13.29 -11.68 54.78
CA GLN C 170 -13.82 -10.83 53.70
C GLN C 170 -15.06 -11.48 53.08
N SER C 171 -16.23 -11.19 53.65
CA SER C 171 -17.42 -11.97 53.31
C SER C 171 -18.26 -11.35 52.22
N GLY C 172 -17.76 -10.32 51.56
CA GLY C 172 -18.47 -9.72 50.45
C GLY C 172 -18.39 -10.51 49.16
N GLY C 173 -19.08 -9.99 48.14
CA GLY C 173 -19.15 -10.61 46.83
C GLY C 173 -20.46 -11.37 46.63
N LYS C 174 -20.64 -11.82 45.38
CA LYS C 174 -21.83 -12.53 44.95
C LYS C 174 -21.47 -13.81 44.25
N VAL C 175 -22.08 -14.91 44.70
CA VAL C 175 -21.83 -16.16 44.02
C VAL C 175 -22.48 -16.15 42.66
N ALA C 176 -21.75 -16.60 41.63
CA ALA C 176 -22.26 -16.60 40.26
C ALA C 176 -23.55 -17.39 40.16
N ASP C 177 -24.61 -16.73 39.64
CA ASP C 177 -25.94 -17.32 39.61
C ASP C 177 -26.50 -17.62 38.22
N TYR C 178 -25.81 -17.25 37.14
CA TYR C 178 -26.44 -17.44 35.82
C TYR C 178 -26.76 -18.90 35.55
N ILE C 179 -25.98 -19.83 36.10
CA ILE C 179 -26.38 -21.23 36.00
C ILE C 179 -26.65 -21.77 37.39
N PRO C 180 -27.63 -22.68 37.54
CA PRO C 180 -27.91 -23.23 38.87
C PRO C 180 -26.80 -24.09 39.45
N GLN C 181 -25.78 -24.46 38.67
CA GLN C 181 -24.76 -25.35 39.19
C GLN C 181 -23.72 -24.59 40.01
N LEU C 182 -23.39 -23.37 39.60
CA LEU C 182 -22.56 -22.51 40.44
C LEU C 182 -23.37 -21.84 41.52
N ALA C 183 -24.67 -21.62 41.26
CA ALA C 183 -25.53 -21.00 42.25
C ALA C 183 -25.76 -21.86 43.49
N LYS C 184 -25.78 -23.19 43.40
CA LYS C 184 -25.93 -23.90 44.65
C LYS C 184 -24.64 -24.05 45.45
N PHE C 185 -23.54 -23.39 45.01
CA PHE C 185 -22.32 -23.53 45.78
C PHE C 185 -22.38 -22.60 46.98
N SER C 186 -21.83 -23.05 48.14
CA SER C 186 -22.01 -22.19 49.32
C SER C 186 -21.05 -21.00 49.29
N PRO C 187 -21.47 -19.85 49.79
CA PRO C 187 -20.59 -18.67 49.78
C PRO C 187 -19.42 -18.75 50.77
N ASP C 188 -19.42 -19.68 51.71
CA ASP C 188 -18.38 -19.75 52.72
C ASP C 188 -17.27 -20.73 52.40
N LEU C 189 -17.40 -21.48 51.31
CA LEU C 189 -16.30 -22.34 50.89
C LEU C 189 -15.11 -21.47 50.47
N TRP C 190 -13.93 -21.84 50.97
CA TRP C 190 -12.74 -21.03 50.79
C TRP C 190 -11.54 -21.93 51.02
N GLY C 191 -10.73 -22.12 50.00
CA GLY C 191 -9.61 -23.03 50.10
C GLY C 191 -8.38 -22.45 49.45
N VAL C 192 -7.22 -22.79 50.02
CA VAL C 192 -5.93 -22.36 49.47
C VAL C 192 -4.99 -23.55 49.48
N SER C 193 -4.26 -23.74 48.37
CA SER C 193 -3.31 -24.84 48.23
C SER C 193 -2.02 -24.40 47.56
N VAL C 194 -0.91 -24.90 48.06
CA VAL C 194 0.42 -24.51 47.63
C VAL C 194 1.17 -25.75 47.16
N CYS C 195 1.93 -25.61 46.07
CA CYS C 195 2.85 -26.66 45.64
C CYS C 195 4.12 -25.99 45.12
N THR C 196 5.27 -26.33 45.71
CA THR C 196 6.50 -25.65 45.30
C THR C 196 7.07 -26.30 44.05
N ALA C 197 8.06 -25.64 43.45
CA ALA C 197 8.74 -26.27 42.33
C ALA C 197 9.46 -27.54 42.76
N ASP C 198 9.51 -27.83 44.06
CA ASP C 198 10.20 -29.00 44.58
C ASP C 198 9.26 -30.06 45.11
N GLY C 199 7.95 -29.84 45.08
CA GLY C 199 7.04 -30.85 45.57
C GLY C 199 6.60 -30.68 46.99
N GLN C 200 6.95 -29.58 47.65
CA GLN C 200 6.46 -29.34 49.00
C GLN C 200 5.01 -28.88 48.94
N ARG C 201 4.16 -29.45 49.78
CA ARG C 201 2.73 -29.18 49.73
C ARG C 201 2.17 -28.67 51.04
N HIS C 202 1.17 -27.82 50.93
CA HIS C 202 0.40 -27.39 52.07
C HIS C 202 -0.97 -26.92 51.61
N SER C 203 -1.99 -27.20 52.42
CA SER C 203 -3.34 -26.72 52.16
C SER C 203 -4.01 -26.26 53.44
N THR C 204 -5.04 -25.43 53.27
CA THR C 204 -5.82 -24.85 54.36
C THR C 204 -7.22 -24.62 53.81
N GLY C 205 -8.23 -25.05 54.57
CA GLY C 205 -9.59 -24.92 54.10
C GLY C 205 -10.08 -26.05 53.23
N ASP C 206 -11.05 -25.73 52.36
CA ASP C 206 -11.77 -26.70 51.54
C ASP C 206 -10.97 -27.00 50.27
N THR C 207 -9.90 -27.76 50.45
CA THR C 207 -8.98 -27.94 49.37
C THR C 207 -9.21 -29.21 48.58
N LYS C 208 -10.12 -30.09 49.03
CA LYS C 208 -10.47 -31.32 48.33
C LYS C 208 -11.91 -31.33 47.79
N VAL C 209 -12.53 -30.17 47.69
CA VAL C 209 -13.89 -30.04 47.14
C VAL C 209 -13.76 -29.74 45.66
N PRO C 210 -14.34 -30.56 44.79
CA PRO C 210 -14.21 -30.30 43.35
C PRO C 210 -15.09 -29.16 42.89
N PHE C 211 -14.58 -28.42 41.92
CA PHE C 211 -15.31 -27.30 41.32
C PHE C 211 -14.75 -27.08 39.92
N CYS C 212 -15.47 -26.30 39.12
CA CYS C 212 -15.08 -26.21 37.73
C CYS C 212 -14.02 -25.15 37.50
N LEU C 213 -13.21 -25.39 36.48
CA LEU C 213 -12.17 -24.43 36.15
C LEU C 213 -12.77 -23.22 35.51
N GLN C 214 -13.78 -23.44 34.67
CA GLN C 214 -14.36 -22.40 33.85
C GLN C 214 -13.19 -21.72 33.18
N SER C 215 -13.06 -20.41 33.26
CA SER C 215 -12.04 -19.77 32.48
C SER C 215 -10.65 -19.91 33.07
N CYS C 216 -10.49 -20.64 34.18
CA CYS C 216 -9.14 -21.03 34.57
C CYS C 216 -8.54 -22.05 33.61
N VAL C 217 -9.35 -22.70 32.78
CA VAL C 217 -8.81 -23.67 31.85
C VAL C 217 -8.16 -22.98 30.65
N LYS C 218 -8.43 -21.70 30.48
CA LYS C 218 -7.95 -20.95 29.32
C LYS C 218 -6.44 -21.03 29.15
N PRO C 219 -5.63 -20.75 30.17
CA PRO C 219 -4.17 -20.84 29.98
C PRO C 219 -3.71 -22.26 29.74
N LEU C 220 -4.34 -23.24 30.39
CA LEU C 220 -3.90 -24.61 30.26
C LEU C 220 -4.02 -25.09 28.81
N LYS C 221 -5.14 -24.77 28.13
CA LYS C 221 -5.24 -25.23 26.76
C LYS C 221 -4.37 -24.41 25.82
N TYR C 222 -4.22 -23.11 26.11
CA TYR C 222 -3.24 -22.34 25.35
C TYR C 222 -1.87 -22.97 25.48
N ALA C 223 -1.50 -23.42 26.68
CA ALA C 223 -0.22 -24.10 26.82
C ALA C 223 -0.16 -25.32 25.91
N ILE C 224 -1.22 -26.15 25.93
CA ILE C 224 -1.23 -27.34 25.09
C ILE C 224 -1.09 -26.93 23.63
N ALA C 225 -1.82 -25.87 23.23
CA ALA C 225 -1.81 -25.46 21.83
C ALA C 225 -0.40 -25.11 21.37
N VAL C 226 0.30 -24.27 22.12
CA VAL C 226 1.68 -23.91 21.78
C VAL C 226 2.60 -25.10 21.90
N ASN C 227 2.39 -25.95 22.90
CA ASN C 227 3.23 -27.12 23.08
C ASN C 227 3.22 -28.02 21.84
N ASP C 228 2.06 -28.17 21.21
CA ASP C 228 1.91 -29.07 20.07
C ASP C 228 2.24 -28.44 18.72
N LEU C 229 2.08 -27.14 18.56
CA LEU C 229 2.25 -26.54 17.24
C LEU C 229 3.20 -25.37 17.25
N GLY C 230 3.56 -24.84 18.40
CA GLY C 230 4.53 -23.77 18.48
C GLY C 230 3.90 -22.39 18.44
N THR C 231 4.62 -21.45 19.03
CA THR C 231 4.14 -20.06 19.10
C THR C 231 3.74 -19.50 17.74
N GLU C 232 4.56 -19.68 16.72
CA GLU C 232 4.31 -18.90 15.51
C GLU C 232 3.03 -19.36 14.84
N TYR C 233 2.78 -20.66 14.83
CA TYR C 233 1.53 -21.13 14.22
C TYR C 233 0.34 -20.65 15.03
N VAL C 234 0.34 -20.92 16.34
CA VAL C 234 -0.81 -20.60 17.18
C VAL C 234 -1.18 -19.12 17.07
N HIS C 235 -0.18 -18.25 17.03
CA HIS C 235 -0.49 -16.83 17.02
C HIS C 235 -0.80 -16.28 15.62
N ARG C 236 -0.93 -17.16 14.64
CA ARG C 236 -1.62 -16.79 13.42
C ARG C 236 -3.11 -16.59 13.65
N TYR C 237 -3.66 -17.22 14.68
CA TYR C 237 -5.09 -17.20 14.93
C TYR C 237 -5.50 -16.37 16.15
N VAL C 238 -4.56 -15.91 16.97
CA VAL C 238 -4.88 -15.14 18.16
C VAL C 238 -3.71 -14.24 18.52
N GLY C 239 -4.00 -13.01 18.92
CA GLY C 239 -3.01 -11.99 19.23
C GLY C 239 -2.32 -12.27 20.55
N LYS C 240 -1.48 -11.30 20.99
CA LYS C 240 -0.72 -11.51 22.22
C LYS C 240 -0.65 -10.28 23.12
N GLU C 241 -1.62 -9.38 23.07
CA GLU C 241 -1.62 -8.19 23.90
C GLU C 241 -2.97 -8.12 24.60
N PRO C 242 -3.08 -7.38 25.69
CA PRO C 242 -4.40 -7.11 26.25
C PRO C 242 -5.12 -6.06 25.43
N SER C 243 -6.44 -6.24 25.32
CA SER C 243 -7.30 -5.32 24.56
C SER C 243 -7.14 -3.87 25.04
N GLY C 244 -7.26 -3.65 26.33
CA GLY C 244 -7.46 -2.32 26.87
C GLY C 244 -8.84 -2.18 27.52
N LEU C 245 -8.87 -1.53 28.69
CA LEU C 245 -10.01 -1.58 29.60
C LEU C 245 -11.25 -0.97 28.96
N ARG C 246 -11.09 -0.45 27.76
CA ARG C 246 -12.17 0.13 26.98
C ARG C 246 -12.56 -0.71 25.77
N PHE C 247 -11.94 -1.88 25.59
CA PHE C 247 -12.27 -2.80 24.50
C PHE C 247 -12.45 -4.23 25.02
N ASN C 248 -12.91 -4.41 26.27
CA ASN C 248 -13.34 -5.72 26.78
C ASN C 248 -14.59 -6.25 26.10
N LYS C 249 -15.26 -5.41 25.30
CA LYS C 249 -16.50 -5.73 24.62
C LYS C 249 -16.31 -6.22 23.21
N LEU C 250 -15.16 -5.97 22.60
CA LEU C 250 -14.88 -6.32 21.22
C LEU C 250 -14.30 -7.72 21.10
N PHE C 251 -14.67 -8.41 20.03
CA PHE C 251 -14.21 -9.79 19.86
C PHE C 251 -12.85 -9.86 19.20
N LEU C 252 -12.58 -8.98 18.25
CA LEU C 252 -11.40 -9.08 17.38
C LEU C 252 -10.56 -7.82 17.49
N ASN C 253 -9.26 -7.99 17.28
CA ASN C 253 -8.37 -6.83 17.22
C ASN C 253 -8.38 -6.29 15.80
N GLU C 254 -7.37 -5.47 15.48
CA GLU C 254 -7.30 -4.69 14.26
C GLU C 254 -6.96 -5.59 13.09
N ASP C 255 -6.23 -6.68 13.36
CA ASP C 255 -5.83 -7.68 12.37
C ASP C 255 -6.85 -8.81 12.26
N ASP C 256 -8.04 -8.66 12.84
CA ASP C 256 -9.14 -9.63 12.75
C ASP C 256 -8.82 -10.96 13.43
N LYS C 257 -7.95 -10.96 14.43
CA LYS C 257 -7.76 -12.08 15.34
C LYS C 257 -8.20 -11.69 16.76
N PRO C 258 -8.68 -12.63 17.57
CA PRO C 258 -9.00 -12.28 18.96
C PRO C 258 -7.76 -11.78 19.66
N HIS C 259 -7.98 -10.94 20.67
CA HIS C 259 -6.88 -10.12 21.16
C HIS C 259 -5.78 -10.94 21.80
N ASN C 260 -6.17 -12.01 22.47
CA ASN C 260 -5.24 -12.87 23.20
C ASN C 260 -6.00 -14.11 23.66
N PRO C 261 -5.28 -15.17 24.04
CA PRO C 261 -5.95 -16.43 24.40
C PRO C 261 -6.77 -16.37 25.66
N MET C 262 -6.68 -15.30 26.45
CA MET C 262 -7.31 -15.35 27.76
C MET C 262 -8.72 -14.79 27.75
N VAL C 263 -9.15 -14.23 26.64
CA VAL C 263 -10.50 -13.74 26.47
C VAL C 263 -11.30 -14.77 25.69
N ASN C 264 -12.63 -14.71 25.84
CA ASN C 264 -13.49 -15.78 25.35
C ASN C 264 -13.38 -15.95 23.84
N ALA C 265 -13.26 -14.86 23.09
CA ALA C 265 -13.03 -15.02 21.67
C ALA C 265 -11.71 -15.72 21.41
N GLY C 266 -10.70 -15.46 22.26
CA GLY C 266 -9.41 -16.07 22.05
C GLY C 266 -9.42 -17.54 22.38
N ALA C 267 -10.00 -17.89 23.54
CA ALA C 267 -10.08 -19.28 23.94
C ALA C 267 -10.79 -20.11 22.89
N ILE C 268 -11.90 -19.58 22.35
CA ILE C 268 -12.67 -20.31 21.35
C ILE C 268 -11.81 -20.59 20.12
N VAL C 269 -11.06 -19.59 19.66
CA VAL C 269 -10.17 -19.86 18.54
C VAL C 269 -9.08 -20.85 18.95
N VAL C 270 -8.50 -20.69 20.14
CA VAL C 270 -7.46 -21.63 20.56
C VAL C 270 -8.01 -23.04 20.60
N THR C 271 -9.21 -23.20 21.12
CA THR C 271 -9.85 -24.50 21.11
C THR C 271 -9.88 -25.11 19.72
N SER C 272 -10.04 -24.27 18.69
CA SER C 272 -10.11 -24.77 17.33
C SER C 272 -8.78 -25.31 16.80
N LEU C 273 -7.67 -25.09 17.49
CA LEU C 273 -6.37 -25.55 16.99
C LEU C 273 -5.90 -26.87 17.60
N ILE C 274 -6.45 -27.26 18.74
CA ILE C 274 -5.96 -28.40 19.51
C ILE C 274 -6.38 -29.71 18.84
N LYS C 275 -5.41 -30.52 18.47
CA LYS C 275 -5.67 -31.89 18.01
C LYS C 275 -6.70 -31.85 16.89
N GLN C 276 -6.37 -31.07 15.86
CA GLN C 276 -7.27 -30.91 14.74
C GLN C 276 -7.47 -32.24 14.02
N GLY C 277 -8.62 -32.37 13.35
CA GLY C 277 -8.90 -33.52 12.53
C GLY C 277 -9.40 -34.77 13.22
N VAL C 278 -9.40 -34.82 14.55
CA VAL C 278 -10.02 -35.92 15.26
C VAL C 278 -11.34 -35.42 15.83
N ASN C 279 -12.21 -36.34 16.22
CA ASN C 279 -13.53 -35.93 16.70
C ASN C 279 -13.47 -35.45 18.14
N ASN C 280 -14.58 -34.89 18.59
CA ASN C 280 -14.61 -34.20 19.87
C ASN C 280 -14.42 -35.14 21.04
N ALA C 281 -14.79 -36.42 20.89
CA ALA C 281 -14.56 -37.37 21.97
C ALA C 281 -13.07 -37.58 22.21
N GLU C 282 -12.30 -37.75 21.14
CA GLU C 282 -10.88 -38.00 21.31
C GLU C 282 -10.14 -36.72 21.65
N LYS C 283 -10.59 -35.58 21.12
CA LYS C 283 -10.00 -34.30 21.52
C LYS C 283 -10.11 -34.11 23.03
N PHE C 284 -11.28 -34.37 23.58
CA PHE C 284 -11.44 -34.23 25.03
C PHE C 284 -10.52 -35.19 25.78
N ASP C 285 -10.42 -36.44 25.34
CA ASP C 285 -9.54 -37.39 26.03
C ASP C 285 -8.08 -36.95 25.95
N TYR C 286 -7.67 -36.35 24.82
CA TYR C 286 -6.30 -35.87 24.71
C TYR C 286 -6.02 -34.80 25.76
N VAL C 287 -6.92 -33.83 25.89
CA VAL C 287 -6.73 -32.78 26.88
C VAL C 287 -6.82 -33.34 28.28
N MET C 288 -7.72 -34.29 28.50
CA MET C 288 -7.82 -34.83 29.85
C MET C 288 -6.54 -35.54 30.29
N GLN C 289 -5.90 -36.37 29.44
CA GLN C 289 -4.68 -36.91 29.98
C GLN C 289 -3.67 -35.80 30.14
N PHE C 290 -3.71 -34.83 29.23
CA PHE C 290 -2.70 -33.78 29.31
C PHE C 290 -2.78 -33.13 30.67
N LEU C 291 -3.99 -32.79 31.10
CA LEU C 291 -4.14 -32.24 32.44
C LEU C 291 -3.72 -33.27 33.49
N ASN C 292 -3.93 -34.55 33.22
CA ASN C 292 -3.50 -35.57 34.16
C ASN C 292 -2.00 -35.48 34.38
N LYS C 293 -1.22 -35.35 33.30
CA LYS C 293 0.23 -35.21 33.48
C LYS C 293 0.56 -33.98 34.32
N MET C 294 -0.11 -32.86 34.03
CA MET C 294 0.14 -31.59 34.71
C MET C 294 -0.16 -31.66 36.20
N ALA C 295 -1.11 -32.49 36.60
CA ALA C 295 -1.49 -32.56 38.01
C ALA C 295 -0.85 -33.74 38.74
N GLY C 296 0.11 -34.40 38.10
CA GLY C 296 0.68 -35.60 38.70
C GLY C 296 -0.38 -36.62 39.03
N ASN C 297 -1.46 -36.66 38.25
CA ASN C 297 -2.53 -37.63 38.39
C ASN C 297 -3.32 -37.45 39.70
N GLU C 298 -3.40 -36.23 40.21
CA GLU C 298 -4.35 -35.95 41.27
C GLU C 298 -5.69 -35.62 40.61
N TYR C 299 -6.66 -35.15 41.39
CA TYR C 299 -8.06 -35.17 40.93
C TYR C 299 -8.27 -34.25 39.75
N VAL C 300 -8.65 -34.83 38.62
CA VAL C 300 -9.23 -34.10 37.50
C VAL C 300 -10.52 -34.80 37.11
N GLY C 301 -11.60 -34.04 37.07
CA GLY C 301 -12.90 -34.62 36.76
C GLY C 301 -13.68 -33.85 35.70
N PHE C 302 -15.00 -34.01 35.73
CA PHE C 302 -15.90 -33.38 34.76
C PHE C 302 -17.30 -33.37 35.33
N SER C 303 -17.97 -32.22 35.24
CA SER C 303 -19.33 -32.09 35.72
C SER C 303 -20.21 -31.95 34.49
N ASN C 304 -20.95 -33.01 34.18
CA ASN C 304 -21.85 -32.94 33.02
C ASN C 304 -22.96 -31.95 33.28
N ALA C 305 -23.33 -31.77 34.55
CA ALA C 305 -24.32 -30.77 34.94
C ALA C 305 -23.92 -29.37 34.45
N THR C 306 -22.70 -28.94 34.79
CA THR C 306 -22.25 -27.62 34.37
C THR C 306 -22.14 -27.53 32.86
N PHE C 307 -21.73 -28.62 32.22
CA PHE C 307 -21.66 -28.61 30.76
C PHE C 307 -23.04 -28.38 30.16
N GLN C 308 -24.06 -29.07 30.68
CA GLN C 308 -25.42 -28.91 30.17
C GLN C 308 -25.91 -27.47 30.33
N SER C 309 -25.69 -26.88 31.49
CA SER C 309 -26.23 -25.55 31.67
C SER C 309 -25.44 -24.51 30.88
N GLU C 310 -24.15 -24.76 30.62
CA GLU C 310 -23.38 -23.85 29.80
C GLU C 310 -23.78 -23.84 28.32
N ARG C 311 -24.32 -24.94 27.77
CA ARG C 311 -24.70 -24.95 26.35
C ARG C 311 -26.06 -24.27 26.06
N GLU C 312 -27.08 -24.49 26.94
CA GLU C 312 -28.36 -23.79 26.84
C GLU C 312 -28.29 -22.31 27.19
N SER C 313 -27.18 -21.80 27.70
CA SER C 313 -27.16 -20.40 28.07
C SER C 313 -25.94 -19.67 27.53
N GLY C 314 -25.14 -20.30 26.66
CA GLY C 314 -23.98 -19.61 26.17
C GLY C 314 -24.32 -18.83 24.93
N ASP C 315 -25.41 -18.07 25.02
CA ASP C 315 -25.82 -17.22 23.90
C ASP C 315 -24.69 -16.32 23.44
N ARG C 316 -23.99 -15.67 24.37
CA ARG C 316 -22.88 -14.82 23.94
C ARG C 316 -21.82 -15.65 23.26
N ASN C 317 -21.56 -16.85 23.76
CA ASN C 317 -20.51 -17.65 23.16
C ASN C 317 -20.85 -18.00 21.71
N PHE C 318 -22.11 -18.33 21.41
CA PHE C 318 -22.47 -18.60 20.02
C PHE C 318 -22.34 -17.36 19.16
N ALA C 319 -22.77 -16.21 19.68
CA ALA C 319 -22.56 -14.96 18.97
C ALA C 319 -21.09 -14.80 18.62
N ILE C 320 -20.21 -15.07 19.58
CA ILE C 320 -18.78 -14.95 19.31
C ILE C 320 -18.37 -15.93 18.20
N GLY C 321 -18.89 -17.15 18.28
CA GLY C 321 -18.50 -18.18 17.31
C GLY C 321 -18.92 -17.82 15.89
N TYR C 322 -20.16 -17.36 15.73
CA TYR C 322 -20.58 -16.97 14.41
C TYR C 322 -19.77 -15.78 13.90
N TYR C 323 -19.51 -14.79 14.76
CA TYR C 323 -18.69 -13.66 14.34
C TYR C 323 -17.33 -14.13 13.87
N LEU C 324 -16.71 -15.04 14.63
CA LEU C 324 -15.39 -15.56 14.27
C LEU C 324 -15.46 -16.36 12.99
N LYS C 325 -16.56 -17.12 12.81
CA LYS C 325 -16.76 -17.87 11.58
C LYS C 325 -16.89 -16.92 10.39
N GLU C 326 -17.67 -15.85 10.54
CA GLU C 326 -17.87 -14.93 9.42
C GLU C 326 -16.57 -14.23 9.06
N LYS C 327 -15.77 -13.83 10.07
CA LYS C 327 -14.52 -13.14 9.79
C LYS C 327 -13.37 -14.10 9.64
N LYS C 328 -13.67 -15.39 9.43
CA LYS C 328 -12.70 -16.42 9.02
C LYS C 328 -11.51 -16.49 9.96
N CYS C 329 -11.79 -16.65 11.27
CA CYS C 329 -10.74 -16.62 12.28
C CYS C 329 -10.26 -17.99 12.72
N PHE C 330 -10.93 -19.07 12.29
CA PHE C 330 -10.70 -20.48 12.51
C PHE C 330 -9.84 -21.09 11.41
N PRO C 331 -9.09 -22.14 11.71
CA PRO C 331 -8.41 -22.87 10.65
C PRO C 331 -9.43 -23.53 9.74
N GLU C 332 -9.01 -23.78 8.50
CA GLU C 332 -9.94 -24.29 7.52
C GLU C 332 -10.37 -25.71 7.91
N GLY C 333 -11.63 -26.04 7.60
CA GLY C 333 -12.19 -27.31 8.01
C GLY C 333 -12.74 -27.34 9.43
N THR C 334 -12.97 -26.19 10.03
CA THR C 334 -13.52 -26.13 11.37
C THR C 334 -15.02 -26.28 11.35
N ASP C 335 -15.54 -27.17 12.20
CA ASP C 335 -16.97 -27.21 12.48
C ASP C 335 -17.18 -26.27 13.65
N MET C 336 -17.60 -25.04 13.36
CA MET C 336 -17.60 -24.05 14.41
C MET C 336 -18.50 -24.46 15.58
N VAL C 337 -19.68 -25.02 15.31
CA VAL C 337 -20.59 -25.28 16.41
C VAL C 337 -20.14 -26.49 17.21
N GLY C 338 -19.33 -27.36 16.61
CA GLY C 338 -18.70 -28.41 17.38
C GLY C 338 -17.59 -27.88 18.29
N ILE C 339 -16.84 -26.90 17.80
CA ILE C 339 -15.79 -26.29 18.61
C ILE C 339 -16.38 -25.65 19.85
N LEU C 340 -17.53 -25.00 19.71
CA LEU C 340 -18.20 -24.46 20.89
C LEU C 340 -18.56 -25.55 21.88
N ASP C 341 -19.09 -26.68 21.39
CA ASP C 341 -19.38 -27.81 22.27
C ASP C 341 -18.14 -28.22 23.05
N PHE C 342 -17.03 -28.42 22.34
CA PHE C 342 -15.77 -28.79 22.99
C PHE C 342 -15.36 -27.76 24.03
N TYR C 343 -15.50 -26.47 23.69
CA TYR C 343 -15.12 -25.39 24.60
C TYR C 343 -15.96 -25.42 25.87
N PHE C 344 -17.28 -25.60 25.73
CA PHE C 344 -18.10 -25.74 26.93
C PHE C 344 -17.62 -26.91 27.77
N GLN C 345 -17.27 -28.02 27.12
CA GLN C 345 -16.76 -29.14 27.87
C GLN C 345 -15.54 -28.74 28.67
N LEU C 346 -14.59 -28.10 28.00
CA LEU C 346 -13.34 -27.72 28.63
C LEU C 346 -13.58 -26.84 29.85
N CYS C 347 -14.61 -26.00 29.83
CA CYS C 347 -14.91 -25.13 30.96
C CYS C 347 -15.58 -25.86 32.11
N SER C 348 -16.02 -27.10 31.90
CA SER C 348 -16.67 -27.87 32.94
C SER C 348 -15.79 -28.96 33.49
N ILE C 349 -14.48 -28.88 33.23
CA ILE C 349 -13.53 -29.76 33.87
C ILE C 349 -13.46 -29.43 35.35
N GLU C 350 -13.39 -30.43 36.20
CA GLU C 350 -13.38 -30.21 37.64
C GLU C 350 -11.99 -30.42 38.19
N VAL C 351 -11.67 -29.67 39.24
CA VAL C 351 -10.43 -29.80 40.00
C VAL C 351 -10.74 -29.60 41.48
N THR C 352 -9.77 -29.95 42.31
CA THR C 352 -9.74 -29.51 43.70
C THR C 352 -8.65 -28.48 43.83
N CYS C 353 -8.55 -27.87 45.01
CA CYS C 353 -7.49 -26.89 45.15
C CYS C 353 -6.15 -27.56 45.11
N GLU C 354 -6.08 -28.77 45.67
CA GLU C 354 -4.80 -29.45 45.70
C GLU C 354 -4.37 -29.88 44.31
N SER C 355 -5.26 -30.54 43.58
CA SER C 355 -4.91 -31.01 42.27
C SER C 355 -4.58 -29.85 41.33
N ALA C 356 -5.35 -28.77 41.38
CA ALA C 356 -5.07 -27.66 40.46
C ALA C 356 -3.79 -26.92 40.80
N SER C 357 -3.49 -26.79 42.09
CA SER C 357 -2.25 -26.12 42.51
C SER C 357 -1.02 -26.82 41.92
N VAL C 358 -1.12 -28.12 41.67
CA VAL C 358 -0.01 -28.83 41.07
C VAL C 358 0.14 -28.44 39.62
N MET C 359 -0.98 -28.24 38.91
CA MET C 359 -0.92 -27.72 37.55
C MET C 359 -0.24 -26.36 37.55
N ALA C 360 -0.61 -25.51 38.51
CA ALA C 360 0.07 -24.23 38.67
C ALA C 360 1.56 -24.43 38.88
N ALA C 361 1.94 -25.45 39.65
CA ALA C 361 3.35 -25.69 39.90
C ALA C 361 4.08 -26.19 38.65
N THR C 362 3.41 -26.95 37.77
CA THR C 362 4.07 -27.29 36.52
C THR C 362 4.42 -26.04 35.73
N LEU C 363 3.57 -25.02 35.81
CA LEU C 363 3.86 -23.74 35.15
C LEU C 363 4.97 -22.98 35.87
N ALA C 364 4.99 -23.04 37.20
CA ALA C 364 6.11 -22.42 37.91
C ALA C 364 7.44 -23.12 37.62
N ASN C 365 7.42 -24.34 37.08
CA ASN C 365 8.60 -25.19 37.04
C ASN C 365 9.13 -25.47 35.62
N GLY C 366 8.93 -24.53 34.68
CA GLY C 366 9.42 -24.68 33.33
C GLY C 366 8.80 -25.80 32.52
N GLY C 367 7.63 -26.31 32.95
CA GLY C 367 6.98 -27.38 32.24
C GLY C 367 7.16 -28.77 32.83
N PHE C 368 7.90 -28.91 33.93
CA PHE C 368 8.07 -30.19 34.64
C PHE C 368 7.11 -30.29 35.81
N CYS C 369 6.31 -31.34 35.85
CA CYS C 369 5.43 -31.47 36.99
C CYS C 369 6.29 -31.80 38.22
N PRO C 370 6.25 -30.96 39.28
CA PRO C 370 7.21 -31.11 40.37
C PRO C 370 6.99 -32.36 41.21
N ILE C 371 5.83 -33.03 41.18
CA ILE C 371 5.69 -34.23 42.00
C ILE C 371 5.86 -35.51 41.21
N THR C 372 6.10 -35.43 39.90
CA THR C 372 6.38 -36.65 39.14
C THR C 372 7.69 -36.60 38.39
N GLY C 373 8.24 -35.41 38.13
CA GLY C 373 9.43 -35.22 37.32
C GLY C 373 9.22 -35.30 35.82
N GLU C 374 8.01 -35.55 35.37
CA GLU C 374 7.70 -35.61 33.96
C GLU C 374 7.71 -34.23 33.32
N ARG C 375 8.33 -34.15 32.15
CA ARG C 375 8.20 -32.99 31.28
C ARG C 375 6.85 -33.02 30.49
N VAL C 376 6.00 -32.04 30.81
CA VAL C 376 4.65 -31.94 30.30
C VAL C 376 4.46 -30.82 29.28
N LEU C 377 5.24 -29.74 29.37
CA LEU C 377 5.11 -28.61 28.46
C LEU C 377 6.48 -28.12 27.99
N SER C 378 6.57 -27.67 26.74
CA SER C 378 7.81 -27.06 26.26
C SER C 378 8.04 -25.73 26.96
N PRO C 379 9.29 -25.36 27.21
CA PRO C 379 9.53 -24.07 27.89
C PRO C 379 8.97 -22.89 27.11
N GLU C 380 8.95 -23.00 25.79
CA GLU C 380 8.31 -22.00 24.96
C GLU C 380 6.82 -21.89 25.29
N ALA C 381 6.18 -23.02 25.57
CA ALA C 381 4.76 -22.99 25.95
C ALA C 381 4.56 -22.33 27.32
N VAL C 382 5.42 -22.63 28.28
CA VAL C 382 5.17 -22.14 29.63
C VAL C 382 5.46 -20.67 29.71
N ARG C 383 6.49 -20.22 28.98
CA ARG C 383 6.81 -18.80 28.98
C ARG C 383 5.64 -18.02 28.41
N ASN C 384 5.17 -18.43 27.24
CA ASN C 384 4.09 -17.73 26.60
C ASN C 384 2.87 -17.63 27.52
N THR C 385 2.47 -18.75 28.11
CA THR C 385 1.27 -18.71 28.93
C THR C 385 1.47 -17.84 30.17
N LEU C 386 2.65 -17.94 30.81
CA LEU C 386 2.91 -17.08 31.96
C LEU C 386 2.90 -15.61 31.54
N SER C 387 3.41 -15.32 30.35
CA SER C 387 3.36 -13.95 29.86
C SER C 387 1.92 -13.47 29.73
N LEU C 388 1.04 -14.29 29.18
CA LEU C 388 -0.30 -13.77 28.93
C LEU C 388 -1.17 -13.84 30.16
N MET C 389 -0.87 -14.72 31.13
CA MET C 389 -1.55 -14.63 32.41
C MET C 389 -1.19 -13.35 33.12
N HIS C 390 0.04 -12.87 32.95
CA HIS C 390 0.46 -11.61 33.55
C HIS C 390 -0.51 -10.49 33.21
N SER C 391 -0.77 -10.29 31.91
CA SER C 391 -1.47 -9.11 31.44
C SER C 391 -2.96 -9.30 31.17
N CYS C 392 -3.46 -10.52 31.04
CA CYS C 392 -4.84 -10.73 30.59
C CYS C 392 -5.60 -11.71 31.46
N GLY C 393 -5.12 -11.97 32.66
CA GLY C 393 -5.62 -13.11 33.38
C GLY C 393 -6.75 -12.85 34.31
N MET C 394 -7.07 -11.59 34.61
CA MET C 394 -8.03 -11.30 35.66
C MET C 394 -9.14 -10.38 35.15
N TYR C 395 -9.49 -10.53 33.88
CA TYR C 395 -10.58 -9.78 33.25
C TYR C 395 -10.21 -8.29 33.35
N ASP C 396 -11.17 -7.39 33.63
CA ASP C 396 -10.87 -5.96 33.68
C ASP C 396 -9.97 -5.55 34.84
N PHE C 397 -9.65 -6.46 35.75
CA PHE C 397 -8.72 -6.23 36.84
C PHE C 397 -7.29 -6.60 36.47
N SER C 398 -7.01 -6.91 35.20
CA SER C 398 -5.69 -7.45 34.86
C SER C 398 -4.60 -6.40 35.02
N GLY C 399 -4.86 -5.14 34.66
CA GLY C 399 -3.86 -4.11 34.83
C GLY C 399 -3.59 -3.82 36.29
N GLN C 400 -4.65 -3.65 37.08
CA GLN C 400 -4.45 -3.35 38.48
C GLN C 400 -3.75 -4.53 39.17
N PHE C 401 -4.08 -5.76 38.74
CA PHE C 401 -3.49 -6.94 39.34
C PHE C 401 -2.01 -7.06 39.02
N ALA C 402 -1.63 -6.82 37.76
CA ALA C 402 -0.22 -6.87 37.40
C ALA C 402 0.57 -5.81 38.16
N PHE C 403 0.01 -4.60 38.29
CA PHE C 403 0.72 -3.53 38.98
C PHE C 403 0.95 -3.88 40.44
N HIS C 404 -0.11 -4.29 41.15
CA HIS C 404 -0.01 -4.48 42.59
C HIS C 404 0.48 -5.87 42.99
N VAL C 405 0.05 -6.93 42.31
CA VAL C 405 0.48 -8.26 42.72
C VAL C 405 1.71 -8.72 41.95
N GLY C 406 1.74 -8.44 40.66
CA GLY C 406 2.89 -8.82 39.87
C GLY C 406 3.13 -10.30 39.78
N LEU C 407 2.07 -11.10 39.78
CA LEU C 407 2.23 -12.52 39.50
C LEU C 407 1.24 -12.94 38.42
N PRO C 408 1.65 -13.84 37.53
CA PRO C 408 0.71 -14.39 36.54
C PRO C 408 -0.37 -15.21 37.23
N ALA C 409 -1.61 -14.86 36.94
CA ALA C 409 -2.71 -15.62 37.51
C ALA C 409 -3.84 -15.67 36.49
N LYS C 410 -4.73 -16.63 36.67
CA LYS C 410 -5.92 -16.71 35.83
C LYS C 410 -7.12 -16.98 36.71
N SER C 411 -8.20 -16.23 36.49
CA SER C 411 -9.38 -16.40 37.32
C SER C 411 -10.50 -17.07 36.53
N GLY C 412 -11.46 -17.63 37.26
CA GLY C 412 -12.63 -18.22 36.63
C GLY C 412 -13.86 -18.00 37.50
N VAL C 413 -15.02 -18.13 36.86
CA VAL C 413 -16.26 -17.69 37.48
C VAL C 413 -16.74 -18.59 38.62
N ALA C 414 -16.22 -19.82 38.73
CA ALA C 414 -16.55 -20.64 39.89
C ALA C 414 -15.89 -20.17 41.17
N GLY C 415 -15.04 -19.14 41.10
CA GLY C 415 -14.34 -18.67 42.27
C GLY C 415 -12.90 -19.10 42.38
N GLY C 416 -12.34 -19.67 41.32
CA GLY C 416 -10.97 -20.14 41.35
C GLY C 416 -9.99 -19.07 40.88
N ILE C 417 -8.80 -19.11 41.46
CA ILE C 417 -7.71 -18.29 40.97
C ILE C 417 -6.48 -19.17 40.95
N LEU C 418 -5.98 -19.43 39.75
CA LEU C 418 -4.78 -20.20 39.55
C LEU C 418 -3.59 -19.25 39.57
N LEU C 419 -2.72 -19.37 40.56
CA LEU C 419 -1.66 -18.40 40.76
C LEU C 419 -0.30 -19.05 40.63
N VAL C 420 0.61 -18.35 39.97
CA VAL C 420 1.95 -18.86 39.75
C VAL C 420 2.94 -17.84 40.32
N VAL C 421 3.84 -18.31 41.19
CA VAL C 421 5.04 -17.56 41.55
C VAL C 421 6.20 -18.26 40.87
N PRO C 422 6.65 -17.77 39.73
CA PRO C 422 7.68 -18.47 38.95
C PRO C 422 8.93 -18.80 39.75
N ASN C 423 9.46 -19.99 39.49
CA ASN C 423 10.67 -20.53 40.10
C ASN C 423 10.52 -20.80 41.58
N VAL C 424 9.32 -20.66 42.12
CA VAL C 424 9.09 -20.88 43.54
C VAL C 424 7.98 -21.88 43.79
N MET C 425 6.75 -21.52 43.39
CA MET C 425 5.59 -22.31 43.78
C MET C 425 4.40 -21.95 42.90
N GLY C 426 3.40 -22.82 42.94
CA GLY C 426 2.12 -22.61 42.30
C GLY C 426 0.99 -22.69 43.29
N MET C 427 -0.17 -22.12 42.96
CA MET C 427 -1.28 -22.12 43.89
C MET C 427 -2.59 -22.23 43.17
N MET C 428 -3.61 -22.66 43.92
CA MET C 428 -5.00 -22.48 43.52
C MET C 428 -5.76 -21.98 44.74
N CYS C 429 -6.43 -20.84 44.60
CA CYS C 429 -7.32 -20.34 45.64
C CYS C 429 -8.75 -20.45 45.14
N TRP C 430 -9.66 -20.75 46.06
CA TRP C 430 -11.04 -20.98 45.68
C TRP C 430 -11.99 -20.52 46.78
N SER C 431 -12.80 -19.52 46.46
CA SER C 431 -13.98 -19.14 47.22
C SER C 431 -14.99 -18.59 46.20
N PRO C 432 -16.18 -19.17 46.11
CA PRO C 432 -17.08 -18.89 44.97
C PRO C 432 -17.55 -17.44 44.88
N PRO C 433 -17.72 -16.69 45.98
CA PRO C 433 -18.22 -15.31 45.83
C PRO C 433 -17.27 -14.43 45.01
N LEU C 434 -17.78 -13.92 43.91
CA LEU C 434 -17.04 -13.04 43.01
C LEU C 434 -17.30 -11.57 43.31
N ASP C 435 -16.36 -10.72 42.89
CA ASP C 435 -16.54 -9.27 43.00
C ASP C 435 -17.18 -8.75 41.71
N LYS C 436 -17.24 -7.43 41.57
CA LYS C 436 -17.98 -6.85 40.47
C LYS C 436 -17.20 -6.91 39.18
N MET C 437 -15.98 -7.44 39.20
CA MET C 437 -15.22 -7.70 37.99
C MET C 437 -15.10 -9.17 37.62
N GLY C 438 -15.55 -10.09 38.47
CA GLY C 438 -15.52 -11.50 38.17
C GLY C 438 -14.52 -12.34 38.94
N ASN C 439 -13.77 -11.77 39.88
CA ASN C 439 -12.72 -12.49 40.59
C ASN C 439 -13.13 -12.85 42.01
N SER C 440 -12.69 -14.01 42.48
CA SER C 440 -12.93 -14.39 43.86
C SER C 440 -12.49 -13.28 44.81
N VAL C 441 -13.41 -12.84 45.65
CA VAL C 441 -13.09 -11.79 46.61
C VAL C 441 -11.98 -12.27 47.55
N LYS C 442 -12.22 -13.39 48.23
CA LYS C 442 -11.20 -13.92 49.13
C LYS C 442 -9.91 -14.21 48.37
N GLY C 443 -10.03 -14.73 47.14
CA GLY C 443 -8.86 -14.97 46.32
C GLY C 443 -8.06 -13.70 46.11
N ILE C 444 -8.70 -12.64 45.60
CA ILE C 444 -7.95 -11.43 45.30
C ILE C 444 -7.34 -10.84 46.57
N HIS C 445 -8.09 -10.85 47.67
CA HIS C 445 -7.56 -10.35 48.92
C HIS C 445 -6.34 -11.14 49.36
N PHE C 446 -6.37 -12.46 49.18
CA PHE C 446 -5.25 -13.30 49.56
C PHE C 446 -3.99 -12.98 48.77
N CYS C 447 -4.10 -12.75 47.46
CA CYS C 447 -2.85 -12.56 46.72
C CYS C 447 -2.24 -11.21 46.95
N HIS C 448 -3.06 -10.20 47.23
CA HIS C 448 -2.50 -8.94 47.67
C HIS C 448 -1.73 -9.13 48.98
N ASP C 449 -2.40 -9.72 49.97
CA ASP C 449 -1.74 -9.98 51.24
C ASP C 449 -0.50 -10.83 51.01
N LEU C 450 -0.55 -11.77 50.06
CA LEU C 450 0.60 -12.61 49.82
C LEU C 450 1.82 -11.79 49.42
N VAL C 451 1.67 -10.95 48.40
CA VAL C 451 2.83 -10.22 47.87
C VAL C 451 3.27 -9.08 48.78
N SER C 452 2.37 -8.51 49.57
CA SER C 452 2.87 -7.52 50.52
C SER C 452 3.71 -8.19 51.60
N LEU C 453 3.50 -9.50 51.83
CA LEU C 453 4.29 -10.21 52.82
C LEU C 453 5.63 -10.71 52.31
N CYS C 454 5.71 -11.27 51.09
CA CYS C 454 6.96 -11.83 50.61
C CYS C 454 7.39 -11.15 49.33
N ASN C 455 8.68 -11.24 49.04
CA ASN C 455 9.19 -10.52 47.86
C ASN C 455 8.96 -11.35 46.60
N PHE C 456 7.72 -11.73 46.37
CA PHE C 456 7.34 -12.52 45.22
C PHE C 456 6.88 -11.70 44.04
N HIS C 457 6.64 -10.39 44.22
CA HIS C 457 6.27 -9.54 43.11
C HIS C 457 7.30 -9.68 42.02
N ASN C 458 6.84 -9.77 40.78
CA ASN C 458 7.75 -10.01 39.67
C ASN C 458 8.90 -9.01 39.59
N TYR C 459 8.74 -7.82 40.15
CA TYR C 459 9.76 -6.79 40.02
C TYR C 459 10.25 -6.33 41.39
N ASP C 460 10.07 -7.16 42.40
CA ASP C 460 10.84 -7.05 43.62
C ASP C 460 12.30 -7.35 43.33
N ASN C 461 13.16 -6.92 44.24
CA ASN C 461 14.58 -7.24 44.18
C ASN C 461 14.84 -8.41 45.11
N LEU C 462 15.69 -9.34 44.67
CA LEU C 462 16.00 -10.47 45.53
C LEU C 462 17.05 -10.14 46.58
N ARG C 463 17.68 -8.99 46.46
CA ARG C 463 18.73 -8.52 47.36
C ARG C 463 18.28 -7.35 48.24
N HIS C 464 17.53 -6.40 47.70
CA HIS C 464 17.07 -5.24 48.48
C HIS C 464 15.55 -5.18 48.43
N PHE C 465 14.89 -5.66 49.48
CA PHE C 465 13.44 -5.78 49.39
C PHE C 465 12.76 -5.34 50.68
N ALA C 466 13.31 -4.33 51.33
CA ALA C 466 12.63 -3.63 52.42
C ALA C 466 12.39 -4.63 53.55
N LYS C 467 11.22 -4.58 54.18
CA LYS C 467 10.89 -5.44 55.31
C LYS C 467 9.96 -6.58 54.89
N LYS C 468 9.90 -6.85 53.60
CA LYS C 468 9.25 -8.03 53.11
C LYS C 468 10.06 -9.25 53.54
N LEU C 469 9.36 -10.36 53.73
CA LEU C 469 9.98 -11.63 54.05
C LEU C 469 10.32 -12.39 52.74
N ASP C 470 11.44 -13.10 52.74
CA ASP C 470 11.84 -13.94 51.60
C ASP C 470 11.87 -15.41 52.01
N PRO C 471 10.86 -16.20 51.64
CA PRO C 471 10.82 -17.61 52.07
C PRO C 471 11.92 -18.46 51.47
N ARG C 472 12.65 -17.96 50.48
CA ARG C 472 13.76 -18.69 49.89
C ARG C 472 15.03 -18.66 50.72
N ARG C 473 15.06 -17.95 51.85
CA ARG C 473 16.27 -17.80 52.63
C ARG C 473 16.03 -18.31 54.04
N GLU C 474 17.12 -18.55 54.76
CA GLU C 474 17.04 -19.20 56.06
C GLU C 474 17.10 -18.25 57.25
N GLY C 475 17.91 -17.20 57.19
CA GLY C 475 18.10 -16.34 58.35
C GLY C 475 18.60 -14.93 58.07
N PRO D 66 -73.56 25.20 -16.05
CA PRO D 66 -72.25 24.63 -16.28
C PRO D 66 -72.22 23.16 -15.93
N SER D 67 -71.25 22.40 -16.43
CA SER D 67 -71.19 20.95 -16.21
C SER D 67 -69.77 20.48 -16.51
N LEU D 68 -69.10 19.90 -15.51
CA LEU D 68 -67.66 19.67 -15.60
C LEU D 68 -67.29 18.72 -16.73
N GLU D 69 -68.13 17.72 -16.98
CA GLU D 69 -67.84 16.78 -18.06
C GLU D 69 -67.84 17.48 -19.42
N ASP D 70 -68.70 18.49 -19.60
CA ASP D 70 -68.82 19.14 -20.89
C ASP D 70 -67.78 20.25 -21.08
N LEU D 71 -67.42 20.94 -20.00
CA LEU D 71 -66.33 21.90 -20.09
C LEU D 71 -65.02 21.23 -20.50
N LEU D 72 -64.80 20.02 -19.98
CA LEU D 72 -63.62 19.30 -20.40
C LEU D 72 -63.80 18.82 -21.83
N PHE D 73 -65.05 18.61 -22.24
CA PHE D 73 -65.31 18.24 -23.62
C PHE D 73 -64.78 19.31 -24.55
N TYR D 74 -65.12 20.57 -24.29
CA TYR D 74 -64.72 21.61 -25.22
C TYR D 74 -63.22 21.83 -25.19
N THR D 75 -62.60 21.64 -24.02
CA THR D 75 -61.15 21.71 -23.90
C THR D 75 -60.46 20.83 -24.92
N ILE D 76 -60.90 19.59 -25.03
CA ILE D 76 -60.29 18.67 -25.97
C ILE D 76 -60.98 18.75 -27.34
N ALA D 77 -62.21 19.28 -27.39
CA ALA D 77 -62.95 19.28 -28.64
C ALA D 77 -62.33 20.18 -29.69
N GLU D 78 -61.63 21.25 -29.27
CA GLU D 78 -60.94 22.15 -30.20
C GLU D 78 -61.92 23.05 -30.94
N GLY D 79 -63.06 23.34 -30.33
CA GLY D 79 -64.17 23.93 -31.02
C GLY D 79 -64.81 23.01 -32.02
N GLN D 80 -64.26 21.81 -32.18
CA GLN D 80 -64.81 20.83 -33.08
C GLN D 80 -65.91 20.08 -32.34
N GLU D 81 -66.48 19.15 -33.05
CA GLU D 81 -67.87 18.76 -32.87
C GLU D 81 -67.91 17.36 -32.20
N LYS D 82 -66.97 16.45 -32.60
CA LYS D 82 -66.72 15.15 -31.96
C LYS D 82 -65.21 14.95 -31.73
N ILE D 83 -64.88 14.18 -30.69
CA ILE D 83 -63.49 13.86 -30.33
C ILE D 83 -63.18 12.42 -30.69
N PRO D 84 -62.21 12.14 -31.57
CA PRO D 84 -61.75 10.76 -31.75
C PRO D 84 -61.19 10.22 -30.44
N VAL D 85 -61.37 8.92 -30.20
CA VAL D 85 -61.03 8.40 -28.88
C VAL D 85 -59.52 8.36 -28.70
N HIS D 86 -58.78 8.02 -29.76
CA HIS D 86 -57.32 8.02 -29.69
C HIS D 86 -56.79 9.42 -29.37
N LYS D 87 -57.42 10.45 -29.92
CA LYS D 87 -57.03 11.80 -29.58
C LYS D 87 -57.24 12.04 -28.10
N PHE D 88 -58.31 11.47 -27.55
CA PHE D 88 -58.54 11.53 -26.11
C PHE D 88 -57.51 10.71 -25.36
N ILE D 89 -57.12 9.57 -25.93
CA ILE D 89 -56.22 8.65 -25.25
C ILE D 89 -54.82 9.25 -25.18
N THR D 90 -54.36 9.86 -26.26
CA THR D 90 -53.02 10.45 -26.21
C THR D 90 -53.03 11.72 -25.38
N ALA D 91 -54.12 12.48 -25.44
CA ALA D 91 -54.28 13.61 -24.53
C ALA D 91 -54.16 13.16 -23.09
N LEU D 92 -54.72 12.00 -22.76
CA LEU D 92 -54.66 11.49 -21.40
C LEU D 92 -53.24 11.05 -21.03
N LYS D 93 -52.62 10.23 -21.88
CA LYS D 93 -51.30 9.73 -21.55
C LYS D 93 -50.27 10.85 -21.46
N SER D 94 -50.53 11.95 -22.17
CA SER D 94 -49.65 13.11 -22.10
C SER D 94 -49.54 13.63 -20.68
N THR D 95 -50.61 13.52 -19.91
CA THR D 95 -50.60 13.94 -18.51
C THR D 95 -49.64 13.12 -17.66
N GLY D 96 -49.19 11.97 -18.15
CA GLY D 96 -48.42 11.05 -17.35
C GLY D 96 -49.24 9.90 -16.81
N LEU D 97 -50.57 10.01 -16.89
CA LEU D 97 -51.43 8.92 -16.50
C LEU D 97 -51.25 7.77 -17.47
N ARG D 98 -51.46 6.58 -16.93
CA ARG D 98 -51.53 5.35 -17.69
C ARG D 98 -52.99 4.91 -17.83
N THR D 99 -53.33 4.35 -18.99
CA THR D 99 -54.74 3.99 -19.17
C THR D 99 -55.12 2.81 -18.29
N SER D 100 -54.14 2.08 -17.79
CA SER D 100 -54.38 1.00 -16.87
C SER D 100 -54.55 1.47 -15.43
N ASP D 101 -54.51 2.79 -15.19
CA ASP D 101 -54.68 3.35 -13.86
C ASP D 101 -55.94 2.81 -13.21
N PRO D 102 -55.84 2.21 -12.03
CA PRO D 102 -57.03 1.77 -11.32
C PRO D 102 -58.02 2.88 -11.02
N ARG D 103 -57.57 4.13 -10.88
CA ARG D 103 -58.58 5.17 -10.68
C ARG D 103 -59.29 5.52 -11.97
N LEU D 104 -58.91 4.88 -13.07
CA LEU D 104 -59.48 5.16 -14.39
C LEU D 104 -60.25 3.98 -14.96
N LYS D 105 -60.40 2.88 -14.20
CA LYS D 105 -60.97 1.66 -14.75
C LYS D 105 -62.39 1.89 -15.32
N GLU D 106 -63.26 2.54 -14.55
CA GLU D 106 -64.64 2.79 -15.01
C GLU D 106 -64.68 3.56 -16.32
N CYS D 107 -63.83 4.58 -16.45
CA CYS D 107 -63.78 5.31 -17.71
C CYS D 107 -63.32 4.41 -18.85
N MET D 108 -62.25 3.63 -18.62
CA MET D 108 -61.70 2.77 -19.66
C MET D 108 -62.63 1.61 -19.98
N ASP D 109 -63.30 1.08 -18.96
CA ASP D 109 -64.24 0.00 -19.21
C ASP D 109 -65.37 0.43 -20.13
N MET D 110 -65.86 1.67 -19.97
CA MET D 110 -66.94 2.14 -20.82
C MET D 110 -66.47 2.66 -22.17
N LEU D 111 -65.19 3.00 -22.32
CA LEU D 111 -64.65 3.26 -23.66
C LEU D 111 -64.54 1.98 -24.47
N ARG D 112 -64.03 0.91 -23.84
CA ARG D 112 -63.91 -0.34 -24.56
C ARG D 112 -65.29 -0.88 -24.92
N LEU D 113 -66.28 -0.60 -24.06
CA LEU D 113 -67.64 -1.04 -24.33
C LEU D 113 -68.22 -0.34 -25.54
N THR D 114 -68.18 0.98 -25.56
CA THR D 114 -68.76 1.67 -26.71
C THR D 114 -68.00 1.38 -27.99
N LEU D 115 -66.77 0.94 -27.83
CA LEU D 115 -65.90 0.64 -28.94
C LEU D 115 -66.21 -0.76 -29.46
N GLN D 116 -67.16 -1.44 -28.78
CA GLN D 116 -67.90 -2.65 -29.18
C GLN D 116 -69.33 -2.32 -29.61
N THR D 117 -70.05 -1.53 -28.81
CA THR D 117 -71.49 -1.33 -29.04
C THR D 117 -71.74 -0.66 -30.38
N THR D 118 -70.89 0.27 -30.77
CA THR D 118 -70.97 0.98 -32.04
C THR D 118 -69.56 1.00 -32.64
N SER D 119 -69.22 0.00 -33.44
CA SER D 119 -67.90 -0.05 -34.04
C SER D 119 -67.79 0.99 -35.17
N ASP D 120 -68.89 1.23 -35.86
CA ASP D 120 -69.45 2.54 -36.26
C ASP D 120 -68.61 3.68 -35.57
N GLY D 121 -68.09 4.71 -36.23
CA GLY D 121 -67.37 5.76 -35.50
C GLY D 121 -65.91 5.90 -35.97
N VAL D 122 -64.98 6.10 -34.98
CA VAL D 122 -65.13 5.92 -33.55
C VAL D 122 -65.21 7.19 -32.68
N MET D 123 -65.93 8.22 -33.10
CA MET D 123 -65.84 9.51 -32.44
C MET D 123 -67.03 9.74 -31.52
N LEU D 124 -66.78 10.52 -30.47
CA LEU D 124 -67.66 10.66 -29.34
C LEU D 124 -68.42 11.96 -29.45
N ASP D 125 -69.73 11.86 -29.31
CA ASP D 125 -70.52 13.04 -29.14
C ASP D 125 -70.06 13.74 -27.88
N LYS D 126 -70.77 14.80 -27.51
CA LYS D 126 -70.53 15.39 -26.20
C LYS D 126 -71.16 14.61 -25.07
N ASP D 127 -72.20 13.84 -25.37
CA ASP D 127 -72.96 13.11 -24.36
C ASP D 127 -72.59 11.64 -24.14
N LEU D 128 -71.75 11.04 -24.97
CA LEU D 128 -71.10 9.72 -24.80
C LEU D 128 -69.72 9.92 -24.21
N PHE D 129 -69.03 11.01 -24.58
CA PHE D 129 -67.89 11.41 -23.79
C PHE D 129 -68.34 11.57 -22.36
N LYS D 130 -69.49 12.21 -22.18
CA LYS D 130 -70.05 12.39 -20.86
C LYS D 130 -70.38 11.06 -20.21
N LYS D 131 -70.84 10.08 -21.00
CA LYS D 131 -71.18 8.77 -20.44
C LYS D 131 -69.96 8.04 -19.87
N CYS D 132 -68.78 8.26 -20.45
CA CYS D 132 -67.57 7.53 -20.06
C CYS D 132 -66.78 8.23 -18.96
N VAL D 133 -66.64 9.55 -19.05
CA VAL D 133 -65.85 10.26 -18.08
C VAL D 133 -66.69 10.59 -16.85
N GLN D 134 -67.99 10.30 -16.89
CA GLN D 134 -68.85 10.51 -15.74
C GLN D 134 -68.20 10.01 -14.47
N SER D 135 -67.70 8.76 -14.51
CA SER D 135 -67.31 8.03 -13.31
C SER D 135 -66.05 8.60 -12.68
N ASN D 136 -65.07 8.97 -13.49
CA ASN D 136 -63.77 9.45 -13.02
C ASN D 136 -63.54 10.90 -13.41
N ILE D 137 -64.58 11.72 -13.36
CA ILE D 137 -64.46 13.04 -13.96
C ILE D 137 -63.51 13.92 -13.16
N VAL D 138 -63.55 13.84 -11.84
CA VAL D 138 -62.79 14.80 -11.06
C VAL D 138 -61.29 14.56 -11.22
N LEU D 139 -60.89 13.30 -11.30
CA LEU D 139 -59.47 13.03 -11.53
C LEU D 139 -59.07 13.41 -12.94
N LEU D 140 -59.98 13.22 -13.89
CA LEU D 140 -59.68 13.57 -15.27
C LEU D 140 -59.52 15.07 -15.48
N THR D 141 -60.26 15.90 -14.72
CA THR D 141 -60.19 17.33 -15.00
C THR D 141 -58.85 17.90 -14.57
N GLN D 142 -58.35 17.45 -13.42
CA GLN D 142 -57.04 17.89 -12.96
C GLN D 142 -55.94 17.44 -13.90
N ALA D 143 -56.11 16.29 -14.54
CA ALA D 143 -55.13 15.86 -15.52
C ALA D 143 -55.11 16.80 -16.74
N PHE D 144 -56.28 17.23 -17.21
CA PHE D 144 -56.30 18.05 -18.40
C PHE D 144 -56.21 19.53 -18.12
N ARG D 145 -56.54 19.94 -16.90
CA ARG D 145 -56.35 21.32 -16.48
C ARG D 145 -54.98 21.56 -15.83
N ARG D 146 -53.95 20.79 -16.22
CA ARG D 146 -52.61 20.90 -15.61
C ARG D 146 -52.62 21.30 -14.13
N LYS D 147 -53.25 20.46 -13.32
CA LYS D 147 -53.25 20.60 -11.88
C LYS D 147 -52.42 19.53 -11.16
N PHE D 148 -51.73 18.67 -11.89
CA PHE D 148 -50.91 17.71 -11.18
C PHE D 148 -49.61 18.35 -10.71
N VAL D 149 -48.96 17.70 -9.74
CA VAL D 149 -47.81 18.29 -9.05
C VAL D 149 -46.69 18.61 -10.04
N ILE D 150 -46.59 17.86 -11.13
CA ILE D 150 -45.70 18.20 -12.22
C ILE D 150 -46.57 18.52 -13.43
N PRO D 151 -46.78 19.78 -13.78
CA PRO D 151 -47.78 20.11 -14.81
C PRO D 151 -47.36 19.63 -16.19
N ASP D 152 -46.13 19.97 -16.60
CA ASP D 152 -45.61 19.57 -17.91
C ASP D 152 -44.86 18.25 -17.74
N PHE D 153 -45.65 17.18 -17.63
CA PHE D 153 -45.00 15.89 -17.39
C PHE D 153 -44.20 15.45 -18.59
N MET D 154 -44.59 15.86 -19.79
CA MET D 154 -43.86 15.35 -20.93
C MET D 154 -42.45 15.90 -20.96
N SER D 155 -42.23 17.12 -20.49
CA SER D 155 -40.87 17.64 -20.54
C SER D 155 -40.01 17.10 -19.41
N PHE D 156 -40.62 16.89 -18.24
CA PHE D 156 -39.89 16.29 -17.13
C PHE D 156 -39.35 14.92 -17.49
N THR D 157 -40.15 14.08 -18.17
CA THR D 157 -39.69 12.73 -18.48
C THR D 157 -38.51 12.75 -19.44
N SER D 158 -38.43 13.73 -20.33
CA SER D 158 -37.25 13.78 -21.19
C SER D 158 -36.02 14.20 -20.40
N HIS D 159 -36.21 14.95 -19.30
CA HIS D 159 -35.09 15.22 -18.41
C HIS D 159 -34.63 13.94 -17.74
N ILE D 160 -35.59 13.14 -17.25
CA ILE D 160 -35.27 11.84 -16.68
C ILE D 160 -34.46 11.03 -17.67
N ASP D 161 -34.91 11.03 -18.93
CA ASP D 161 -34.24 10.28 -19.97
C ASP D 161 -32.79 10.75 -20.13
N GLU D 162 -32.56 12.07 -20.13
CA GLU D 162 -31.20 12.54 -20.25
C GLU D 162 -30.38 12.17 -19.01
N LEU D 163 -30.97 12.35 -17.82
CA LEU D 163 -30.29 11.97 -16.60
C LEU D 163 -29.97 10.49 -16.62
N TYR D 164 -30.92 9.69 -17.11
CA TYR D 164 -30.70 8.25 -17.23
C TYR D 164 -29.49 7.94 -18.10
N GLU D 165 -29.42 8.56 -19.29
CA GLU D 165 -28.33 8.25 -20.20
C GLU D 165 -26.99 8.76 -19.70
N SER D 166 -26.99 9.77 -18.82
CA SER D 166 -25.72 10.17 -18.21
C SER D 166 -25.28 9.16 -17.18
N ALA D 167 -26.23 8.57 -16.46
CA ALA D 167 -25.80 7.53 -15.55
C ALA D 167 -25.40 6.28 -16.32
N LYS D 168 -26.03 6.06 -17.48
CA LYS D 168 -25.83 4.79 -18.19
C LYS D 168 -24.39 4.57 -18.60
N LYS D 169 -23.59 5.63 -18.70
CA LYS D 169 -22.19 5.51 -19.09
C LYS D 169 -21.22 5.31 -17.92
N GLN D 170 -21.68 5.34 -16.67
CA GLN D 170 -20.78 5.18 -15.53
C GLN D 170 -20.75 3.70 -15.14
N SER D 171 -19.84 2.97 -15.76
CA SER D 171 -19.92 1.53 -15.79
C SER D 171 -19.04 0.84 -14.75
N GLY D 172 -18.55 1.56 -13.73
CA GLY D 172 -17.81 0.95 -12.65
C GLY D 172 -18.67 0.18 -11.63
N GLY D 173 -17.96 -0.41 -10.66
CA GLY D 173 -18.54 -1.19 -9.60
C GLY D 173 -18.38 -2.67 -9.85
N LYS D 174 -18.76 -3.48 -8.86
CA LYS D 174 -18.65 -4.92 -8.95
C LYS D 174 -19.99 -5.44 -8.39
N VAL D 175 -20.61 -6.38 -9.10
CA VAL D 175 -21.88 -6.95 -8.67
C VAL D 175 -21.70 -7.78 -7.41
N ALA D 176 -22.69 -7.76 -6.55
CA ALA D 176 -22.64 -8.56 -5.33
C ALA D 176 -22.46 -10.02 -5.68
N ASP D 177 -21.42 -10.63 -5.10
CA ASP D 177 -21.01 -12.00 -5.41
C ASP D 177 -21.39 -12.97 -4.30
N TYR D 178 -22.01 -12.46 -3.21
CA TYR D 178 -22.19 -13.22 -1.98
C TYR D 178 -22.85 -14.57 -2.25
N ILE D 179 -23.94 -14.57 -3.01
CA ILE D 179 -24.68 -15.78 -3.36
C ILE D 179 -24.67 -15.88 -4.88
N PRO D 180 -24.81 -17.10 -5.42
CA PRO D 180 -24.91 -17.24 -6.88
C PRO D 180 -26.14 -16.55 -7.47
N GLN D 181 -27.08 -16.05 -6.65
CA GLN D 181 -28.31 -15.46 -7.15
C GLN D 181 -28.17 -13.99 -7.54
N LEU D 182 -27.44 -13.19 -6.77
CA LEU D 182 -27.19 -11.83 -7.26
C LEU D 182 -26.03 -11.79 -8.23
N ALA D 183 -25.10 -12.76 -8.11
CA ALA D 183 -24.02 -12.86 -9.08
C ALA D 183 -24.55 -13.16 -10.48
N LYS D 184 -25.77 -13.73 -10.52
CA LYS D 184 -26.45 -14.14 -11.73
C LYS D 184 -26.72 -12.86 -12.57
N PHE D 185 -26.96 -11.69 -11.92
CA PHE D 185 -27.42 -10.46 -12.56
C PHE D 185 -26.30 -9.77 -13.32
N SER D 186 -26.60 -9.35 -14.51
CA SER D 186 -25.62 -8.78 -15.40
C SER D 186 -25.41 -7.28 -15.12
N PRO D 187 -24.18 -6.77 -15.28
CA PRO D 187 -23.92 -5.36 -14.96
C PRO D 187 -24.56 -4.34 -15.90
N ASP D 188 -25.09 -4.72 -17.06
CA ASP D 188 -25.56 -3.68 -17.95
C ASP D 188 -27.02 -3.33 -17.71
N LEU D 189 -27.67 -4.03 -16.79
CA LEU D 189 -29.03 -3.69 -16.42
C LEU D 189 -29.04 -2.35 -15.69
N TRP D 190 -29.96 -1.48 -16.09
CA TRP D 190 -30.05 -0.14 -15.50
C TRP D 190 -31.41 0.40 -15.85
N GLY D 191 -32.22 0.65 -14.83
CA GLY D 191 -33.56 1.16 -15.01
C GLY D 191 -33.89 2.19 -13.96
N VAL D 192 -34.69 3.18 -14.35
CA VAL D 192 -35.27 4.16 -13.44
C VAL D 192 -36.74 4.31 -13.80
N SER D 193 -37.60 4.33 -12.79
CA SER D 193 -39.00 4.61 -13.07
C SER D 193 -39.54 5.55 -12.02
N VAL D 194 -40.44 6.42 -12.45
CA VAL D 194 -40.96 7.53 -11.67
C VAL D 194 -42.45 7.29 -11.47
N CYS D 195 -42.92 7.61 -10.27
CA CYS D 195 -44.33 7.63 -9.97
C CYS D 195 -44.57 8.87 -9.13
N THR D 196 -45.39 9.81 -9.62
CA THR D 196 -45.57 11.03 -8.85
C THR D 196 -46.59 10.80 -7.74
N ALA D 197 -46.69 11.80 -6.86
CA ALA D 197 -47.72 11.74 -5.85
C ALA D 197 -49.12 11.79 -6.48
N ASP D 198 -49.23 12.02 -7.79
CA ASP D 198 -50.53 12.09 -8.44
C ASP D 198 -50.81 10.91 -9.37
N GLY D 199 -49.87 9.99 -9.51
CA GLY D 199 -49.99 8.83 -10.36
C GLY D 199 -49.35 8.94 -11.72
N GLN D 200 -48.63 10.02 -12.00
CA GLN D 200 -47.97 10.13 -13.29
C GLN D 200 -46.77 9.20 -13.35
N ARG D 201 -46.64 8.46 -14.43
CA ARG D 201 -45.59 7.46 -14.53
C ARG D 201 -44.68 7.71 -15.72
N HIS D 202 -43.44 7.24 -15.57
CA HIS D 202 -42.51 7.14 -16.68
C HIS D 202 -41.43 6.13 -16.33
N SER D 203 -40.99 5.34 -17.31
CA SER D 203 -39.85 4.48 -17.10
C SER D 203 -38.94 4.54 -18.31
N THR D 204 -37.69 4.14 -18.08
CA THR D 204 -36.64 4.12 -19.08
C THR D 204 -35.61 3.09 -18.66
N GLY D 205 -35.20 2.25 -19.60
CA GLY D 205 -34.29 1.18 -19.29
C GLY D 205 -35.01 -0.08 -18.85
N ASP D 206 -34.27 -0.89 -18.08
CA ASP D 206 -34.72 -2.23 -17.69
C ASP D 206 -35.61 -2.14 -16.45
N THR D 207 -36.82 -1.64 -16.69
CA THR D 207 -37.72 -1.32 -15.59
C THR D 207 -38.72 -2.41 -15.27
N LYS D 208 -38.80 -3.48 -16.06
CA LYS D 208 -39.72 -4.57 -15.78
C LYS D 208 -38.98 -5.85 -15.41
N VAL D 209 -37.71 -5.75 -15.02
CA VAL D 209 -36.93 -6.90 -14.57
C VAL D 209 -37.07 -7.02 -13.06
N PRO D 210 -37.44 -8.20 -12.55
CA PRO D 210 -37.57 -8.36 -11.10
C PRO D 210 -36.23 -8.52 -10.40
N PHE D 211 -36.18 -7.99 -9.18
CA PHE D 211 -35.00 -8.10 -8.34
C PHE D 211 -35.46 -8.00 -6.89
N CYS D 212 -34.58 -8.40 -5.99
CA CYS D 212 -34.94 -8.45 -4.59
C CYS D 212 -34.72 -7.10 -3.95
N LEU D 213 -35.53 -6.80 -2.95
CA LEU D 213 -35.34 -5.52 -2.31
C LEU D 213 -34.06 -5.54 -1.48
N GLN D 214 -33.78 -6.67 -0.84
CA GLN D 214 -32.69 -6.80 0.13
C GLN D 214 -32.92 -5.69 1.14
N SER D 215 -31.94 -4.83 1.42
CA SER D 215 -32.10 -3.87 2.50
C SER D 215 -32.99 -2.70 2.11
N CYS D 216 -33.52 -2.70 0.89
CA CYS D 216 -34.58 -1.77 0.53
C CYS D 216 -35.86 -2.06 1.29
N VAL D 217 -35.96 -3.25 1.88
CA VAL D 217 -37.16 -3.58 2.61
C VAL D 217 -37.12 -3.04 4.03
N LYS D 218 -35.94 -2.65 4.55
CA LYS D 218 -35.88 -2.20 5.94
C LYS D 218 -36.78 -1.00 6.21
N PRO D 219 -36.78 0.06 5.41
CA PRO D 219 -37.78 1.13 5.66
C PRO D 219 -39.22 0.67 5.49
N LEU D 220 -39.50 -0.24 4.55
CA LEU D 220 -40.88 -0.67 4.33
C LEU D 220 -41.43 -1.40 5.54
N LYS D 221 -40.64 -2.27 6.15
CA LYS D 221 -41.15 -2.96 7.32
C LYS D 221 -41.12 -2.08 8.56
N TYR D 222 -40.14 -1.16 8.66
CA TYR D 222 -40.19 -0.19 9.75
C TYR D 222 -41.49 0.61 9.72
N ALA D 223 -41.92 1.04 8.53
CA ALA D 223 -43.18 1.77 8.45
C ALA D 223 -44.33 0.92 8.98
N ILE D 224 -44.36 -0.37 8.59
CA ILE D 224 -45.42 -1.28 9.04
C ILE D 224 -45.41 -1.42 10.56
N ALA D 225 -44.21 -1.58 11.15
CA ALA D 225 -44.11 -1.74 12.59
C ALA D 225 -44.67 -0.53 13.32
N VAL D 226 -44.23 0.66 12.91
CA VAL D 226 -44.73 1.90 13.51
C VAL D 226 -46.20 2.07 13.20
N ASN D 227 -46.61 1.75 11.97
CA ASN D 227 -48.01 1.88 11.60
C ASN D 227 -48.89 1.03 12.49
N ASP D 228 -48.44 -0.19 12.79
CA ASP D 228 -49.22 -1.12 13.60
C ASP D 228 -49.03 -0.96 15.09
N LEU D 229 -47.88 -0.41 15.54
CA LEU D 229 -47.54 -0.41 16.96
C LEU D 229 -47.22 0.97 17.55
N GLY D 230 -47.00 1.98 16.74
CA GLY D 230 -46.76 3.31 17.28
C GLY D 230 -45.30 3.59 17.51
N THR D 231 -44.93 4.87 17.42
CA THR D 231 -43.52 5.25 17.56
C THR D 231 -42.90 4.77 18.87
N GLU D 232 -43.60 4.97 19.98
CA GLU D 232 -42.98 4.79 21.29
C GLU D 232 -42.68 3.32 21.54
N TYR D 233 -43.53 2.42 21.06
CA TYR D 233 -43.25 1.01 21.22
C TYR D 233 -42.05 0.61 20.38
N VAL D 234 -42.09 0.90 19.08
CA VAL D 234 -41.02 0.45 18.20
C VAL D 234 -39.69 1.00 18.69
N HIS D 235 -39.65 2.26 19.10
CA HIS D 235 -38.40 2.89 19.46
C HIS D 235 -38.04 2.68 20.93
N ARG D 236 -38.83 1.90 21.65
CA ARG D 236 -38.35 1.25 22.85
C ARG D 236 -37.35 0.14 22.52
N TYR D 237 -37.40 -0.42 21.32
CA TYR D 237 -36.57 -1.55 20.97
C TYR D 237 -35.43 -1.23 20.02
N VAL D 238 -35.44 -0.06 19.37
CA VAL D 238 -34.42 0.31 18.39
C VAL D 238 -34.26 1.82 18.38
N GLY D 239 -33.03 2.29 18.22
CA GLY D 239 -32.76 3.70 18.31
C GLY D 239 -33.29 4.45 17.10
N LYS D 240 -32.98 5.76 17.06
CA LYS D 240 -33.45 6.59 15.97
C LYS D 240 -32.39 7.54 15.45
N GLU D 241 -31.13 7.19 15.56
CA GLU D 241 -30.03 8.04 15.13
C GLU D 241 -29.09 7.27 14.23
N PRO D 242 -28.30 7.95 13.42
CA PRO D 242 -27.23 7.26 12.68
C PRO D 242 -26.10 6.87 13.61
N SER D 243 -25.46 5.75 13.32
CA SER D 243 -24.31 5.28 14.11
C SER D 243 -23.24 6.35 14.24
N GLY D 244 -22.80 6.90 13.11
CA GLY D 244 -21.56 7.64 13.09
C GLY D 244 -20.53 6.82 12.34
N LEU D 245 -19.79 7.43 11.42
CA LEU D 245 -19.01 6.74 10.40
C LEU D 245 -17.92 5.86 10.98
N ARG D 246 -17.88 5.75 12.30
CA ARG D 246 -16.93 4.91 12.99
C ARG D 246 -17.59 3.71 13.64
N PHE D 247 -18.88 3.48 13.38
CA PHE D 247 -19.58 2.39 14.06
C PHE D 247 -20.45 1.57 13.14
N ASN D 248 -19.99 1.37 11.91
CA ASN D 248 -20.61 0.33 11.10
C ASN D 248 -20.37 -1.04 11.70
N LYS D 249 -19.49 -1.14 12.69
CA LYS D 249 -19.11 -2.40 13.29
C LYS D 249 -19.87 -2.73 14.57
N LEU D 250 -20.49 -1.75 15.24
CA LEU D 250 -21.18 -2.01 16.50
C LEU D 250 -22.64 -2.37 16.25
N PHE D 251 -23.16 -3.32 17.04
CA PHE D 251 -24.55 -3.73 16.90
C PHE D 251 -25.48 -2.88 17.74
N LEU D 252 -25.02 -2.47 18.91
CA LEU D 252 -25.83 -1.82 19.90
C LEU D 252 -25.24 -0.44 20.13
N ASN D 253 -26.11 0.47 20.48
CA ASN D 253 -25.66 1.76 20.92
C ASN D 253 -25.54 1.70 22.44
N GLU D 254 -25.44 2.83 23.08
CA GLU D 254 -25.14 2.94 24.49
C GLU D 254 -26.30 2.53 25.38
N ASP D 255 -27.56 2.64 24.95
CA ASP D 255 -28.63 2.09 25.79
C ASP D 255 -28.91 0.62 25.47
N ASP D 256 -28.00 -0.03 24.73
CA ASP D 256 -28.06 -1.45 24.38
C ASP D 256 -29.24 -1.80 23.47
N LYS D 257 -29.65 -0.84 22.62
CA LYS D 257 -30.52 -1.00 21.47
C LYS D 257 -29.74 -0.75 20.20
N PRO D 258 -30.09 -1.41 19.08
CA PRO D 258 -29.46 -1.09 17.80
C PRO D 258 -29.65 0.37 17.45
N HIS D 259 -28.78 0.86 16.57
CA HIS D 259 -28.66 2.30 16.38
C HIS D 259 -29.88 2.92 15.71
N ASN D 260 -30.51 2.18 14.78
CA ASN D 260 -31.64 2.69 13.99
C ASN D 260 -32.22 1.55 13.16
N PRO D 261 -33.41 1.69 12.58
CA PRO D 261 -34.00 0.60 11.79
C PRO D 261 -33.28 0.29 10.48
N MET D 262 -32.34 1.07 10.01
CA MET D 262 -31.80 0.77 8.70
C MET D 262 -30.54 -0.07 8.74
N VAL D 263 -30.02 -0.39 9.93
CA VAL D 263 -28.84 -1.26 10.06
C VAL D 263 -29.31 -2.66 10.33
N ASN D 264 -28.42 -3.64 10.05
CA ASN D 264 -28.89 -5.02 10.03
C ASN D 264 -29.44 -5.42 11.39
N ALA D 265 -28.75 -5.05 12.47
CA ALA D 265 -29.27 -5.38 13.80
C ALA D 265 -30.59 -4.70 14.07
N GLY D 266 -30.76 -3.46 13.60
CA GLY D 266 -32.03 -2.79 13.81
C GLY D 266 -33.14 -3.39 12.98
N ALA D 267 -32.85 -3.69 11.71
CA ALA D 267 -33.85 -4.31 10.86
C ALA D 267 -34.34 -5.60 11.47
N ILE D 268 -33.40 -6.40 12.00
CA ILE D 268 -33.70 -7.69 12.62
C ILE D 268 -34.58 -7.53 13.86
N VAL D 269 -34.24 -6.59 14.73
CA VAL D 269 -35.10 -6.33 15.87
C VAL D 269 -36.45 -5.85 15.41
N VAL D 270 -36.50 -5.01 14.38
CA VAL D 270 -37.79 -4.53 13.88
C VAL D 270 -38.61 -5.70 13.35
N THR D 271 -37.98 -6.57 12.56
CA THR D 271 -38.65 -7.78 12.11
C THR D 271 -39.23 -8.57 13.26
N SER D 272 -38.57 -8.53 14.42
CA SER D 272 -39.01 -9.26 15.59
C SER D 272 -40.30 -8.70 16.19
N LEU D 273 -40.76 -7.51 15.75
CA LEU D 273 -41.96 -6.88 16.28
C LEU D 273 -43.21 -7.08 15.44
N ILE D 274 -43.06 -7.43 14.15
CA ILE D 274 -44.19 -7.42 13.24
C ILE D 274 -45.05 -8.65 13.43
N LYS D 275 -46.32 -8.43 13.76
CA LYS D 275 -47.32 -9.50 13.79
C LYS D 275 -46.86 -10.62 14.71
N GLN D 276 -46.58 -10.25 15.95
CA GLN D 276 -46.12 -11.23 16.92
C GLN D 276 -47.21 -12.25 17.23
N GLY D 277 -46.78 -13.43 17.68
CA GLY D 277 -47.68 -14.49 18.09
C GLY D 277 -48.27 -15.34 16.97
N VAL D 278 -48.03 -14.96 15.72
CA VAL D 278 -48.45 -15.75 14.57
C VAL D 278 -47.21 -16.44 14.01
N ASN D 279 -47.42 -17.48 13.20
CA ASN D 279 -46.29 -18.24 12.66
C ASN D 279 -45.69 -17.52 11.45
N ASN D 280 -44.54 -18.00 10.99
CA ASN D 280 -43.73 -17.30 9.99
C ASN D 280 -44.43 -17.21 8.63
N ALA D 281 -45.29 -18.17 8.30
CA ALA D 281 -46.01 -18.08 7.03
C ALA D 281 -46.94 -16.89 7.02
N GLU D 282 -47.73 -16.71 8.08
CA GLU D 282 -48.74 -15.66 8.10
C GLU D 282 -48.14 -14.28 8.32
N LYS D 283 -47.01 -14.20 9.05
CA LYS D 283 -46.26 -12.95 9.09
C LYS D 283 -45.87 -12.54 7.67
N PHE D 284 -45.34 -13.49 6.91
CA PHE D 284 -44.95 -13.20 5.54
C PHE D 284 -46.13 -12.73 4.71
N ASP D 285 -47.24 -13.44 4.79
CA ASP D 285 -48.38 -13.01 4.02
C ASP D 285 -48.88 -11.66 4.50
N TYR D 286 -48.82 -11.41 5.80
CA TYR D 286 -49.24 -10.11 6.31
C TYR D 286 -48.41 -8.99 5.71
N VAL D 287 -47.08 -9.18 5.64
CA VAL D 287 -46.24 -8.12 5.10
C VAL D 287 -46.47 -7.93 3.60
N MET D 288 -46.64 -9.04 2.85
CA MET D 288 -46.81 -8.90 1.40
C MET D 288 -48.16 -8.29 1.04
N GLN D 289 -49.23 -8.64 1.74
CA GLN D 289 -50.48 -7.92 1.50
C GLN D 289 -50.26 -6.44 1.77
N PHE D 290 -49.38 -6.11 2.72
CA PHE D 290 -49.04 -4.72 2.94
C PHE D 290 -48.29 -4.15 1.76
N LEU D 291 -47.22 -4.84 1.35
CA LEU D 291 -46.39 -4.34 0.25
C LEU D 291 -47.18 -4.24 -1.05
N ASN D 292 -48.18 -5.09 -1.25
CA ASN D 292 -49.04 -4.96 -2.42
C ASN D 292 -49.84 -3.65 -2.38
N LYS D 293 -50.41 -3.29 -1.23
CA LYS D 293 -51.16 -2.04 -1.16
C LYS D 293 -50.26 -0.84 -1.45
N MET D 294 -49.03 -0.84 -0.95
CA MET D 294 -48.14 0.27 -1.23
C MET D 294 -47.87 0.43 -2.71
N ALA D 295 -47.86 -0.69 -3.46
CA ALA D 295 -47.53 -0.68 -4.87
C ALA D 295 -48.76 -0.73 -5.79
N GLY D 296 -49.95 -0.46 -5.26
CA GLY D 296 -51.14 -0.50 -6.09
C GLY D 296 -51.35 -1.82 -6.79
N ASN D 297 -50.95 -2.91 -6.14
CA ASN D 297 -51.12 -4.28 -6.64
C ASN D 297 -50.30 -4.57 -7.89
N GLU D 298 -49.22 -3.84 -8.11
CA GLU D 298 -48.26 -4.17 -9.14
C GLU D 298 -47.29 -5.22 -8.59
N TYR D 299 -46.23 -5.52 -9.32
CA TYR D 299 -45.51 -6.75 -9.03
C TYR D 299 -44.82 -6.67 -7.67
N VAL D 300 -45.24 -7.54 -6.76
CA VAL D 300 -44.48 -7.85 -5.57
C VAL D 300 -44.30 -9.35 -5.55
N GLY D 301 -43.06 -9.81 -5.56
CA GLY D 301 -42.87 -11.23 -5.59
C GLY D 301 -41.90 -11.76 -4.54
N PHE D 302 -41.38 -12.95 -4.79
CA PHE D 302 -40.52 -13.59 -3.81
C PHE D 302 -39.66 -14.62 -4.54
N SER D 303 -38.38 -14.58 -4.27
CA SER D 303 -37.45 -15.52 -4.87
C SER D 303 -37.02 -16.50 -3.80
N ASN D 304 -37.47 -17.75 -3.90
CA ASN D 304 -36.96 -18.74 -2.97
C ASN D 304 -35.48 -19.03 -3.20
N ALA D 305 -35.01 -18.86 -4.44
CA ALA D 305 -33.60 -19.07 -4.75
C ALA D 305 -32.69 -18.21 -3.89
N THR D 306 -32.88 -16.89 -3.93
CA THR D 306 -32.04 -16.04 -3.11
C THR D 306 -32.28 -16.26 -1.62
N PHE D 307 -33.48 -16.67 -1.23
CA PHE D 307 -33.71 -16.95 0.18
C PHE D 307 -32.84 -18.09 0.68
N GLN D 308 -32.77 -19.20 -0.07
CA GLN D 308 -32.05 -20.37 0.41
C GLN D 308 -30.58 -20.05 0.67
N SER D 309 -29.94 -19.32 -0.25
CA SER D 309 -28.52 -19.04 -0.09
C SER D 309 -28.26 -17.97 0.96
N GLU D 310 -29.18 -17.01 1.13
CA GLU D 310 -29.06 -16.09 2.26
C GLU D 310 -29.18 -16.85 3.56
N ARG D 311 -29.85 -18.00 3.53
CA ARG D 311 -30.00 -18.80 4.73
C ARG D 311 -28.67 -19.46 5.10
N GLU D 312 -27.91 -19.93 4.10
CA GLU D 312 -26.65 -20.59 4.37
C GLU D 312 -25.45 -19.65 4.48
N SER D 313 -25.64 -18.35 4.32
CA SER D 313 -24.52 -17.42 4.36
C SER D 313 -24.71 -16.26 5.33
N GLY D 314 -25.74 -16.29 6.16
CA GLY D 314 -25.93 -15.21 7.08
C GLY D 314 -25.23 -15.49 8.39
N ASP D 315 -23.96 -15.89 8.32
CA ASP D 315 -23.17 -16.05 9.53
C ASP D 315 -23.18 -14.75 10.35
N ARG D 316 -22.97 -13.60 9.68
CA ARG D 316 -22.99 -12.33 10.40
C ARG D 316 -24.35 -12.05 11.02
N ASN D 317 -25.43 -12.34 10.29
CA ASN D 317 -26.76 -12.14 10.86
C ASN D 317 -26.99 -13.07 12.04
N PHE D 318 -26.51 -14.31 11.95
CA PHE D 318 -26.59 -15.19 13.11
C PHE D 318 -25.77 -14.63 14.26
N ALA D 319 -24.58 -14.09 13.96
CA ALA D 319 -23.80 -13.39 14.97
C ALA D 319 -24.63 -12.29 15.65
N ILE D 320 -25.31 -11.47 14.86
CA ILE D 320 -26.16 -10.43 15.42
C ILE D 320 -27.31 -11.05 16.22
N GLY D 321 -27.88 -12.14 15.71
CA GLY D 321 -29.04 -12.71 16.35
C GLY D 321 -28.76 -13.17 17.76
N TYR D 322 -27.65 -13.88 17.94
CA TYR D 322 -27.30 -14.33 19.27
C TYR D 322 -26.89 -13.16 20.18
N TYR D 323 -26.13 -12.20 19.64
CA TYR D 323 -25.73 -11.05 20.44
C TYR D 323 -26.96 -10.35 21.00
N LEU D 324 -27.98 -10.20 20.17
CA LEU D 324 -29.22 -9.56 20.58
C LEU D 324 -29.94 -10.40 21.62
N LYS D 325 -29.94 -11.73 21.46
CA LYS D 325 -30.59 -12.53 22.49
C LYS D 325 -29.86 -12.36 23.82
N GLU D 326 -28.52 -12.35 23.78
CA GLU D 326 -27.75 -12.22 25.01
C GLU D 326 -28.02 -10.90 25.71
N LYS D 327 -28.15 -9.83 24.94
CA LYS D 327 -28.45 -8.53 25.52
C LYS D 327 -29.94 -8.22 25.54
N LYS D 328 -30.79 -9.24 25.38
CA LYS D 328 -32.24 -9.15 25.62
C LYS D 328 -32.91 -7.96 24.93
N CYS D 329 -32.69 -7.86 23.61
CA CYS D 329 -33.22 -6.76 22.82
C CYS D 329 -34.49 -7.11 22.03
N PHE D 330 -34.92 -8.38 22.05
CA PHE D 330 -36.15 -8.80 21.40
C PHE D 330 -37.28 -8.75 22.40
N PRO D 331 -38.51 -8.62 21.91
CA PRO D 331 -39.67 -8.70 22.80
C PRO D 331 -39.70 -10.08 23.46
N GLU D 332 -40.33 -10.14 24.64
CA GLU D 332 -40.30 -11.38 25.38
C GLU D 332 -41.05 -12.46 24.61
N GLY D 333 -40.56 -13.68 24.71
CA GLY D 333 -41.15 -14.76 23.96
C GLY D 333 -40.76 -14.81 22.49
N THR D 334 -39.66 -14.15 22.13
CA THR D 334 -39.18 -14.13 20.75
C THR D 334 -38.37 -15.38 20.44
N ASP D 335 -38.71 -16.04 19.32
CA ASP D 335 -37.93 -17.17 18.80
C ASP D 335 -36.90 -16.62 17.82
N MET D 336 -35.69 -16.34 18.34
CA MET D 336 -34.69 -15.60 17.58
C MET D 336 -34.27 -16.33 16.30
N VAL D 337 -34.14 -17.64 16.34
CA VAL D 337 -33.66 -18.28 15.12
C VAL D 337 -34.77 -18.32 14.07
N GLY D 338 -36.03 -18.35 14.49
CA GLY D 338 -37.11 -18.21 13.53
C GLY D 338 -37.23 -16.81 12.98
N ILE D 339 -37.03 -15.81 13.83
CA ILE D 339 -37.08 -14.41 13.39
C ILE D 339 -36.06 -14.16 12.29
N LEU D 340 -34.87 -14.77 12.41
CA LEU D 340 -33.85 -14.62 11.38
C LEU D 340 -34.33 -15.15 10.04
N ASP D 341 -34.99 -16.31 10.06
CA ASP D 341 -35.58 -16.86 8.84
C ASP D 341 -36.56 -15.89 8.22
N PHE D 342 -37.51 -15.39 9.02
CA PHE D 342 -38.43 -14.38 8.51
C PHE D 342 -37.65 -13.21 7.93
N TYR D 343 -36.59 -12.78 8.63
CA TYR D 343 -35.76 -11.70 8.14
C TYR D 343 -35.12 -12.05 6.80
N PHE D 344 -34.56 -13.26 6.69
CA PHE D 344 -33.99 -13.68 5.41
C PHE D 344 -35.04 -13.64 4.28
N GLN D 345 -36.26 -14.07 4.56
CA GLN D 345 -37.31 -14.03 3.55
C GLN D 345 -37.57 -12.60 3.09
N LEU D 346 -37.77 -11.70 4.06
CA LEU D 346 -38.10 -10.32 3.72
C LEU D 346 -37.06 -9.69 2.79
N CYS D 347 -35.81 -10.11 2.88
CA CYS D 347 -34.78 -9.58 2.00
C CYS D 347 -34.84 -10.20 0.61
N SER D 348 -35.60 -11.27 0.41
CA SER D 348 -35.70 -11.89 -0.90
C SER D 348 -37.01 -11.61 -1.59
N ILE D 349 -37.79 -10.65 -1.09
CA ILE D 349 -38.99 -10.17 -1.76
C ILE D 349 -38.59 -9.48 -3.05
N GLU D 350 -39.32 -9.75 -4.11
CA GLU D 350 -38.96 -9.20 -5.41
C GLU D 350 -39.88 -8.07 -5.82
N VAL D 351 -39.30 -7.11 -6.53
CA VAL D 351 -40.02 -6.01 -7.14
C VAL D 351 -39.39 -5.77 -8.50
N THR D 352 -40.05 -4.99 -9.30
CA THR D 352 -39.43 -4.40 -10.47
C THR D 352 -39.19 -2.94 -10.18
N CYS D 353 -38.56 -2.24 -11.11
CA CYS D 353 -38.40 -0.82 -10.88
C CYS D 353 -39.76 -0.13 -10.89
N GLU D 354 -40.70 -0.61 -11.70
CA GLU D 354 -41.99 0.04 -11.79
C GLU D 354 -42.79 -0.14 -10.52
N SER D 355 -42.94 -1.37 -10.04
CA SER D 355 -43.75 -1.61 -8.86
C SER D 355 -43.17 -0.88 -7.63
N ALA D 356 -41.86 -0.89 -7.48
CA ALA D 356 -41.26 -0.25 -6.31
C ALA D 356 -41.41 1.27 -6.37
N SER D 357 -41.34 1.85 -7.59
CA SER D 357 -41.50 3.29 -7.71
C SER D 357 -42.86 3.74 -7.15
N VAL D 358 -43.86 2.86 -7.18
CA VAL D 358 -45.15 3.19 -6.60
C VAL D 358 -45.08 3.13 -5.08
N MET D 359 -44.31 2.17 -4.55
CA MET D 359 -44.10 2.13 -3.10
C MET D 359 -43.47 3.43 -2.62
N ALA D 360 -42.35 3.82 -3.25
CA ALA D 360 -41.68 5.05 -2.88
C ALA D 360 -42.63 6.23 -2.96
N ALA D 361 -43.47 6.27 -3.97
CA ALA D 361 -44.44 7.34 -4.09
C ALA D 361 -45.49 7.26 -2.98
N THR D 362 -45.80 6.07 -2.46
CA THR D 362 -46.69 6.00 -1.31
C THR D 362 -46.11 6.75 -0.10
N LEU D 363 -44.80 6.64 0.11
CA LEU D 363 -44.16 7.40 1.17
C LEU D 363 -44.11 8.88 0.82
N ALA D 364 -43.87 9.17 -0.44
CA ALA D 364 -43.90 10.55 -0.91
C ALA D 364 -45.27 11.17 -0.77
N ASN D 365 -46.32 10.37 -0.59
CA ASN D 365 -47.69 10.87 -0.65
C ASN D 365 -48.38 10.77 0.70
N GLY D 366 -47.62 10.90 1.79
CA GLY D 366 -48.20 10.84 3.11
C GLY D 366 -48.83 9.51 3.48
N GLY D 367 -48.48 8.44 2.77
CA GLY D 367 -49.00 7.14 3.05
C GLY D 367 -50.16 6.69 2.19
N PHE D 368 -50.64 7.51 1.26
CA PHE D 368 -51.70 7.10 0.35
C PHE D 368 -51.07 6.63 -0.94
N CYS D 369 -51.44 5.41 -1.36
CA CYS D 369 -50.89 4.87 -2.61
C CYS D 369 -51.45 5.66 -3.78
N PRO D 370 -50.61 6.35 -4.55
CA PRO D 370 -51.14 7.36 -5.45
C PRO D 370 -51.94 6.80 -6.62
N ILE D 371 -51.79 5.52 -6.97
CA ILE D 371 -52.56 4.99 -8.08
C ILE D 371 -53.80 4.28 -7.61
N THR D 372 -54.06 4.22 -6.32
CA THR D 372 -55.33 3.67 -5.86
C THR D 372 -56.07 4.58 -4.93
N GLY D 373 -55.39 5.41 -4.20
CA GLY D 373 -56.04 6.23 -3.25
C GLY D 373 -56.45 5.58 -1.91
N GLU D 374 -56.21 4.27 -1.65
CA GLU D 374 -56.36 3.80 -0.27
C GLU D 374 -55.19 4.23 0.59
N ARG D 375 -55.51 4.54 1.86
CA ARG D 375 -54.51 4.79 2.90
C ARG D 375 -53.81 3.50 3.35
N VAL D 376 -52.50 3.42 3.13
CA VAL D 376 -51.71 2.23 3.41
C VAL D 376 -50.88 2.38 4.69
N LEU D 377 -50.47 3.60 5.02
CA LEU D 377 -49.64 3.83 6.20
C LEU D 377 -50.07 5.10 6.91
N SER D 378 -49.93 5.09 8.24
CA SER D 378 -50.21 6.28 9.03
C SER D 378 -49.15 7.35 8.77
N PRO D 379 -49.53 8.63 8.83
CA PRO D 379 -48.54 9.71 8.60
C PRO D 379 -47.39 9.65 9.56
N GLU D 380 -47.67 9.17 10.78
CA GLU D 380 -46.63 8.97 11.78
C GLU D 380 -45.61 7.94 11.30
N ALA D 381 -46.07 6.90 10.61
CA ALA D 381 -45.15 5.90 10.08
C ALA D 381 -44.33 6.44 8.89
N VAL D 382 -44.95 7.18 7.96
CA VAL D 382 -44.12 7.57 6.82
C VAL D 382 -43.18 8.71 7.19
N ARG D 383 -43.59 9.60 8.09
CA ARG D 383 -42.67 10.64 8.52
C ARG D 383 -41.46 10.01 9.21
N ASN D 384 -41.72 9.12 10.16
CA ASN D 384 -40.61 8.47 10.86
C ASN D 384 -39.67 7.82 9.87
N THR D 385 -40.23 7.07 8.91
CA THR D 385 -39.42 6.36 7.92
C THR D 385 -38.60 7.32 7.05
N LEU D 386 -39.21 8.41 6.62
CA LEU D 386 -38.44 9.35 5.82
C LEU D 386 -37.29 9.94 6.63
N SER D 387 -37.53 10.27 7.91
CA SER D 387 -36.42 10.83 8.69
C SER D 387 -35.25 9.86 8.79
N LEU D 388 -35.52 8.56 8.93
CA LEU D 388 -34.41 7.63 9.10
C LEU D 388 -33.81 7.23 7.76
N MET D 389 -34.58 7.30 6.66
CA MET D 389 -33.95 7.19 5.35
C MET D 389 -33.01 8.36 5.08
N HIS D 390 -33.37 9.57 5.55
CA HIS D 390 -32.54 10.74 5.33
C HIS D 390 -31.12 10.47 5.77
N SER D 391 -30.95 10.09 7.04
CA SER D 391 -29.66 10.07 7.72
C SER D 391 -29.00 8.70 7.79
N CYS D 392 -29.73 7.61 7.61
CA CYS D 392 -29.17 6.28 7.81
C CYS D 392 -29.49 5.37 6.64
N GLY D 393 -29.72 5.93 5.45
CA GLY D 393 -30.26 5.14 4.36
C GLY D 393 -29.29 4.52 3.39
N MET D 394 -28.04 4.93 3.40
CA MET D 394 -27.14 4.53 2.32
C MET D 394 -25.83 3.97 2.86
N TYR D 395 -25.87 3.22 3.95
CA TYR D 395 -24.65 2.59 4.48
C TYR D 395 -23.68 3.72 4.85
N ASP D 396 -22.38 3.58 4.62
CA ASP D 396 -21.45 4.66 4.99
C ASP D 396 -21.64 5.94 4.16
N PHE D 397 -22.48 5.92 3.13
CA PHE D 397 -22.61 7.13 2.36
C PHE D 397 -23.69 8.06 2.86
N SER D 398 -24.36 7.72 3.96
CA SER D 398 -25.56 8.47 4.32
C SER D 398 -25.27 9.91 4.69
N GLY D 399 -24.12 10.16 5.33
CA GLY D 399 -23.77 11.53 5.65
C GLY D 399 -23.57 12.37 4.42
N GLN D 400 -22.73 11.89 3.49
CA GLN D 400 -22.44 12.62 2.25
C GLN D 400 -23.68 12.71 1.38
N PHE D 401 -24.46 11.63 1.36
CA PHE D 401 -25.67 11.61 0.58
C PHE D 401 -26.69 12.58 1.13
N ALA D 402 -26.83 12.64 2.46
CA ALA D 402 -27.76 13.62 3.02
C ALA D 402 -27.30 15.04 2.68
N PHE D 403 -25.99 15.26 2.69
CA PHE D 403 -25.46 16.58 2.38
C PHE D 403 -25.67 16.95 0.92
N HIS D 404 -25.19 16.10 0.00
CA HIS D 404 -25.14 16.50 -1.41
C HIS D 404 -26.48 16.34 -2.11
N VAL D 405 -27.19 15.25 -1.83
CA VAL D 405 -28.47 14.97 -2.45
C VAL D 405 -29.64 15.44 -1.60
N GLY D 406 -29.62 15.19 -0.29
CA GLY D 406 -30.70 15.65 0.53
C GLY D 406 -32.04 15.03 0.21
N LEU D 407 -32.05 13.75 -0.17
CA LEU D 407 -33.34 13.07 -0.31
C LEU D 407 -33.42 11.81 0.54
N PRO D 408 -34.59 11.51 1.07
CA PRO D 408 -34.74 10.21 1.73
C PRO D 408 -34.53 9.12 0.71
N ALA D 409 -33.57 8.24 0.96
CA ALA D 409 -33.34 7.14 0.05
C ALA D 409 -32.94 5.93 0.85
N LYS D 410 -33.07 4.75 0.24
CA LYS D 410 -32.55 3.52 0.83
C LYS D 410 -31.93 2.69 -0.27
N SER D 411 -30.73 2.21 -0.05
CA SER D 411 -30.06 1.42 -1.07
C SER D 411 -30.04 -0.02 -0.63
N GLY D 412 -29.85 -0.91 -1.61
CA GLY D 412 -29.79 -2.34 -1.37
C GLY D 412 -28.72 -2.97 -2.23
N VAL D 413 -28.36 -4.20 -1.85
CA VAL D 413 -27.21 -4.87 -2.45
C VAL D 413 -27.53 -5.51 -3.80
N ALA D 414 -28.81 -5.68 -4.15
CA ALA D 414 -29.14 -6.10 -5.51
C ALA D 414 -28.92 -5.00 -6.53
N GLY D 415 -28.58 -3.80 -6.09
CA GLY D 415 -28.41 -2.65 -6.95
C GLY D 415 -29.55 -1.66 -6.91
N GLY D 416 -30.50 -1.82 -5.99
CA GLY D 416 -31.65 -0.95 -5.92
C GLY D 416 -31.38 0.24 -5.01
N ILE D 417 -31.98 1.37 -5.35
CA ILE D 417 -32.01 2.56 -4.50
C ILE D 417 -33.42 3.10 -4.53
N LEU D 418 -34.10 3.02 -3.41
CA LEU D 418 -35.46 3.51 -3.30
C LEU D 418 -35.40 4.97 -2.92
N LEU D 419 -35.95 5.84 -3.78
CA LEU D 419 -35.79 7.28 -3.61
C LEU D 419 -37.14 7.97 -3.41
N VAL D 420 -37.21 8.89 -2.47
CA VAL D 420 -38.45 9.62 -2.23
C VAL D 420 -38.17 11.11 -2.32
N VAL D 421 -38.93 11.80 -3.15
CA VAL D 421 -38.98 13.25 -3.14
C VAL D 421 -40.30 13.64 -2.50
N PRO D 422 -40.29 13.97 -1.21
CA PRO D 422 -41.54 14.26 -0.50
C PRO D 422 -42.39 15.30 -1.21
N ASN D 423 -43.69 15.04 -1.24
CA ASN D 423 -44.73 15.85 -1.86
C ASN D 423 -44.61 15.91 -3.38
N VAL D 424 -43.69 15.15 -3.98
CA VAL D 424 -43.53 15.19 -5.43
C VAL D 424 -43.66 13.80 -6.03
N MET D 425 -42.74 12.90 -5.72
CA MET D 425 -42.70 11.64 -6.44
C MET D 425 -41.86 10.62 -5.67
N GLY D 426 -42.01 9.37 -6.10
CA GLY D 426 -41.23 8.26 -5.62
C GLY D 426 -40.48 7.65 -6.79
N MET D 427 -39.39 6.95 -6.54
CA MET D 427 -38.54 6.43 -7.60
C MET D 427 -37.91 5.13 -7.16
N MET D 428 -37.50 4.32 -8.14
CA MET D 428 -36.62 3.18 -7.90
C MET D 428 -35.60 3.15 -9.01
N CYS D 429 -34.34 3.13 -8.64
CA CYS D 429 -33.24 2.98 -9.58
C CYS D 429 -32.59 1.64 -9.32
N TRP D 430 -32.11 1.01 -10.38
CA TRP D 430 -31.58 -0.34 -10.21
C TRP D 430 -30.45 -0.55 -11.18
N SER D 431 -29.25 -0.77 -10.66
CA SER D 431 -28.10 -1.26 -11.40
C SER D 431 -27.28 -2.13 -10.47
N PRO D 432 -27.07 -3.39 -10.81
CA PRO D 432 -26.52 -4.35 -9.86
C PRO D 432 -25.10 -3.98 -9.41
N PRO D 433 -24.23 -3.42 -10.27
CA PRO D 433 -22.85 -3.15 -9.83
C PRO D 433 -22.80 -2.14 -8.70
N LEU D 434 -22.21 -2.56 -7.58
CA LEU D 434 -22.07 -1.70 -6.41
C LEU D 434 -20.72 -1.00 -6.36
N ASP D 435 -20.70 0.14 -5.68
CA ASP D 435 -19.43 0.75 -5.42
C ASP D 435 -18.93 0.16 -4.11
N LYS D 436 -17.81 0.67 -3.60
CA LYS D 436 -17.16 -0.02 -2.50
C LYS D 436 -17.82 0.28 -1.17
N MET D 437 -18.87 1.10 -1.16
CA MET D 437 -19.64 1.30 0.05
C MET D 437 -20.94 0.51 0.03
N GLY D 438 -21.26 -0.14 -1.10
CA GLY D 438 -22.41 -1.01 -1.24
C GLY D 438 -23.57 -0.48 -2.06
N ASN D 439 -23.46 0.71 -2.66
CA ASN D 439 -24.56 1.34 -3.36
C ASN D 439 -24.41 1.23 -4.87
N SER D 440 -25.54 1.03 -5.55
CA SER D 440 -25.57 1.00 -7.00
C SER D 440 -24.78 2.17 -7.57
N VAL D 441 -23.79 1.87 -8.42
CA VAL D 441 -22.98 2.95 -8.96
C VAL D 441 -23.83 3.90 -9.79
N LYS D 442 -24.52 3.36 -10.79
CA LYS D 442 -25.34 4.22 -11.64
C LYS D 442 -26.40 4.95 -10.82
N GLY D 443 -27.01 4.25 -9.88
CA GLY D 443 -28.03 4.88 -9.05
C GLY D 443 -27.52 6.14 -8.40
N ILE D 444 -26.38 6.05 -7.71
CA ILE D 444 -25.86 7.20 -6.97
C ILE D 444 -25.56 8.33 -7.92
N HIS D 445 -24.98 8.01 -9.08
CA HIS D 445 -24.72 9.03 -10.08
C HIS D 445 -26.02 9.72 -10.53
N PHE D 446 -27.09 8.94 -10.69
CA PHE D 446 -28.35 9.53 -11.08
C PHE D 446 -28.83 10.51 -10.05
N CYS D 447 -28.68 10.19 -8.75
CA CYS D 447 -29.31 11.02 -7.74
C CYS D 447 -28.60 12.32 -7.51
N HIS D 448 -27.27 12.34 -7.68
CA HIS D 448 -26.56 13.61 -7.78
C HIS D 448 -27.02 14.41 -9.01
N ASP D 449 -27.06 13.77 -10.19
CA ASP D 449 -27.47 14.48 -11.40
C ASP D 449 -28.86 15.06 -11.24
N LEU D 450 -29.77 14.33 -10.57
CA LEU D 450 -31.14 14.78 -10.38
C LEU D 450 -31.20 16.05 -9.54
N VAL D 451 -30.56 16.04 -8.37
CA VAL D 451 -30.69 17.22 -7.50
C VAL D 451 -29.88 18.39 -8.07
N SER D 452 -28.83 18.11 -8.83
CA SER D 452 -28.10 19.19 -9.46
C SER D 452 -28.95 19.90 -10.49
N LEU D 453 -29.88 19.15 -11.10
CA LEU D 453 -30.80 19.68 -12.10
C LEU D 453 -32.05 20.30 -11.49
N CYS D 454 -32.64 19.68 -10.47
CA CYS D 454 -33.92 20.18 -9.98
C CYS D 454 -33.79 20.63 -8.54
N ASN D 455 -34.67 21.51 -8.11
CA ASN D 455 -34.60 22.01 -6.74
C ASN D 455 -35.35 21.07 -5.80
N PHE D 456 -35.03 19.78 -5.87
CA PHE D 456 -35.68 18.81 -5.00
C PHE D 456 -34.91 18.56 -3.70
N HIS D 457 -33.67 19.05 -3.60
CA HIS D 457 -32.89 18.90 -2.37
C HIS D 457 -33.75 19.38 -1.22
N ASN D 458 -33.70 18.61 -0.12
CA ASN D 458 -34.49 18.93 1.05
C ASN D 458 -34.36 20.40 1.46
N TYR D 459 -33.26 21.04 1.11
CA TYR D 459 -33.02 22.40 1.52
C TYR D 459 -32.70 23.33 0.35
N ASP D 460 -33.08 22.95 -0.85
CA ASP D 460 -33.21 23.99 -1.85
C ASP D 460 -34.34 24.89 -1.41
N ASN D 461 -34.37 26.10 -1.94
CA ASN D 461 -35.49 26.99 -1.68
C ASN D 461 -36.49 26.92 -2.83
N LEU D 462 -37.77 27.02 -2.51
CA LEU D 462 -38.78 26.99 -3.55
C LEU D 462 -38.92 28.31 -4.28
N ARG D 463 -38.29 29.39 -3.81
CA ARG D 463 -38.41 30.68 -4.46
C ARG D 463 -37.18 31.08 -5.22
N HIS D 464 -36.01 30.91 -4.62
CA HIS D 464 -34.73 31.34 -5.19
C HIS D 464 -33.81 30.14 -5.28
N PHE D 465 -33.62 29.64 -6.50
CA PHE D 465 -32.85 28.40 -6.67
C PHE D 465 -31.88 28.49 -7.84
N ALA D 466 -31.38 29.68 -8.13
CA ALA D 466 -30.26 29.82 -9.07
C ALA D 466 -30.73 29.29 -10.43
N LYS D 467 -29.92 28.48 -11.10
CA LYS D 467 -30.26 27.96 -12.42
C LYS D 467 -30.84 26.55 -12.34
N LYS D 468 -31.25 26.13 -11.16
CA LYS D 468 -31.96 24.87 -11.05
C LYS D 468 -33.34 25.01 -11.71
N LEU D 469 -33.83 23.89 -12.24
CA LEU D 469 -35.18 23.82 -12.80
C LEU D 469 -36.15 23.41 -11.70
N ASP D 470 -37.38 23.97 -11.72
CA ASP D 470 -38.40 23.47 -10.78
C ASP D 470 -39.57 22.85 -11.53
N PRO D 471 -39.65 21.52 -11.60
CA PRO D 471 -40.72 20.87 -12.37
C PRO D 471 -42.13 21.13 -11.86
N ARG D 472 -42.29 21.70 -10.68
CA ARG D 472 -43.62 22.01 -10.18
C ARG D 472 -44.21 23.26 -10.80
N ARG D 473 -43.46 23.96 -11.66
CA ARG D 473 -43.82 25.27 -12.19
C ARG D 473 -44.03 25.13 -13.68
N GLU D 474 -44.68 26.13 -14.27
CA GLU D 474 -45.04 26.09 -15.68
C GLU D 474 -44.11 26.90 -16.59
N GLY D 475 -44.06 28.22 -16.46
CA GLY D 475 -43.24 29.05 -17.34
C GLY D 475 -42.69 30.32 -16.72
N PRO E 66 -31.25 42.54 -55.90
CA PRO E 66 -30.89 41.85 -54.64
C PRO E 66 -29.62 42.42 -54.00
N SER E 67 -29.32 42.26 -52.70
CA SER E 67 -28.10 42.91 -52.18
C SER E 67 -27.71 42.31 -50.83
N LEU E 68 -26.43 41.96 -50.68
CA LEU E 68 -25.94 41.17 -49.54
C LEU E 68 -26.12 41.91 -48.21
N GLU E 69 -25.92 43.22 -48.20
CA GLU E 69 -26.00 44.03 -46.97
C GLU E 69 -27.42 44.27 -46.47
N ASP E 70 -28.41 44.49 -47.33
CA ASP E 70 -29.74 44.81 -46.80
C ASP E 70 -30.49 43.51 -46.49
N LEU E 71 -30.22 42.43 -47.26
CA LEU E 71 -30.81 41.16 -46.93
C LEU E 71 -30.51 40.87 -45.50
N LEU E 72 -29.27 41.16 -45.08
CA LEU E 72 -28.92 41.02 -43.69
C LEU E 72 -29.55 42.12 -42.84
N PHE E 73 -29.75 43.32 -43.41
CA PHE E 73 -30.43 44.37 -42.65
C PHE E 73 -31.80 43.91 -42.21
N TYR E 74 -32.60 43.37 -43.15
CA TYR E 74 -33.97 43.00 -42.82
C TYR E 74 -34.03 41.78 -41.90
N THR E 75 -33.11 40.82 -42.07
CA THR E 75 -33.03 39.68 -41.15
C THR E 75 -32.93 40.15 -39.70
N ILE E 76 -32.12 41.17 -39.45
CA ILE E 76 -32.01 41.74 -38.10
C ILE E 76 -33.01 42.87 -37.89
N ALA E 77 -33.50 43.48 -38.99
CA ALA E 77 -34.29 44.72 -38.93
C ALA E 77 -35.67 44.53 -38.33
N GLU E 78 -36.21 43.30 -38.32
CA GLU E 78 -37.54 42.96 -37.80
C GLU E 78 -38.65 43.31 -38.77
N GLY E 79 -38.36 43.61 -40.04
CA GLY E 79 -39.35 44.27 -40.83
C GLY E 79 -39.61 45.68 -40.38
N GLN E 80 -38.93 46.12 -39.31
CA GLN E 80 -39.05 47.45 -38.74
C GLN E 80 -38.09 48.39 -39.48
N GLU E 81 -38.31 49.69 -39.30
CA GLU E 81 -37.63 50.68 -40.13
C GLU E 81 -36.21 50.98 -39.67
N LYS E 82 -35.96 51.03 -38.36
CA LYS E 82 -34.61 51.25 -37.89
C LYS E 82 -34.19 50.23 -36.82
N ILE E 83 -32.90 49.91 -36.82
CA ILE E 83 -32.27 48.94 -35.92
C ILE E 83 -31.52 49.70 -34.84
N PRO E 84 -31.87 49.55 -33.56
CA PRO E 84 -31.00 50.06 -32.50
C PRO E 84 -29.65 49.38 -32.56
N VAL E 85 -28.59 50.10 -32.19
CA VAL E 85 -27.24 49.55 -32.37
C VAL E 85 -26.96 48.48 -31.33
N HIS E 86 -27.44 48.68 -30.09
CA HIS E 86 -27.25 47.65 -29.07
C HIS E 86 -27.88 46.33 -29.49
N LYS E 87 -29.03 46.39 -30.14
CA LYS E 87 -29.69 45.18 -30.60
C LYS E 87 -28.86 44.44 -31.64
N PHE E 88 -28.13 45.17 -32.47
CA PHE E 88 -27.25 44.52 -33.42
C PHE E 88 -26.08 43.86 -32.72
N ILE E 89 -25.52 44.54 -31.72
CA ILE E 89 -24.36 43.98 -31.04
C ILE E 89 -24.79 42.76 -30.27
N THR E 90 -25.99 42.76 -29.73
CA THR E 90 -26.46 41.62 -28.97
C THR E 90 -26.73 40.43 -29.88
N ALA E 91 -27.29 40.70 -31.06
CA ALA E 91 -27.39 39.68 -32.10
C ALA E 91 -26.01 39.13 -32.45
N LEU E 92 -24.99 39.98 -32.43
CA LEU E 92 -23.67 39.54 -32.85
C LEU E 92 -23.06 38.56 -31.85
N LYS E 93 -23.06 38.89 -30.57
CA LYS E 93 -22.43 37.97 -29.62
C LYS E 93 -23.23 36.69 -29.46
N SER E 94 -24.54 36.73 -29.71
CA SER E 94 -25.28 35.47 -29.71
C SER E 94 -24.73 34.52 -30.76
N THR E 95 -24.16 35.05 -31.86
CA THR E 95 -23.46 34.17 -32.79
C THR E 95 -22.19 33.60 -32.18
N GLY E 96 -21.66 34.19 -31.10
CA GLY E 96 -20.41 33.80 -30.53
C GLY E 96 -19.22 34.66 -30.89
N LEU E 97 -19.32 35.49 -31.92
CA LEU E 97 -18.24 36.42 -32.15
C LEU E 97 -18.19 37.43 -31.01
N ARG E 98 -17.00 37.94 -30.73
CA ARG E 98 -16.83 39.03 -29.78
C ARG E 98 -16.65 40.33 -30.53
N THR E 99 -17.09 41.42 -29.92
CA THR E 99 -16.99 42.69 -30.61
C THR E 99 -15.53 43.08 -30.85
N SER E 100 -14.59 42.46 -30.12
CA SER E 100 -13.17 42.68 -30.29
C SER E 100 -12.53 41.80 -31.35
N ASP E 101 -13.33 41.02 -32.09
CA ASP E 101 -12.79 40.19 -33.15
C ASP E 101 -11.97 41.03 -34.14
N PRO E 102 -10.72 40.66 -34.40
CA PRO E 102 -9.92 41.41 -35.38
C PRO E 102 -10.53 41.52 -36.76
N ARG E 103 -11.26 40.49 -37.21
CA ARG E 103 -11.88 40.55 -38.55
C ARG E 103 -13.09 41.47 -38.60
N LEU E 104 -13.41 42.13 -37.49
CA LEU E 104 -14.53 43.03 -37.39
C LEU E 104 -14.11 44.47 -37.14
N LYS E 105 -12.80 44.76 -37.17
CA LYS E 105 -12.33 46.09 -36.77
C LYS E 105 -12.95 47.17 -37.63
N GLU E 106 -12.89 47.02 -38.96
CA GLU E 106 -13.44 48.07 -39.81
C GLU E 106 -14.91 48.32 -39.51
N CYS E 107 -15.68 47.24 -39.29
CA CYS E 107 -17.07 47.43 -38.92
C CYS E 107 -17.18 48.15 -37.58
N MET E 108 -16.40 47.74 -36.59
CA MET E 108 -16.53 48.38 -35.29
C MET E 108 -15.99 49.80 -35.34
N ASP E 109 -14.93 50.03 -36.12
CA ASP E 109 -14.41 51.37 -36.29
C ASP E 109 -15.47 52.28 -36.91
N MET E 110 -16.27 51.75 -37.82
CA MET E 110 -17.33 52.52 -38.45
C MET E 110 -18.56 52.62 -37.55
N LEU E 111 -18.68 51.72 -36.58
CA LEU E 111 -19.65 51.90 -35.50
C LEU E 111 -19.18 52.99 -34.55
N ARG E 112 -17.88 53.03 -34.25
CA ARG E 112 -17.39 54.03 -33.32
C ARG E 112 -17.52 55.42 -33.92
N LEU E 113 -17.33 55.53 -35.23
CA LEU E 113 -17.51 56.81 -35.91
C LEU E 113 -18.97 57.24 -35.83
N THR E 114 -19.88 56.33 -36.17
CA THR E 114 -21.29 56.65 -36.19
C THR E 114 -21.86 56.99 -34.82
N LEU E 115 -21.24 56.53 -33.73
CA LEU E 115 -21.80 56.83 -32.42
C LEU E 115 -21.40 58.19 -31.84
N GLN E 116 -20.69 59.05 -32.57
CA GLN E 116 -20.51 60.46 -32.22
C GLN E 116 -21.39 61.39 -33.05
N THR E 117 -21.62 60.99 -34.28
CA THR E 117 -22.35 61.82 -35.22
C THR E 117 -23.73 62.11 -34.67
N THR E 118 -24.37 61.06 -34.17
CA THR E 118 -25.72 61.04 -33.59
C THR E 118 -25.58 60.56 -32.12
N SER E 119 -25.48 61.47 -31.15
CA SER E 119 -25.24 60.90 -29.81
C SER E 119 -26.48 60.36 -29.10
N ASP E 120 -27.70 60.78 -29.44
CA ASP E 120 -28.93 60.11 -29.00
C ASP E 120 -29.79 59.85 -30.22
N GLY E 121 -30.22 58.61 -30.37
CA GLY E 121 -31.05 58.16 -31.49
C GLY E 121 -30.17 57.20 -32.25
N VAL E 122 -29.72 56.18 -31.54
CA VAL E 122 -28.55 55.42 -31.92
C VAL E 122 -28.93 54.36 -32.96
N MET E 123 -29.96 54.65 -33.75
CA MET E 123 -30.57 53.65 -34.61
C MET E 123 -30.05 53.81 -36.02
N LEU E 124 -30.02 52.70 -36.76
CA LEU E 124 -29.40 52.64 -38.07
C LEU E 124 -30.49 52.39 -39.10
N ASP E 125 -30.61 53.27 -40.09
CA ASP E 125 -31.40 52.90 -41.26
C ASP E 125 -30.62 51.88 -42.10
N LYS E 126 -31.26 51.43 -43.19
CA LYS E 126 -30.64 50.47 -44.11
C LYS E 126 -29.42 51.06 -44.79
N ASP E 127 -29.30 52.36 -44.82
CA ASP E 127 -28.18 52.97 -45.52
C ASP E 127 -26.99 53.19 -44.61
N LEU E 128 -27.22 53.27 -43.31
CA LEU E 128 -26.15 53.44 -42.35
C LEU E 128 -25.59 52.11 -41.88
N PHE E 129 -26.48 51.14 -41.71
CA PHE E 129 -26.06 49.76 -41.48
C PHE E 129 -25.12 49.30 -42.56
N LYS E 130 -25.47 49.55 -43.83
CA LYS E 130 -24.59 49.12 -44.91
C LYS E 130 -23.27 49.87 -44.89
N LYS E 131 -23.29 51.12 -44.42
CA LYS E 131 -22.05 51.88 -44.31
C LYS E 131 -21.07 51.20 -43.35
N CYS E 132 -21.61 50.51 -42.35
CA CYS E 132 -20.75 49.90 -41.35
C CYS E 132 -20.40 48.46 -41.66
N VAL E 133 -21.39 47.66 -42.06
CA VAL E 133 -21.17 46.24 -42.20
C VAL E 133 -20.65 45.81 -43.55
N GLN E 134 -20.74 46.65 -44.57
CA GLN E 134 -20.25 46.24 -45.90
C GLN E 134 -18.83 45.70 -45.83
N SER E 135 -17.98 46.32 -44.98
CA SER E 135 -16.57 45.97 -45.03
C SER E 135 -16.35 44.52 -44.63
N ASN E 136 -17.10 44.04 -43.65
CA ASN E 136 -17.00 42.68 -43.13
C ASN E 136 -18.28 41.90 -43.41
N ILE E 137 -18.87 42.12 -44.58
CA ILE E 137 -20.23 41.63 -44.82
C ILE E 137 -20.27 40.11 -44.94
N VAL E 138 -19.25 39.51 -45.57
CA VAL E 138 -19.35 38.08 -45.80
C VAL E 138 -19.14 37.31 -44.49
N LEU E 139 -18.28 37.81 -43.60
CA LEU E 139 -18.16 37.16 -42.30
C LEU E 139 -19.42 37.36 -41.46
N LEU E 140 -20.05 38.53 -41.56
CA LEU E 140 -21.20 38.79 -40.72
C LEU E 140 -22.40 37.94 -41.10
N THR E 141 -22.61 37.69 -42.39
CA THR E 141 -23.80 36.94 -42.74
C THR E 141 -23.62 35.48 -42.41
N GLN E 142 -22.40 34.96 -42.57
CA GLN E 142 -22.18 33.58 -42.18
C GLN E 142 -22.57 33.38 -40.73
N ALA E 143 -22.34 34.37 -39.86
CA ALA E 143 -22.74 34.26 -38.46
C ALA E 143 -24.24 34.23 -38.32
N PHE E 144 -24.94 35.05 -39.10
CA PHE E 144 -26.37 35.23 -38.99
C PHE E 144 -27.15 34.24 -39.85
N ARG E 145 -26.49 33.61 -40.82
CA ARG E 145 -27.01 32.52 -41.61
C ARG E 145 -26.66 31.17 -40.97
N ARG E 146 -26.39 31.18 -39.66
CA ARG E 146 -25.97 30.01 -38.87
C ARG E 146 -25.15 29.05 -39.73
N LYS E 147 -24.07 29.60 -40.27
CA LYS E 147 -23.16 28.83 -41.08
C LYS E 147 -21.87 28.52 -40.33
N PHE E 148 -21.77 28.91 -39.07
CA PHE E 148 -20.54 28.59 -38.35
C PHE E 148 -20.54 27.13 -37.91
N VAL E 149 -19.36 26.63 -37.55
CA VAL E 149 -19.19 25.20 -37.39
C VAL E 149 -20.17 24.68 -36.36
N ILE E 150 -20.52 25.54 -35.40
CA ILE E 150 -21.54 25.27 -34.41
C ILE E 150 -22.64 26.30 -34.58
N PRO E 151 -23.76 25.94 -35.22
CA PRO E 151 -24.78 26.95 -35.52
C PRO E 151 -25.42 27.47 -34.25
N ASP E 152 -25.87 26.58 -33.37
CA ASP E 152 -26.49 27.01 -32.10
C ASP E 152 -25.41 27.08 -31.01
N PHE E 153 -24.59 28.12 -31.14
CA PHE E 153 -23.49 28.30 -30.19
C PHE E 153 -24.01 28.65 -28.81
N MET E 154 -25.19 29.28 -28.70
CA MET E 154 -25.62 29.73 -27.39
C MET E 154 -26.03 28.55 -26.49
N SER E 155 -26.56 27.46 -27.04
CA SER E 155 -26.81 26.34 -26.14
C SER E 155 -25.55 25.51 -25.94
N PHE E 156 -24.68 25.44 -26.95
CA PHE E 156 -23.41 24.75 -26.78
C PHE E 156 -22.61 25.31 -25.61
N THR E 157 -22.60 26.64 -25.46
CA THR E 157 -21.94 27.22 -24.28
C THR E 157 -22.70 26.87 -22.99
N SER E 158 -23.99 26.65 -23.08
CA SER E 158 -24.69 26.30 -21.88
C SER E 158 -24.28 24.88 -21.43
N HIS E 159 -23.97 23.97 -22.37
CA HIS E 159 -23.44 22.65 -22.04
C HIS E 159 -22.05 22.78 -21.45
N ILE E 160 -21.18 23.59 -22.08
CA ILE E 160 -19.86 23.84 -21.52
C ILE E 160 -19.97 24.28 -20.08
N ASP E 161 -20.93 25.17 -19.79
CA ASP E 161 -21.11 25.62 -18.43
C ASP E 161 -21.46 24.46 -17.51
N GLU E 162 -22.33 23.54 -17.95
CA GLU E 162 -22.60 22.39 -17.08
C GLU E 162 -21.35 21.55 -16.89
N LEU E 163 -20.60 21.27 -17.98
CA LEU E 163 -19.36 20.50 -17.86
C LEU E 163 -18.37 21.19 -16.91
N TYR E 164 -18.25 22.51 -17.03
CA TYR E 164 -17.38 23.25 -16.12
C TYR E 164 -17.77 23.06 -14.66
N GLU E 165 -19.08 23.16 -14.35
CA GLU E 165 -19.51 23.06 -12.96
C GLU E 165 -19.42 21.63 -12.45
N SER E 166 -19.54 20.65 -13.31
CA SER E 166 -19.40 19.30 -12.81
C SER E 166 -17.95 19.00 -12.48
N ALA E 167 -17.02 19.58 -13.24
CA ALA E 167 -15.61 19.42 -12.93
C ALA E 167 -15.22 20.22 -11.70
N LYS E 168 -15.92 21.34 -11.45
CA LYS E 168 -15.55 22.17 -10.31
C LYS E 168 -15.68 21.40 -9.02
N LYS E 169 -16.48 20.34 -9.03
CA LYS E 169 -16.70 19.51 -7.85
C LYS E 169 -15.56 18.54 -7.60
N GLN E 170 -14.62 18.39 -8.51
CA GLN E 170 -13.54 17.39 -8.36
C GLN E 170 -12.34 18.08 -7.72
N SER E 171 -12.34 18.13 -6.39
CA SER E 171 -11.43 19.02 -5.68
C SER E 171 -10.16 18.32 -5.21
N GLY E 172 -9.91 17.09 -5.66
CA GLY E 172 -8.68 16.39 -5.36
C GLY E 172 -7.50 16.86 -6.20
N GLY E 173 -6.35 16.24 -5.94
CA GLY E 173 -5.10 16.51 -6.61
C GLY E 173 -4.19 17.38 -5.76
N LYS E 174 -2.93 17.52 -6.21
CA LYS E 174 -1.92 18.27 -5.48
C LYS E 174 -1.23 19.26 -6.42
N VAL E 175 -1.16 20.51 -5.98
CA VAL E 175 -0.51 21.55 -6.76
C VAL E 175 1.00 21.33 -6.79
N ALA E 176 1.59 21.48 -7.96
CA ALA E 176 3.03 21.34 -8.13
C ALA E 176 3.79 22.31 -7.23
N ASP E 177 4.64 21.77 -6.36
CA ASP E 177 5.36 22.61 -5.41
C ASP E 177 6.87 22.61 -5.62
N TYR E 178 7.40 21.83 -6.58
CA TYR E 178 8.85 21.73 -6.70
C TYR E 178 9.50 23.10 -6.87
N ILE E 179 8.80 24.06 -7.48
CA ILE E 179 9.28 25.45 -7.50
C ILE E 179 8.25 26.30 -6.76
N PRO E 180 8.68 27.37 -6.06
CA PRO E 180 7.73 28.20 -5.32
C PRO E 180 6.75 28.98 -6.20
N GLN E 181 6.97 29.03 -7.52
CA GLN E 181 6.11 29.79 -8.41
C GLN E 181 4.85 29.03 -8.80
N LEU E 182 4.93 27.70 -8.88
CA LEU E 182 3.69 26.92 -9.04
C LEU E 182 3.03 26.67 -7.69
N ALA E 183 3.82 26.60 -6.62
CA ALA E 183 3.26 26.46 -5.28
C ALA E 183 2.44 27.68 -4.85
N LYS E 184 2.74 28.87 -5.40
CA LYS E 184 1.94 30.06 -5.06
C LYS E 184 0.48 29.94 -5.49
N PHE E 185 0.17 29.08 -6.46
CA PHE E 185 -1.14 29.15 -7.09
C PHE E 185 -2.22 28.48 -6.25
N SER E 186 -3.41 29.08 -6.27
CA SER E 186 -4.44 28.51 -5.43
C SER E 186 -4.98 27.25 -6.10
N PRO E 187 -5.36 26.26 -5.30
CA PRO E 187 -5.90 25.02 -5.88
C PRO E 187 -7.30 25.17 -6.48
N ASP E 188 -8.01 26.26 -6.19
CA ASP E 188 -9.39 26.40 -6.65
C ASP E 188 -9.52 27.19 -7.93
N LEU E 189 -8.42 27.68 -8.48
CA LEU E 189 -8.49 28.29 -9.80
C LEU E 189 -8.86 27.23 -10.83
N TRP E 190 -9.79 27.58 -11.72
CA TRP E 190 -10.29 26.61 -12.69
C TRP E 190 -10.92 27.43 -13.82
N GLY E 191 -10.40 27.25 -15.04
CA GLY E 191 -10.91 27.98 -16.18
C GLY E 191 -11.00 27.11 -17.42
N VAL E 192 -12.00 27.40 -18.24
CA VAL E 192 -12.17 26.73 -19.53
C VAL E 192 -12.47 27.80 -20.56
N SER E 193 -11.82 27.71 -21.73
CA SER E 193 -12.06 28.64 -22.82
C SER E 193 -12.11 27.91 -24.15
N VAL E 194 -13.03 28.34 -25.00
CA VAL E 194 -13.34 27.70 -26.27
C VAL E 194 -13.16 28.72 -27.38
N CYS E 195 -12.58 28.29 -28.49
CA CYS E 195 -12.52 29.13 -29.69
C CYS E 195 -12.67 28.20 -30.89
N THR E 196 -13.70 28.41 -31.70
CA THR E 196 -13.96 27.49 -32.80
C THR E 196 -13.10 27.83 -34.02
N ALA E 197 -13.16 26.95 -35.01
CA ALA E 197 -12.46 27.24 -36.26
C ALA E 197 -13.02 28.48 -36.93
N ASP E 198 -14.11 29.05 -36.39
CA ASP E 198 -14.76 30.22 -36.96
C ASP E 198 -14.64 31.46 -36.10
N GLY E 199 -14.02 31.39 -34.94
CA GLY E 199 -13.89 32.57 -34.13
C GLY E 199 -14.95 32.77 -33.08
N GLN E 200 -15.83 31.79 -32.88
CA GLN E 200 -16.81 31.90 -31.81
C GLN E 200 -16.11 31.66 -30.49
N ARG E 201 -16.39 32.49 -29.49
CA ARG E 201 -15.69 32.42 -28.21
C ARG E 201 -16.64 32.22 -27.05
N HIS E 202 -16.14 31.53 -26.03
CA HIS E 202 -16.83 31.39 -24.76
C HIS E 202 -15.81 31.04 -23.69
N SER E 203 -15.99 31.61 -22.50
CA SER E 203 -15.18 31.27 -21.36
C SER E 203 -16.05 31.20 -20.12
N THR E 204 -15.54 30.50 -19.12
CA THR E 204 -16.19 30.33 -17.85
C THR E 204 -15.11 30.06 -16.83
N GLY E 205 -15.16 30.76 -15.70
CA GLY E 205 -14.14 30.66 -14.69
C GLY E 205 -12.97 31.60 -14.89
N ASP E 206 -11.81 31.24 -14.34
CA ASP E 206 -10.63 32.10 -14.28
C ASP E 206 -9.85 32.05 -15.59
N THR E 207 -10.45 32.63 -16.61
CA THR E 207 -9.89 32.47 -17.93
C THR E 207 -8.95 33.59 -18.33
N LYS E 208 -8.82 34.62 -17.48
CA LYS E 208 -7.92 35.75 -17.75
C LYS E 208 -6.75 35.80 -16.77
N VAL E 209 -6.49 34.71 -16.06
CA VAL E 209 -5.34 34.65 -15.13
C VAL E 209 -4.19 34.06 -15.88
N PRO E 210 -3.04 34.73 -15.95
CA PRO E 210 -1.90 34.17 -16.67
C PRO E 210 -1.21 33.08 -15.86
N PHE E 211 -0.71 32.09 -16.58
CA PHE E 211 0.03 30.97 -16.02
C PHE E 211 0.97 30.43 -17.08
N CYS E 212 1.92 29.60 -16.66
CA CYS E 212 2.96 29.17 -17.59
C CYS E 212 2.54 27.92 -18.36
N LEU E 213 3.04 27.83 -19.59
CA LEU E 213 2.67 26.72 -20.44
C LEU E 213 3.35 25.45 -19.99
N GLN E 214 4.61 25.56 -19.57
CA GLN E 214 5.46 24.43 -19.27
C GLN E 214 5.39 23.51 -20.48
N SER E 215 5.13 22.22 -20.31
CA SER E 215 5.21 21.34 -21.47
C SER E 215 3.99 21.44 -22.37
N CYS E 216 3.03 22.32 -22.06
CA CYS E 216 2.06 22.68 -23.10
C CYS E 216 2.73 23.45 -24.25
N VAL E 217 3.94 23.97 -24.05
CA VAL E 217 4.66 24.66 -25.11
C VAL E 217 5.32 23.68 -26.08
N LYS E 218 5.45 22.42 -25.68
CA LYS E 218 6.17 21.44 -26.49
C LYS E 218 5.59 21.28 -27.89
N PRO E 219 4.27 21.11 -28.06
CA PRO E 219 3.76 20.97 -29.43
C PRO E 219 3.93 22.24 -30.25
N LEU E 220 3.83 23.38 -29.59
CA LEU E 220 3.94 24.64 -30.29
C LEU E 220 5.32 24.81 -30.91
N LYS E 221 6.39 24.43 -30.19
CA LYS E 221 7.70 24.59 -30.81
C LYS E 221 7.96 23.50 -31.84
N TYR E 222 7.45 22.30 -31.59
CA TYR E 222 7.52 21.27 -32.63
C TYR E 222 6.83 21.76 -33.87
N ALA E 223 5.69 22.42 -33.72
CA ALA E 223 5.02 23.00 -34.89
C ALA E 223 5.94 23.99 -35.59
N ILE E 224 6.56 24.90 -34.84
CA ILE E 224 7.46 25.86 -35.45
C ILE E 224 8.60 25.14 -36.13
N ALA E 225 9.12 24.11 -35.47
CA ALA E 225 10.25 23.41 -36.04
C ALA E 225 9.89 22.82 -37.41
N VAL E 226 8.79 22.08 -37.46
CA VAL E 226 8.36 21.48 -38.73
C VAL E 226 7.96 22.54 -39.73
N ASN E 227 7.33 23.60 -39.27
CA ASN E 227 6.94 24.70 -40.15
C ASN E 227 8.15 25.32 -40.85
N ASP E 228 9.27 25.46 -40.16
CA ASP E 228 10.43 26.12 -40.73
C ASP E 228 11.36 25.20 -41.51
N LEU E 229 11.44 23.92 -41.17
CA LEU E 229 12.42 23.04 -41.77
C LEU E 229 11.84 21.78 -42.39
N GLY E 230 10.57 21.45 -42.11
CA GLY E 230 9.93 20.29 -42.69
C GLY E 230 10.04 19.04 -41.83
N THR E 231 9.07 18.15 -42.02
CA THR E 231 9.01 16.90 -41.26
C THR E 231 10.32 16.12 -41.35
N GLU E 232 10.85 15.99 -42.55
CA GLU E 232 11.93 15.04 -42.72
C GLU E 232 13.20 15.55 -42.03
N TYR E 233 13.50 16.86 -42.10
CA TYR E 233 14.71 17.31 -41.39
C TYR E 233 14.55 17.11 -39.90
N VAL E 234 13.44 17.60 -39.34
CA VAL E 234 13.24 17.57 -37.90
C VAL E 234 13.37 16.15 -37.38
N HIS E 235 12.83 15.18 -38.09
CA HIS E 235 12.80 13.83 -37.54
C HIS E 235 14.11 13.07 -37.79
N ARG E 236 15.13 13.75 -38.32
CA ARG E 236 16.48 13.23 -38.21
C ARG E 236 16.96 13.25 -36.77
N TYR E 237 16.38 14.14 -35.95
CA TYR E 237 16.84 14.37 -34.59
C TYR E 237 15.88 13.85 -33.52
N VAL E 238 14.66 13.45 -33.88
CA VAL E 238 13.67 13.04 -32.89
C VAL E 238 12.68 12.05 -33.52
N GLY E 239 12.26 11.06 -32.74
CA GLY E 239 11.38 10.01 -33.20
C GLY E 239 9.95 10.49 -33.36
N LYS E 240 9.06 9.52 -33.70
CA LYS E 240 7.66 9.88 -33.91
C LYS E 240 6.68 8.87 -33.33
N GLU E 241 7.05 8.14 -32.29
CA GLU E 241 6.16 7.17 -31.69
C GLU E 241 6.18 7.40 -30.19
N PRO E 242 5.19 6.88 -29.46
CA PRO E 242 5.32 6.87 -28.01
C PRO E 242 6.29 5.80 -27.56
N SER E 243 7.03 6.12 -26.49
CA SER E 243 7.97 5.19 -25.87
C SER E 243 7.28 3.89 -25.48
N GLY E 244 6.17 3.99 -24.76
CA GLY E 244 5.61 2.84 -24.08
C GLY E 244 5.72 2.99 -22.58
N LEU E 245 4.65 2.67 -21.85
CA LEU E 245 4.47 3.05 -20.45
C LEU E 245 5.57 2.45 -19.61
N ARG E 246 6.47 1.73 -20.30
CA ARG E 246 7.51 0.92 -19.73
C ARG E 246 8.85 1.51 -20.01
N PHE E 247 8.85 2.64 -20.74
CA PHE E 247 10.04 3.38 -21.16
C PHE E 247 9.87 4.88 -20.90
N ASN E 248 9.05 5.28 -19.92
CA ASN E 248 8.95 6.69 -19.56
C ASN E 248 10.22 7.29 -18.95
N LYS E 249 11.17 6.44 -18.53
CA LYS E 249 12.39 6.84 -17.86
C LYS E 249 13.59 6.93 -18.78
N LEU E 250 13.52 6.36 -19.98
CA LEU E 250 14.63 6.34 -20.93
C LEU E 250 14.65 7.57 -21.83
N PHE E 251 15.84 8.03 -22.18
CA PHE E 251 15.93 9.22 -23.01
C PHE E 251 15.86 8.92 -24.50
N LEU E 252 16.44 7.80 -24.95
CA LEU E 252 16.59 7.52 -26.38
C LEU E 252 15.98 6.18 -26.76
N ASN E 253 15.52 6.08 -28.01
CA ASN E 253 15.04 4.85 -28.59
C ASN E 253 16.25 4.14 -29.18
N GLU E 254 16.10 3.05 -29.95
CA GLU E 254 17.35 2.44 -30.33
C GLU E 254 17.98 3.07 -31.58
N ASP E 255 17.32 4.08 -32.17
CA ASP E 255 18.06 4.83 -33.15
C ASP E 255 18.82 6.00 -32.53
N ASP E 256 18.90 6.05 -31.21
CA ASP E 256 19.61 7.05 -30.44
C ASP E 256 19.06 8.46 -30.63
N LYS E 257 17.79 8.57 -31.03
CA LYS E 257 17.08 9.84 -30.98
C LYS E 257 15.96 9.77 -29.93
N PRO E 258 15.61 10.87 -29.29
CA PRO E 258 14.52 10.84 -28.33
C PRO E 258 13.24 10.40 -29.00
N HIS E 259 12.34 9.82 -28.21
CA HIS E 259 11.28 8.99 -28.78
C HIS E 259 10.31 9.82 -29.59
N ASN E 260 10.07 11.05 -29.18
CA ASN E 260 9.10 11.92 -29.81
C ASN E 260 9.27 13.32 -29.25
N PRO E 261 8.72 14.33 -29.91
CA PRO E 261 8.91 15.71 -29.46
C PRO E 261 8.22 16.04 -28.16
N MET E 262 7.35 15.17 -27.66
CA MET E 262 6.53 15.57 -26.54
C MET E 262 7.11 15.19 -25.18
N VAL E 263 8.23 14.46 -25.17
CA VAL E 263 8.97 14.12 -23.97
C VAL E 263 10.18 15.03 -23.84
N ASN E 264 10.71 15.17 -22.62
CA ASN E 264 11.69 16.21 -22.32
C ASN E 264 12.96 16.04 -23.14
N ALA E 265 13.45 14.81 -23.34
CA ALA E 265 14.59 14.69 -24.24
C ALA E 265 14.24 15.13 -25.64
N GLY E 266 13.00 14.86 -26.06
CA GLY E 266 12.61 15.26 -27.41
C GLY E 266 12.43 16.75 -27.53
N ALA E 267 11.72 17.35 -26.58
CA ALA E 267 11.52 18.78 -26.59
C ALA E 267 12.86 19.51 -26.59
N ILE E 268 13.81 19.03 -25.77
CA ILE E 268 15.12 19.66 -25.71
C ILE E 268 15.79 19.59 -27.07
N VAL E 269 15.74 18.43 -27.72
CA VAL E 269 16.34 18.34 -29.04
C VAL E 269 15.62 19.26 -30.02
N VAL E 270 14.28 19.32 -29.93
CA VAL E 270 13.54 20.20 -30.85
C VAL E 270 13.98 21.64 -30.65
N THR E 271 14.08 22.08 -29.40
CA THR E 271 14.58 23.41 -29.13
C THR E 271 15.90 23.66 -29.84
N SER E 272 16.71 22.62 -30.01
CA SER E 272 18.00 22.82 -30.66
C SER E 272 17.89 23.11 -32.15
N LEU E 273 16.74 22.92 -32.78
CA LEU E 273 16.62 23.12 -34.23
C LEU E 273 16.04 24.47 -34.65
N ILE E 274 15.39 25.19 -33.73
CA ILE E 274 14.66 26.42 -34.05
C ILE E 274 15.63 27.56 -34.30
N LYS E 275 15.60 28.12 -35.50
CA LYS E 275 16.32 29.35 -35.84
C LYS E 275 17.77 29.23 -35.40
N GLN E 276 18.43 28.19 -35.91
CA GLN E 276 19.81 27.93 -35.52
C GLN E 276 20.70 29.10 -35.94
N GLY E 277 21.84 29.24 -35.25
CA GLY E 277 22.82 30.24 -35.65
C GLY E 277 22.54 31.66 -35.20
N VAL E 278 21.41 31.90 -34.56
CA VAL E 278 21.09 33.17 -33.96
C VAL E 278 21.26 33.02 -32.45
N ASN E 279 21.42 34.14 -31.74
CA ASN E 279 21.63 34.03 -30.31
C ASN E 279 20.29 33.86 -29.58
N ASN E 280 20.39 33.57 -28.30
CA ASN E 280 19.21 33.18 -27.53
C ASN E 280 18.21 34.30 -27.40
N ALA E 281 18.66 35.56 -27.43
CA ALA E 281 17.73 36.67 -27.31
C ALA E 281 16.79 36.73 -28.50
N GLU E 282 17.34 36.63 -29.72
CA GLU E 282 16.49 36.74 -30.89
C GLU E 282 15.72 35.46 -31.14
N LYS E 283 16.30 34.30 -30.80
CA LYS E 283 15.56 33.04 -30.90
C LYS E 283 14.26 33.13 -30.10
N PHE E 284 14.36 33.63 -28.87
CA PHE E 284 13.16 33.81 -28.08
C PHE E 284 12.20 34.79 -28.75
N ASP E 285 12.74 35.91 -29.26
CA ASP E 285 11.85 36.89 -29.88
C ASP E 285 11.16 36.30 -31.09
N TYR E 286 11.86 35.44 -31.84
CA TYR E 286 11.25 34.80 -33.00
C TYR E 286 10.07 33.94 -32.58
N VAL E 287 10.25 33.13 -31.54
CA VAL E 287 9.19 32.25 -31.10
C VAL E 287 8.03 33.05 -30.52
N MET E 288 8.33 34.12 -29.77
CA MET E 288 7.23 34.91 -29.24
C MET E 288 6.41 35.54 -30.36
N GLN E 289 7.09 36.03 -31.39
CA GLN E 289 6.37 36.51 -32.56
C GLN E 289 5.52 35.42 -33.16
N PHE E 290 6.04 34.20 -33.19
CA PHE E 290 5.27 33.10 -33.76
C PHE E 290 4.04 32.85 -32.92
N LEU E 291 4.21 32.77 -31.61
CA LEU E 291 3.05 32.54 -30.75
C LEU E 291 2.06 33.70 -30.87
N ASN E 292 2.56 34.91 -31.11
CA ASN E 292 1.64 36.01 -31.30
C ASN E 292 0.70 35.76 -32.48
N LYS E 293 1.27 35.34 -33.62
CA LYS E 293 0.40 35.03 -34.75
C LYS E 293 -0.61 33.95 -34.37
N MET E 294 -0.17 32.93 -33.66
CA MET E 294 -1.01 31.79 -33.28
C MET E 294 -2.17 32.19 -32.36
N ALA E 295 -1.98 33.20 -31.53
CA ALA E 295 -3.02 33.59 -30.59
C ALA E 295 -3.80 34.83 -31.05
N GLY E 296 -3.66 35.25 -32.30
CA GLY E 296 -4.31 36.45 -32.76
C GLY E 296 -3.95 37.65 -31.92
N ASN E 297 -2.75 37.68 -31.37
CA ASN E 297 -2.24 38.80 -30.59
C ASN E 297 -3.00 38.98 -29.27
N GLU E 298 -3.52 37.90 -28.72
CA GLU E 298 -4.03 37.95 -27.36
C GLU E 298 -2.85 37.71 -26.42
N TYR E 299 -3.12 37.54 -25.11
CA TYR E 299 -2.06 37.68 -24.12
C TYR E 299 -1.03 36.57 -24.21
N VAL E 300 0.21 36.93 -24.55
CA VAL E 300 1.36 36.05 -24.38
C VAL E 300 2.45 36.79 -23.62
N GLY E 301 2.91 36.21 -22.53
CA GLY E 301 3.93 36.84 -21.71
C GLY E 301 5.06 35.91 -21.34
N PHE E 302 5.74 36.23 -20.24
CA PHE E 302 6.92 35.49 -19.76
C PHE E 302 7.06 35.73 -18.28
N SER E 303 7.30 34.67 -17.51
CA SER E 303 7.48 34.84 -16.08
C SER E 303 8.95 34.57 -15.82
N ASN E 304 9.71 35.65 -15.59
CA ASN E 304 11.13 35.48 -15.30
C ASN E 304 11.32 34.78 -13.96
N ALA E 305 10.35 34.94 -13.05
CA ALA E 305 10.39 34.21 -11.78
C ALA E 305 10.49 32.70 -12.03
N THR E 306 9.56 32.17 -12.82
CA THR E 306 9.57 30.74 -13.13
C THR E 306 10.83 30.32 -13.89
N PHE E 307 11.30 31.19 -14.78
CA PHE E 307 12.50 30.86 -15.50
C PHE E 307 13.66 30.69 -14.53
N GLN E 308 13.79 31.60 -13.56
CA GLN E 308 14.89 31.51 -12.60
C GLN E 308 14.83 30.19 -11.84
N SER E 309 13.67 29.81 -11.35
CA SER E 309 13.60 28.62 -10.53
C SER E 309 13.71 27.33 -11.34
N GLU E 310 13.26 27.31 -12.59
CA GLU E 310 13.53 26.15 -13.45
C GLU E 310 15.01 26.05 -13.80
N ARG E 311 15.72 27.19 -13.77
CA ARG E 311 17.10 27.26 -14.22
C ARG E 311 18.03 26.50 -13.26
N GLU E 312 17.85 26.65 -11.94
CA GLU E 312 18.54 25.77 -11.01
C GLU E 312 17.56 25.04 -10.13
N SER E 313 16.67 24.33 -10.80
CA SER E 313 16.19 23.05 -10.33
C SER E 313 16.13 22.03 -11.47
N GLY E 314 16.69 22.35 -12.63
CA GLY E 314 16.59 21.41 -13.73
C GLY E 314 17.75 20.45 -13.82
N ASP E 315 18.11 19.87 -12.66
CA ASP E 315 19.17 18.87 -12.66
C ASP E 315 18.86 17.77 -13.67
N ARG E 316 17.62 17.25 -13.67
CA ARG E 316 17.32 16.21 -14.64
C ARG E 316 17.43 16.73 -16.05
N ASN E 317 16.99 17.98 -16.26
CA ASN E 317 17.09 18.53 -17.60
C ASN E 317 18.55 18.61 -18.03
N PHE E 318 19.44 19.01 -17.12
CA PHE E 318 20.87 18.99 -17.43
C PHE E 318 21.38 17.58 -17.65
N ALA E 319 20.94 16.64 -16.82
CA ALA E 319 21.28 15.24 -17.05
C ALA E 319 20.88 14.84 -18.46
N ILE E 320 19.68 15.22 -18.87
CA ILE E 320 19.24 14.89 -20.22
C ILE E 320 20.15 15.55 -21.25
N GLY E 321 20.49 16.82 -21.01
CA GLY E 321 21.30 17.57 -21.98
C GLY E 321 22.68 16.96 -22.16
N TYR E 322 23.32 16.61 -21.05
CA TYR E 322 24.61 16.00 -21.17
C TYR E 322 24.51 14.63 -21.85
N TYR E 323 23.51 13.82 -21.50
CA TYR E 323 23.34 12.54 -22.17
C TYR E 323 23.17 12.74 -23.67
N LEU E 324 22.33 13.72 -24.05
CA LEU E 324 22.07 13.99 -25.46
C LEU E 324 23.33 14.48 -26.15
N LYS E 325 24.12 15.32 -25.45
CA LYS E 325 25.38 15.78 -26.00
C LYS E 325 26.35 14.63 -26.21
N GLU E 326 26.42 13.70 -25.24
CA GLU E 326 27.36 12.59 -25.38
C GLU E 326 27.01 11.71 -26.56
N LYS E 327 25.72 11.43 -26.77
CA LYS E 327 25.28 10.57 -27.85
C LYS E 327 24.98 11.35 -29.11
N LYS E 328 25.44 12.62 -29.18
CA LYS E 328 25.46 13.43 -30.40
C LYS E 328 24.08 13.50 -31.06
N CYS E 329 23.08 13.92 -30.28
CA CYS E 329 21.71 13.99 -30.76
C CYS E 329 21.28 15.35 -31.29
N PHE E 330 22.11 16.38 -31.13
CA PHE E 330 22.00 17.77 -31.50
C PHE E 330 22.59 18.05 -32.88
N PRO E 331 22.10 19.07 -33.57
CA PRO E 331 22.76 19.51 -34.80
C PRO E 331 24.14 20.04 -34.48
N GLU E 332 24.98 20.04 -35.51
CA GLU E 332 26.37 20.43 -35.33
C GLU E 332 26.42 21.89 -34.93
N GLY E 333 27.36 22.24 -34.06
CA GLY E 333 27.45 23.61 -33.59
C GLY E 333 26.50 24.01 -32.49
N THR E 334 25.92 23.05 -31.81
CA THR E 334 25.01 23.34 -30.73
C THR E 334 25.76 23.69 -29.47
N ASP E 335 25.36 24.77 -28.81
CA ASP E 335 25.83 25.05 -27.46
C ASP E 335 24.81 24.41 -26.53
N MET E 336 25.11 23.20 -26.07
CA MET E 336 24.08 22.48 -25.34
C MET E 336 23.61 23.27 -24.11
N VAL E 337 24.52 23.97 -23.43
CA VAL E 337 24.09 24.59 -22.19
C VAL E 337 23.25 25.83 -22.45
N GLY E 338 23.40 26.46 -23.61
CA GLY E 338 22.49 27.54 -23.97
C GLY E 338 21.11 27.05 -24.38
N ILE E 339 21.05 25.92 -25.10
CA ILE E 339 19.78 25.35 -25.50
C ILE E 339 18.92 25.01 -24.28
N LEU E 340 19.55 24.49 -23.23
CA LEU E 340 18.79 24.27 -22.01
C LEU E 340 18.23 25.58 -21.47
N ASP E 341 19.04 26.64 -21.45
CA ASP E 341 18.56 27.95 -21.03
C ASP E 341 17.36 28.38 -21.88
N PHE E 342 17.50 28.30 -23.20
CA PHE E 342 16.40 28.63 -24.09
C PHE E 342 15.15 27.79 -23.79
N TYR E 343 15.36 26.49 -23.56
CA TYR E 343 14.26 25.59 -23.27
C TYR E 343 13.55 26.00 -21.99
N PHE E 344 14.33 26.30 -20.95
CA PHE E 344 13.70 26.77 -19.72
C PHE E 344 12.87 28.00 -19.97
N GLN E 345 13.38 28.94 -20.78
CA GLN E 345 12.61 30.13 -21.09
C GLN E 345 11.28 29.75 -21.71
N LEU E 346 11.33 28.92 -22.76
CA LEU E 346 10.11 28.53 -23.45
C LEU E 346 9.10 27.93 -22.49
N CYS E 347 9.56 27.20 -21.47
CA CYS E 347 8.61 26.63 -20.53
C CYS E 347 8.05 27.68 -19.58
N SER E 348 8.60 28.88 -19.57
CA SER E 348 8.13 29.94 -18.70
C SER E 348 7.35 31.00 -19.45
N ILE E 349 6.92 30.68 -20.67
CA ILE E 349 6.00 31.55 -21.40
C ILE E 349 4.64 31.53 -20.73
N GLU E 350 4.02 32.69 -20.60
CA GLU E 350 2.75 32.80 -19.91
C GLU E 350 1.63 32.95 -20.92
N VAL E 351 0.46 32.41 -20.56
CA VAL E 351 -0.76 32.55 -21.34
C VAL E 351 -1.92 32.68 -20.35
N THR E 352 -3.09 33.08 -20.86
CA THR E 352 -4.35 32.91 -20.15
C THR E 352 -5.14 31.82 -20.83
N CYS E 353 -6.28 31.47 -20.24
CA CYS E 353 -7.06 30.41 -20.87
C CYS E 353 -7.60 30.89 -22.20
N GLU E 354 -7.95 32.17 -22.30
CA GLU E 354 -8.47 32.66 -23.57
C GLU E 354 -7.39 32.74 -24.63
N SER E 355 -6.25 33.34 -24.31
CA SER E 355 -5.22 33.47 -25.32
C SER E 355 -4.76 32.11 -25.83
N ALA E 356 -4.54 31.14 -24.95
CA ALA E 356 -4.02 29.85 -25.39
C ALA E 356 -5.05 29.06 -26.19
N SER E 357 -6.33 29.16 -25.80
CA SER E 357 -7.36 28.45 -26.55
C SER E 357 -7.36 28.84 -28.02
N VAL E 358 -6.95 30.07 -28.31
CA VAL E 358 -6.88 30.51 -29.69
C VAL E 358 -5.73 29.83 -30.41
N MET E 359 -4.60 29.64 -29.69
CA MET E 359 -3.51 28.83 -30.24
C MET E 359 -4.02 27.44 -30.56
N ALA E 360 -4.77 26.84 -29.62
CA ALA E 360 -5.39 25.55 -29.89
C ALA E 360 -6.26 25.60 -31.13
N ALA E 361 -6.97 26.70 -31.33
CA ALA E 361 -7.83 26.82 -32.51
C ALA E 361 -7.02 26.94 -33.80
N THR E 362 -5.85 27.57 -33.78
CA THR E 362 -5.03 27.55 -34.98
C THR E 362 -4.68 26.12 -35.38
N LEU E 363 -4.44 25.26 -34.38
CA LEU E 363 -4.18 23.85 -34.66
C LEU E 363 -5.43 23.14 -35.11
N ALA E 364 -6.59 23.49 -34.54
CA ALA E 364 -7.83 22.89 -35.01
C ALA E 364 -8.15 23.29 -36.44
N ASN E 365 -7.54 24.37 -36.94
CA ASN E 365 -7.98 25.02 -38.16
C ASN E 365 -6.97 24.90 -39.33
N GLY E 366 -6.21 23.81 -39.38
CA GLY E 366 -5.26 23.63 -40.47
C GLY E 366 -4.13 24.62 -40.51
N GLY E 367 -3.85 25.31 -39.40
CA GLY E 367 -2.76 26.26 -39.34
C GLY E 367 -3.15 27.72 -39.56
N PHE E 368 -4.42 28.01 -39.81
CA PHE E 368 -4.91 29.38 -39.94
C PHE E 368 -5.53 29.85 -38.61
N CYS E 369 -5.07 30.99 -38.12
CA CYS E 369 -5.62 31.53 -36.88
C CYS E 369 -7.06 31.98 -37.10
N PRO E 370 -8.04 31.43 -36.38
CA PRO E 370 -9.43 31.69 -36.77
C PRO E 370 -9.90 33.10 -36.46
N ILE E 371 -9.24 33.88 -35.60
CA ILE E 371 -9.72 35.24 -35.35
C ILE E 371 -8.94 36.29 -36.14
N THR E 372 -7.93 35.90 -36.90
CA THR E 372 -7.25 36.86 -37.76
C THR E 372 -7.22 36.46 -39.23
N GLY E 373 -7.39 35.18 -39.56
CA GLY E 373 -7.26 34.69 -40.92
C GLY E 373 -5.85 34.50 -41.43
N GLU E 374 -4.84 34.76 -40.60
CA GLU E 374 -3.45 34.54 -41.00
C GLU E 374 -3.13 33.04 -41.11
N ARG E 375 -2.41 32.67 -42.17
CA ARG E 375 -1.80 31.35 -42.23
C ARG E 375 -0.56 31.40 -41.35
N VAL E 376 -0.56 30.61 -40.27
CA VAL E 376 0.51 30.63 -39.29
C VAL E 376 1.38 29.37 -39.32
N LEU E 377 0.83 28.21 -39.70
CA LEU E 377 1.57 26.97 -39.73
C LEU E 377 1.26 26.24 -41.01
N SER E 378 2.27 25.55 -41.58
CA SER E 378 2.02 24.73 -42.75
C SER E 378 1.16 23.55 -42.37
N PRO E 379 0.29 23.08 -43.26
CA PRO E 379 -0.58 21.96 -42.91
C PRO E 379 0.20 20.72 -42.52
N GLU E 380 1.38 20.55 -43.10
CA GLU E 380 2.27 19.47 -42.69
C GLU E 380 2.68 19.63 -41.23
N ALA E 381 2.89 20.87 -40.78
CA ALA E 381 3.25 21.08 -39.37
C ALA E 381 2.08 20.71 -38.45
N VAL E 382 0.87 21.06 -38.83
CA VAL E 382 -0.25 20.91 -37.93
C VAL E 382 -0.66 19.47 -37.85
N ARG E 383 -0.55 18.74 -38.96
CA ARG E 383 -0.88 17.33 -38.91
C ARG E 383 0.06 16.62 -37.97
N ASN E 384 1.37 16.83 -38.19
CA ASN E 384 2.36 16.14 -37.39
C ASN E 384 2.14 16.40 -35.92
N THR E 385 1.95 17.67 -35.54
CA THR E 385 1.77 17.97 -34.13
C THR E 385 0.50 17.34 -33.58
N LEU E 386 -0.61 17.44 -34.34
CA LEU E 386 -1.85 16.83 -33.86
C LEU E 386 -1.67 15.33 -33.71
N SER E 387 -0.91 14.72 -34.62
CA SER E 387 -0.64 13.30 -34.51
C SER E 387 0.09 12.98 -33.22
N LEU E 388 1.10 13.76 -32.85
CA LEU E 388 1.88 13.35 -31.72
C LEU E 388 1.24 13.80 -30.41
N MET E 389 0.40 14.83 -30.45
CA MET E 389 -0.41 15.12 -29.26
C MET E 389 -1.37 13.99 -28.97
N HIS E 390 -1.89 13.34 -30.00
CA HIS E 390 -2.77 12.18 -29.82
C HIS E 390 -2.14 11.14 -28.91
N SER E 391 -0.92 10.70 -29.24
CA SER E 391 -0.34 9.53 -28.61
C SER E 391 0.61 9.82 -27.46
N CYS E 392 1.15 11.05 -27.35
CA CYS E 392 2.21 11.29 -26.38
C CYS E 392 1.96 12.54 -25.56
N GLY E 393 0.73 13.01 -25.50
CA GLY E 393 0.54 14.34 -24.98
C GLY E 393 0.24 14.44 -23.53
N MET E 394 -0.07 13.34 -22.87
CA MET E 394 -0.58 13.39 -21.51
C MET E 394 0.29 12.55 -20.59
N TYR E 395 1.59 12.50 -20.89
CA TYR E 395 2.55 11.77 -20.04
C TYR E 395 2.10 10.31 -20.01
N ASP E 396 2.25 9.61 -18.88
CA ASP E 396 1.88 8.19 -18.80
C ASP E 396 0.38 7.93 -18.87
N PHE E 397 -0.44 8.96 -18.91
CA PHE E 397 -1.86 8.82 -19.16
C PHE E 397 -2.19 8.89 -20.65
N SER E 398 -1.16 8.92 -21.51
CA SER E 398 -1.37 9.20 -22.93
C SER E 398 -2.16 8.08 -23.60
N GLY E 399 -1.89 6.83 -23.25
CA GLY E 399 -2.66 5.76 -23.85
C GLY E 399 -4.11 5.78 -23.44
N GLN E 400 -4.35 5.86 -22.14
CA GLN E 400 -5.71 5.81 -21.64
C GLN E 400 -6.49 7.05 -22.06
N PHE E 401 -5.78 8.19 -22.21
CA PHE E 401 -6.42 9.40 -22.69
C PHE E 401 -6.82 9.25 -24.16
N ALA E 402 -5.92 8.71 -24.99
CA ALA E 402 -6.26 8.54 -26.39
C ALA E 402 -7.43 7.59 -26.57
N PHE E 403 -7.46 6.51 -25.78
CA PHE E 403 -8.53 5.52 -25.90
C PHE E 403 -9.87 6.11 -25.52
N HIS E 404 -9.96 6.80 -24.37
CA HIS E 404 -11.24 7.26 -23.84
C HIS E 404 -11.67 8.62 -24.39
N VAL E 405 -10.74 9.55 -24.56
CA VAL E 405 -11.14 10.87 -25.04
C VAL E 405 -10.99 10.95 -26.53
N GLY E 406 -9.92 10.42 -27.09
CA GLY E 406 -9.74 10.49 -28.53
C GLY E 406 -9.59 11.89 -29.06
N LEU E 407 -8.95 12.78 -28.32
CA LEU E 407 -8.61 14.09 -28.87
C LEU E 407 -7.13 14.39 -28.65
N PRO E 408 -6.49 15.05 -29.61
CA PRO E 408 -5.11 15.50 -29.38
C PRO E 408 -5.09 16.55 -28.27
N ALA E 409 -4.28 16.30 -27.26
CA ALA E 409 -4.20 17.27 -26.18
C ALA E 409 -2.77 17.32 -25.66
N LYS E 410 -2.43 18.39 -24.96
CA LYS E 410 -1.12 18.45 -24.33
C LYS E 410 -1.23 19.03 -22.94
N SER E 411 -0.61 18.38 -21.98
CA SER E 411 -0.71 18.84 -20.60
C SER E 411 0.59 19.50 -20.19
N GLY E 412 0.51 20.31 -19.13
CA GLY E 412 1.67 20.95 -18.57
C GLY E 412 1.54 21.01 -17.07
N VAL E 413 2.69 21.18 -16.40
CA VAL E 413 2.72 21.02 -14.95
C VAL E 413 2.08 22.18 -14.20
N ALA E 414 1.88 23.32 -14.86
CA ALA E 414 1.16 24.42 -14.23
C ALA E 414 -0.32 24.16 -14.08
N GLY E 415 -0.83 23.04 -14.60
CA GLY E 415 -2.24 22.75 -14.56
C GLY E 415 -2.99 22.96 -15.85
N GLY E 416 -2.30 23.18 -16.97
CA GLY E 416 -2.95 23.43 -18.24
C GLY E 416 -3.19 22.15 -19.05
N ILE E 417 -4.27 22.18 -19.82
CA ILE E 417 -4.47 21.15 -20.84
C ILE E 417 -4.91 21.86 -22.10
N LEU E 418 -4.06 21.85 -23.11
CA LEU E 418 -4.36 22.44 -24.39
C LEU E 418 -5.00 21.35 -25.25
N LEU E 419 -6.28 21.50 -25.57
CA LEU E 419 -7.06 20.45 -26.20
C LEU E 419 -7.55 20.92 -27.56
N VAL E 420 -7.50 20.02 -28.54
CA VAL E 420 -7.94 20.33 -29.89
C VAL E 420 -9.01 19.34 -30.30
N VAL E 421 -10.15 19.86 -30.76
CA VAL E 421 -11.10 19.06 -31.50
C VAL E 421 -10.99 19.47 -32.95
N PRO E 422 -10.27 18.73 -33.76
CA PRO E 422 -10.00 19.13 -35.15
C PRO E 422 -11.25 19.45 -35.93
N ASN E 423 -11.16 20.48 -36.77
CA ASN E 423 -12.22 20.96 -37.65
C ASN E 423 -13.41 21.54 -36.89
N VAL E 424 -13.32 21.68 -35.57
CA VAL E 424 -14.42 22.21 -34.77
C VAL E 424 -13.98 23.38 -33.91
N MET E 425 -13.07 23.12 -32.96
CA MET E 425 -12.76 24.12 -31.95
C MET E 425 -11.44 23.77 -31.28
N GLY E 426 -10.91 24.77 -30.58
CA GLY E 426 -9.72 24.60 -29.76
C GLY E 426 -10.08 24.92 -28.33
N MET E 427 -9.27 24.47 -27.39
CA MET E 427 -9.59 24.70 -25.99
C MET E 427 -8.32 24.83 -25.19
N MET E 428 -8.41 25.54 -24.07
CA MET E 428 -7.39 25.46 -23.03
C MET E 428 -8.12 25.41 -21.70
N CYS E 429 -7.88 24.37 -20.91
CA CYS E 429 -8.42 24.26 -19.56
C CYS E 429 -7.28 24.41 -18.57
N TRP E 430 -7.57 25.03 -17.44
CA TRP E 430 -6.53 25.30 -16.45
C TRP E 430 -7.11 25.21 -15.05
N SER E 431 -6.59 24.25 -14.27
CA SER E 431 -6.76 24.16 -12.82
C SER E 431 -5.48 23.56 -12.24
N PRO E 432 -4.77 24.28 -11.37
CA PRO E 432 -3.38 23.92 -11.03
C PRO E 432 -3.21 22.56 -10.36
N PRO E 433 -4.18 22.04 -9.58
CA PRO E 433 -3.93 20.73 -8.93
C PRO E 433 -3.78 19.60 -9.95
N LEU E 434 -2.62 18.94 -9.89
CA LEU E 434 -2.33 17.79 -10.75
C LEU E 434 -2.69 16.47 -10.06
N ASP E 435 -2.92 15.44 -10.87
CA ASP E 435 -3.11 14.09 -10.35
C ASP E 435 -1.76 13.38 -10.30
N LYS E 436 -1.75 12.09 -9.98
CA LYS E 436 -0.49 11.41 -9.71
C LYS E 436 0.26 11.06 -10.98
N MET E 437 -0.26 11.42 -12.14
CA MET E 437 0.47 11.29 -13.39
C MET E 437 0.94 12.62 -13.99
N GLY E 438 0.55 13.75 -13.42
CA GLY E 438 0.98 15.06 -13.90
C GLY E 438 -0.07 15.92 -14.60
N ASN E 439 -1.33 15.46 -14.69
CA ASN E 439 -2.38 16.17 -15.41
C ASN E 439 -3.37 16.82 -14.44
N SER E 440 -3.85 18.01 -14.80
CA SER E 440 -4.87 18.68 -14.00
C SER E 440 -6.08 17.79 -13.78
N VAL E 441 -6.47 17.65 -12.52
CA VAL E 441 -7.63 16.82 -12.18
C VAL E 441 -8.89 17.38 -12.82
N LYS E 442 -9.20 18.64 -12.54
CA LYS E 442 -10.40 19.23 -13.16
C LYS E 442 -10.29 19.16 -14.68
N GLY E 443 -9.09 19.41 -15.20
CA GLY E 443 -8.88 19.30 -16.63
C GLY E 443 -9.26 17.92 -17.13
N ILE E 444 -8.66 16.89 -16.55
CA ILE E 444 -8.89 15.55 -17.10
C ILE E 444 -10.36 15.18 -17.02
N HIS E 445 -11.00 15.49 -15.90
CA HIS E 445 -12.42 15.20 -15.74
C HIS E 445 -13.25 15.87 -16.83
N PHE E 446 -12.91 17.12 -17.15
CA PHE E 446 -13.66 17.88 -18.14
C PHE E 446 -13.60 17.24 -19.53
N CYS E 447 -12.44 16.71 -19.93
CA CYS E 447 -12.42 16.23 -21.30
C CYS E 447 -13.08 14.88 -21.45
N HIS E 448 -13.07 14.08 -20.40
CA HIS E 448 -13.90 12.88 -20.43
C HIS E 448 -15.36 13.27 -20.59
N ASP E 449 -15.85 14.15 -19.71
CA ASP E 449 -17.23 14.59 -19.78
C ASP E 449 -17.57 15.21 -21.13
N LEU E 450 -16.65 15.99 -21.69
CA LEU E 450 -16.93 16.63 -22.98
C LEU E 450 -17.21 15.59 -24.04
N VAL E 451 -16.31 14.61 -24.19
CA VAL E 451 -16.46 13.60 -25.24
C VAL E 451 -17.57 12.60 -24.89
N SER E 452 -17.88 12.45 -23.61
CA SER E 452 -19.01 11.62 -23.26
C SER E 452 -20.32 12.29 -23.69
N LEU E 453 -20.33 13.61 -23.80
CA LEU E 453 -21.48 14.40 -24.20
C LEU E 453 -21.64 14.56 -25.70
N CYS E 454 -20.55 14.82 -26.43
CA CYS E 454 -20.65 15.08 -27.86
C CYS E 454 -19.82 14.09 -28.66
N ASN E 455 -20.16 13.95 -29.94
CA ASN E 455 -19.48 12.98 -30.80
C ASN E 455 -18.16 13.58 -31.32
N PHE E 456 -17.33 14.03 -30.39
CA PHE E 456 -16.06 14.62 -30.73
C PHE E 456 -14.90 13.65 -30.70
N HIS E 457 -15.10 12.46 -30.12
CA HIS E 457 -14.06 11.44 -30.11
C HIS E 457 -13.56 11.21 -31.53
N ASN E 458 -12.25 11.10 -31.68
CA ASN E 458 -11.67 10.99 -33.02
C ASN E 458 -12.29 9.89 -33.85
N TYR E 459 -12.83 8.85 -33.22
CA TYR E 459 -13.35 7.69 -33.94
C TYR E 459 -14.81 7.47 -33.64
N ASP E 460 -15.49 8.53 -33.22
CA ASP E 460 -16.94 8.61 -33.34
C ASP E 460 -17.35 8.67 -34.81
N ASN E 461 -18.60 8.33 -35.06
CA ASN E 461 -19.19 8.44 -36.37
C ASN E 461 -20.02 9.73 -36.44
N LEU E 462 -19.93 10.43 -37.56
CA LEU E 462 -20.68 11.66 -37.73
C LEU E 462 -22.14 11.44 -38.13
N ARG E 463 -22.49 10.21 -38.48
CA ARG E 463 -23.83 9.85 -38.93
C ARG E 463 -24.59 9.00 -37.92
N HIS E 464 -23.94 8.03 -37.26
CA HIS E 464 -24.59 7.13 -36.30
C HIS E 464 -23.86 7.21 -34.97
N PHE E 465 -24.41 7.94 -33.99
CA PHE E 465 -23.60 8.20 -32.82
C PHE E 465 -24.41 8.08 -31.52
N ALA E 466 -25.39 7.19 -31.47
CA ALA E 466 -26.01 6.81 -30.20
C ALA E 466 -26.64 8.04 -29.57
N LYS E 467 -26.51 8.22 -28.26
CA LYS E 467 -27.20 9.34 -27.65
C LYS E 467 -26.27 10.48 -27.31
N LYS E 468 -25.14 10.51 -28.00
CA LYS E 468 -24.27 11.66 -28.00
C LYS E 468 -24.94 12.80 -28.78
N LEU E 469 -24.69 14.01 -28.30
CA LEU E 469 -25.13 15.25 -28.93
C LEU E 469 -24.05 15.75 -29.89
N ASP E 470 -24.46 16.30 -31.04
CA ASP E 470 -23.54 16.87 -32.03
C ASP E 470 -23.75 18.36 -32.23
N PRO E 471 -22.86 19.22 -31.72
CA PRO E 471 -23.04 20.68 -31.87
C PRO E 471 -22.95 21.19 -33.29
N ARG E 472 -22.51 20.37 -34.24
CA ARG E 472 -22.41 20.82 -35.62
C ARG E 472 -23.74 20.82 -36.35
N ARG E 473 -24.80 20.32 -35.73
CA ARG E 473 -26.08 20.19 -36.41
C ARG E 473 -27.16 20.88 -35.58
N GLU E 474 -28.30 21.14 -36.22
CA GLU E 474 -29.35 21.89 -35.55
C GLU E 474 -30.43 20.97 -35.01
N PRO F 66 71.43 -24.75 19.94
CA PRO F 66 71.02 -24.34 18.60
C PRO F 66 70.92 -22.82 18.52
N SER F 67 70.97 -22.33 17.29
CA SER F 67 70.97 -20.89 17.05
C SER F 67 70.45 -20.64 15.65
N LEU F 68 69.43 -19.78 15.57
CA LEU F 68 68.65 -19.61 14.36
C LEU F 68 69.51 -19.19 13.17
N GLU F 69 70.45 -18.30 13.41
CA GLU F 69 71.32 -17.75 12.39
C GLU F 69 72.33 -18.76 11.85
N ASP F 70 72.86 -19.66 12.68
CA ASP F 70 73.92 -20.48 12.10
C ASP F 70 73.32 -21.72 11.44
N LEU F 71 72.16 -22.17 11.92
CA LEU F 71 71.49 -23.27 11.25
C LEU F 71 71.23 -22.88 9.80
N LEU F 72 70.79 -21.66 9.58
CA LEU F 72 70.78 -21.23 8.20
C LEU F 72 72.19 -20.96 7.68
N PHE F 73 73.12 -20.57 8.55
CA PHE F 73 74.48 -20.39 8.09
C PHE F 73 74.93 -21.68 7.40
N TYR F 74 74.68 -22.83 8.03
CA TYR F 74 75.16 -24.08 7.44
C TYR F 74 74.37 -24.44 6.20
N THR F 75 73.07 -24.10 6.17
CA THR F 75 72.23 -24.33 5.00
C THR F 75 72.90 -23.82 3.74
N ILE F 76 73.40 -22.58 3.80
CA ILE F 76 74.06 -21.99 2.65
C ILE F 76 75.55 -22.29 2.66
N ALA F 77 76.10 -22.65 3.82
CA ALA F 77 77.55 -22.81 3.90
C ALA F 77 78.04 -24.00 3.08
N GLU F 78 77.21 -25.05 2.93
CA GLU F 78 77.55 -26.22 2.10
C GLU F 78 78.63 -27.06 2.76
N GLY F 79 78.74 -26.97 4.08
CA GLY F 79 79.86 -27.53 4.80
C GLY F 79 81.19 -26.83 4.56
N GLN F 80 81.24 -25.80 3.71
CA GLN F 80 82.45 -25.03 3.46
C GLN F 80 82.56 -23.92 4.52
N GLU F 81 83.72 -23.29 4.65
CA GLU F 81 83.78 -22.49 5.88
C GLU F 81 83.24 -21.08 5.83
N LYS F 82 83.43 -20.31 4.79
CA LYS F 82 82.72 -19.05 4.74
C LYS F 82 81.99 -18.90 3.42
N ILE F 83 80.90 -18.14 3.46
CA ILE F 83 80.01 -17.95 2.32
C ILE F 83 80.42 -16.67 1.59
N PRO F 84 80.83 -16.76 0.32
CA PRO F 84 81.02 -15.54 -0.47
C PRO F 84 79.71 -14.75 -0.52
N VAL F 85 79.85 -13.43 -0.62
CA VAL F 85 78.69 -12.57 -0.44
C VAL F 85 77.72 -12.70 -1.60
N HIS F 86 78.24 -12.80 -2.83
CA HIS F 86 77.37 -13.00 -3.99
C HIS F 86 76.65 -14.35 -3.93
N LYS F 87 77.32 -15.38 -3.42
CA LYS F 87 76.66 -16.67 -3.28
C LYS F 87 75.47 -16.56 -2.33
N PHE F 88 75.60 -15.72 -1.30
CA PHE F 88 74.46 -15.46 -0.44
C PHE F 88 73.44 -14.61 -1.17
N ILE F 89 73.91 -13.66 -1.98
CA ILE F 89 73.00 -12.74 -2.66
C ILE F 89 72.20 -13.49 -3.72
N THR F 90 72.85 -14.43 -4.39
CA THR F 90 72.18 -15.18 -5.43
C THR F 90 71.18 -16.17 -4.84
N ALA F 91 71.57 -16.83 -3.75
CA ALA F 91 70.63 -17.67 -3.01
C ALA F 91 69.40 -16.89 -2.58
N LEU F 92 69.60 -15.64 -2.17
CA LEU F 92 68.48 -14.82 -1.73
C LEU F 92 67.56 -14.45 -2.89
N LYS F 93 68.13 -14.00 -4.01
CA LYS F 93 67.30 -13.56 -5.11
C LYS F 93 66.52 -14.72 -5.73
N SER F 94 67.08 -15.92 -5.71
CA SER F 94 66.39 -17.10 -6.22
C SER F 94 65.09 -17.34 -5.47
N THR F 95 65.06 -17.00 -4.17
CA THR F 95 63.81 -17.15 -3.43
C THR F 95 62.69 -16.32 -4.02
N GLY F 96 63.01 -15.38 -4.92
CA GLY F 96 62.05 -14.44 -5.45
C GLY F 96 62.10 -13.11 -4.75
N LEU F 97 62.75 -13.05 -3.59
CA LEU F 97 62.92 -11.80 -2.90
C LEU F 97 63.81 -10.92 -3.74
N ARG F 98 63.58 -9.63 -3.63
CA ARG F 98 64.44 -8.62 -4.19
C ARG F 98 65.29 -8.02 -3.09
N THR F 99 66.53 -7.70 -3.43
CA THR F 99 67.44 -7.24 -2.39
C THR F 99 67.06 -5.86 -1.87
N SER F 100 66.25 -5.14 -2.59
CA SER F 100 65.73 -3.84 -2.17
C SER F 100 64.51 -3.97 -1.29
N ASP F 101 64.12 -5.20 -0.91
CA ASP F 101 62.96 -5.39 -0.06
C ASP F 101 63.04 -4.51 1.19
N PRO F 102 62.04 -3.67 1.43
CA PRO F 102 62.03 -2.87 2.65
C PRO F 102 62.11 -3.69 3.93
N ARG F 103 61.62 -4.92 3.95
CA ARG F 103 61.78 -5.76 5.12
C ARG F 103 63.18 -6.29 5.26
N LEU F 104 64.04 -6.01 4.30
CA LEU F 104 65.42 -6.49 4.26
C LEU F 104 66.44 -5.37 4.38
N LYS F 105 66.01 -4.14 4.66
CA LYS F 105 66.92 -2.99 4.66
C LYS F 105 68.06 -3.18 5.66
N GLU F 106 67.74 -3.55 6.90
CA GLU F 106 68.77 -3.70 7.93
C GLU F 106 69.82 -4.73 7.52
N CYS F 107 69.40 -5.85 6.95
CA CYS F 107 70.36 -6.85 6.50
C CYS F 107 71.24 -6.32 5.36
N MET F 108 70.65 -5.63 4.39
CA MET F 108 71.42 -5.11 3.25
C MET F 108 72.32 -3.96 3.67
N ASP F 109 71.83 -3.11 4.58
CA ASP F 109 72.64 -2.01 5.05
C ASP F 109 73.95 -2.49 5.67
N MET F 110 73.91 -3.61 6.39
CA MET F 110 75.14 -4.11 7.00
C MET F 110 75.99 -4.95 6.07
N LEU F 111 75.43 -5.44 4.96
CA LEU F 111 76.29 -6.07 3.98
C LEU F 111 77.14 -5.04 3.25
N ARG F 112 76.54 -3.92 2.83
CA ARG F 112 77.35 -2.92 2.15
C ARG F 112 78.29 -2.25 3.12
N LEU F 113 77.91 -2.17 4.40
CA LEU F 113 78.83 -1.65 5.40
C LEU F 113 80.05 -2.55 5.52
N THR F 114 79.85 -3.84 5.73
CA THR F 114 81.02 -4.68 5.85
C THR F 114 81.78 -4.80 4.54
N LEU F 115 81.11 -4.58 3.40
CA LEU F 115 81.86 -4.61 2.15
C LEU F 115 82.61 -3.32 1.96
N GLN F 116 82.48 -2.44 2.93
CA GLN F 116 83.27 -1.24 3.08
C GLN F 116 84.35 -1.40 4.13
N THR F 117 83.97 -1.93 5.30
CA THR F 117 84.90 -1.99 6.44
C THR F 117 86.06 -2.93 6.17
N THR F 118 85.82 -4.11 5.60
CA THR F 118 86.99 -4.91 5.24
C THR F 118 86.81 -5.39 3.79
N SER F 119 87.27 -4.55 2.87
CA SER F 119 87.31 -4.76 1.42
C SER F 119 88.27 -5.87 0.97
N ASP F 120 88.81 -6.68 1.87
CA ASP F 120 89.62 -7.83 1.49
C ASP F 120 88.77 -9.07 1.67
N GLY F 121 88.70 -9.89 0.63
CA GLY F 121 87.94 -11.14 0.70
C GLY F 121 86.48 -10.88 1.02
N VAL F 122 85.62 -11.09 0.04
CA VAL F 122 84.23 -10.68 0.18
C VAL F 122 83.41 -11.68 0.99
N MET F 123 84.05 -12.50 1.82
CA MET F 123 83.36 -13.65 2.40
C MET F 123 83.12 -13.51 3.90
N LEU F 124 82.03 -14.13 4.36
CA LEU F 124 81.54 -13.96 5.72
C LEU F 124 81.79 -15.22 6.52
N ASP F 125 82.57 -15.10 7.60
CA ASP F 125 82.64 -16.22 8.54
C ASP F 125 81.28 -16.36 9.21
N LYS F 126 81.17 -17.36 10.08
CA LYS F 126 79.86 -17.68 10.65
C LYS F 126 79.35 -16.63 11.62
N ASP F 127 80.21 -15.85 12.27
CA ASP F 127 79.67 -14.84 13.16
C ASP F 127 79.60 -13.49 12.49
N LEU F 128 80.24 -13.35 11.35
CA LEU F 128 80.03 -12.14 10.57
C LEU F 128 78.75 -12.25 9.74
N PHE F 129 78.47 -13.45 9.25
CA PHE F 129 77.15 -13.71 8.68
C PHE F 129 76.06 -13.41 9.70
N LYS F 130 76.25 -13.85 10.95
CA LYS F 130 75.22 -13.61 11.95
C LYS F 130 75.04 -12.13 12.24
N LYS F 131 76.10 -11.35 12.10
CA LYS F 131 76.01 -9.91 12.35
C LYS F 131 75.03 -9.23 11.40
N CYS F 132 74.91 -9.74 10.17
CA CYS F 132 74.10 -9.09 9.13
C CYS F 132 72.66 -9.57 9.12
N VAL F 133 72.46 -10.88 9.24
CA VAL F 133 71.13 -11.45 9.16
C VAL F 133 70.42 -11.44 10.50
N GLN F 134 71.10 -10.99 11.56
CA GLN F 134 70.49 -10.92 12.89
C GLN F 134 69.10 -10.30 12.83
N SER F 135 68.97 -9.14 12.18
CA SER F 135 67.76 -8.34 12.31
C SER F 135 66.58 -8.93 11.54
N ASN F 136 66.83 -9.47 10.35
CA ASN F 136 65.77 -9.93 9.46
C ASN F 136 65.80 -11.46 9.36
N ILE F 137 66.07 -12.09 10.49
CA ILE F 137 66.39 -13.51 10.52
C ILE F 137 65.16 -14.35 10.20
N VAL F 138 63.98 -13.92 10.67
CA VAL F 138 62.81 -14.77 10.52
C VAL F 138 62.37 -14.81 9.06
N LEU F 139 62.45 -13.68 8.36
CA LEU F 139 62.07 -13.68 6.96
C LEU F 139 63.10 -14.42 6.12
N LEU F 140 64.37 -14.31 6.49
CA LEU F 140 65.40 -15.00 5.73
C LEU F 140 65.27 -16.52 5.86
N THR F 141 64.78 -17.00 6.99
CA THR F 141 64.71 -18.44 7.18
C THR F 141 63.59 -19.04 6.34
N GLN F 142 62.43 -18.38 6.32
CA GLN F 142 61.33 -18.85 5.50
C GLN F 142 61.69 -18.83 4.03
N ALA F 143 62.52 -17.86 3.62
CA ALA F 143 62.98 -17.81 2.23
C ALA F 143 63.87 -19.00 1.90
N PHE F 144 64.75 -19.39 2.83
CA PHE F 144 65.71 -20.45 2.53
C PHE F 144 65.22 -21.83 2.90
N ARG F 145 64.24 -21.94 3.80
CA ARG F 145 63.58 -23.20 4.11
C ARG F 145 62.34 -23.43 3.27
N ARG F 146 62.32 -22.86 2.06
CA ARG F 146 61.18 -22.98 1.15
C ARG F 146 59.82 -22.95 1.84
N LYS F 147 59.56 -21.93 2.63
CA LYS F 147 58.29 -21.75 3.32
C LYS F 147 57.43 -20.67 2.68
N PHE F 148 57.87 -20.11 1.57
CA PHE F 148 57.04 -19.12 0.91
C PHE F 148 55.94 -19.84 0.13
N VAL F 149 54.89 -19.08 -0.19
CA VAL F 149 53.68 -19.68 -0.74
C VAL F 149 53.96 -20.36 -2.07
N ILE F 150 54.93 -19.86 -2.82
CA ILE F 150 55.40 -20.53 -4.03
C ILE F 150 56.84 -20.96 -3.75
N PRO F 151 57.09 -22.22 -3.40
CA PRO F 151 58.43 -22.61 -2.94
C PRO F 151 59.48 -22.51 -4.03
N ASP F 152 59.20 -23.09 -5.20
CA ASP F 152 60.15 -23.06 -6.30
C ASP F 152 59.80 -21.86 -7.18
N PHE F 153 60.23 -20.68 -6.74
CA PHE F 153 59.86 -19.49 -7.48
C PHE F 153 60.53 -19.42 -8.84
N MET F 154 61.69 -20.04 -9.01
CA MET F 154 62.35 -19.83 -10.29
C MET F 154 61.61 -20.50 -11.44
N SER F 155 60.99 -21.66 -11.23
CA SER F 155 60.29 -22.30 -12.34
C SER F 155 58.94 -21.67 -12.58
N PHE F 156 58.30 -21.20 -11.52
CA PHE F 156 57.06 -20.48 -11.70
C PHE F 156 57.25 -19.27 -12.62
N THR F 157 58.35 -18.53 -12.43
CA THR F 157 58.56 -17.36 -13.27
C THR F 157 58.84 -17.74 -14.72
N SER F 158 59.45 -18.90 -14.96
CA SER F 158 59.64 -19.27 -16.36
C SER F 158 58.31 -19.66 -16.99
N HIS F 159 57.36 -20.13 -16.18
CA HIS F 159 56.01 -20.30 -16.70
C HIS F 159 55.38 -18.95 -17.01
N ILE F 160 55.53 -17.98 -16.11
CA ILE F 160 55.07 -16.64 -16.40
C ILE F 160 55.66 -16.15 -17.71
N ASP F 161 56.96 -16.38 -17.88
CA ASP F 161 57.62 -15.94 -19.11
C ASP F 161 56.98 -16.59 -20.33
N GLU F 162 56.72 -17.90 -20.28
CA GLU F 162 56.08 -18.53 -21.43
C GLU F 162 54.66 -18.00 -21.64
N LEU F 163 53.89 -17.86 -20.56
CA LEU F 163 52.54 -17.33 -20.70
C LEU F 163 52.58 -15.94 -21.28
N TYR F 164 53.55 -15.14 -20.82
CA TYR F 164 53.71 -13.79 -21.34
C TYR F 164 53.89 -13.80 -22.85
N GLU F 165 54.77 -14.67 -23.35
CA GLU F 165 55.08 -14.72 -24.78
C GLU F 165 53.95 -15.29 -25.62
N SER F 166 53.11 -16.16 -25.05
CA SER F 166 51.94 -16.59 -25.83
C SER F 166 50.97 -15.45 -25.94
N ALA F 167 50.91 -14.60 -24.92
CA ALA F 167 50.07 -13.42 -25.05
C ALA F 167 50.74 -12.38 -25.95
N LYS F 168 52.07 -12.30 -25.96
CA LYS F 168 52.73 -11.24 -26.71
C LYS F 168 52.43 -11.33 -28.19
N LYS F 169 52.07 -12.50 -28.65
CA LYS F 169 51.80 -12.78 -30.04
C LYS F 169 50.34 -12.48 -30.44
N GLN F 170 49.48 -12.08 -29.50
CA GLN F 170 48.06 -11.79 -29.78
C GLN F 170 47.90 -10.31 -30.06
N SER F 171 48.08 -9.91 -31.31
CA SER F 171 48.30 -8.51 -31.64
C SER F 171 47.04 -7.78 -32.05
N GLY F 172 45.85 -8.34 -31.81
CA GLY F 172 44.63 -7.63 -32.12
C GLY F 172 44.27 -6.52 -31.13
N GLY F 173 43.18 -5.84 -31.43
CA GLY F 173 42.64 -4.79 -30.57
C GLY F 173 42.95 -3.39 -31.06
N LYS F 174 42.32 -2.42 -30.40
CA LYS F 174 42.46 -1.01 -30.73
C LYS F 174 42.65 -0.19 -29.47
N VAL F 175 43.66 0.66 -29.49
CA VAL F 175 43.98 1.49 -28.34
C VAL F 175 42.90 2.52 -28.12
N ALA F 176 42.59 2.79 -26.86
CA ALA F 176 41.61 3.82 -26.58
C ALA F 176 42.11 5.13 -27.13
N ASP F 177 41.34 5.74 -28.01
CA ASP F 177 41.78 6.95 -28.70
C ASP F 177 40.99 8.17 -28.32
N TYR F 178 39.99 8.04 -27.43
CA TYR F 178 39.09 9.17 -27.18
C TYR F 178 39.83 10.45 -26.76
N ILE F 179 40.95 10.32 -26.06
CA ILE F 179 41.81 11.47 -25.81
C ILE F 179 43.17 11.20 -26.44
N PRO F 180 43.89 12.24 -26.89
CA PRO F 180 45.22 12.00 -27.48
C PRO F 180 46.23 11.42 -26.51
N GLN F 181 45.91 11.29 -25.21
CA GLN F 181 46.91 10.82 -24.25
C GLN F 181 47.01 9.31 -24.20
N LEU F 182 45.88 8.60 -24.28
CA LEU F 182 45.99 7.15 -24.38
C LEU F 182 46.25 6.74 -25.81
N ALA F 183 45.79 7.57 -26.76
CA ALA F 183 46.15 7.38 -28.16
C ALA F 183 47.64 7.54 -28.37
N LYS F 184 48.31 8.30 -27.49
CA LYS F 184 49.76 8.43 -27.53
C LYS F 184 50.50 7.10 -27.33
N PHE F 185 49.86 6.11 -26.68
CA PHE F 185 50.52 4.87 -26.28
C PHE F 185 50.63 3.87 -27.43
N SER F 186 51.80 3.22 -27.52
CA SER F 186 52.08 2.28 -28.61
C SER F 186 51.44 0.91 -28.33
N PRO F 187 50.91 0.23 -29.37
CA PRO F 187 50.24 -1.06 -29.15
C PRO F 187 51.18 -2.21 -28.81
N ASP F 188 52.49 -2.07 -28.97
CA ASP F 188 53.41 -3.18 -28.74
C ASP F 188 53.91 -3.23 -27.31
N LEU F 189 53.51 -2.27 -26.48
CA LEU F 189 53.81 -2.35 -25.06
C LEU F 189 52.98 -3.48 -24.45
N TRP F 190 53.64 -4.31 -23.66
CA TRP F 190 52.98 -5.43 -23.02
C TRP F 190 53.89 -5.86 -21.87
N GLY F 191 53.39 -5.75 -20.66
CA GLY F 191 54.16 -6.07 -19.48
C GLY F 191 53.29 -6.76 -18.47
N VAL F 192 53.91 -7.66 -17.72
CA VAL F 192 53.20 -8.35 -16.65
C VAL F 192 54.13 -8.46 -15.44
N SER F 193 53.61 -8.19 -14.23
CA SER F 193 54.42 -8.30 -13.03
C SER F 193 53.72 -9.03 -11.92
N VAL F 194 54.49 -9.81 -11.17
CA VAL F 194 53.96 -10.68 -10.14
C VAL F 194 54.50 -10.23 -8.80
N CYS F 195 53.63 -10.26 -7.80
CA CYS F 195 54.01 -10.05 -6.40
C CYS F 195 53.23 -11.05 -5.57
N THR F 196 53.92 -11.94 -4.84
CA THR F 196 53.20 -12.92 -4.05
C THR F 196 52.78 -12.32 -2.72
N ALA F 197 51.91 -13.04 -2.00
CA ALA F 197 51.57 -12.60 -0.66
C ALA F 197 52.78 -12.65 0.27
N ASP F 198 53.93 -13.15 -0.19
CA ASP F 198 55.13 -13.22 0.63
C ASP F 198 56.23 -12.26 0.17
N GLY F 199 56.00 -11.51 -0.90
CA GLY F 199 56.94 -10.54 -1.43
C GLY F 199 57.82 -11.00 -2.57
N GLN F 200 57.62 -12.19 -3.11
CA GLN F 200 58.42 -12.64 -4.24
C GLN F 200 58.01 -11.90 -5.52
N ARG F 201 58.99 -11.40 -6.27
CA ARG F 201 58.68 -10.57 -7.41
C ARG F 201 59.23 -11.17 -8.69
N HIS F 202 58.56 -10.87 -9.80
CA HIS F 202 59.06 -11.14 -11.14
C HIS F 202 58.38 -10.19 -12.10
N SER F 203 59.13 -9.73 -13.11
CA SER F 203 58.49 -8.96 -14.17
C SER F 203 59.06 -9.38 -15.51
N THR F 204 58.29 -9.10 -16.56
CA THR F 204 58.64 -9.45 -17.92
C THR F 204 57.96 -8.45 -18.85
N GLY F 205 58.72 -7.93 -19.79
CA GLY F 205 58.19 -6.94 -20.70
C GLY F 205 58.28 -5.52 -20.18
N ASP F 206 57.38 -4.66 -20.67
CA ASP F 206 57.43 -3.23 -20.38
C ASP F 206 56.76 -2.96 -19.03
N THR F 207 57.46 -3.37 -17.98
CA THR F 207 56.93 -3.37 -16.63
C THR F 207 57.28 -2.12 -15.85
N LYS F 208 58.12 -1.24 -16.39
CA LYS F 208 58.47 0.00 -15.71
C LYS F 208 57.93 1.24 -16.44
N VAL F 209 56.94 1.06 -17.32
CA VAL F 209 56.30 2.16 -18.03
C VAL F 209 55.08 2.61 -17.25
N PRO F 210 54.96 3.90 -16.95
CA PRO F 210 53.79 4.39 -16.22
C PRO F 210 52.55 4.53 -17.09
N PHE F 211 51.41 4.28 -16.46
CA PHE F 211 50.13 4.43 -17.13
C PHE F 211 49.09 4.69 -16.05
N CYS F 212 47.92 5.16 -16.46
CA CYS F 212 46.93 5.54 -15.49
C CYS F 212 46.11 4.34 -15.10
N LEU F 213 45.59 4.38 -13.89
CA LEU F 213 44.77 3.25 -13.50
C LEU F 213 43.47 3.26 -14.28
N GLN F 214 42.92 4.46 -14.52
CA GLN F 214 41.57 4.65 -15.06
C GLN F 214 40.67 3.83 -14.15
N SER F 215 39.85 2.92 -14.68
CA SER F 215 38.90 2.24 -13.82
C SER F 215 39.53 1.13 -12.99
N CYS F 216 40.83 0.91 -13.11
CA CYS F 216 41.49 0.06 -12.14
C CYS F 216 41.49 0.67 -10.75
N VAL F 217 41.21 1.97 -10.65
CA VAL F 217 41.17 2.58 -9.32
C VAL F 217 39.83 2.35 -8.62
N LYS F 218 38.79 1.94 -9.37
CA LYS F 218 37.48 1.75 -8.75
C LYS F 218 37.51 0.76 -7.60
N PRO F 219 38.13 -0.42 -7.72
CA PRO F 219 38.22 -1.27 -6.52
C PRO F 219 39.06 -0.65 -5.40
N LEU F 220 40.13 0.05 -5.75
CA LEU F 220 41.02 0.60 -4.71
C LEU F 220 40.32 1.65 -3.87
N LYS F 221 39.56 2.54 -4.49
CA LYS F 221 38.91 3.54 -3.66
C LYS F 221 37.71 2.97 -2.91
N TYR F 222 37.02 1.99 -3.49
CA TYR F 222 35.98 1.30 -2.73
C TYR F 222 36.56 0.69 -1.46
N ALA F 223 37.75 0.09 -1.57
CA ALA F 223 38.37 -0.48 -0.38
C ALA F 223 38.57 0.58 0.70
N ILE F 224 39.08 1.75 0.31
CA ILE F 224 39.31 2.84 1.25
C ILE F 224 38.00 3.27 1.90
N ALA F 225 36.93 3.39 1.11
CA ALA F 225 35.64 3.81 1.66
C ALA F 225 35.12 2.82 2.68
N VAL F 226 35.09 1.54 2.33
CA VAL F 226 34.66 0.53 3.28
C VAL F 226 35.61 0.50 4.46
N ASN F 227 36.91 0.59 4.18
CA ASN F 227 37.89 0.60 5.26
C ASN F 227 37.66 1.75 6.22
N ASP F 228 37.32 2.93 5.71
CA ASP F 228 37.13 4.10 6.54
C ASP F 228 35.72 4.24 7.10
N LEU F 229 34.71 3.69 6.41
CA LEU F 229 33.31 3.96 6.76
C LEU F 229 32.49 2.70 7.03
N GLY F 230 32.99 1.53 6.67
CA GLY F 230 32.23 0.32 6.99
C GLY F 230 31.28 -0.08 5.88
N THR F 231 31.00 -1.39 5.81
CA THR F 231 30.11 -1.89 4.75
C THR F 231 28.75 -1.20 4.74
N GLU F 232 28.10 -1.09 5.90
CA GLU F 232 26.69 -0.70 5.92
C GLU F 232 26.51 0.72 5.46
N TYR F 233 27.46 1.60 5.78
CA TYR F 233 27.35 2.97 5.28
C TYR F 233 27.53 3.01 3.77
N VAL F 234 28.64 2.50 3.26
CA VAL F 234 28.91 2.60 1.83
C VAL F 234 27.77 1.98 1.05
N HIS F 235 27.28 0.84 1.51
CA HIS F 235 26.27 0.14 0.75
C HIS F 235 24.87 0.64 1.07
N ARG F 236 24.77 1.69 1.88
CA ARG F 236 23.59 2.52 1.86
C ARG F 236 23.50 3.32 0.58
N TYR F 237 24.63 3.58 -0.08
CA TYR F 237 24.65 4.50 -1.20
C TYR F 237 24.87 3.83 -2.54
N VAL F 238 25.31 2.58 -2.57
CA VAL F 238 25.65 1.89 -3.81
C VAL F 238 25.43 0.39 -3.62
N GLY F 239 24.92 -0.25 -4.66
CA GLY F 239 24.56 -1.65 -4.56
C GLY F 239 25.78 -2.56 -4.54
N LYS F 240 25.49 -3.88 -4.57
CA LYS F 240 26.57 -4.87 -4.51
C LYS F 240 26.37 -6.04 -5.46
N GLU F 241 25.65 -5.86 -6.55
CA GLU F 241 25.43 -6.95 -7.49
C GLU F 241 25.79 -6.47 -8.88
N PRO F 242 26.07 -7.39 -9.80
CA PRO F 242 26.26 -6.99 -11.20
C PRO F 242 24.94 -6.60 -11.82
N SER F 243 25.01 -5.65 -12.75
CA SER F 243 23.83 -5.05 -13.38
C SER F 243 22.81 -6.10 -13.87
N GLY F 244 23.32 -7.17 -14.43
CA GLY F 244 22.65 -8.11 -15.32
C GLY F 244 23.26 -7.60 -16.61
N LEU F 245 23.84 -8.51 -17.40
CA LEU F 245 24.94 -8.04 -18.25
C LEU F 245 24.56 -7.00 -19.32
N ARG F 246 23.29 -6.99 -19.69
CA ARG F 246 22.80 -6.24 -20.82
C ARG F 246 21.95 -5.12 -20.24
N PHE F 247 22.52 -4.48 -19.16
CA PHE F 247 22.02 -3.29 -18.45
C PHE F 247 23.15 -2.32 -18.12
N ASN F 248 24.17 -2.33 -18.96
CA ASN F 248 25.26 -1.37 -18.95
C ASN F 248 24.80 0.05 -19.24
N LYS F 249 23.57 0.23 -19.67
CA LYS F 249 23.11 1.55 -20.01
C LYS F 249 22.39 2.23 -18.87
N LEU F 250 21.95 1.49 -17.87
CA LEU F 250 21.23 2.07 -16.74
C LEU F 250 22.19 2.48 -15.63
N PHE F 251 21.88 3.61 -14.98
CA PHE F 251 22.70 4.10 -13.89
C PHE F 251 22.27 3.51 -12.54
N LEU F 252 20.98 3.29 -12.36
CA LEU F 252 20.43 2.93 -11.06
C LEU F 252 19.70 1.60 -11.17
N ASN F 253 19.70 0.86 -10.06
CA ASN F 253 18.91 -0.34 -9.91
C ASN F 253 17.56 0.08 -9.33
N GLU F 254 16.76 -0.88 -8.85
CA GLU F 254 15.40 -0.51 -8.48
C GLU F 254 15.34 0.33 -7.22
N ASP F 255 16.31 0.21 -6.32
CA ASP F 255 16.29 1.02 -5.11
C ASP F 255 16.92 2.39 -5.34
N ASP F 256 17.15 2.74 -6.61
CA ASP F 256 17.63 4.06 -7.00
C ASP F 256 19.02 4.37 -6.46
N LYS F 257 19.82 3.31 -6.30
CA LYS F 257 21.24 3.27 -6.06
C LYS F 257 21.93 2.67 -7.26
N PRO F 258 23.14 3.11 -7.57
CA PRO F 258 23.92 2.46 -8.65
C PRO F 258 24.12 0.98 -8.36
N HIS F 259 24.42 0.23 -9.41
CA HIS F 259 24.34 -1.22 -9.31
C HIS F 259 25.45 -1.80 -8.43
N ASN F 260 26.66 -1.22 -8.46
CA ASN F 260 27.77 -1.78 -7.72
C ASN F 260 28.95 -0.80 -7.77
N PRO F 261 30.00 -0.97 -6.96
CA PRO F 261 31.10 -0.01 -6.99
C PRO F 261 31.96 -0.04 -8.26
N MET F 262 31.79 -0.98 -9.16
CA MET F 262 32.70 -1.05 -10.30
C MET F 262 32.18 -0.36 -11.54
N VAL F 263 30.95 0.16 -11.52
CA VAL F 263 30.37 0.87 -12.68
C VAL F 263 30.56 2.35 -12.44
N ASN F 264 30.54 3.13 -13.53
CA ASN F 264 30.97 4.52 -13.41
C ASN F 264 30.07 5.28 -12.44
N ALA F 265 28.76 5.06 -12.50
CA ALA F 265 27.87 5.71 -11.54
C ALA F 265 28.18 5.24 -10.13
N GLY F 266 28.52 3.97 -9.96
CA GLY F 266 28.88 3.50 -8.63
C GLY F 266 30.22 4.06 -8.18
N ALA F 267 31.20 4.07 -9.08
CA ALA F 267 32.50 4.62 -8.74
C ALA F 267 32.38 6.07 -8.32
N ILE F 268 31.56 6.84 -9.04
CA ILE F 268 31.36 8.27 -8.75
C ILE F 268 30.72 8.46 -7.39
N VAL F 269 29.66 7.73 -7.10
CA VAL F 269 29.05 7.83 -5.77
C VAL F 269 30.05 7.39 -4.71
N VAL F 270 30.84 6.35 -4.99
CA VAL F 270 31.83 5.94 -4.00
C VAL F 270 32.83 7.07 -3.77
N THR F 271 33.30 7.69 -4.84
CA THR F 271 34.16 8.86 -4.69
C THR F 271 33.54 9.91 -3.79
N SER F 272 32.21 10.02 -3.80
CA SER F 272 31.45 10.97 -3.01
C SER F 272 31.54 10.75 -1.50
N LEU F 273 32.03 9.58 -1.05
CA LEU F 273 32.10 9.25 0.37
C LEU F 273 33.48 9.46 0.98
N ILE F 274 34.52 9.56 0.17
CA ILE F 274 35.89 9.57 0.68
C ILE F 274 36.17 10.90 1.33
N LYS F 275 36.54 10.87 2.61
CA LYS F 275 37.11 12.04 3.27
C LYS F 275 36.22 13.26 3.09
N GLN F 276 34.97 13.10 3.50
CA GLN F 276 34.01 14.18 3.32
C GLN F 276 34.41 15.42 4.12
N GLY F 277 33.97 16.58 3.65
CA GLY F 277 34.19 17.85 4.33
C GLY F 277 35.54 18.50 4.12
N VAL F 278 36.45 17.87 3.41
CA VAL F 278 37.74 18.41 3.07
C VAL F 278 37.71 18.85 1.60
N ASN F 279 38.68 19.68 1.20
CA ASN F 279 38.72 20.15 -0.18
C ASN F 279 39.38 19.09 -1.08
N ASN F 280 39.28 19.32 -2.39
CA ASN F 280 39.71 18.30 -3.36
C ASN F 280 41.22 18.05 -3.34
N ALA F 281 42.02 19.04 -2.96
CA ALA F 281 43.45 18.80 -2.86
C ALA F 281 43.76 17.78 -1.76
N GLU F 282 43.17 17.96 -0.58
CA GLU F 282 43.52 17.09 0.54
C GLU F 282 42.88 15.72 0.43
N LYS F 283 41.69 15.64 -0.18
CA LYS F 283 41.12 14.34 -0.51
C LYS F 283 42.09 13.55 -1.38
N PHE F 284 42.64 14.21 -2.40
CA PHE F 284 43.59 13.56 -3.29
C PHE F 284 44.82 13.07 -2.54
N ASP F 285 45.40 13.93 -1.70
CA ASP F 285 46.57 13.47 -0.99
C ASP F 285 46.21 12.34 -0.03
N TYR F 286 45.02 12.38 0.55
CA TYR F 286 44.60 11.30 1.42
C TYR F 286 44.57 9.97 0.70
N VAL F 287 44.02 9.95 -0.52
CA VAL F 287 43.95 8.71 -1.29
C VAL F 287 45.35 8.27 -1.74
N MET F 288 46.22 9.22 -2.13
CA MET F 288 47.57 8.83 -2.54
C MET F 288 48.38 8.30 -1.37
N GLN F 289 48.24 8.92 -0.19
CA GLN F 289 48.87 8.35 1.00
C GLN F 289 48.39 6.92 1.21
N PHE F 290 47.12 6.68 0.90
CA PHE F 290 46.61 5.32 0.97
C PHE F 290 47.22 4.45 -0.12
N LEU F 291 47.12 4.90 -1.37
CA LEU F 291 47.61 4.12 -2.50
C LEU F 291 49.09 3.83 -2.39
N ASN F 292 49.84 4.75 -1.77
CA ASN F 292 51.26 4.50 -1.56
C ASN F 292 51.50 3.31 -0.64
N LYS F 293 50.74 3.21 0.45
CA LYS F 293 50.92 2.11 1.38
C LYS F 293 50.63 0.76 0.71
N MET F 294 49.57 0.68 -0.08
CA MET F 294 49.25 -0.58 -0.75
C MET F 294 50.38 -1.05 -1.65
N ALA F 295 51.12 -0.12 -2.24
CA ALA F 295 52.19 -0.42 -3.15
C ALA F 295 53.57 -0.42 -2.49
N GLY F 296 53.63 -0.42 -1.16
CA GLY F 296 54.91 -0.46 -0.49
C GLY F 296 55.85 0.65 -0.90
N ASN F 297 55.27 1.82 -1.20
CA ASN F 297 55.98 3.04 -1.55
C ASN F 297 56.72 2.95 -2.88
N GLU F 298 56.28 2.08 -3.79
CA GLU F 298 56.76 2.12 -5.16
C GLU F 298 55.95 3.17 -5.91
N TYR F 299 56.13 3.24 -7.22
CA TYR F 299 55.71 4.41 -7.96
C TYR F 299 54.19 4.55 -7.98
N VAL F 300 53.70 5.64 -7.40
CA VAL F 300 52.34 6.11 -7.61
C VAL F 300 52.44 7.55 -8.06
N GLY F 301 51.91 7.84 -9.23
CA GLY F 301 52.01 9.18 -9.73
C GLY F 301 50.68 9.72 -10.18
N PHE F 302 50.73 10.75 -11.01
CA PHE F 302 49.54 11.44 -11.46
C PHE F 302 49.88 12.17 -12.72
N SER F 303 49.05 12.00 -13.73
CA SER F 303 49.27 12.62 -15.02
C SER F 303 48.27 13.74 -15.17
N ASN F 304 48.76 14.98 -15.13
CA ASN F 304 47.84 16.08 -15.34
C ASN F 304 47.31 16.09 -16.77
N ALA F 305 48.09 15.57 -17.71
CA ALA F 305 47.65 15.52 -19.11
C ALA F 305 46.31 14.82 -19.25
N THR F 306 46.23 13.58 -18.77
CA THR F 306 44.98 12.83 -18.89
C THR F 306 43.87 13.43 -18.04
N PHE F 307 44.20 14.10 -16.93
CA PHE F 307 43.16 14.75 -16.16
C PHE F 307 42.46 15.82 -16.99
N GLN F 308 43.24 16.66 -17.67
CA GLN F 308 42.64 17.75 -18.44
C GLN F 308 41.71 17.20 -19.53
N SER F 309 42.15 16.16 -20.25
CA SER F 309 41.34 15.69 -21.35
C SER F 309 40.12 14.94 -20.87
N GLU F 310 40.24 14.20 -19.77
CA GLU F 310 39.06 13.57 -19.20
C GLU F 310 38.09 14.60 -18.68
N ARG F 311 38.58 15.75 -18.23
CA ARG F 311 37.64 16.74 -17.72
C ARG F 311 36.93 17.46 -18.85
N GLU F 312 37.63 17.75 -19.95
CA GLU F 312 36.94 18.43 -21.05
C GLU F 312 36.19 17.50 -21.96
N SER F 313 36.24 16.21 -21.70
CA SER F 313 35.61 15.25 -22.58
C SER F 313 34.69 14.28 -21.84
N GLY F 314 34.42 14.51 -20.56
CA GLY F 314 33.56 13.61 -19.81
C GLY F 314 32.10 14.00 -19.82
N ASP F 315 31.52 14.25 -21.00
CA ASP F 315 30.08 14.52 -21.09
C ASP F 315 29.26 13.39 -20.48
N ARG F 316 29.66 12.14 -20.74
CA ARG F 316 28.94 10.98 -20.18
C ARG F 316 28.90 11.00 -18.67
N ASN F 317 30.05 11.30 -18.03
CA ASN F 317 30.09 11.36 -16.56
C ASN F 317 29.28 12.52 -16.02
N PHE F 318 29.32 13.66 -16.70
CA PHE F 318 28.47 14.77 -16.29
C PHE F 318 27.00 14.38 -16.39
N ALA F 319 26.64 13.64 -17.43
CA ALA F 319 25.30 13.07 -17.51
C ALA F 319 24.97 12.26 -16.26
N ILE F 320 25.89 11.38 -15.84
CA ILE F 320 25.65 10.58 -14.64
C ILE F 320 25.55 11.48 -13.42
N GLY F 321 26.41 12.49 -13.34
CA GLY F 321 26.46 13.29 -12.13
C GLY F 321 25.15 13.99 -11.83
N TYR F 322 24.58 14.64 -12.84
CA TYR F 322 23.31 15.31 -12.63
C TYR F 322 22.18 14.30 -12.38
N TYR F 323 22.18 13.18 -13.11
CA TYR F 323 21.18 12.17 -12.86
C TYR F 323 21.20 11.76 -11.40
N LEU F 324 22.41 11.56 -10.85
CA LEU F 324 22.56 11.18 -9.46
C LEU F 324 22.09 12.27 -8.53
N LYS F 325 22.36 13.53 -8.88
CA LYS F 325 21.85 14.60 -8.04
C LYS F 325 20.32 14.61 -8.03
N GLU F 326 19.68 14.44 -9.19
CA GLU F 326 18.22 14.51 -9.23
C GLU F 326 17.58 13.41 -8.39
N LYS F 327 18.12 12.17 -8.49
CA LYS F 327 17.53 11.09 -7.74
C LYS F 327 18.24 10.89 -6.41
N LYS F 328 18.92 11.93 -5.93
CA LYS F 328 19.42 12.13 -4.55
C LYS F 328 20.24 10.97 -3.99
N CYS F 329 21.29 10.60 -4.74
CA CYS F 329 22.13 9.47 -4.41
C CYS F 329 23.45 9.83 -3.73
N PHE F 330 23.78 11.11 -3.59
CA PHE F 330 24.98 11.53 -2.90
C PHE F 330 24.66 11.82 -1.45
N PRO F 331 25.67 11.77 -0.58
CA PRO F 331 25.47 12.22 0.79
C PRO F 331 25.11 13.69 0.84
N GLU F 332 24.44 14.10 1.92
CA GLU F 332 23.98 15.47 2.03
C GLU F 332 25.16 16.42 2.08
N GLY F 333 25.00 17.58 1.47
CA GLY F 333 26.11 18.50 1.38
C GLY F 333 27.13 18.17 0.32
N THR F 334 26.76 17.36 -0.67
CA THR F 334 27.69 16.99 -1.73
C THR F 334 27.77 18.06 -2.82
N ASP F 335 28.99 18.47 -3.17
CA ASP F 335 29.22 19.35 -4.32
C ASP F 335 29.48 18.47 -5.54
N MET F 336 28.40 18.15 -6.28
CA MET F 336 28.47 17.14 -7.33
C MET F 336 29.44 17.50 -8.44
N VAL F 337 29.48 18.76 -8.85
CA VAL F 337 30.37 19.06 -9.96
C VAL F 337 31.82 19.03 -9.48
N GLY F 338 32.05 19.30 -8.20
CA GLY F 338 33.39 19.12 -7.65
C GLY F 338 33.78 17.67 -7.49
N ILE F 339 32.83 16.83 -7.09
CA ILE F 339 33.10 15.40 -6.97
C ILE F 339 33.55 14.84 -8.31
N LEU F 340 32.93 15.32 -9.40
CA LEU F 340 33.32 14.85 -10.73
C LEU F 340 34.77 15.16 -11.01
N ASP F 341 35.19 16.38 -10.67
CA ASP F 341 36.59 16.77 -10.80
C ASP F 341 37.49 15.82 -10.02
N PHE F 342 37.15 15.56 -8.75
CA PHE F 342 37.89 14.58 -7.96
C PHE F 342 37.88 13.23 -8.66
N TYR F 343 36.72 12.80 -9.16
CA TYR F 343 36.63 11.51 -9.85
C TYR F 343 37.56 11.48 -11.06
N PHE F 344 37.54 12.53 -11.88
CA PHE F 344 38.47 12.58 -13.01
C PHE F 344 39.93 12.48 -12.55
N GLN F 345 40.28 13.13 -11.44
CA GLN F 345 41.65 13.07 -10.95
C GLN F 345 42.05 11.64 -10.64
N LEU F 346 41.21 10.92 -9.87
CA LEU F 346 41.52 9.56 -9.45
C LEU F 346 41.79 8.63 -10.64
N CYS F 347 41.15 8.86 -11.78
CA CYS F 347 41.37 8.04 -12.95
C CYS F 347 42.69 8.36 -13.67
N SER F 348 43.34 9.46 -13.30
CA SER F 348 44.59 9.83 -13.94
C SER F 348 45.79 9.54 -13.05
N ILE F 349 45.60 8.80 -11.96
CA ILE F 349 46.72 8.36 -11.16
C ILE F 349 47.54 7.34 -11.94
N GLU F 350 48.85 7.48 -11.89
CA GLU F 350 49.71 6.62 -12.69
C GLU F 350 50.34 5.57 -11.82
N VAL F 351 50.55 4.39 -12.42
CA VAL F 351 51.30 3.30 -11.84
C VAL F 351 52.14 2.69 -12.94
N THR F 352 53.08 1.86 -12.55
CA THR F 352 53.74 0.95 -13.48
C THR F 352 53.18 -0.43 -13.24
N CYS F 353 53.60 -1.40 -14.05
CA CYS F 353 53.14 -2.75 -13.77
C CYS F 353 53.69 -3.27 -12.47
N GLU F 354 54.92 -2.86 -12.13
CA GLU F 354 55.53 -3.33 -10.89
C GLU F 354 54.83 -2.75 -9.68
N SER F 355 54.69 -1.43 -9.64
CA SER F 355 54.08 -0.83 -8.46
C SER F 355 52.64 -1.33 -8.25
N ALA F 356 51.86 -1.45 -9.32
CA ALA F 356 50.47 -1.89 -9.13
C ALA F 356 50.39 -3.34 -8.70
N SER F 357 51.34 -4.17 -9.16
CA SER F 357 51.33 -5.57 -8.77
C SER F 357 51.41 -5.72 -7.26
N VAL F 358 52.04 -4.77 -6.57
CA VAL F 358 52.08 -4.82 -5.12
C VAL F 358 50.73 -4.45 -4.53
N MET F 359 50.03 -3.50 -5.15
CA MET F 359 48.68 -3.20 -4.70
C MET F 359 47.80 -4.44 -4.77
N ALA F 360 47.80 -5.11 -5.93
CA ALA F 360 47.03 -6.35 -6.09
C ALA F 360 47.39 -7.37 -5.03
N ALA F 361 48.67 -7.47 -4.69
CA ALA F 361 49.09 -8.41 -3.67
C ALA F 361 48.60 -8.00 -2.28
N THR F 362 48.44 -6.69 -2.01
CA THR F 362 47.85 -6.27 -0.74
C THR F 362 46.44 -6.84 -0.57
N LEU F 363 45.67 -6.85 -1.66
CA LEU F 363 44.35 -7.48 -1.60
C LEU F 363 44.47 -8.99 -1.50
N ALA F 364 45.45 -9.57 -2.19
CA ALA F 364 45.70 -11.00 -2.08
C ALA F 364 46.13 -11.38 -0.68
N ASN F 365 46.55 -10.42 0.14
CA ASN F 365 47.16 -10.72 1.42
C ASN F 365 46.29 -10.26 2.58
N GLY F 366 44.97 -10.26 2.40
CA GLY F 366 44.11 -9.86 3.51
C GLY F 366 44.27 -8.42 3.97
N GLY F 367 44.87 -7.55 3.15
CA GLY F 367 45.03 -6.16 3.49
C GLY F 367 46.42 -5.76 3.98
N PHE F 368 47.35 -6.70 4.09
CA PHE F 368 48.71 -6.39 4.49
C PHE F 368 49.62 -6.23 3.29
N CYS F 369 50.33 -5.11 3.21
CA CYS F 369 51.23 -4.89 2.08
C CYS F 369 52.37 -5.89 2.18
N PRO F 370 52.52 -6.79 1.22
CA PRO F 370 53.44 -7.91 1.41
C PRO F 370 54.90 -7.52 1.43
N ILE F 371 55.27 -6.37 0.89
CA ILE F 371 56.68 -6.02 0.94
C ILE F 371 57.01 -5.11 2.10
N THR F 372 56.03 -4.71 2.90
CA THR F 372 56.37 -3.94 4.09
C THR F 372 55.84 -4.49 5.40
N GLY F 373 54.80 -5.32 5.39
CA GLY F 373 54.17 -5.74 6.63
C GLY F 373 53.20 -4.74 7.23
N GLU F 374 52.99 -3.61 6.57
CA GLU F 374 51.97 -2.66 6.99
C GLU F 374 50.55 -3.17 6.78
N ARG F 375 49.70 -3.01 7.80
CA ARG F 375 48.26 -3.22 7.59
C ARG F 375 47.69 -1.99 6.89
N VAL F 376 47.19 -2.19 5.67
CA VAL F 376 46.69 -1.10 4.87
C VAL F 376 45.17 -1.08 4.76
N LEU F 377 44.51 -2.24 4.83
CA LEU F 377 43.06 -2.29 4.70
C LEU F 377 42.47 -3.29 5.67
N SER F 378 41.24 -3.00 6.12
CA SER F 378 40.52 -3.94 6.97
C SER F 378 40.15 -5.19 6.18
N PRO F 379 40.08 -6.34 6.84
CA PRO F 379 39.72 -7.57 6.10
C PRO F 379 38.36 -7.45 5.47
N GLU F 380 37.46 -6.72 6.13
CA GLU F 380 36.12 -6.44 5.59
C GLU F 380 36.20 -5.67 4.28
N ALA F 381 37.14 -4.72 4.18
CA ALA F 381 37.30 -4.00 2.92
C ALA F 381 37.85 -4.90 1.83
N VAL F 382 38.82 -5.76 2.15
CA VAL F 382 39.41 -6.54 1.08
C VAL F 382 38.47 -7.64 0.63
N ARG F 383 37.69 -8.20 1.55
CA ARG F 383 36.74 -9.22 1.14
C ARG F 383 35.69 -8.62 0.21
N ASN F 384 35.10 -7.50 0.64
CA ASN F 384 34.08 -6.86 -0.17
C ASN F 384 34.62 -6.51 -1.55
N THR F 385 35.83 -5.96 -1.62
CA THR F 385 36.39 -5.57 -2.90
C THR F 385 36.63 -6.78 -3.78
N LEU F 386 37.18 -7.84 -3.24
CA LEU F 386 37.38 -9.02 -4.06
C LEU F 386 36.04 -9.58 -4.52
N SER F 387 35.03 -9.57 -3.65
CA SER F 387 33.74 -10.12 -4.08
C SER F 387 33.21 -9.37 -5.30
N LEU F 388 33.37 -8.05 -5.32
CA LEU F 388 32.78 -7.28 -6.41
C LEU F 388 33.68 -7.25 -7.64
N MET F 389 34.99 -7.43 -7.47
CA MET F 389 35.82 -7.69 -8.64
C MET F 389 35.47 -9.01 -9.32
N HIS F 390 35.09 -10.02 -8.53
CA HIS F 390 34.74 -11.32 -9.11
C HIS F 390 33.74 -11.15 -10.23
N SER F 391 32.60 -10.53 -9.90
CA SER F 391 31.40 -10.52 -10.73
C SER F 391 31.19 -9.27 -11.57
N CYS F 392 31.83 -8.14 -11.22
CA CYS F 392 31.57 -6.89 -11.92
C CYS F 392 32.86 -6.23 -12.38
N GLY F 393 33.94 -6.98 -12.53
CA GLY F 393 35.20 -6.31 -12.70
C GLY F 393 35.64 -6.05 -14.12
N MET F 394 34.99 -6.64 -15.11
CA MET F 394 35.57 -6.59 -16.45
C MET F 394 34.57 -6.10 -17.48
N TYR F 395 33.74 -5.14 -17.11
CA TYR F 395 32.78 -4.55 -18.06
C TYR F 395 31.84 -5.67 -18.50
N ASP F 396 31.44 -5.74 -19.77
CA ASP F 396 30.54 -6.81 -20.19
C ASP F 396 31.19 -8.20 -20.14
N PHE F 397 32.47 -8.29 -19.88
CA PHE F 397 33.03 -9.62 -19.88
C PHE F 397 32.99 -10.29 -18.53
N SER F 398 32.37 -9.66 -17.53
CA SER F 398 32.55 -10.16 -16.18
C SER F 398 31.91 -11.53 -15.98
N GLY F 399 30.78 -11.78 -16.61
CA GLY F 399 30.19 -13.11 -16.48
C GLY F 399 31.09 -14.18 -17.07
N GLN F 400 31.54 -13.96 -18.31
CA GLN F 400 32.40 -14.92 -18.98
C GLN F 400 33.73 -15.03 -18.28
N PHE F 401 34.22 -13.91 -17.76
CA PHE F 401 35.47 -13.90 -17.04
C PHE F 401 35.36 -14.61 -15.70
N ALA F 402 34.26 -14.39 -14.97
CA ALA F 402 34.11 -15.11 -13.71
C ALA F 402 34.04 -16.62 -13.96
N PHE F 403 33.40 -17.02 -15.05
CA PHE F 403 33.26 -18.44 -15.34
C PHE F 403 34.59 -19.08 -15.73
N HIS F 404 35.26 -18.53 -16.74
CA HIS F 404 36.41 -19.20 -17.34
C HIS F 404 37.70 -18.97 -16.57
N VAL F 405 37.90 -17.77 -16.06
CA VAL F 405 39.09 -17.43 -15.28
C VAL F 405 38.84 -17.58 -13.79
N GLY F 406 37.71 -17.10 -13.28
CA GLY F 406 37.46 -17.26 -11.88
C GLY F 406 38.45 -16.58 -10.96
N LEU F 407 38.99 -15.42 -11.36
CA LEU F 407 39.81 -14.63 -10.44
C LEU F 407 39.29 -13.23 -10.29
N PRO F 408 39.38 -12.65 -9.11
CA PRO F 408 39.00 -11.24 -8.97
C PRO F 408 39.92 -10.41 -9.86
N ALA F 409 39.33 -9.63 -10.74
CA ALA F 409 40.15 -8.78 -11.57
C ALA F 409 39.43 -7.48 -11.86
N LYS F 410 40.19 -6.46 -12.24
CA LYS F 410 39.65 -5.19 -12.69
C LYS F 410 40.44 -4.72 -13.90
N SER F 411 39.73 -4.29 -14.93
CA SER F 411 40.35 -3.81 -16.16
C SER F 411 40.17 -2.31 -16.26
N GLY F 412 41.01 -1.70 -17.08
CA GLY F 412 40.93 -0.28 -17.36
C GLY F 412 41.26 0.00 -18.81
N VAL F 413 40.88 1.20 -19.26
CA VAL F 413 40.97 1.55 -20.67
C VAL F 413 42.38 1.90 -21.09
N ALA F 414 43.28 2.17 -20.16
CA ALA F 414 44.68 2.33 -20.54
C ALA F 414 45.32 1.01 -20.94
N GLY F 415 44.62 -0.11 -20.76
CA GLY F 415 45.14 -1.42 -21.04
C GLY F 415 45.53 -2.23 -19.82
N GLY F 416 45.17 -1.77 -18.62
CA GLY F 416 45.56 -2.46 -17.41
C GLY F 416 44.54 -3.47 -16.98
N ILE F 417 45.02 -4.53 -16.34
CA ILE F 417 44.13 -5.50 -15.68
C ILE F 417 44.72 -5.87 -14.32
N LEU F 418 44.04 -5.47 -13.27
CA LEU F 418 44.50 -5.74 -11.91
C LEU F 418 43.94 -7.10 -11.50
N LEU F 419 44.83 -8.05 -11.24
CA LEU F 419 44.43 -9.43 -11.01
C LEU F 419 44.84 -9.90 -9.62
N VAL F 420 43.97 -10.61 -8.94
CA VAL F 420 44.28 -11.12 -7.61
C VAL F 420 44.06 -12.62 -7.59
N VAL F 421 45.05 -13.35 -7.13
CA VAL F 421 44.87 -14.74 -6.76
C VAL F 421 44.86 -14.78 -5.24
N PRO F 422 43.70 -14.82 -4.61
CA PRO F 422 43.64 -14.77 -3.14
C PRO F 422 44.51 -15.82 -2.47
N ASN F 423 45.22 -15.40 -1.44
CA ASN F 423 46.15 -16.16 -0.62
C ASN F 423 47.40 -16.58 -1.38
N VAL F 424 47.57 -16.13 -2.62
CA VAL F 424 48.74 -16.51 -3.41
C VAL F 424 49.50 -15.27 -3.86
N MET F 425 48.90 -14.44 -4.71
CA MET F 425 49.66 -13.34 -5.30
C MET F 425 48.73 -12.32 -5.90
N GLY F 426 49.32 -11.16 -6.24
CA GLY F 426 48.68 -10.11 -7.01
C GLY F 426 49.45 -9.87 -8.30
N MET F 427 48.80 -9.31 -9.33
CA MET F 427 49.43 -9.10 -10.62
C MET F 427 48.88 -7.84 -11.26
N MET F 428 49.65 -7.29 -12.20
CA MET F 428 49.14 -6.26 -13.10
C MET F 428 49.62 -6.57 -14.49
N CYS F 429 48.70 -6.62 -15.44
CA CYS F 429 49.00 -6.77 -16.86
C CYS F 429 48.67 -5.49 -17.59
N TRP F 430 49.44 -5.20 -18.62
CA TRP F 430 49.23 -3.92 -19.28
C TRP F 430 49.52 -4.05 -20.77
N SER F 431 48.49 -3.84 -21.58
CA SER F 431 48.69 -3.63 -23.01
C SER F 431 47.57 -2.71 -23.46
N PRO F 432 47.88 -1.59 -24.07
CA PRO F 432 46.85 -0.57 -24.36
C PRO F 432 45.76 -1.04 -25.32
N PRO F 433 46.05 -1.88 -26.33
CA PRO F 433 44.98 -2.25 -27.29
C PRO F 433 43.86 -3.02 -26.61
N LEU F 434 42.65 -2.48 -26.72
CA LEU F 434 41.47 -3.09 -26.14
C LEU F 434 40.68 -3.93 -27.16
N ASP F 435 39.92 -4.88 -26.64
CA ASP F 435 38.98 -5.57 -27.50
C ASP F 435 37.70 -4.75 -27.45
N LYS F 436 36.64 -5.17 -28.13
CA LYS F 436 35.56 -4.20 -28.21
C LYS F 436 34.68 -4.20 -26.97
N MET F 437 35.02 -4.97 -25.96
CA MET F 437 34.32 -4.85 -24.71
C MET F 437 35.05 -3.96 -23.72
N GLY F 438 36.27 -3.53 -24.06
CA GLY F 438 37.05 -2.57 -23.28
C GLY F 438 38.24 -3.13 -22.52
N ASN F 439 38.54 -4.42 -22.65
CA ASN F 439 39.62 -5.05 -21.89
C ASN F 439 40.84 -5.28 -22.77
N SER F 440 42.02 -5.05 -22.19
CA SER F 440 43.28 -5.29 -22.87
C SER F 440 43.29 -6.67 -23.53
N VAL F 441 43.57 -6.70 -24.83
CA VAL F 441 43.55 -7.97 -25.54
C VAL F 441 44.55 -8.94 -24.94
N LYS F 442 45.82 -8.54 -24.88
CA LYS F 442 46.84 -9.42 -24.32
C LYS F 442 46.52 -9.79 -22.87
N GLY F 443 46.02 -8.82 -22.10
CA GLY F 443 45.68 -9.11 -20.73
C GLY F 443 44.73 -10.28 -20.61
N ILE F 444 43.63 -10.24 -21.35
CA ILE F 444 42.64 -11.30 -21.23
C ILE F 444 43.24 -12.63 -21.66
N HIS F 445 44.03 -12.62 -22.72
CA HIS F 445 44.65 -13.86 -23.18
C HIS F 445 45.57 -14.46 -22.11
N PHE F 446 46.31 -13.61 -21.41
CA PHE F 446 47.19 -14.08 -20.36
C PHE F 446 46.40 -14.75 -19.24
N CYS F 447 45.23 -14.21 -18.87
CA CYS F 447 44.57 -14.74 -17.67
C CYS F 447 43.85 -16.04 -17.94
N HIS F 448 43.35 -16.24 -19.17
CA HIS F 448 42.94 -17.56 -19.60
C HIS F 448 44.11 -18.55 -19.62
N ASP F 449 45.24 -18.17 -20.21
CA ASP F 449 46.41 -19.03 -20.20
C ASP F 449 46.84 -19.35 -18.78
N LEU F 450 46.75 -18.37 -17.88
CA LEU F 450 47.17 -18.57 -16.49
C LEU F 450 46.30 -19.63 -15.81
N VAL F 451 44.99 -19.49 -15.87
CA VAL F 451 44.17 -20.44 -15.12
C VAL F 451 44.13 -21.82 -15.82
N SER F 452 44.29 -21.88 -17.14
CA SER F 452 44.33 -23.20 -17.77
C SER F 452 45.56 -23.96 -17.36
N LEU F 453 46.64 -23.24 -17.02
CA LEU F 453 47.88 -23.84 -16.57
C LEU F 453 47.90 -24.16 -15.07
N CYS F 454 47.38 -23.28 -14.22
CA CYS F 454 47.49 -23.49 -12.79
C CYS F 454 46.13 -23.62 -12.15
N ASN F 455 46.11 -24.25 -10.98
CA ASN F 455 44.83 -24.49 -10.31
C ASN F 455 44.46 -23.27 -9.48
N PHE F 456 44.49 -22.10 -10.07
CA PHE F 456 44.13 -20.89 -9.34
C PHE F 456 42.68 -20.48 -9.47
N HIS F 457 41.92 -21.11 -10.38
CA HIS F 457 40.51 -20.80 -10.50
C HIS F 457 39.88 -20.86 -9.13
N ASN F 458 39.01 -19.89 -8.87
CA ASN F 458 38.35 -19.81 -7.57
C ASN F 458 37.73 -21.14 -7.15
N TYR F 459 37.41 -22.01 -8.11
CA TYR F 459 36.75 -23.27 -7.82
C TYR F 459 37.51 -24.46 -8.44
N ASP F 460 38.79 -24.31 -8.73
CA ASP F 460 39.57 -25.51 -8.87
C ASP F 460 39.64 -26.16 -7.50
N ASN F 461 39.97 -27.43 -7.46
CA ASN F 461 40.21 -28.11 -6.20
C ASN F 461 41.71 -28.13 -5.92
N LEU F 462 42.08 -27.96 -4.66
CA LEU F 462 43.49 -27.98 -4.28
C LEU F 462 44.05 -29.39 -4.15
N ARG F 463 43.21 -30.42 -4.18
CA ARG F 463 43.64 -31.80 -4.02
C ARG F 463 43.54 -32.59 -5.31
N HIS F 464 42.46 -32.44 -6.07
CA HIS F 464 42.28 -33.15 -7.33
C HIS F 464 42.07 -32.13 -8.44
N PHE F 465 43.09 -31.93 -9.28
CA PHE F 465 43.00 -30.87 -10.27
C PHE F 465 43.56 -31.29 -11.63
N ALA F 466 43.45 -32.57 -11.98
CA ALA F 466 43.68 -33.04 -13.36
C ALA F 466 45.13 -32.72 -13.76
N LYS F 467 45.35 -32.20 -14.97
CA LYS F 467 46.69 -31.97 -15.48
C LYS F 467 47.15 -30.54 -15.26
N LYS F 468 46.44 -29.79 -14.43
CA LYS F 468 46.90 -28.47 -14.04
C LYS F 468 48.09 -28.58 -13.10
N LEU F 469 48.95 -27.58 -13.14
CA LEU F 469 50.10 -27.45 -12.26
C LEU F 469 49.70 -26.67 -11.00
N ASP F 470 50.24 -27.06 -9.84
CA ASP F 470 50.01 -26.32 -8.59
C ASP F 470 51.30 -25.72 -8.07
N PRO F 471 51.55 -24.42 -8.30
CA PRO F 471 52.82 -23.82 -7.87
C PRO F 471 52.98 -23.72 -6.37
N ARG F 472 51.92 -23.92 -5.58
CA ARG F 472 52.05 -23.88 -4.14
C ARG F 472 52.70 -25.12 -3.58
N ARG F 473 53.02 -26.09 -4.45
CA ARG F 473 53.49 -27.41 -4.09
C ARG F 473 54.88 -27.64 -4.66
N GLU F 474 55.49 -28.73 -4.20
CA GLU F 474 56.90 -29.05 -4.47
C GLU F 474 57.12 -29.99 -5.65
N GLY F 475 56.80 -31.27 -5.49
CA GLY F 475 57.06 -32.27 -6.50
C GLY F 475 56.00 -33.36 -6.56
N PRO G 66 60.59 -50.44 12.00
CA PRO G 66 59.41 -49.58 12.19
C PRO G 66 58.16 -50.13 11.48
N SER G 67 56.96 -49.72 11.91
CA SER G 67 55.72 -50.22 11.32
C SER G 67 54.52 -49.34 11.69
N LEU G 68 53.88 -48.74 10.69
CA LEU G 68 52.82 -47.77 10.99
C LEU G 68 51.59 -48.42 11.62
N GLU G 69 51.35 -49.71 11.37
CA GLU G 69 50.18 -50.37 11.97
C GLU G 69 50.28 -50.43 13.50
N ASP G 70 51.45 -50.74 14.03
CA ASP G 70 51.59 -50.80 15.48
C ASP G 70 52.09 -49.50 16.09
N LEU G 71 52.74 -48.62 15.29
CA LEU G 71 52.99 -47.29 15.83
C LEU G 71 51.69 -46.66 16.26
N LEU G 72 50.63 -46.87 15.48
CA LEU G 72 49.31 -46.41 15.87
C LEU G 72 48.72 -47.24 16.98
N PHE G 73 49.15 -48.52 17.09
CA PHE G 73 48.69 -49.32 18.20
C PHE G 73 49.01 -48.63 19.51
N TYR G 74 50.26 -48.18 19.67
CA TYR G 74 50.65 -47.54 20.92
C TYR G 74 50.00 -46.18 21.08
N THR G 75 49.76 -45.48 19.96
CA THR G 75 49.05 -44.19 19.98
C THR G 75 47.74 -44.30 20.75
N ILE G 76 46.95 -45.34 20.47
CA ILE G 76 45.72 -45.58 21.20
C ILE G 76 45.99 -46.51 22.40
N ALA G 77 47.10 -47.24 22.40
CA ALA G 77 47.33 -48.33 23.35
C ALA G 77 47.40 -47.85 24.79
N GLU G 78 47.68 -46.57 25.04
CA GLU G 78 47.69 -46.01 26.39
C GLU G 78 48.94 -46.40 27.17
N GLY G 79 49.99 -46.87 26.50
CA GLY G 79 51.06 -47.54 27.19
C GLY G 79 50.71 -48.89 27.77
N GLN G 80 49.45 -49.33 27.68
CA GLN G 80 48.96 -50.62 28.16
C GLN G 80 49.04 -51.66 27.04
N GLU G 81 48.91 -52.92 27.40
CA GLU G 81 49.11 -54.05 26.49
C GLU G 81 47.91 -54.29 25.56
N LYS G 82 46.68 -54.12 26.05
CA LYS G 82 45.55 -54.31 25.17
C LYS G 82 44.59 -53.14 25.16
N ILE G 83 43.99 -52.93 24.00
CA ILE G 83 43.00 -51.88 23.71
C ILE G 83 41.65 -52.51 23.70
N PRO G 84 40.74 -52.19 24.61
CA PRO G 84 39.36 -52.64 24.49
C PRO G 84 38.78 -52.13 23.19
N VAL G 85 37.89 -52.92 22.60
CA VAL G 85 37.47 -52.61 21.24
C VAL G 85 36.63 -51.35 21.20
N HIS G 86 35.80 -51.12 22.23
CA HIS G 86 35.03 -49.90 22.25
C HIS G 86 35.93 -48.68 22.27
N LYS G 87 37.04 -48.75 23.00
CA LYS G 87 37.95 -47.62 23.05
C LYS G 87 38.52 -47.32 21.68
N PHE G 88 38.69 -48.34 20.85
CA PHE G 88 39.10 -48.06 19.49
C PHE G 88 38.00 -47.36 18.71
N ILE G 89 36.75 -47.83 18.83
CA ILE G 89 35.67 -47.21 18.05
C ILE G 89 35.33 -45.84 18.61
N THR G 90 35.45 -45.65 19.92
CA THR G 90 35.20 -44.33 20.47
C THR G 90 36.29 -43.36 20.06
N ALA G 91 37.54 -43.83 20.06
CA ALA G 91 38.62 -43.07 19.45
C ALA G 91 38.33 -42.79 17.98
N LEU G 92 37.75 -43.76 17.28
CA LEU G 92 37.48 -43.58 15.86
C LEU G 92 36.39 -42.55 15.65
N LYS G 93 35.31 -42.66 16.42
CA LYS G 93 34.26 -41.67 16.24
C LYS G 93 34.73 -40.28 16.63
N SER G 94 35.77 -40.18 17.46
CA SER G 94 36.34 -38.88 17.81
C SER G 94 36.84 -38.13 16.58
N THR G 95 37.40 -38.85 15.60
CA THR G 95 37.87 -38.22 14.38
C THR G 95 36.75 -37.60 13.55
N GLY G 96 35.51 -38.04 13.77
CA GLY G 96 34.39 -37.66 12.93
C GLY G 96 33.99 -38.73 11.93
N LEU G 97 34.84 -39.74 11.73
CA LEU G 97 34.45 -40.84 10.90
C LEU G 97 33.33 -41.63 11.58
N ARG G 98 32.47 -42.21 10.76
CA ARG G 98 31.43 -43.12 11.22
C ARG G 98 31.87 -44.53 10.89
N THR G 99 31.55 -45.46 11.79
CA THR G 99 32.03 -46.83 11.60
C THR G 99 31.42 -47.49 10.38
N SER G 100 30.33 -46.93 9.86
CA SER G 100 29.73 -47.43 8.66
C SER G 100 30.42 -46.91 7.40
N ASP G 101 31.52 -46.17 7.54
CA ASP G 101 32.25 -45.66 6.39
C ASP G 101 32.62 -46.78 5.42
N PRO G 102 32.27 -46.65 4.15
CA PRO G 102 32.68 -47.65 3.15
C PRO G 102 34.18 -47.90 3.07
N ARG G 103 35.00 -46.90 3.33
CA ARG G 103 36.44 -47.12 3.24
C ARG G 103 36.99 -47.91 4.42
N LEU G 104 36.13 -48.24 5.37
CA LEU G 104 36.50 -48.94 6.59
C LEU G 104 35.89 -50.32 6.67
N LYS G 105 35.19 -50.77 5.62
CA LYS G 105 34.45 -52.03 5.68
C LYS G 105 35.38 -53.19 6.00
N GLU G 106 36.50 -53.28 5.27
CA GLU G 106 37.42 -54.38 5.46
C GLU G 106 37.90 -54.42 6.92
N CYS G 107 38.18 -53.26 7.51
CA CYS G 107 38.53 -53.20 8.93
C CYS G 107 37.36 -53.59 9.81
N MET G 108 36.16 -53.08 9.52
CA MET G 108 35.03 -53.39 10.37
C MET G 108 34.63 -54.84 10.20
N ASP G 109 34.75 -55.36 8.98
CA ASP G 109 34.48 -56.77 8.75
C ASP G 109 35.43 -57.63 9.57
N MET G 110 36.67 -57.17 9.73
CA MET G 110 37.62 -57.92 10.53
C MET G 110 37.41 -57.67 12.02
N LEU G 111 36.74 -56.58 12.38
CA LEU G 111 36.25 -56.43 13.74
C LEU G 111 35.04 -57.31 13.97
N ARG G 112 34.14 -57.35 13.00
CA ARG G 112 32.95 -58.17 13.13
C ARG G 112 33.32 -59.64 13.19
N LEU G 113 34.41 -60.02 12.53
CA LEU G 113 34.90 -61.39 12.63
C LEU G 113 35.45 -61.69 14.03
N THR G 114 36.33 -60.83 14.57
CA THR G 114 36.93 -61.15 15.86
C THR G 114 35.98 -61.03 17.06
N LEU G 115 34.92 -60.22 16.99
CA LEU G 115 33.98 -60.13 18.12
C LEU G 115 32.95 -61.24 18.09
N GLN G 116 33.13 -62.14 17.14
CA GLN G 116 32.44 -63.38 16.85
C GLN G 116 33.21 -64.63 17.34
N THR G 117 34.53 -64.53 17.56
CA THR G 117 35.39 -65.65 18.01
C THR G 117 34.94 -66.11 19.40
N THR G 118 35.43 -65.50 20.46
CA THR G 118 34.94 -65.72 21.82
C THR G 118 34.54 -64.43 22.50
N SER G 119 33.38 -64.51 23.14
CA SER G 119 32.68 -63.44 23.82
C SER G 119 33.49 -62.79 24.98
N ASP G 120 34.46 -63.51 25.59
CA ASP G 120 35.43 -63.00 26.59
C ASP G 120 36.82 -62.67 26.03
N GLY G 121 37.30 -61.48 26.42
CA GLY G 121 38.58 -60.94 26.10
C GLY G 121 38.27 -59.93 25.03
N VAL G 122 37.54 -58.86 25.37
CA VAL G 122 36.97 -57.99 24.33
C VAL G 122 38.13 -57.17 23.79
N MET G 123 39.35 -57.59 24.10
CA MET G 123 40.53 -56.76 23.91
C MET G 123 41.45 -57.29 22.83
N LEU G 124 42.15 -56.35 22.22
CA LEU G 124 42.99 -56.59 21.05
C LEU G 124 44.43 -56.45 21.50
N ASP G 125 45.23 -57.51 21.30
CA ASP G 125 46.67 -57.40 21.47
C ASP G 125 47.24 -56.50 20.38
N LYS G 126 48.57 -56.43 20.34
CA LYS G 126 49.24 -55.70 19.28
C LYS G 126 49.06 -56.34 17.90
N ASP G 127 48.81 -57.66 17.82
CA ASP G 127 48.80 -58.27 16.49
C ASP G 127 47.39 -58.47 15.92
N LEU G 128 46.36 -58.56 16.73
CA LEU G 128 45.03 -58.64 16.16
C LEU G 128 44.46 -57.24 15.93
N PHE G 129 44.90 -56.24 16.71
CA PHE G 129 44.65 -54.88 16.27
C PHE G 129 45.17 -54.69 14.85
N LYS G 130 46.39 -55.15 14.60
CA LYS G 130 46.92 -55.05 13.25
C LYS G 130 46.17 -55.96 12.29
N LYS G 131 45.59 -57.07 12.80
CA LYS G 131 44.83 -57.95 11.92
C LYS G 131 43.64 -57.22 11.31
N CYS G 132 43.06 -56.27 12.03
CA CYS G 132 41.89 -55.57 11.49
C CYS G 132 42.27 -54.28 10.77
N VAL G 133 43.22 -53.53 11.35
CA VAL G 133 43.56 -52.23 10.78
C VAL G 133 44.54 -52.35 9.63
N GLN G 134 45.05 -53.56 9.38
CA GLN G 134 45.99 -53.78 8.27
C GLN G 134 45.49 -53.15 6.98
N SER G 135 44.25 -53.44 6.61
CA SER G 135 43.78 -53.14 5.26
C SER G 135 43.59 -51.65 5.06
N ASN G 136 43.13 -50.96 6.11
CA ASN G 136 42.82 -49.53 6.06
C ASN G 136 43.75 -48.70 6.95
N ILE G 137 45.02 -49.06 7.06
CA ILE G 137 45.86 -48.41 8.06
C ILE G 137 46.13 -46.96 7.68
N VAL G 138 46.32 -46.69 6.39
CA VAL G 138 46.77 -45.36 5.99
C VAL G 138 45.66 -44.34 6.20
N LEU G 139 44.41 -44.75 5.96
CA LEU G 139 43.30 -43.84 6.26
C LEU G 139 43.13 -43.68 7.76
N LEU G 140 43.35 -44.75 8.54
CA LEU G 140 43.24 -44.67 9.99
C LEU G 140 44.35 -43.81 10.58
N THR G 141 45.53 -43.79 9.96
CA THR G 141 46.62 -43.05 10.54
C THR G 141 46.38 -41.56 10.40
N GLN G 142 45.84 -41.15 9.26
CA GLN G 142 45.52 -39.75 9.05
C GLN G 142 44.44 -39.28 10.00
N ALA G 143 43.49 -40.15 10.32
CA ALA G 143 42.47 -39.74 11.29
C ALA G 143 43.05 -39.55 12.68
N PHE G 144 43.91 -40.47 13.11
CA PHE G 144 44.35 -40.41 14.49
C PHE G 144 45.55 -39.50 14.68
N ARG G 145 46.29 -39.20 13.61
CA ARG G 145 47.32 -38.18 13.67
C ARG G 145 46.81 -36.82 13.21
N ARG G 146 45.51 -36.57 13.36
CA ARG G 146 44.84 -35.32 13.01
C ARG G 146 45.40 -34.69 11.72
N LYS G 147 45.29 -35.45 10.64
CA LYS G 147 45.67 -34.97 9.32
C LYS G 147 44.46 -34.62 8.46
N PHE G 148 43.26 -34.71 9.02
CA PHE G 148 42.04 -34.39 8.28
C PHE G 148 41.85 -32.88 8.18
N VAL G 149 41.02 -32.47 7.22
CA VAL G 149 40.94 -31.07 6.82
C VAL G 149 40.54 -30.21 8.00
N ILE G 150 39.75 -30.75 8.90
CA ILE G 150 39.43 -30.13 10.18
C ILE G 150 39.97 -31.05 11.26
N PRO G 151 41.11 -30.70 11.86
CA PRO G 151 41.79 -31.64 12.76
C PRO G 151 41.00 -31.88 14.04
N ASP G 152 40.57 -30.80 14.68
CA ASP G 152 39.81 -30.92 15.91
C ASP G 152 38.34 -30.96 15.52
N PHE G 153 37.92 -32.12 15.01
CA PHE G 153 36.56 -32.20 14.50
C PHE G 153 35.52 -32.15 15.62
N MET G 154 35.84 -32.65 16.81
CA MET G 154 34.80 -32.65 17.82
C MET G 154 34.48 -31.23 18.28
N SER G 155 35.42 -30.32 18.16
CA SER G 155 35.15 -28.94 18.53
C SER G 155 34.31 -28.24 17.45
N PHE G 156 34.60 -28.51 16.17
CA PHE G 156 33.84 -27.92 15.08
C PHE G 156 32.37 -28.31 15.14
N THR G 157 32.06 -29.57 15.45
CA THR G 157 30.66 -29.96 15.49
C THR G 157 29.92 -29.24 16.60
N SER G 158 30.61 -28.87 17.68
CA SER G 158 29.92 -28.15 18.75
C SER G 158 29.52 -26.75 18.30
N HIS G 159 30.31 -26.13 17.43
CA HIS G 159 29.87 -24.87 16.83
C HIS G 159 28.71 -25.11 15.88
N ILE G 160 28.78 -26.18 15.07
CA ILE G 160 27.64 -26.51 14.21
C ILE G 160 26.38 -26.61 15.05
N ASP G 161 26.51 -27.24 16.22
CA ASP G 161 25.35 -27.34 17.09
C ASP G 161 24.86 -25.97 17.50
N GLU G 162 25.77 -25.06 17.88
CA GLU G 162 25.32 -23.72 18.25
C GLU G 162 24.71 -23.02 17.04
N LEU G 163 25.35 -23.12 15.88
CA LEU G 163 24.76 -22.52 14.69
C LEU G 163 23.38 -23.09 14.40
N TYR G 164 23.20 -24.41 14.55
CA TYR G 164 21.88 -25.01 14.37
C TYR G 164 20.85 -24.47 15.36
N GLU G 165 21.21 -24.46 16.66
CA GLU G 165 20.21 -24.07 17.65
C GLU G 165 19.87 -22.59 17.53
N SER G 166 20.80 -21.79 17.04
CA SER G 166 20.52 -20.37 16.85
C SER G 166 19.62 -20.15 15.63
N ALA G 167 19.78 -20.95 14.59
CA ALA G 167 18.87 -20.83 13.45
C ALA G 167 17.49 -21.39 13.79
N LYS G 168 17.45 -22.36 14.69
CA LYS G 168 16.21 -23.07 15.01
C LYS G 168 15.15 -22.12 15.54
N LYS G 169 15.53 -20.95 16.03
CA LYS G 169 14.60 -19.98 16.57
C LYS G 169 14.02 -19.03 15.53
N GLN G 170 14.43 -19.10 14.28
CA GLN G 170 13.89 -18.20 13.27
C GLN G 170 12.68 -18.88 12.63
N SER G 171 11.52 -18.69 13.25
CA SER G 171 10.38 -19.51 12.90
C SER G 171 9.51 -18.83 11.88
N GLY G 172 9.97 -17.74 11.28
CA GLY G 172 9.19 -17.09 10.25
C GLY G 172 9.24 -17.84 8.93
N GLY G 173 8.45 -17.34 7.96
CA GLY G 173 8.36 -17.89 6.62
C GLY G 173 7.10 -18.69 6.37
N LYS G 174 6.98 -19.13 5.12
CA LYS G 174 5.87 -19.94 4.60
C LYS G 174 6.36 -21.20 3.96
N VAL G 175 5.71 -22.30 4.34
CA VAL G 175 5.94 -23.56 3.66
C VAL G 175 5.34 -23.45 2.28
N ALA G 176 6.03 -23.97 1.29
CA ALA G 176 5.47 -23.95 -0.04
C ALA G 176 4.15 -24.72 -0.06
N ASP G 177 3.07 -24.07 -0.49
CA ASP G 177 1.77 -24.71 -0.50
C ASP G 177 1.26 -24.96 -1.89
N TYR G 178 2.00 -24.52 -2.92
CA TYR G 178 1.48 -24.69 -4.28
C TYR G 178 1.20 -26.17 -4.57
N ILE G 179 1.86 -27.09 -3.87
CA ILE G 179 1.51 -28.51 -3.95
C ILE G 179 1.00 -28.98 -2.59
N PRO G 180 0.06 -29.94 -2.55
CA PRO G 180 -0.32 -30.55 -1.29
C PRO G 180 0.81 -31.41 -0.68
N GLN G 181 1.91 -31.66 -1.42
CA GLN G 181 3.02 -32.53 -1.01
C GLN G 181 4.12 -31.83 -0.21
N LEU G 182 4.38 -30.57 -0.49
CA LEU G 182 5.15 -29.77 0.43
C LEU G 182 4.27 -29.14 1.50
N ALA G 183 2.98 -28.92 1.21
CA ALA G 183 2.02 -28.45 2.21
C ALA G 183 1.80 -29.46 3.34
N LYS G 184 2.08 -30.76 3.09
CA LYS G 184 2.04 -31.77 4.12
C LYS G 184 3.02 -31.43 5.21
N PHE G 185 4.12 -30.80 4.81
CA PHE G 185 5.35 -30.88 5.60
C PHE G 185 5.29 -29.89 6.73
N SER G 186 5.75 -30.33 7.84
CA SER G 186 5.58 -29.51 9.02
C SER G 186 6.62 -28.40 9.03
N PRO G 187 6.24 -27.21 9.52
CA PRO G 187 7.18 -26.09 9.61
C PRO G 187 8.25 -26.27 10.67
N ASP G 188 8.13 -27.26 11.54
CA ASP G 188 9.06 -27.39 12.65
C ASP G 188 10.26 -28.24 12.29
N LEU G 189 10.29 -28.83 11.10
CA LEU G 189 11.45 -29.61 10.65
C LEU G 189 12.64 -28.72 10.35
N TRP G 190 13.79 -29.14 10.83
CA TRP G 190 15.01 -28.36 10.64
C TRP G 190 16.18 -29.29 10.88
N GLY G 191 16.98 -29.51 9.84
CA GLY G 191 18.10 -30.41 9.96
C GLY G 191 19.29 -29.84 9.24
N VAL G 192 20.48 -30.07 9.81
CA VAL G 192 21.75 -29.67 9.23
C VAL G 192 22.68 -30.86 9.31
N SER G 193 23.35 -31.15 8.20
CA SER G 193 24.24 -32.28 8.17
C SER G 193 25.52 -31.88 7.43
N VAL G 194 26.67 -32.38 7.92
CA VAL G 194 28.00 -31.99 7.47
C VAL G 194 28.74 -33.20 6.94
N CYS G 195 29.49 -33.01 5.86
CA CYS G 195 30.40 -34.05 5.40
C CYS G 195 31.65 -33.36 4.88
N THR G 196 32.82 -33.68 5.46
CA THR G 196 34.05 -32.99 5.04
C THR G 196 34.60 -33.62 3.78
N ALA G 197 35.61 -32.96 3.22
CA ALA G 197 36.31 -33.54 2.09
C ALA G 197 37.05 -34.81 2.47
N ASP G 198 37.12 -35.14 3.76
CA ASP G 198 37.81 -36.33 4.23
C ASP G 198 36.88 -37.40 4.77
N GLY G 199 35.58 -37.13 4.78
CA GLY G 199 34.63 -38.10 5.28
C GLY G 199 34.20 -37.91 6.71
N GLN G 200 34.61 -36.84 7.38
CA GLN G 200 34.15 -36.63 8.74
C GLN G 200 32.72 -36.15 8.71
N ARG G 201 31.84 -36.77 9.48
CA ARG G 201 30.41 -36.46 9.41
C ARG G 201 29.85 -36.05 10.76
N HIS G 202 28.83 -35.20 10.70
CA HIS G 202 28.06 -34.81 11.88
C HIS G 202 26.68 -34.35 11.41
N SER G 203 25.65 -34.65 12.20
CA SER G 203 24.32 -34.14 11.88
C SER G 203 23.63 -33.65 13.15
N THR G 204 22.59 -32.84 12.96
CA THR G 204 21.81 -32.28 14.04
C THR G 204 20.43 -31.98 13.49
N GLY G 205 19.40 -32.34 14.24
CA GLY G 205 18.04 -32.15 13.80
C GLY G 205 17.56 -33.31 12.95
N ASP G 206 16.58 -33.01 12.10
CA ASP G 206 15.88 -34.03 11.33
C ASP G 206 16.67 -34.35 10.05
N THR G 207 17.76 -35.07 10.27
CA THR G 207 18.70 -35.30 9.18
C THR G 207 18.46 -36.60 8.46
N LYS G 208 17.52 -37.42 8.94
CA LYS G 208 17.16 -38.68 8.27
C LYS G 208 15.73 -38.68 7.70
N VAL G 209 15.07 -37.55 7.57
CA VAL G 209 13.77 -37.42 7.04
C VAL G 209 13.90 -37.18 5.47
N PRO G 210 13.35 -37.95 4.66
CA PRO G 210 13.50 -37.70 3.22
C PRO G 210 12.64 -36.54 2.74
N PHE G 211 13.18 -35.83 1.75
CA PHE G 211 12.48 -34.70 1.13
C PHE G 211 12.98 -34.53 -0.30
N CYS G 212 12.25 -33.72 -1.05
CA CYS G 212 12.56 -33.61 -2.45
C CYS G 212 13.62 -32.54 -2.70
N LEU G 213 14.43 -32.78 -3.73
CA LEU G 213 15.50 -31.83 -4.03
C LEU G 213 14.94 -30.59 -4.66
N GLN G 214 13.91 -30.78 -5.52
CA GLN G 214 13.37 -29.70 -6.37
C GLN G 214 14.60 -29.09 -7.05
N SER G 215 14.82 -27.79 -6.96
CA SER G 215 15.89 -27.20 -7.70
C SER G 215 17.27 -27.35 -7.02
N CYS G 216 17.41 -27.98 -5.85
CA CYS G 216 18.78 -28.41 -5.52
C CYS G 216 19.29 -29.45 -6.51
N VAL G 217 18.42 -30.07 -7.30
CA VAL G 217 18.90 -31.06 -8.27
C VAL G 217 19.44 -30.40 -9.54
N LYS G 218 19.13 -29.12 -9.77
CA LYS G 218 19.59 -28.53 -11.02
C LYS G 218 21.12 -28.54 -11.11
N PRO G 219 21.92 -28.13 -10.11
CA PRO G 219 23.38 -28.23 -10.29
C PRO G 219 23.82 -29.66 -10.46
N LEU G 220 23.16 -30.61 -9.79
CA LEU G 220 23.58 -32.00 -9.89
C LEU G 220 23.46 -32.50 -11.32
N LYS G 221 22.36 -32.18 -12.02
CA LYS G 221 22.28 -32.65 -13.39
C LYS G 221 23.19 -31.85 -14.33
N TYR G 222 23.41 -30.57 -14.04
CA TYR G 222 24.38 -29.80 -14.82
C TYR G 222 25.75 -30.45 -14.75
N ALA G 223 26.14 -30.91 -13.55
CA ALA G 223 27.42 -31.61 -13.44
C ALA G 223 27.47 -32.84 -14.32
N ILE G 224 26.40 -33.63 -14.31
CA ILE G 224 26.36 -34.85 -15.09
C ILE G 224 26.54 -34.52 -16.57
N ALA G 225 25.81 -33.51 -17.05
CA ALA G 225 25.85 -33.17 -18.46
C ALA G 225 27.24 -32.77 -18.90
N VAL G 226 27.86 -31.85 -18.14
CA VAL G 226 29.21 -31.41 -18.45
C VAL G 226 30.17 -32.57 -18.33
N ASN G 227 29.94 -33.44 -17.35
CA ASN G 227 30.82 -34.59 -17.17
C ASN G 227 30.83 -35.47 -18.42
N ASP G 228 29.65 -35.69 -19.00
CA ASP G 228 29.53 -36.60 -20.13
C ASP G 228 29.76 -35.93 -21.47
N LEU G 229 29.53 -34.63 -21.60
CA LEU G 229 29.50 -34.00 -22.92
C LEU G 229 30.46 -32.84 -23.10
N GLY G 230 31.03 -32.31 -22.05
CA GLY G 230 32.00 -31.24 -22.17
C GLY G 230 31.35 -29.87 -22.07
N THR G 231 32.13 -28.91 -21.56
CA THR G 231 31.64 -27.54 -21.41
C THR G 231 31.11 -26.99 -22.73
N GLU G 232 31.87 -27.21 -23.80
CA GLU G 232 31.59 -26.52 -25.05
C GLU G 232 30.30 -27.00 -25.68
N TYR G 233 29.98 -28.29 -25.56
CA TYR G 233 28.69 -28.73 -26.07
C TYR G 233 27.55 -28.20 -25.23
N VAL G 234 27.59 -28.44 -23.92
CA VAL G 234 26.48 -28.04 -23.08
C VAL G 234 26.19 -26.55 -23.26
N HIS G 235 27.24 -25.74 -23.38
CA HIS G 235 27.02 -24.31 -23.41
C HIS G 235 26.72 -23.78 -24.81
N ARG G 236 26.50 -24.64 -25.79
CA ARG G 236 25.77 -24.26 -26.98
C ARG G 236 24.30 -24.06 -26.69
N TYR G 237 23.78 -24.69 -25.64
CA TYR G 237 22.37 -24.74 -25.39
C TYR G 237 21.91 -23.89 -24.20
N VAL G 238 22.83 -23.42 -23.35
CA VAL G 238 22.49 -22.69 -22.14
C VAL G 238 23.64 -21.74 -21.81
N GLY G 239 23.31 -20.55 -21.31
CA GLY G 239 24.30 -19.53 -21.02
C GLY G 239 25.12 -19.85 -19.77
N LYS G 240 25.97 -18.87 -19.37
CA LYS G 240 26.77 -19.09 -18.16
C LYS G 240 26.88 -17.85 -17.26
N GLU G 241 25.93 -16.93 -17.31
CA GLU G 241 25.97 -15.72 -16.51
C GLU G 241 24.65 -15.58 -15.78
N PRO G 242 24.59 -14.77 -14.73
CA PRO G 242 23.29 -14.50 -14.08
C PRO G 242 22.38 -13.56 -14.87
N SER G 243 21.07 -13.80 -14.73
CA SER G 243 20.05 -12.98 -15.39
C SER G 243 20.26 -11.50 -15.13
N GLY G 244 20.25 -11.12 -13.85
CA GLY G 244 20.11 -9.73 -13.45
C GLY G 244 18.77 -9.45 -12.77
N LEU G 245 18.79 -8.72 -11.65
CA LEU G 245 17.61 -8.65 -10.80
C LEU G 245 16.47 -7.97 -11.56
N ARG G 246 16.73 -7.49 -12.75
CA ARG G 246 15.60 -7.18 -13.61
C ARG G 246 15.27 -8.24 -14.62
N PHE G 247 15.96 -9.36 -14.67
CA PHE G 247 15.68 -10.32 -15.73
C PHE G 247 15.34 -11.71 -15.18
N ASN G 248 14.83 -11.81 -13.95
CA ASN G 248 14.35 -13.07 -13.40
C ASN G 248 13.10 -13.62 -14.10
N LYS G 249 12.45 -12.82 -14.94
CA LYS G 249 11.21 -13.13 -15.63
C LYS G 249 11.41 -13.62 -17.06
N LEU G 250 12.58 -13.39 -17.65
CA LEU G 250 12.85 -13.76 -19.03
C LEU G 250 13.38 -15.18 -19.11
N PHE G 251 13.00 -15.89 -20.17
CA PHE G 251 13.49 -17.25 -20.35
C PHE G 251 14.84 -17.28 -21.07
N LEU G 252 15.05 -16.36 -22.01
CA LEU G 252 16.21 -16.42 -22.90
C LEU G 252 17.01 -15.14 -22.76
N ASN G 253 18.31 -15.25 -22.97
CA ASN G 253 19.23 -14.11 -22.99
C ASN G 253 19.33 -13.58 -24.43
N GLU G 254 20.38 -12.80 -24.75
CA GLU G 254 20.44 -12.14 -26.07
C GLU G 254 20.65 -13.15 -27.19
N ASP G 255 21.34 -14.26 -26.90
CA ASP G 255 21.64 -15.26 -27.92
C ASP G 255 20.61 -16.38 -28.00
N ASP G 256 19.44 -16.20 -27.36
CA ASP G 256 18.29 -17.12 -27.40
C ASP G 256 18.54 -18.46 -26.71
N LYS G 257 19.43 -18.48 -25.72
CA LYS G 257 19.62 -19.58 -24.80
C LYS G 257 19.28 -19.13 -23.39
N PRO G 258 18.74 -20.02 -22.53
CA PRO G 258 18.48 -19.62 -21.14
C PRO G 258 19.76 -19.16 -20.47
N HIS G 259 19.58 -18.34 -19.45
CA HIS G 259 20.70 -17.54 -18.94
C HIS G 259 21.79 -18.41 -18.30
N ASN G 260 21.41 -19.50 -17.65
CA ASN G 260 22.34 -20.36 -16.93
C ASN G 260 21.63 -21.63 -16.51
N PRO G 261 22.34 -22.67 -16.11
CA PRO G 261 21.69 -23.93 -15.79
C PRO G 261 20.84 -23.90 -14.54
N MET G 262 20.87 -22.82 -13.76
CA MET G 262 20.18 -22.80 -12.49
C MET G 262 18.79 -22.22 -12.55
N VAL G 263 18.38 -21.66 -13.68
CA VAL G 263 17.02 -21.16 -13.78
C VAL G 263 16.19 -22.17 -14.54
N ASN G 264 14.86 -22.11 -14.33
CA ASN G 264 13.97 -23.18 -14.78
C ASN G 264 14.05 -23.39 -16.28
N ALA G 265 14.17 -22.31 -17.06
CA ALA G 265 14.38 -22.49 -18.48
C ALA G 265 15.70 -23.19 -18.75
N GLY G 266 16.74 -22.87 -17.98
CA GLY G 266 18.02 -23.51 -18.21
C GLY G 266 18.00 -24.99 -17.82
N ALA G 267 17.40 -25.29 -16.67
CA ALA G 267 17.31 -26.67 -16.20
C ALA G 267 16.61 -27.55 -17.20
N ILE G 268 15.51 -27.04 -17.78
CA ILE G 268 14.76 -27.79 -18.78
C ILE G 268 15.65 -28.08 -19.98
N VAL G 269 16.38 -27.07 -20.44
CA VAL G 269 17.29 -27.33 -21.55
C VAL G 269 18.40 -28.30 -21.15
N VAL G 270 18.93 -28.17 -19.92
CA VAL G 270 19.99 -29.09 -19.50
C VAL G 270 19.48 -30.52 -19.46
N THR G 271 18.27 -30.71 -18.92
CA THR G 271 17.64 -32.02 -18.91
C THR G 271 17.56 -32.65 -20.31
N SER G 272 17.36 -31.84 -21.34
CA SER G 272 17.25 -32.41 -22.68
C SER G 272 18.56 -32.96 -23.21
N LEU G 273 19.67 -32.72 -22.55
CA LEU G 273 20.99 -33.14 -23.02
C LEU G 273 21.49 -34.44 -22.41
N ILE G 274 20.94 -34.84 -21.26
CA ILE G 274 21.46 -35.99 -20.53
C ILE G 274 20.97 -37.24 -21.23
N LYS G 275 21.91 -38.05 -21.72
CA LYS G 275 21.63 -39.40 -22.24
C LYS G 275 20.54 -39.38 -23.30
N GLN G 276 20.81 -38.60 -24.35
CA GLN G 276 19.89 -38.52 -25.45
C GLN G 276 19.75 -39.87 -26.17
N GLY G 277 18.62 -40.04 -26.85
CA GLY G 277 18.39 -41.22 -27.66
C GLY G 277 17.94 -42.44 -26.90
N VAL G 278 17.94 -42.39 -25.58
CA VAL G 278 17.42 -43.45 -24.76
C VAL G 278 16.07 -42.96 -24.23
N ASN G 279 15.23 -43.89 -23.79
CA ASN G 279 13.91 -43.43 -23.38
C ASN G 279 13.94 -42.86 -21.96
N ASN G 280 12.83 -42.24 -21.55
CA ASN G 280 12.81 -41.52 -20.28
C ASN G 280 12.92 -42.46 -19.09
N ALA G 281 12.50 -43.72 -19.23
CA ALA G 281 12.65 -44.66 -18.13
C ALA G 281 14.13 -44.90 -17.84
N GLU G 282 14.92 -45.12 -18.89
CA GLU G 282 16.34 -45.41 -18.72
C GLU G 282 17.16 -44.16 -18.43
N LYS G 283 16.75 -43.02 -18.96
CA LYS G 283 17.40 -41.75 -18.59
C LYS G 283 17.36 -41.53 -17.09
N PHE G 284 16.19 -41.73 -16.49
CA PHE G 284 16.04 -41.57 -15.05
C PHE G 284 16.94 -42.54 -14.29
N ASP G 285 16.97 -43.82 -14.71
CA ASP G 285 17.81 -44.78 -13.99
C ASP G 285 19.27 -44.36 -14.06
N TYR G 286 19.67 -43.77 -15.19
CA TYR G 286 21.04 -43.29 -15.33
C TYR G 286 21.35 -42.19 -14.32
N VAL G 287 20.47 -41.20 -14.18
CA VAL G 287 20.74 -40.13 -13.24
C VAL G 287 20.70 -40.64 -11.80
N MET G 288 19.78 -41.54 -11.52
CA MET G 288 19.72 -42.10 -10.17
C MET G 288 20.98 -42.89 -9.86
N GLN G 289 21.45 -43.69 -10.82
CA GLN G 289 22.73 -44.37 -10.66
C GLN G 289 23.86 -43.36 -10.48
N PHE G 290 23.78 -42.23 -11.18
CA PHE G 290 24.78 -41.19 -11.04
C PHE G 290 24.70 -40.53 -9.68
N LEU G 291 23.49 -40.13 -9.26
CA LEU G 291 23.37 -39.52 -7.94
C LEU G 291 23.78 -40.49 -6.84
N ASN G 292 23.57 -41.79 -7.05
CA ASN G 292 24.01 -42.78 -6.09
C ASN G 292 25.53 -42.72 -5.87
N LYS G 293 26.31 -42.59 -6.93
CA LYS G 293 27.75 -42.48 -6.76
C LYS G 293 28.13 -41.25 -5.93
N MET G 294 27.50 -40.12 -6.20
CA MET G 294 27.82 -38.89 -5.48
C MET G 294 27.54 -38.98 -4.00
N ALA G 295 26.54 -39.78 -3.61
CA ALA G 295 26.18 -39.87 -2.21
C ALA G 295 26.78 -41.11 -1.53
N GLY G 296 27.75 -41.76 -2.15
CA GLY G 296 28.31 -42.93 -1.51
C GLY G 296 27.28 -43.97 -1.17
N ASN G 297 26.23 -44.05 -1.97
CA ASN G 297 25.18 -45.06 -1.84
C ASN G 297 24.36 -44.88 -0.57
N GLU G 298 24.25 -43.66 -0.06
CA GLU G 298 23.28 -43.32 0.97
C GLU G 298 21.96 -42.97 0.27
N TYR G 299 20.99 -42.46 1.03
CA TYR G 299 19.60 -42.47 0.58
C TYR G 299 19.38 -41.56 -0.62
N VAL G 300 18.97 -42.15 -1.75
CA VAL G 300 18.41 -41.38 -2.85
C VAL G 300 17.08 -42.01 -3.22
N GLY G 301 16.01 -41.22 -3.16
CA GLY G 301 14.71 -41.79 -3.48
C GLY G 301 13.85 -41.02 -4.44
N PHE G 302 12.55 -41.30 -4.44
CA PHE G 302 11.64 -40.66 -5.38
C PHE G 302 10.23 -40.70 -4.82
N SER G 303 9.56 -39.57 -4.81
CA SER G 303 8.18 -39.52 -4.36
C SER G 303 7.33 -39.28 -5.60
N ASN G 304 6.62 -40.32 -6.03
CA ASN G 304 5.73 -40.19 -7.17
C ASN G 304 4.62 -39.20 -6.86
N ALA G 305 4.27 -39.05 -5.57
CA ALA G 305 3.27 -38.09 -5.14
C ALA G 305 3.62 -36.69 -5.59
N THR G 306 4.82 -36.23 -5.23
CA THR G 306 5.25 -34.90 -5.66
C THR G 306 5.32 -34.83 -7.17
N PHE G 307 5.71 -35.94 -7.81
CA PHE G 307 5.77 -36.00 -9.25
C PHE G 307 4.40 -35.77 -9.87
N GLN G 308 3.37 -36.40 -9.33
CA GLN G 308 2.04 -36.22 -9.88
C GLN G 308 1.60 -34.76 -9.79
N SER G 309 1.76 -34.14 -8.62
CA SER G 309 1.23 -32.80 -8.48
C SER G 309 2.07 -31.78 -9.24
N GLU G 310 3.38 -32.02 -9.36
CA GLU G 310 4.18 -31.22 -10.28
C GLU G 310 3.74 -31.45 -11.72
N ARG G 311 3.11 -32.61 -11.99
CA ARG G 311 2.81 -32.95 -13.37
C ARG G 311 1.71 -32.10 -13.98
N GLU G 312 0.63 -31.78 -13.26
CA GLU G 312 -0.33 -30.88 -13.89
C GLU G 312 -0.29 -29.45 -13.37
N SER G 313 0.57 -29.13 -12.42
CA SER G 313 0.62 -27.75 -11.96
C SER G 313 1.78 -27.00 -12.61
N GLY G 314 2.45 -27.62 -13.57
CA GLY G 314 3.55 -26.94 -14.22
C GLY G 314 3.11 -26.24 -15.48
N ASP G 315 1.99 -25.52 -15.40
CA ASP G 315 1.59 -24.70 -16.53
C ASP G 315 2.73 -23.78 -16.94
N ARG G 316 3.42 -23.19 -15.95
CA ARG G 316 4.55 -22.33 -16.24
C ARG G 316 5.67 -23.09 -16.91
N ASN G 317 5.96 -24.31 -16.45
CA ASN G 317 7.00 -25.10 -17.09
C ASN G 317 6.62 -25.45 -18.51
N PHE G 318 5.34 -25.76 -18.74
CA PHE G 318 4.87 -26.02 -20.09
C PHE G 318 5.00 -24.79 -20.97
N ALA G 319 4.66 -23.62 -20.43
CA ALA G 319 4.90 -22.38 -21.14
C ALA G 319 6.37 -22.25 -21.55
N ILE G 320 7.29 -22.48 -20.60
CA ILE G 320 8.71 -22.42 -20.91
C ILE G 320 9.07 -23.46 -21.97
N GLY G 321 8.51 -24.65 -21.85
CA GLY G 321 8.88 -25.70 -22.77
C GLY G 321 8.54 -25.34 -24.20
N TYR G 322 7.32 -24.85 -24.41
CA TYR G 322 6.90 -24.47 -25.75
C TYR G 322 7.69 -23.27 -26.29
N TYR G 323 7.98 -22.27 -25.44
CA TYR G 323 8.82 -21.15 -25.88
C TYR G 323 10.15 -21.67 -26.37
N LEU G 324 10.74 -22.60 -25.62
CA LEU G 324 12.02 -23.17 -26.01
C LEU G 324 11.89 -23.98 -27.29
N LYS G 325 10.79 -24.73 -27.44
CA LYS G 325 10.60 -25.47 -28.68
C LYS G 325 10.48 -24.52 -29.85
N GLU G 326 9.68 -23.46 -29.68
CA GLU G 326 9.47 -22.51 -30.77
C GLU G 326 10.77 -21.77 -31.12
N LYS G 327 11.53 -21.34 -30.12
CA LYS G 327 12.76 -20.64 -30.43
C LYS G 327 13.95 -21.58 -30.56
N LYS G 328 13.69 -22.88 -30.73
CA LYS G 328 14.67 -23.90 -31.14
C LYS G 328 15.91 -23.97 -30.25
N CYS G 329 15.65 -24.18 -28.95
CA CYS G 329 16.68 -24.24 -27.93
C CYS G 329 17.03 -25.67 -27.49
N PHE G 330 16.29 -26.72 -27.97
CA PHE G 330 16.53 -28.11 -27.66
C PHE G 330 17.37 -28.76 -28.75
N PRO G 331 18.10 -29.81 -28.40
CA PRO G 331 18.79 -30.57 -29.43
C PRO G 331 17.80 -31.24 -30.37
N GLU G 332 18.25 -31.46 -31.60
CA GLU G 332 17.36 -31.97 -32.63
C GLU G 332 16.95 -33.36 -32.26
N GLY G 333 15.70 -33.71 -32.57
CA GLY G 333 15.13 -34.97 -32.14
C GLY G 333 14.60 -34.99 -30.73
N THR G 334 14.35 -33.82 -30.14
CA THR G 334 13.82 -33.75 -28.79
C THR G 334 12.32 -33.90 -28.78
N ASP G 335 11.82 -34.79 -27.91
CA ASP G 335 10.38 -34.84 -27.68
C ASP G 335 10.18 -33.91 -26.50
N MET G 336 9.85 -32.65 -26.80
CA MET G 336 9.85 -31.65 -25.75
C MET G 336 8.92 -32.02 -24.62
N VAL G 337 7.74 -32.55 -24.94
CA VAL G 337 6.79 -32.77 -23.86
C VAL G 337 7.23 -33.91 -22.98
N GLY G 338 8.01 -34.84 -23.51
CA GLY G 338 8.61 -35.86 -22.66
C GLY G 338 9.70 -35.31 -21.77
N ILE G 339 10.49 -34.37 -22.27
CA ILE G 339 11.53 -33.76 -21.45
C ILE G 339 10.92 -33.08 -20.23
N LEU G 340 9.74 -32.48 -20.39
CA LEU G 340 9.08 -31.90 -19.23
C LEU G 340 8.78 -32.96 -18.20
N ASP G 341 8.28 -34.11 -18.65
CA ASP G 341 8.03 -35.24 -17.76
C ASP G 341 9.31 -35.67 -17.05
N PHE G 342 10.40 -35.83 -17.79
CA PHE G 342 11.66 -36.16 -17.13
C PHE G 342 12.00 -35.10 -16.10
N TYR G 343 11.87 -33.82 -16.46
CA TYR G 343 12.24 -32.73 -15.57
C TYR G 343 11.45 -32.81 -14.28
N PHE G 344 10.14 -33.01 -14.40
CA PHE G 344 9.32 -33.16 -13.20
C PHE G 344 9.79 -34.30 -12.33
N GLN G 345 10.16 -35.42 -12.94
CA GLN G 345 10.68 -36.53 -12.14
C GLN G 345 11.91 -36.09 -11.38
N LEU G 346 12.87 -35.49 -12.09
CA LEU G 346 14.15 -35.10 -11.48
C LEU G 346 13.96 -34.18 -10.30
N CYS G 347 12.91 -33.36 -10.28
CA CYS G 347 12.71 -32.50 -9.13
C CYS G 347 12.11 -33.25 -7.95
N SER G 348 11.56 -34.45 -8.16
CA SER G 348 10.95 -35.18 -7.07
C SER G 348 11.83 -36.31 -6.59
N ILE G 349 13.10 -36.29 -6.95
CA ILE G 349 14.05 -37.21 -6.36
C ILE G 349 14.19 -36.88 -4.88
N GLU G 350 14.28 -37.91 -4.06
CA GLU G 350 14.32 -37.69 -2.62
C GLU G 350 15.73 -37.88 -2.10
N VAL G 351 16.07 -37.08 -1.08
CA VAL G 351 17.32 -37.17 -0.34
C VAL G 351 16.98 -36.97 1.14
N THR G 352 17.93 -37.29 2.00
CA THR G 352 17.88 -36.83 3.38
C THR G 352 18.96 -35.78 3.55
N CYS G 353 18.96 -35.11 4.70
CA CYS G 353 20.03 -34.14 4.88
C CYS G 353 21.37 -34.83 4.88
N GLU G 354 21.43 -36.05 5.43
CA GLU G 354 22.70 -36.73 5.48
C GLU G 354 23.17 -37.13 4.09
N SER G 355 22.31 -37.81 3.34
CA SER G 355 22.72 -38.29 2.03
C SER G 355 23.12 -37.14 1.13
N ALA G 356 22.37 -36.04 1.18
CA ALA G 356 22.67 -34.94 0.28
C ALA G 356 23.98 -34.25 0.67
N SER G 357 24.25 -34.14 1.97
CA SER G 357 25.50 -33.50 2.37
C SER G 357 26.70 -34.22 1.76
N VAL G 358 26.57 -35.53 1.53
CA VAL G 358 27.66 -36.25 0.90
C VAL G 358 27.77 -35.87 -0.56
N MET G 359 26.63 -35.67 -1.22
CA MET G 359 26.65 -35.16 -2.59
C MET G 359 27.38 -33.82 -2.64
N ALA G 360 27.01 -32.90 -1.74
CA ALA G 360 27.67 -31.61 -1.67
C ALA G 360 29.18 -31.77 -1.46
N ALA G 361 29.58 -32.75 -0.64
CA ALA G 361 31.01 -32.96 -0.39
C ALA G 361 31.72 -33.50 -1.62
N THR G 362 31.02 -34.26 -2.46
CA THR G 362 31.60 -34.68 -3.73
C THR G 362 32.01 -33.48 -4.58
N LEU G 363 31.20 -32.41 -4.54
CA LEU G 363 31.56 -31.18 -5.23
C LEU G 363 32.69 -30.46 -4.52
N ALA G 364 32.68 -30.46 -3.18
CA ALA G 364 33.77 -29.85 -2.44
C ALA G 364 35.08 -30.58 -2.67
N ASN G 365 35.05 -31.78 -3.22
CA ASN G 365 36.24 -32.59 -3.25
C ASN G 365 36.74 -32.83 -4.67
N GLY G 366 36.51 -31.89 -5.58
CA GLY G 366 36.96 -32.06 -6.95
C GLY G 366 36.29 -33.20 -7.70
N GLY G 367 35.16 -33.68 -7.22
CA GLY G 367 34.45 -34.74 -7.89
C GLY G 367 34.69 -36.13 -7.37
N PHE G 368 35.53 -36.30 -6.35
CA PHE G 368 35.76 -37.60 -5.73
C PHE G 368 34.87 -37.75 -4.52
N CYS G 369 34.12 -38.83 -4.44
CA CYS G 369 33.24 -39.02 -3.29
C CYS G 369 34.03 -39.28 -2.02
N PRO G 370 33.85 -38.48 -0.96
CA PRO G 370 34.71 -38.59 0.22
C PRO G 370 34.50 -39.85 1.06
N ILE G 371 33.36 -40.53 0.99
CA ILE G 371 33.22 -41.74 1.79
C ILE G 371 33.50 -43.00 1.00
N THR G 372 33.76 -42.90 -0.30
CA THR G 372 34.07 -44.08 -1.09
C THR G 372 35.37 -44.00 -1.88
N GLY G 373 35.88 -42.81 -2.14
CA GLY G 373 37.06 -42.61 -2.97
C GLY G 373 36.81 -42.70 -4.45
N GLU G 374 35.57 -42.95 -4.88
CA GLU G 374 35.24 -43.06 -6.30
C GLU G 374 35.30 -41.69 -7.00
N ARG G 375 35.92 -41.65 -8.18
CA ARG G 375 35.86 -40.45 -9.01
C ARG G 375 34.51 -40.44 -9.73
N VAL G 376 33.66 -39.48 -9.38
CA VAL G 376 32.30 -39.42 -9.86
C VAL G 376 32.08 -38.34 -10.91
N LEU G 377 32.82 -37.24 -10.86
CA LEU G 377 32.65 -36.12 -11.79
C LEU G 377 33.99 -35.63 -12.28
N SER G 378 34.05 -35.20 -13.54
CA SER G 378 35.28 -34.61 -14.06
C SER G 378 35.53 -33.28 -13.39
N PRO G 379 36.80 -32.88 -13.26
CA PRO G 379 37.08 -31.62 -12.57
C PRO G 379 36.43 -30.44 -13.26
N GLU G 380 36.35 -30.48 -14.59
CA GLU G 380 35.68 -29.42 -15.34
C GLU G 380 34.20 -29.37 -15.00
N ALA G 381 33.57 -30.52 -14.75
CA ALA G 381 32.17 -30.51 -14.34
C ALA G 381 32.00 -29.88 -12.96
N VAL G 382 32.91 -30.15 -12.03
CA VAL G 382 32.68 -29.63 -10.69
C VAL G 382 32.98 -28.14 -10.64
N ARG G 383 34.01 -27.69 -11.36
CA ARG G 383 34.36 -26.28 -11.36
C ARG G 383 33.22 -25.46 -11.93
N ASN G 384 32.74 -25.90 -13.09
CA ASN G 384 31.66 -25.19 -13.75
C ASN G 384 30.45 -25.05 -12.84
N THR G 385 30.05 -26.15 -12.20
CA THR G 385 28.86 -26.13 -11.34
C THR G 385 29.04 -25.24 -10.10
N LEU G 386 30.21 -25.32 -9.47
CA LEU G 386 30.46 -24.44 -8.34
C LEU G 386 30.47 -22.98 -8.80
N SER G 387 30.99 -22.71 -10.00
CA SER G 387 30.97 -21.34 -10.51
C SER G 387 29.55 -20.82 -10.67
N LEU G 388 28.62 -21.66 -11.14
CA LEU G 388 27.27 -21.18 -11.39
C LEU G 388 26.40 -21.21 -10.15
N MET G 389 26.72 -22.05 -9.16
CA MET G 389 26.05 -21.92 -7.86
C MET G 389 26.39 -20.59 -7.18
N HIS G 390 27.63 -20.14 -7.34
CA HIS G 390 28.05 -18.87 -6.76
C HIS G 390 27.10 -17.74 -7.16
N SER G 391 26.88 -17.59 -8.45
CA SER G 391 26.22 -16.41 -8.99
C SER G 391 24.74 -16.56 -9.26
N CYS G 392 24.22 -17.79 -9.37
CA CYS G 392 22.83 -18.00 -9.76
C CYS G 392 22.12 -18.99 -8.86
N GLY G 393 22.62 -19.20 -7.64
CA GLY G 393 22.11 -20.35 -6.94
C GLY G 393 20.96 -20.12 -6.03
N MET G 394 20.67 -18.87 -5.70
CA MET G 394 19.72 -18.58 -4.63
C MET G 394 18.61 -17.66 -5.11
N TYR G 395 18.17 -17.85 -6.35
CA TYR G 395 17.03 -17.10 -6.91
C TYR G 395 17.38 -15.60 -6.87
N ASP G 396 16.42 -14.71 -6.59
CA ASP G 396 16.73 -13.28 -6.55
C ASP G 396 17.68 -12.91 -5.42
N PHE G 397 18.03 -13.86 -4.56
CA PHE G 397 18.99 -13.63 -3.50
C PHE G 397 20.42 -13.97 -3.89
N SER G 398 20.70 -14.34 -5.14
CA SER G 398 22.04 -14.85 -5.42
C SER G 398 23.09 -13.76 -5.25
N GLY G 399 22.77 -12.53 -5.67
CA GLY G 399 23.73 -11.44 -5.52
C GLY G 399 24.02 -11.12 -4.07
N GLN G 400 22.95 -10.93 -3.28
CA GLN G 400 23.13 -10.62 -1.86
C GLN G 400 23.82 -11.76 -1.15
N PHE G 401 23.49 -12.99 -1.56
CA PHE G 401 24.08 -14.17 -0.94
C PHE G 401 25.55 -14.32 -1.30
N ALA G 402 25.89 -14.14 -2.58
CA ALA G 402 27.30 -14.27 -2.95
C ALA G 402 28.15 -13.24 -2.24
N PHE G 403 27.61 -12.03 -2.08
CA PHE G 403 28.38 -10.97 -1.44
C PHE G 403 28.62 -11.28 0.04
N HIS G 404 27.56 -11.64 0.78
CA HIS G 404 27.69 -11.76 2.23
C HIS G 404 28.21 -13.11 2.68
N VAL G 405 27.79 -14.17 2.02
CA VAL G 405 28.20 -15.54 2.37
C VAL G 405 29.37 -16.00 1.52
N GLY G 406 29.32 -15.76 0.22
CA GLY G 406 30.42 -16.16 -0.63
C GLY G 406 30.67 -17.64 -0.69
N LEU G 407 29.62 -18.46 -0.61
CA LEU G 407 29.81 -19.90 -0.85
C LEU G 407 28.86 -20.38 -1.93
N PRO G 408 29.29 -21.30 -2.77
CA PRO G 408 28.35 -21.91 -3.72
C PRO G 408 27.23 -22.64 -3.00
N ALA G 409 26.01 -22.30 -3.33
CA ALA G 409 24.88 -22.99 -2.74
C ALA G 409 23.78 -23.09 -3.78
N LYS G 410 22.87 -24.03 -3.58
CA LYS G 410 21.70 -24.09 -4.44
C LYS G 410 20.49 -24.36 -3.57
N SER G 411 19.42 -23.61 -3.77
CA SER G 411 18.26 -23.77 -2.91
C SER G 411 17.12 -24.43 -3.65
N GLY G 412 16.16 -24.95 -2.87
CA GLY G 412 14.97 -25.55 -3.42
C GLY G 412 13.78 -25.28 -2.52
N VAL G 413 12.60 -25.45 -3.11
CA VAL G 413 11.33 -25.03 -2.51
C VAL G 413 10.81 -25.98 -1.43
N ALA G 414 11.32 -27.22 -1.38
CA ALA G 414 10.99 -28.07 -0.25
C ALA G 414 11.66 -27.64 1.04
N GLY G 415 12.48 -26.59 1.00
CA GLY G 415 13.23 -26.12 2.15
C GLY G 415 14.70 -26.49 2.13
N GLY G 416 15.23 -26.99 1.00
CA GLY G 416 16.60 -27.46 0.94
C GLY G 416 17.57 -26.37 0.54
N ILE G 417 18.79 -26.46 1.10
CA ILE G 417 19.93 -25.64 0.66
C ILE G 417 21.16 -26.52 0.65
N LEU G 418 21.68 -26.79 -0.54
CA LEU G 418 22.89 -27.57 -0.74
C LEU G 418 24.08 -26.63 -0.73
N LEU G 419 24.98 -26.80 0.24
CA LEU G 419 26.08 -25.85 0.46
C LEU G 419 27.44 -26.51 0.26
N VAL G 420 28.33 -25.82 -0.42
CA VAL G 420 29.66 -26.34 -0.68
C VAL G 420 30.66 -25.34 -0.13
N VAL G 421 31.55 -25.80 0.74
CA VAL G 421 32.73 -25.04 1.12
C VAL G 421 33.92 -25.70 0.45
N PRO G 422 34.38 -25.17 -0.67
CA PRO G 422 35.43 -25.85 -1.45
C PRO G 422 36.63 -26.22 -0.61
N ASN G 423 37.15 -27.40 -0.89
CA ASN G 423 38.34 -27.97 -0.25
C ASN G 423 38.15 -28.25 1.23
N VAL G 424 36.93 -28.11 1.77
CA VAL G 424 36.70 -28.33 3.19
C VAL G 424 35.61 -29.38 3.42
N MET G 425 34.39 -29.07 2.98
CA MET G 425 33.23 -29.87 3.35
C MET G 425 32.03 -29.53 2.47
N GLY G 426 31.02 -30.41 2.51
CA GLY G 426 29.74 -30.20 1.86
C GLY G 426 28.65 -30.22 2.91
N MET G 427 27.48 -29.62 2.63
CA MET G 427 26.40 -29.49 3.61
C MET G 427 25.05 -29.61 2.93
N MET G 428 24.06 -29.99 3.73
CA MET G 428 22.65 -29.86 3.35
C MET G 428 21.90 -29.34 4.55
N CYS G 429 21.17 -28.24 4.37
CA CYS G 429 20.30 -27.68 5.39
C CYS G 429 18.87 -27.82 4.91
N TRP G 430 17.96 -28.08 5.83
CA TRP G 430 16.59 -28.34 5.39
C TRP G 430 15.61 -27.87 6.45
N SER G 431 14.82 -26.84 6.11
CA SER G 431 13.67 -26.46 6.91
C SER G 431 12.64 -25.90 5.93
N PRO G 432 11.45 -26.47 5.88
CA PRO G 432 10.54 -26.19 4.77
C PRO G 432 10.09 -24.72 4.68
N PRO G 433 9.94 -23.97 5.79
CA PRO G 433 9.48 -22.58 5.63
C PRO G 433 10.46 -21.71 4.85
N LEU G 434 9.98 -21.19 3.73
CA LEU G 434 10.73 -20.31 2.84
C LEU G 434 10.43 -18.84 3.10
N ASP G 435 11.38 -17.99 2.71
CA ASP G 435 11.15 -16.56 2.77
C ASP G 435 10.49 -16.15 1.47
N LYS G 436 10.29 -14.84 1.28
CA LYS G 436 9.51 -14.42 0.12
C LYS G 436 10.31 -14.40 -1.16
N MET G 437 11.59 -14.80 -1.10
CA MET G 437 12.40 -15.03 -2.29
C MET G 437 12.53 -16.49 -2.63
N GLY G 438 12.05 -17.39 -1.78
CA GLY G 438 12.06 -18.82 -2.06
C GLY G 438 13.09 -19.64 -1.31
N ASN G 439 13.87 -19.06 -0.40
CA ASN G 439 14.94 -19.76 0.28
C ASN G 439 14.54 -20.13 1.70
N SER G 440 14.91 -21.34 2.12
CA SER G 440 14.65 -21.79 3.48
C SER G 440 15.14 -20.73 4.45
N VAL G 441 14.23 -20.24 5.27
CA VAL G 441 14.57 -19.17 6.20
C VAL G 441 15.67 -19.63 7.15
N LYS G 442 15.46 -20.76 7.84
CA LYS G 442 16.49 -21.26 8.74
C LYS G 442 17.79 -21.49 7.99
N GLY G 443 17.69 -22.06 6.79
CA GLY G 443 18.90 -22.28 6.02
C GLY G 443 19.68 -21.01 5.85
N ILE G 444 19.03 -19.95 5.36
CA ILE G 444 19.77 -18.73 5.06
C ILE G 444 20.38 -18.16 6.33
N HIS G 445 19.61 -18.17 7.41
CA HIS G 445 20.15 -17.69 8.68
C HIS G 445 21.37 -18.49 9.10
N PHE G 446 21.33 -19.80 8.88
CA PHE G 446 22.47 -20.62 9.21
C PHE G 446 23.71 -20.26 8.37
N CYS G 447 23.54 -20.02 7.05
CA CYS G 447 24.77 -19.85 6.26
C CYS G 447 25.40 -18.50 6.44
N HIS G 448 24.61 -17.49 6.80
CA HIS G 448 25.21 -16.27 7.26
C HIS G 448 26.00 -16.49 8.54
N ASP G 449 25.37 -17.14 9.53
CA ASP G 449 26.07 -17.40 10.78
C ASP G 449 27.32 -18.21 10.55
N LEU G 450 27.26 -19.17 9.61
CA LEU G 450 28.44 -19.99 9.34
C LEU G 450 29.59 -19.14 8.84
N VAL G 451 29.36 -18.33 7.81
CA VAL G 451 30.47 -17.54 7.27
C VAL G 451 30.86 -16.43 8.22
N SER G 452 29.93 -15.98 9.04
CA SER G 452 30.29 -14.96 10.01
C SER G 452 31.20 -15.52 11.08
N LEU G 453 31.08 -16.80 11.39
CA LEU G 453 31.91 -17.43 12.42
C LEU G 453 33.26 -17.91 11.87
N CYS G 454 33.29 -18.49 10.68
CA CYS G 454 34.54 -19.05 10.17
C CYS G 454 34.93 -18.35 8.89
N ASN G 455 36.22 -18.42 8.59
CA ASN G 455 36.81 -17.77 7.41
C ASN G 455 36.58 -18.68 6.21
N PHE G 456 35.32 -19.06 6.00
CA PHE G 456 34.94 -19.89 4.88
C PHE G 456 34.48 -19.08 3.68
N HIS G 457 34.26 -17.76 3.86
CA HIS G 457 33.88 -16.90 2.75
C HIS G 457 34.91 -17.07 1.65
N ASN G 458 34.42 -17.16 0.42
CA ASN G 458 35.29 -17.39 -0.73
C ASN G 458 36.44 -16.38 -0.80
N TYR G 459 36.28 -15.20 -0.19
CA TYR G 459 37.28 -14.16 -0.28
C TYR G 459 37.74 -13.70 1.08
N ASP G 460 37.54 -14.54 2.08
CA ASP G 460 38.29 -14.40 3.31
C ASP G 460 39.74 -14.70 3.01
N ASN G 461 40.62 -14.24 3.88
CA ASN G 461 42.03 -14.56 3.78
C ASN G 461 42.36 -15.70 4.75
N LEU G 462 43.20 -16.63 4.30
CA LEU G 462 43.57 -17.77 5.15
C LEU G 462 44.62 -17.43 6.19
N ARG G 463 45.25 -16.26 6.07
CA ARG G 463 46.33 -15.84 6.94
C ARG G 463 45.94 -14.71 7.88
N HIS G 464 45.19 -13.72 7.40
CA HIS G 464 44.78 -12.56 8.18
C HIS G 464 43.26 -12.50 8.14
N PHE G 465 42.61 -12.94 9.22
CA PHE G 465 41.16 -13.08 9.13
C PHE G 465 40.45 -12.59 10.38
N ALA G 466 40.99 -11.58 11.04
CA ALA G 466 40.23 -10.82 12.06
C ALA G 466 39.86 -11.73 13.23
N LYS G 467 38.60 -11.64 13.71
CA LYS G 467 38.10 -12.38 14.85
C LYS G 467 37.49 -13.70 14.43
N LYS G 468 37.62 -14.07 13.16
CA LYS G 468 37.08 -15.32 12.67
C LYS G 468 37.90 -16.53 13.10
N LEU G 469 37.22 -17.66 13.26
CA LEU G 469 37.81 -18.96 13.54
C LEU G 469 38.11 -19.74 12.26
N ASP G 470 39.25 -20.46 12.24
CA ASP G 470 39.60 -21.33 11.11
C ASP G 470 39.67 -22.78 11.54
N PRO G 471 38.64 -23.58 11.25
CA PRO G 471 38.62 -24.97 11.71
C PRO G 471 39.71 -25.83 11.12
N ARG G 472 40.40 -25.37 10.08
CA ARG G 472 41.47 -26.13 9.44
C ARG G 472 42.76 -26.14 10.23
N ARG G 473 42.82 -25.38 11.32
CA ARG G 473 44.04 -25.17 12.07
C ARG G 473 43.85 -25.67 13.49
N GLU G 474 44.97 -25.80 14.20
CA GLU G 474 45.04 -26.49 15.48
C GLU G 474 44.89 -25.59 16.71
N GLY G 475 45.70 -24.54 16.82
CA GLY G 475 45.63 -23.65 17.97
C GLY G 475 46.37 -22.33 17.78
N PRO H 66 -46.17 17.66 -56.57
CA PRO H 66 -44.77 17.21 -56.68
C PRO H 66 -44.61 15.71 -56.32
N SER H 67 -43.60 14.99 -56.82
CA SER H 67 -43.39 13.58 -56.48
C SER H 67 -41.98 13.12 -56.81
N LEU H 68 -41.26 12.55 -55.83
CA LEU H 68 -39.83 12.28 -56.04
C LEU H 68 -39.60 11.38 -57.23
N GLU H 69 -40.48 10.40 -57.41
CA GLU H 69 -40.35 9.52 -58.56
C GLU H 69 -40.47 10.31 -59.85
N ASP H 70 -41.28 11.37 -59.84
CA ASP H 70 -41.53 12.14 -61.07
C ASP H 70 -40.42 13.14 -61.32
N LEU H 71 -40.02 13.88 -60.27
CA LEU H 71 -38.89 14.79 -60.41
C LEU H 71 -37.61 14.04 -60.76
N LEU H 72 -37.44 12.86 -60.17
CA LEU H 72 -36.27 12.07 -60.50
C LEU H 72 -36.39 11.51 -61.90
N PHE H 73 -37.63 11.30 -62.36
CA PHE H 73 -37.85 10.88 -63.74
C PHE H 73 -37.29 11.90 -64.71
N TYR H 74 -37.64 13.18 -64.52
CA TYR H 74 -37.19 14.18 -65.47
C TYR H 74 -35.70 14.45 -65.32
N THR H 75 -35.17 14.25 -64.10
CA THR H 75 -33.72 14.33 -63.87
C THR H 75 -32.94 13.47 -64.87
N ILE H 76 -33.39 12.22 -65.06
CA ILE H 76 -32.74 11.36 -66.04
C ILE H 76 -33.39 11.50 -67.40
N ALA H 77 -34.61 12.05 -67.46
CA ALA H 77 -35.37 12.02 -68.70
C ALA H 77 -34.76 12.90 -69.76
N GLU H 78 -34.08 14.00 -69.39
CA GLU H 78 -33.38 14.77 -70.42
C GLU H 78 -34.39 15.57 -71.26
N GLY H 79 -35.60 15.84 -70.73
CA GLY H 79 -36.74 16.34 -71.50
C GLY H 79 -37.47 15.38 -72.39
N GLN H 80 -37.06 14.14 -72.41
CA GLN H 80 -37.55 13.08 -73.27
C GLN H 80 -38.75 12.38 -72.64
N GLU H 81 -39.56 11.65 -73.42
CA GLU H 81 -40.73 11.32 -72.63
C GLU H 81 -40.75 9.82 -72.33
N LYS H 82 -39.73 9.10 -72.83
CA LYS H 82 -39.39 7.73 -72.45
C LYS H 82 -37.87 7.63 -72.24
N ILE H 83 -37.45 6.87 -71.23
CA ILE H 83 -36.06 6.58 -70.82
C ILE H 83 -35.72 5.14 -71.17
N PRO H 84 -34.69 4.87 -71.98
CA PRO H 84 -34.22 3.49 -72.14
C PRO H 84 -33.73 2.92 -70.81
N VAL H 85 -33.88 1.59 -70.63
CA VAL H 85 -33.52 1.04 -69.33
C VAL H 85 -32.00 1.00 -69.18
N HIS H 86 -31.28 0.67 -70.25
CA HIS H 86 -29.82 0.60 -70.17
C HIS H 86 -29.25 1.97 -69.81
N LYS H 87 -29.81 3.02 -70.38
CA LYS H 87 -29.38 4.36 -70.00
C LYS H 87 -29.70 4.62 -68.54
N PHE H 88 -30.78 4.05 -68.03
CA PHE H 88 -31.04 4.14 -66.60
C PHE H 88 -30.01 3.35 -65.80
N ILE H 89 -29.62 2.19 -66.34
CA ILE H 89 -28.74 1.31 -65.59
C ILE H 89 -27.34 1.91 -65.51
N THR H 90 -26.86 2.52 -66.60
CA THR H 90 -25.52 3.09 -66.53
C THR H 90 -25.51 4.34 -65.67
N ALA H 91 -26.57 5.16 -65.75
CA ALA H 91 -26.70 6.27 -64.83
C ALA H 91 -26.60 5.80 -63.40
N LEU H 92 -27.19 4.65 -63.11
CA LEU H 92 -27.19 4.11 -61.77
C LEU H 92 -25.80 3.64 -61.37
N LYS H 93 -25.11 2.91 -62.25
CA LYS H 93 -23.81 2.36 -61.91
C LYS H 93 -22.74 3.43 -61.75
N SER H 94 -22.86 4.52 -62.52
CA SER H 94 -21.90 5.61 -62.41
C SER H 94 -21.88 6.18 -61.00
N THR H 95 -23.01 6.15 -60.31
CA THR H 95 -23.02 6.59 -58.93
C THR H 95 -22.13 5.74 -58.04
N GLY H 96 -21.73 4.55 -58.49
CA GLY H 96 -20.99 3.63 -57.66
C GLY H 96 -21.81 2.50 -57.08
N LEU H 97 -23.13 2.57 -57.13
CA LEU H 97 -23.93 1.44 -56.72
C LEU H 97 -23.77 0.33 -57.75
N ARG H 98 -23.89 -0.91 -57.29
CA ARG H 98 -23.95 -2.06 -58.18
C ARG H 98 -25.39 -2.53 -58.26
N THR H 99 -25.78 -3.09 -59.41
CA THR H 99 -27.18 -3.48 -59.54
C THR H 99 -27.54 -4.62 -58.58
N SER H 100 -26.56 -5.32 -58.03
CA SER H 100 -26.82 -6.36 -57.05
C SER H 100 -26.96 -5.84 -55.63
N ASP H 101 -26.92 -4.53 -55.42
CA ASP H 101 -27.11 -3.98 -54.09
C ASP H 101 -28.41 -4.50 -53.47
N PRO H 102 -28.35 -5.10 -52.28
CA PRO H 102 -29.58 -5.53 -51.60
C PRO H 102 -30.58 -4.41 -51.36
N ARG H 103 -30.15 -3.18 -51.16
CA ARG H 103 -31.12 -2.12 -51.00
C ARG H 103 -31.79 -1.76 -52.30
N LEU H 104 -31.41 -2.44 -53.38
CA LEU H 104 -31.95 -2.19 -54.71
C LEU H 104 -32.68 -3.40 -55.29
N LYS H 105 -32.89 -4.46 -54.52
CA LYS H 105 -33.44 -5.70 -55.08
C LYS H 105 -34.82 -5.47 -55.68
N GLU H 106 -35.70 -4.80 -54.95
CA GLU H 106 -37.09 -4.60 -55.39
C GLU H 106 -37.16 -3.88 -56.74
N CYS H 107 -36.39 -2.82 -56.90
CA CYS H 107 -36.35 -2.09 -58.17
C CYS H 107 -35.82 -2.97 -59.29
N MET H 108 -34.77 -3.74 -59.01
CA MET H 108 -34.17 -4.59 -60.02
C MET H 108 -35.06 -5.76 -60.39
N ASP H 109 -35.76 -6.35 -59.41
CA ASP H 109 -36.70 -7.43 -59.70
C ASP H 109 -37.81 -6.95 -60.62
N MET H 110 -38.28 -5.72 -60.40
CA MET H 110 -39.35 -5.16 -61.20
C MET H 110 -38.85 -4.62 -62.54
N LEU H 111 -37.55 -4.36 -62.67
CA LEU H 111 -37.00 -4.06 -63.98
C LEU H 111 -36.91 -5.32 -64.85
N ARG H 112 -36.48 -6.43 -64.26
CA ARG H 112 -36.41 -7.64 -65.06
C ARG H 112 -37.79 -8.18 -65.38
N LEU H 113 -38.74 -7.99 -64.47
CA LEU H 113 -40.09 -8.44 -64.74
C LEU H 113 -40.69 -7.68 -65.90
N THR H 114 -40.65 -6.35 -65.86
CA THR H 114 -41.25 -5.60 -66.96
C THR H 114 -40.47 -5.81 -68.24
N LEU H 115 -39.21 -6.22 -68.14
CA LEU H 115 -38.49 -6.52 -69.37
C LEU H 115 -38.83 -7.89 -69.90
N GLN H 116 -39.72 -8.62 -69.23
CA GLN H 116 -40.38 -9.80 -69.77
C GLN H 116 -41.82 -9.51 -70.18
N THR H 117 -42.58 -8.77 -69.34
CA THR H 117 -44.00 -8.52 -69.59
C THR H 117 -44.22 -7.59 -70.77
N THR H 118 -43.28 -6.73 -71.08
CA THR H 118 -43.41 -5.80 -72.19
C THR H 118 -42.17 -6.09 -73.02
N SER H 119 -42.34 -6.99 -73.98
CA SER H 119 -41.25 -7.51 -74.78
C SER H 119 -40.44 -6.40 -75.45
N ASP H 120 -41.08 -5.53 -76.18
CA ASP H 120 -40.40 -4.33 -76.66
C ASP H 120 -40.85 -3.04 -75.96
N GLY H 121 -39.83 -2.35 -75.51
CA GLY H 121 -39.75 -0.99 -75.11
C GLY H 121 -38.50 -0.69 -75.88
N VAL H 122 -37.34 -0.72 -75.23
CA VAL H 122 -37.18 -1.05 -73.81
C VAL H 122 -37.44 0.17 -72.91
N MET H 123 -38.22 1.14 -73.38
CA MET H 123 -38.30 2.42 -72.71
C MET H 123 -39.56 2.52 -71.86
N LEU H 124 -39.44 3.35 -70.82
CA LEU H 124 -40.42 3.53 -69.75
C LEU H 124 -41.01 4.94 -69.80
N ASP H 125 -42.34 5.01 -69.68
CA ASP H 125 -43.05 6.19 -69.24
C ASP H 125 -42.40 6.93 -68.09
N LYS H 126 -43.12 7.93 -67.61
CA LYS H 126 -42.98 8.36 -66.22
C LYS H 126 -43.64 7.43 -65.18
N ASP H 127 -44.58 6.56 -65.60
CA ASP H 127 -45.47 5.87 -64.65
C ASP H 127 -45.06 4.44 -64.29
N LEU H 128 -44.27 3.78 -65.13
CA LEU H 128 -43.64 2.47 -64.94
C LEU H 128 -42.24 2.63 -64.35
N PHE H 129 -41.53 3.68 -64.76
CA PHE H 129 -40.40 4.12 -63.97
C PHE H 129 -40.90 4.31 -62.54
N LYS H 130 -42.10 4.89 -62.39
CA LYS H 130 -42.70 5.03 -61.08
C LYS H 130 -43.03 3.67 -60.48
N LYS H 131 -43.49 2.74 -61.34
CA LYS H 131 -43.76 1.35 -60.93
C LYS H 131 -42.51 0.63 -60.45
N CYS H 132 -41.33 0.99 -60.99
CA CYS H 132 -40.15 0.23 -60.62
C CYS H 132 -39.39 0.83 -59.45
N VAL H 133 -39.17 2.14 -59.46
CA VAL H 133 -38.34 2.77 -58.43
C VAL H 133 -39.14 3.19 -57.22
N GLN H 134 -40.47 3.03 -57.27
CA GLN H 134 -41.33 3.30 -56.12
C GLN H 134 -40.66 2.81 -54.84
N SER H 135 -40.21 1.56 -54.87
CA SER H 135 -39.84 0.82 -53.67
C SER H 135 -38.54 1.31 -53.08
N ASN H 136 -37.57 1.64 -53.94
CA ASN H 136 -36.25 2.06 -53.50
C ASN H 136 -35.94 3.50 -53.92
N ILE H 137 -36.97 4.36 -53.93
CA ILE H 137 -36.78 5.69 -54.53
C ILE H 137 -35.88 6.57 -53.67
N VAL H 138 -35.94 6.44 -52.35
CA VAL H 138 -35.18 7.38 -51.52
C VAL H 138 -33.68 7.09 -51.63
N LEU H 139 -33.30 5.81 -51.69
CA LEU H 139 -31.90 5.50 -51.88
C LEU H 139 -31.46 5.92 -53.27
N LEU H 140 -32.35 5.76 -54.23
CA LEU H 140 -32.03 6.08 -55.61
C LEU H 140 -31.82 7.58 -55.81
N THR H 141 -32.51 8.41 -55.06
CA THR H 141 -32.39 9.83 -55.35
C THR H 141 -31.06 10.39 -54.85
N GLN H 142 -30.64 10.01 -53.65
CA GLN H 142 -29.34 10.49 -53.16
C GLN H 142 -28.22 10.07 -54.08
N ALA H 143 -28.39 8.92 -54.74
CA ALA H 143 -27.41 8.51 -55.74
C ALA H 143 -27.40 9.46 -56.91
N PHE H 144 -28.58 9.90 -57.36
CA PHE H 144 -28.69 10.72 -58.56
C PHE H 144 -28.61 12.21 -58.27
N ARG H 145 -28.90 12.63 -57.03
CA ARG H 145 -28.70 14.01 -56.61
C ARG H 145 -27.32 14.23 -55.98
N ARG H 146 -26.32 13.44 -56.40
CA ARG H 146 -24.95 13.45 -55.89
C ARG H 146 -24.86 13.78 -54.41
N LYS H 147 -25.61 13.04 -53.59
CA LYS H 147 -25.63 13.25 -52.16
C LYS H 147 -24.83 12.21 -51.41
N PHE H 148 -24.14 11.33 -52.10
CA PHE H 148 -23.32 10.33 -51.45
C PHE H 148 -22.00 10.94 -50.96
N VAL H 149 -21.34 10.22 -50.05
CA VAL H 149 -20.18 10.75 -49.36
C VAL H 149 -19.10 11.15 -50.36
N ILE H 150 -19.04 10.46 -51.49
CA ILE H 150 -18.17 10.80 -52.60
C ILE H 150 -19.05 11.10 -53.80
N PRO H 151 -19.23 12.38 -54.15
CA PRO H 151 -20.19 12.71 -55.22
C PRO H 151 -19.74 12.24 -56.59
N ASP H 152 -18.51 12.59 -56.99
CA ASP H 152 -17.97 12.18 -58.30
C ASP H 152 -17.18 10.89 -58.14
N PHE H 153 -17.92 9.80 -58.04
CA PHE H 153 -17.28 8.52 -57.82
C PHE H 153 -16.50 8.05 -59.04
N MET H 154 -16.88 8.50 -60.23
CA MET H 154 -16.21 7.96 -61.40
C MET H 154 -14.78 8.47 -61.49
N SER H 155 -14.53 9.69 -61.00
CA SER H 155 -13.18 10.22 -61.06
C SER H 155 -12.32 9.70 -59.94
N PHE H 156 -12.93 9.45 -58.78
CA PHE H 156 -12.21 8.85 -57.66
C PHE H 156 -11.66 7.48 -58.03
N THR H 157 -12.46 6.67 -58.74
CA THR H 157 -11.96 5.34 -59.11
C THR H 157 -10.79 5.44 -60.09
N SER H 158 -10.74 6.47 -60.94
CA SER H 158 -9.55 6.55 -61.76
C SER H 158 -8.34 6.87 -60.94
N HIS H 159 -8.53 7.56 -59.83
CA HIS H 159 -7.43 7.81 -58.94
C HIS H 159 -7.00 6.53 -58.26
N ILE H 160 -7.97 5.78 -57.72
CA ILE H 160 -7.69 4.48 -57.12
C ILE H 160 -6.94 3.60 -58.09
N ASP H 161 -7.37 3.59 -59.35
CA ASP H 161 -6.70 2.79 -60.37
C ASP H 161 -5.25 3.22 -60.54
N GLU H 162 -4.97 4.53 -60.56
CA GLU H 162 -3.58 4.97 -60.70
C GLU H 162 -2.77 4.58 -59.48
N LEU H 163 -3.34 4.77 -58.28
CA LEU H 163 -2.67 4.35 -57.05
C LEU H 163 -2.39 2.87 -57.07
N TYR H 164 -3.37 2.08 -57.53
CA TYR H 164 -3.20 0.64 -57.67
C TYR H 164 -2.04 0.32 -58.59
N GLU H 165 -2.00 0.96 -59.76
CA GLU H 165 -0.95 0.67 -60.72
C GLU H 165 0.41 1.16 -60.24
N SER H 166 0.42 2.15 -59.36
CA SER H 166 1.68 2.62 -58.80
C SER H 166 2.22 1.62 -57.78
N ALA H 167 1.35 0.96 -57.03
CA ALA H 167 1.82 -0.07 -56.13
C ALA H 167 2.18 -1.35 -56.88
N LYS H 168 1.53 -1.61 -58.02
CA LYS H 168 1.79 -2.85 -58.73
C LYS H 168 3.26 -2.97 -59.14
N LYS H 169 3.97 -1.85 -59.15
CA LYS H 169 5.38 -1.78 -59.52
C LYS H 169 6.32 -2.05 -58.34
N GLN H 170 5.81 -2.22 -57.12
CA GLN H 170 6.64 -2.46 -55.93
C GLN H 170 6.76 -3.96 -55.66
N SER H 171 7.75 -4.59 -56.29
CA SER H 171 7.79 -6.04 -56.39
C SER H 171 8.66 -6.73 -55.33
N GLY H 172 9.12 -5.99 -54.31
CA GLY H 172 9.87 -6.59 -53.21
C GLY H 172 9.01 -7.33 -52.17
N GLY H 173 9.70 -7.92 -51.19
CA GLY H 173 9.09 -8.63 -50.08
C GLY H 173 9.18 -10.14 -50.23
N LYS H 174 8.77 -10.85 -49.16
CA LYS H 174 8.74 -12.31 -49.14
C LYS H 174 7.41 -12.81 -48.60
N VAL H 175 6.83 -13.73 -49.36
CA VAL H 175 5.57 -14.37 -49.04
C VAL H 175 5.78 -15.28 -47.83
N ALA H 176 4.84 -15.24 -46.90
CA ALA H 176 4.94 -16.05 -45.68
C ALA H 176 4.95 -17.53 -46.00
N ASP H 177 5.99 -18.24 -45.54
CA ASP H 177 6.18 -19.64 -45.86
C ASP H 177 6.02 -20.58 -44.65
N TYR H 178 5.79 -20.05 -43.43
CA TYR H 178 5.78 -20.93 -42.26
C TYR H 178 4.78 -22.08 -42.39
N ILE H 179 3.68 -21.88 -43.09
CA ILE H 179 2.81 -23.00 -43.44
C ILE H 179 2.77 -23.09 -44.96
N PRO H 180 2.61 -24.29 -45.54
CA PRO H 180 2.52 -24.39 -47.00
C PRO H 180 1.29 -23.75 -47.60
N GLN H 181 0.33 -23.32 -46.78
CA GLN H 181 -0.90 -22.73 -47.32
C GLN H 181 -0.72 -21.27 -47.72
N LEU H 182 0.11 -20.52 -47.00
CA LEU H 182 0.44 -19.17 -47.46
C LEU H 182 1.56 -19.16 -48.48
N ALA H 183 2.51 -20.11 -48.39
CA ALA H 183 3.55 -20.19 -49.41
C ALA H 183 2.98 -20.51 -50.77
N LYS H 184 1.81 -21.16 -50.81
CA LYS H 184 1.14 -21.49 -52.06
C LYS H 184 0.74 -20.24 -52.86
N PHE H 185 0.58 -19.07 -52.24
CA PHE H 185 0.06 -17.89 -52.95
C PHE H 185 1.16 -17.23 -53.77
N SER H 186 0.81 -16.79 -54.96
CA SER H 186 1.80 -16.22 -55.86
C SER H 186 2.14 -14.78 -55.43
N PRO H 187 3.37 -14.32 -55.69
CA PRO H 187 3.72 -12.94 -55.28
C PRO H 187 3.07 -11.85 -56.10
N ASP H 188 2.51 -12.15 -57.28
CA ASP H 188 2.01 -11.11 -58.16
C ASP H 188 0.53 -10.83 -58.00
N LEU H 189 -0.16 -11.57 -57.16
CA LEU H 189 -1.53 -11.20 -56.84
C LEU H 189 -1.53 -9.90 -56.05
N TRP H 190 -2.45 -9.00 -56.42
CA TRP H 190 -2.52 -7.67 -55.83
C TRP H 190 -3.93 -7.17 -56.05
N GLY H 191 -4.64 -6.90 -54.97
CA GLY H 191 -6.02 -6.45 -55.11
C GLY H 191 -6.40 -5.34 -54.15
N VAL H 192 -7.23 -4.42 -54.61
CA VAL H 192 -7.75 -3.34 -53.79
C VAL H 192 -9.25 -3.26 -54.06
N SER H 193 -10.04 -3.14 -52.99
CA SER H 193 -11.48 -3.03 -53.17
C SER H 193 -12.02 -1.97 -52.23
N VAL H 194 -12.97 -1.18 -52.73
CA VAL H 194 -13.50 -0.02 -52.00
C VAL H 194 -14.99 -0.22 -51.81
N CYS H 195 -15.47 0.17 -50.63
CA CYS H 195 -16.90 0.25 -50.34
C CYS H 195 -17.15 1.49 -49.50
N THR H 196 -17.95 2.42 -49.99
CA THR H 196 -18.11 3.64 -49.19
C THR H 196 -19.10 3.41 -48.05
N ALA H 197 -19.22 4.40 -47.17
CA ALA H 197 -20.25 4.32 -46.14
C ALA H 197 -21.65 4.37 -46.74
N ASP H 198 -21.78 4.61 -48.05
CA ASP H 198 -23.07 4.66 -48.74
C ASP H 198 -23.28 3.46 -49.66
N GLY H 199 -22.31 2.57 -49.75
CA GLY H 199 -22.44 1.40 -50.59
C GLY H 199 -21.86 1.52 -51.97
N GLN H 200 -21.15 2.59 -52.29
CA GLN H 200 -20.50 2.68 -53.58
C GLN H 200 -19.27 1.78 -53.63
N ARG H 201 -19.13 1.02 -54.72
CA ARG H 201 -18.09 0.01 -54.83
C ARG H 201 -17.19 0.24 -56.04
N HIS H 202 -15.95 -0.20 -55.91
CA HIS H 202 -15.01 -0.32 -57.01
C HIS H 202 -13.91 -1.29 -56.59
N SER H 203 -13.44 -2.11 -57.53
CA SER H 203 -12.30 -2.97 -57.29
C SER H 203 -11.39 -2.94 -58.50
N THR H 204 -10.15 -3.34 -58.27
CA THR H 204 -9.14 -3.35 -59.32
C THR H 204 -8.08 -4.39 -58.93
N GLY H 205 -7.71 -5.25 -59.88
CA GLY H 205 -6.77 -6.32 -59.57
C GLY H 205 -7.46 -7.58 -59.09
N ASP H 206 -6.78 -8.40 -58.31
CA ASP H 206 -7.27 -9.74 -57.91
C ASP H 206 -8.18 -9.65 -56.68
N THR H 207 -9.38 -9.15 -56.92
CA THR H 207 -10.26 -8.82 -55.83
C THR H 207 -11.28 -9.90 -55.48
N LYS H 208 -11.35 -10.99 -56.25
CA LYS H 208 -12.29 -12.07 -55.92
C LYS H 208 -11.57 -13.35 -55.51
N VAL H 209 -10.28 -13.27 -55.18
CA VAL H 209 -9.48 -14.43 -54.76
C VAL H 209 -9.54 -14.57 -53.24
N PRO H 210 -9.88 -15.74 -52.73
CA PRO H 210 -9.97 -15.91 -51.28
C PRO H 210 -8.60 -16.07 -50.65
N PHE H 211 -8.50 -15.56 -49.43
CA PHE H 211 -7.32 -15.64 -48.58
C PHE H 211 -7.81 -15.50 -47.15
N CYS H 212 -6.97 -15.88 -46.19
CA CYS H 212 -7.39 -15.91 -44.80
C CYS H 212 -7.14 -14.57 -44.14
N LEU H 213 -7.98 -14.26 -43.16
CA LEU H 213 -7.82 -12.98 -42.50
C LEU H 213 -6.57 -12.97 -41.65
N GLN H 214 -6.26 -14.10 -41.02
CA GLN H 214 -5.14 -14.18 -40.08
C GLN H 214 -5.37 -13.05 -39.08
N SER H 215 -4.40 -12.19 -38.84
CA SER H 215 -4.58 -11.26 -37.74
C SER H 215 -5.52 -10.13 -38.09
N CYS H 216 -6.05 -10.10 -39.32
CA CYS H 216 -7.15 -9.18 -39.59
C CYS H 216 -8.40 -9.54 -38.79
N VAL H 217 -8.46 -10.75 -38.22
CA VAL H 217 -9.64 -11.09 -37.46
C VAL H 217 -9.61 -10.47 -36.07
N LYS H 218 -8.42 -10.07 -35.57
CA LYS H 218 -8.35 -9.57 -34.21
C LYS H 218 -9.27 -8.37 -33.96
N PRO H 219 -9.25 -7.32 -34.79
CA PRO H 219 -10.18 -6.22 -34.54
C PRO H 219 -11.64 -6.66 -34.68
N LEU H 220 -11.93 -7.57 -35.60
CA LEU H 220 -13.31 -8.00 -35.78
C LEU H 220 -13.84 -8.74 -34.56
N LYS H 221 -13.04 -9.64 -33.97
CA LYS H 221 -13.58 -10.37 -32.83
C LYS H 221 -13.54 -9.52 -31.57
N TYR H 222 -12.55 -8.63 -31.46
CA TYR H 222 -12.57 -7.67 -30.36
C TYR H 222 -13.85 -6.85 -30.37
N ALA H 223 -14.28 -6.38 -31.54
CA ALA H 223 -15.53 -5.64 -31.63
C ALA H 223 -16.70 -6.50 -31.15
N ILE H 224 -16.77 -7.76 -31.59
CA ILE H 224 -17.85 -8.66 -31.17
C ILE H 224 -17.84 -8.80 -29.65
N ALA H 225 -16.66 -8.96 -29.07
CA ALA H 225 -16.58 -9.11 -27.62
C ALA H 225 -17.17 -7.90 -26.92
N VAL H 226 -16.73 -6.70 -27.29
CA VAL H 226 -17.24 -5.46 -26.71
C VAL H 226 -18.70 -5.24 -27.09
N ASN H 227 -19.08 -5.60 -28.30
CA ASN H 227 -20.47 -5.47 -28.71
C ASN H 227 -21.40 -6.26 -27.78
N ASP H 228 -20.96 -7.46 -27.37
CA ASP H 228 -21.74 -8.35 -26.51
C ASP H 228 -21.54 -8.08 -25.02
N LEU H 229 -20.41 -7.49 -24.63
CA LEU H 229 -20.05 -7.35 -23.23
C LEU H 229 -19.64 -5.93 -22.84
N GLY H 230 -19.34 -5.08 -23.80
CA GLY H 230 -19.08 -3.72 -23.37
C GLY H 230 -17.62 -3.51 -23.04
N THR H 231 -17.19 -2.28 -23.19
CA THR H 231 -15.80 -1.93 -22.95
C THR H 231 -15.31 -2.37 -21.58
N GLU H 232 -16.05 -2.05 -20.54
CA GLU H 232 -15.46 -2.12 -19.21
C GLU H 232 -15.16 -3.56 -18.83
N TYR H 233 -16.03 -4.50 -19.22
CA TYR H 233 -15.78 -5.89 -18.90
C TYR H 233 -14.58 -6.41 -19.68
N VAL H 234 -14.58 -6.24 -21.00
CA VAL H 234 -13.53 -6.79 -21.84
C VAL H 234 -12.17 -6.29 -21.39
N HIS H 235 -12.06 -5.01 -21.04
CA HIS H 235 -10.75 -4.48 -20.73
C HIS H 235 -10.36 -4.74 -19.26
N ARG H 236 -11.18 -5.52 -18.54
CA ARG H 236 -10.66 -6.20 -17.35
C ARG H 236 -9.63 -7.25 -17.74
N TYR H 237 -9.68 -7.77 -18.96
CA TYR H 237 -8.81 -8.86 -19.34
C TYR H 237 -7.72 -8.45 -20.32
N VAL H 238 -7.78 -7.25 -20.89
CA VAL H 238 -6.80 -6.84 -21.89
C VAL H 238 -6.68 -5.33 -21.87
N GLY H 239 -5.46 -4.84 -22.04
CA GLY H 239 -5.15 -3.44 -21.97
C GLY H 239 -5.64 -2.72 -23.21
N LYS H 240 -5.28 -1.43 -23.29
CA LYS H 240 -5.69 -0.60 -24.41
C LYS H 240 -4.57 0.29 -24.89
N GLU H 241 -3.32 -0.14 -24.77
CA GLU H 241 -2.22 0.68 -25.23
C GLU H 241 -1.30 -0.14 -26.11
N PRO H 242 -0.51 0.51 -26.94
CA PRO H 242 0.53 -0.21 -27.67
C PRO H 242 1.69 -0.53 -26.74
N SER H 243 2.33 -1.66 -27.04
CA SER H 243 3.47 -2.16 -26.26
C SER H 243 4.52 -1.09 -26.00
N GLY H 244 5.03 -0.50 -27.08
CA GLY H 244 6.29 0.22 -27.10
C GLY H 244 7.22 -0.67 -27.90
N LEU H 245 7.93 -0.12 -28.89
CA LEU H 245 8.50 -0.97 -29.94
C LEU H 245 9.67 -1.84 -29.48
N ARG H 246 10.04 -1.83 -28.21
CA ARG H 246 11.02 -2.79 -27.68
C ARG H 246 10.32 -3.76 -26.72
N PHE H 247 9.00 -3.96 -26.89
CA PHE H 247 8.22 -4.93 -26.13
C PHE H 247 7.36 -5.81 -27.03
N ASN H 248 7.83 -6.06 -28.25
CA ASN H 248 7.15 -7.00 -29.14
C ASN H 248 7.27 -8.45 -28.67
N LYS H 249 8.15 -8.72 -27.71
CA LYS H 249 8.38 -10.06 -27.22
C LYS H 249 7.66 -10.33 -25.90
N LEU H 250 7.24 -9.30 -25.19
CA LEU H 250 6.60 -9.45 -23.88
C LEU H 250 5.11 -9.69 -24.05
N PHE H 251 4.57 -10.61 -23.25
CA PHE H 251 3.16 -10.94 -23.40
C PHE H 251 2.25 -10.05 -22.57
N LEU H 252 2.67 -9.66 -21.38
CA LEU H 252 1.76 -9.00 -20.44
C LEU H 252 2.24 -7.61 -20.09
N ASN H 253 1.33 -6.69 -19.75
CA ASN H 253 1.71 -5.37 -19.26
C ASN H 253 1.93 -5.46 -17.74
N GLU H 254 2.03 -4.31 -17.03
CA GLU H 254 2.34 -4.26 -15.58
C GLU H 254 1.31 -4.97 -14.75
N ASP H 255 0.06 -4.79 -15.13
CA ASP H 255 -1.08 -5.27 -14.41
C ASP H 255 -1.39 -6.70 -14.77
N ASP H 256 -0.45 -7.34 -15.46
CA ASP H 256 -0.55 -8.73 -15.84
C ASP H 256 -1.69 -9.02 -16.80
N LYS H 257 -2.12 -8.03 -17.59
CA LYS H 257 -3.00 -8.33 -18.73
C LYS H 257 -2.26 -8.04 -20.04
N PRO H 258 -2.59 -8.72 -21.14
CA PRO H 258 -1.93 -8.41 -22.41
C PRO H 258 -2.11 -6.95 -22.79
N HIS H 259 -1.19 -6.47 -23.60
CA HIS H 259 -1.08 -5.03 -23.80
C HIS H 259 -2.32 -4.46 -24.45
N ASN H 260 -2.91 -5.18 -25.39
CA ASN H 260 -4.02 -4.70 -26.19
C ASN H 260 -4.55 -5.86 -27.03
N PRO H 261 -5.73 -5.71 -27.61
CA PRO H 261 -6.33 -6.80 -28.38
C PRO H 261 -5.64 -7.13 -29.70
N MET H 262 -4.67 -6.37 -30.15
CA MET H 262 -4.14 -6.61 -31.48
C MET H 262 -2.87 -7.45 -31.47
N VAL H 263 -2.36 -7.81 -30.28
CA VAL H 263 -1.21 -8.69 -30.15
C VAL H 263 -1.71 -10.10 -29.87
N ASN H 264 -0.92 -11.11 -30.23
CA ASN H 264 -1.46 -12.48 -30.25
C ASN H 264 -1.93 -12.85 -28.86
N ALA H 265 -1.18 -12.44 -27.82
CA ALA H 265 -1.64 -12.73 -26.48
C ALA H 265 -2.97 -12.04 -26.21
N GLY H 266 -3.15 -10.83 -26.74
CA GLY H 266 -4.40 -10.12 -26.50
C GLY H 266 -5.57 -10.75 -27.21
N ALA H 267 -5.39 -11.05 -28.51
CA ALA H 267 -6.46 -11.71 -29.26
C ALA H 267 -6.85 -13.02 -28.60
N ILE H 268 -5.87 -13.80 -28.12
CA ILE H 268 -6.19 -15.07 -27.49
C ILE H 268 -7.06 -14.85 -26.24
N VAL H 269 -6.71 -13.86 -25.42
CA VAL H 269 -7.54 -13.59 -24.27
C VAL H 269 -8.92 -13.17 -24.72
N VAL H 270 -8.99 -12.33 -25.75
CA VAL H 270 -10.29 -11.91 -26.24
C VAL H 270 -11.07 -13.09 -26.77
N THR H 271 -10.42 -13.95 -27.55
CA THR H 271 -11.11 -15.14 -28.01
C THR H 271 -11.73 -15.88 -26.84
N SER H 272 -11.08 -15.84 -25.67
CA SER H 272 -11.60 -16.52 -24.49
C SER H 272 -12.88 -15.88 -23.91
N LEU H 273 -13.30 -14.70 -24.37
CA LEU H 273 -14.49 -14.07 -23.83
C LEU H 273 -15.74 -14.25 -24.71
N ILE H 274 -15.56 -14.57 -25.99
CA ILE H 274 -16.69 -14.58 -26.91
C ILE H 274 -17.53 -15.82 -26.65
N LYS H 275 -18.80 -15.61 -26.30
CA LYS H 275 -19.77 -16.70 -26.20
C LYS H 275 -19.34 -17.77 -25.20
N GLN H 276 -19.04 -17.34 -23.97
CA GLN H 276 -18.55 -18.31 -22.99
C GLN H 276 -19.61 -19.37 -22.69
N GLY H 277 -19.14 -20.54 -22.25
CA GLY H 277 -20.06 -21.60 -21.84
C GLY H 277 -20.67 -22.42 -22.97
N VAL H 278 -20.39 -22.08 -24.21
CA VAL H 278 -20.88 -22.81 -25.37
C VAL H 278 -19.76 -23.66 -25.95
N ASN H 279 -20.12 -24.57 -26.84
CA ASN H 279 -19.24 -25.49 -27.53
C ASN H 279 -18.50 -24.76 -28.66
N ASN H 280 -17.37 -25.34 -29.11
CA ASN H 280 -16.52 -24.64 -30.08
C ASN H 280 -17.18 -24.53 -31.45
N ALA H 281 -18.04 -25.49 -31.80
CA ALA H 281 -18.73 -25.39 -33.09
C ALA H 281 -19.67 -24.20 -33.12
N GLU H 282 -20.44 -24.02 -32.04
CA GLU H 282 -21.45 -22.97 -32.02
C GLU H 282 -20.83 -21.60 -31.80
N LYS H 283 -19.74 -21.54 -31.03
CA LYS H 283 -18.99 -20.29 -30.92
C LYS H 283 -18.53 -19.84 -32.29
N PHE H 284 -18.02 -20.78 -33.09
CA PHE H 284 -17.60 -20.44 -34.43
C PHE H 284 -18.76 -19.92 -35.25
N ASP H 285 -19.90 -20.62 -35.22
CA ASP H 285 -21.06 -20.16 -35.97
C ASP H 285 -21.57 -18.83 -35.46
N TYR H 286 -21.49 -18.62 -34.14
CA TYR H 286 -21.87 -17.32 -33.62
C TYR H 286 -20.99 -16.24 -34.22
N VAL H 287 -19.68 -16.49 -34.29
CA VAL H 287 -18.77 -15.50 -34.85
C VAL H 287 -19.00 -15.34 -36.34
N MET H 288 -19.20 -16.45 -37.05
CA MET H 288 -19.41 -16.32 -38.49
C MET H 288 -20.75 -15.66 -38.85
N GLN H 289 -21.81 -15.88 -38.07
CA GLN H 289 -23.04 -15.14 -38.33
C GLN H 289 -22.76 -13.66 -38.31
N PHE H 290 -21.88 -13.23 -37.41
CA PHE H 290 -21.55 -11.83 -37.29
C PHE H 290 -20.88 -11.33 -38.55
N LEU H 291 -19.82 -12.02 -38.99
CA LEU H 291 -19.06 -11.52 -40.13
C LEU H 291 -19.91 -11.47 -41.38
N ASN H 292 -20.81 -12.43 -41.55
CA ASN H 292 -21.67 -12.38 -42.73
C ASN H 292 -22.50 -11.11 -42.73
N LYS H 293 -23.05 -10.75 -41.57
CA LYS H 293 -23.79 -9.49 -41.50
C LYS H 293 -22.88 -8.31 -41.80
N MET H 294 -21.65 -8.33 -41.26
CA MET H 294 -20.74 -7.22 -41.46
C MET H 294 -20.38 -7.03 -42.92
N ALA H 295 -20.34 -8.10 -43.69
CA ALA H 295 -19.99 -8.08 -45.09
C ALA H 295 -21.21 -8.08 -46.01
N GLY H 296 -22.39 -7.81 -45.45
CA GLY H 296 -23.60 -7.83 -46.25
C GLY H 296 -23.80 -9.15 -46.94
N ASN H 297 -23.41 -10.24 -46.29
CA ASN H 297 -23.59 -11.59 -46.79
C ASN H 297 -22.78 -11.86 -48.05
N GLU H 298 -21.67 -11.15 -48.26
CA GLU H 298 -20.75 -11.53 -49.34
C GLU H 298 -19.76 -12.58 -48.80
N TYR H 299 -18.73 -12.90 -49.56
CA TYR H 299 -17.99 -14.13 -49.30
C TYR H 299 -17.28 -14.08 -47.97
N VAL H 300 -17.70 -14.94 -47.06
CA VAL H 300 -16.93 -15.26 -45.86
C VAL H 300 -16.76 -16.76 -45.86
N GLY H 301 -15.52 -17.23 -45.84
CA GLY H 301 -15.30 -18.65 -45.87
C GLY H 301 -14.37 -19.14 -44.79
N PHE H 302 -13.81 -20.32 -45.00
CA PHE H 302 -12.97 -20.96 -43.99
C PHE H 302 -12.11 -21.97 -44.69
N SER H 303 -10.82 -21.97 -44.37
CA SER H 303 -9.88 -22.90 -44.97
C SER H 303 -9.50 -23.87 -43.88
N ASN H 304 -9.97 -25.11 -44.01
CA ASN H 304 -9.58 -26.12 -43.04
C ASN H 304 -8.09 -26.44 -43.18
N ALA H 305 -7.55 -26.35 -44.39
CA ALA H 305 -6.13 -26.58 -44.62
C ALA H 305 -5.27 -25.67 -43.75
N THR H 306 -5.57 -24.38 -43.76
CA THR H 306 -4.81 -23.43 -42.96
C THR H 306 -4.97 -23.70 -41.47
N PHE H 307 -6.16 -24.13 -41.06
CA PHE H 307 -6.37 -24.44 -39.66
C PHE H 307 -5.47 -25.55 -39.22
N GLN H 308 -5.41 -26.63 -40.01
CA GLN H 308 -4.61 -27.79 -39.63
C GLN H 308 -3.15 -27.42 -39.43
N SER H 309 -2.59 -26.68 -40.37
CA SER H 309 -1.18 -26.32 -40.26
C SER H 309 -0.94 -25.19 -39.28
N GLU H 310 -1.89 -24.28 -39.10
CA GLU H 310 -1.73 -23.35 -38.00
C GLU H 310 -1.78 -24.07 -36.67
N ARG H 311 -2.44 -25.24 -36.65
CA ARG H 311 -2.54 -26.04 -35.45
C ARG H 311 -1.25 -26.75 -35.09
N GLU H 312 -0.43 -27.14 -36.08
CA GLU H 312 0.69 -27.93 -35.60
C GLU H 312 1.71 -26.99 -34.99
N SER H 313 1.67 -25.69 -35.38
CA SER H 313 2.83 -24.81 -35.28
C SER H 313 2.61 -23.63 -34.35
N GLY H 314 1.54 -23.62 -33.59
CA GLY H 314 1.39 -22.48 -32.71
C GLY H 314 2.11 -22.78 -31.43
N ASP H 315 3.34 -23.30 -31.58
CA ASP H 315 4.20 -23.52 -30.42
C ASP H 315 4.30 -22.23 -29.63
N ARG H 316 4.55 -21.11 -30.34
CA ARG H 316 4.53 -19.81 -29.67
C ARG H 316 3.14 -19.50 -29.17
N ASN H 317 2.11 -19.81 -29.96
CA ASN H 317 0.76 -19.55 -29.46
C ASN H 317 0.46 -20.40 -28.23
N PHE H 318 0.81 -21.69 -28.27
CA PHE H 318 0.66 -22.51 -27.08
C PHE H 318 1.52 -21.97 -25.94
N ALA H 319 2.74 -21.53 -26.27
CA ALA H 319 3.58 -20.87 -25.29
C ALA H 319 2.82 -19.75 -24.62
N ILE H 320 2.14 -18.93 -25.44
CA ILE H 320 1.34 -17.86 -24.89
C ILE H 320 0.21 -18.42 -24.04
N GLY H 321 -0.40 -19.52 -24.49
CA GLY H 321 -1.57 -20.05 -23.78
C GLY H 321 -1.23 -20.48 -22.37
N TYR H 322 -0.15 -21.23 -22.21
CA TYR H 322 0.18 -21.69 -20.88
C TYR H 322 0.56 -20.52 -19.97
N TYR H 323 1.33 -19.56 -20.48
CA TYR H 323 1.71 -18.41 -19.68
C TYR H 323 0.48 -17.68 -19.14
N LEU H 324 -0.53 -17.50 -20.00
CA LEU H 324 -1.75 -16.81 -19.63
C LEU H 324 -2.53 -17.60 -18.60
N LYS H 325 -2.56 -18.92 -18.75
CA LYS H 325 -3.19 -19.75 -17.74
C LYS H 325 -2.45 -19.63 -16.41
N GLU H 326 -1.12 -19.60 -16.45
CA GLU H 326 -0.36 -19.48 -15.22
C GLU H 326 -0.61 -18.16 -14.52
N LYS H 327 -0.67 -17.05 -15.28
CA LYS H 327 -0.93 -15.75 -14.71
C LYS H 327 -2.42 -15.41 -14.70
N LYS H 328 -3.26 -16.42 -14.84
CA LYS H 328 -4.71 -16.35 -14.62
C LYS H 328 -5.35 -15.19 -15.40
N CYS H 329 -5.10 -15.19 -16.70
CA CYS H 329 -5.52 -14.06 -17.52
C CYS H 329 -6.85 -14.28 -18.20
N PHE H 330 -7.37 -15.48 -18.16
CA PHE H 330 -8.62 -15.96 -18.71
C PHE H 330 -9.75 -15.90 -17.69
N PRO H 331 -11.00 -15.82 -18.16
CA PRO H 331 -12.14 -15.95 -17.25
C PRO H 331 -12.17 -17.32 -16.60
N GLU H 332 -12.84 -17.39 -15.45
CA GLU H 332 -12.84 -18.62 -14.67
C GLU H 332 -13.52 -19.71 -15.47
N GLY H 333 -13.01 -20.93 -15.35
CA GLY H 333 -13.58 -22.01 -16.12
C GLY H 333 -13.18 -22.05 -17.58
N THR H 334 -12.10 -21.39 -17.96
CA THR H 334 -11.69 -21.39 -19.36
C THR H 334 -10.91 -22.66 -19.70
N ASP H 335 -11.32 -23.33 -20.78
CA ASP H 335 -10.56 -24.47 -21.32
C ASP H 335 -9.53 -23.91 -22.30
N MET H 336 -8.30 -23.73 -21.80
CA MET H 336 -7.28 -22.97 -22.52
C MET H 336 -6.92 -23.62 -23.87
N VAL H 337 -6.84 -24.95 -23.93
CA VAL H 337 -6.46 -25.51 -25.22
C VAL H 337 -7.62 -25.53 -26.21
N GLY H 338 -8.86 -25.49 -25.72
CA GLY H 338 -9.97 -25.32 -26.65
C GLY H 338 -10.05 -23.93 -27.22
N ILE H 339 -9.83 -22.91 -26.37
CA ILE H 339 -9.80 -21.52 -26.81
C ILE H 339 -8.72 -21.33 -27.85
N LEU H 340 -7.58 -21.99 -27.66
CA LEU H 340 -6.52 -21.93 -28.66
C LEU H 340 -6.99 -22.50 -30.00
N ASP H 341 -7.67 -23.66 -29.97
CA ASP H 341 -8.23 -24.22 -31.18
C ASP H 341 -9.17 -23.22 -31.85
N PHE H 342 -10.08 -22.66 -31.05
CA PHE H 342 -11.00 -21.64 -31.55
C PHE H 342 -10.21 -20.48 -32.18
N TYR H 343 -9.12 -20.04 -31.53
CA TYR H 343 -8.33 -18.95 -32.08
C TYR H 343 -7.72 -19.32 -33.43
N PHE H 344 -7.16 -20.52 -33.55
CA PHE H 344 -6.62 -20.95 -34.85
C PHE H 344 -7.70 -20.96 -35.92
N GLN H 345 -8.90 -21.42 -35.59
CA GLN H 345 -9.98 -21.41 -36.55
C GLN H 345 -10.25 -19.98 -37.04
N LEU H 346 -10.40 -19.03 -36.10
CA LEU H 346 -10.68 -17.64 -36.44
C LEU H 346 -9.62 -17.05 -37.35
N CYS H 347 -8.39 -17.52 -37.24
CA CYS H 347 -7.33 -17.03 -38.12
C CYS H 347 -7.41 -17.62 -39.52
N SER H 348 -8.22 -18.67 -39.71
CA SER H 348 -8.36 -19.33 -41.02
C SER H 348 -9.68 -19.02 -41.72
N ILE H 349 -10.41 -18.02 -41.26
CA ILE H 349 -11.58 -17.52 -41.99
C ILE H 349 -11.15 -16.86 -43.28
N GLU H 350 -11.85 -17.14 -44.36
CA GLU H 350 -11.43 -16.61 -45.65
C GLU H 350 -12.34 -15.45 -46.04
N VAL H 351 -11.77 -14.50 -46.77
CA VAL H 351 -12.52 -13.42 -47.40
C VAL H 351 -11.90 -13.19 -48.75
N THR H 352 -12.60 -12.43 -49.58
CA THR H 352 -11.99 -11.82 -50.76
C THR H 352 -11.80 -10.35 -50.48
N CYS H 353 -11.19 -9.66 -51.42
CA CYS H 353 -11.01 -8.23 -51.20
C CYS H 353 -12.34 -7.52 -51.19
N GLU H 354 -13.31 -8.03 -51.93
CA GLU H 354 -14.61 -7.39 -51.98
C GLU H 354 -15.38 -7.58 -50.67
N SER H 355 -15.51 -8.83 -50.20
CA SER H 355 -16.29 -9.05 -48.98
C SER H 355 -15.64 -8.35 -47.78
N ALA H 356 -14.32 -8.39 -47.66
CA ALA H 356 -13.70 -7.77 -46.51
C ALA H 356 -13.84 -6.25 -46.58
N SER H 357 -13.75 -5.67 -47.79
CA SER H 357 -13.93 -4.22 -47.93
C SER H 357 -15.27 -3.76 -47.39
N VAL H 358 -16.28 -4.62 -47.47
CA VAL H 358 -17.57 -4.26 -46.90
C VAL H 358 -17.49 -4.33 -45.38
N MET H 359 -16.77 -5.31 -44.85
CA MET H 359 -16.56 -5.35 -43.40
C MET H 359 -15.89 -4.06 -42.93
N ALA H 360 -14.83 -3.65 -43.63
CA ALA H 360 -14.16 -2.40 -43.28
C ALA H 360 -15.12 -1.23 -43.26
N ALA H 361 -16.01 -1.17 -44.25
CA ALA H 361 -16.98 -0.07 -44.33
C ALA H 361 -17.99 -0.10 -43.18
N THR H 362 -18.35 -1.27 -42.67
CA THR H 362 -19.21 -1.28 -41.48
C THR H 362 -18.54 -0.54 -40.33
N LEU H 363 -17.22 -0.68 -40.21
CA LEU H 363 -16.47 0.09 -39.23
C LEU H 363 -16.40 1.56 -39.62
N ALA H 364 -16.28 1.83 -40.90
CA ALA H 364 -16.32 3.23 -41.32
C ALA H 364 -17.66 3.85 -41.01
N ASN H 365 -18.70 3.04 -40.85
CA ASN H 365 -20.08 3.52 -40.85
C ASN H 365 -20.78 3.38 -39.49
N GLY H 366 -20.05 3.50 -38.38
CA GLY H 366 -20.66 3.46 -37.08
C GLY H 366 -21.33 2.15 -36.73
N GLY H 367 -20.99 1.07 -37.43
CA GLY H 367 -21.55 -0.23 -37.15
C GLY H 367 -22.68 -0.66 -38.04
N PHE H 368 -23.13 0.20 -38.97
CA PHE H 368 -24.18 -0.16 -39.90
C PHE H 368 -23.55 -0.66 -41.21
N CYS H 369 -23.92 -1.85 -41.64
CA CYS H 369 -23.36 -2.35 -42.90
C CYS H 369 -23.92 -1.54 -44.05
N PRO H 370 -23.10 -0.84 -44.83
CA PRO H 370 -23.62 0.15 -45.76
C PRO H 370 -24.46 -0.43 -46.89
N ILE H 371 -24.31 -1.71 -47.23
CA ILE H 371 -25.09 -2.26 -48.34
C ILE H 371 -26.34 -3.02 -47.87
N THR H 372 -26.58 -3.11 -46.56
CA THR H 372 -27.82 -3.70 -46.11
C THR H 372 -28.61 -2.81 -45.17
N GLY H 373 -27.99 -1.83 -44.54
CA GLY H 373 -28.65 -1.02 -43.54
C GLY H 373 -28.79 -1.70 -42.20
N GLU H 374 -28.31 -2.94 -42.06
CA GLU H 374 -28.38 -3.64 -40.78
C GLU H 374 -27.41 -3.03 -39.78
N ARG H 375 -27.85 -2.80 -38.54
CA ARG H 375 -26.93 -2.44 -37.47
C ARG H 375 -26.25 -3.71 -36.98
N VAL H 376 -24.93 -3.82 -37.18
CA VAL H 376 -24.20 -5.04 -36.83
C VAL H 376 -23.35 -4.86 -35.58
N LEU H 377 -22.85 -3.66 -35.30
CA LEU H 377 -22.02 -3.43 -34.14
C LEU H 377 -22.44 -2.14 -33.44
N SER H 378 -22.36 -2.15 -32.11
CA SER H 378 -22.67 -0.98 -31.32
C SER H 378 -21.60 0.09 -31.51
N PRO H 379 -21.98 1.36 -31.49
CA PRO H 379 -20.97 2.42 -31.65
C PRO H 379 -19.84 2.37 -30.65
N GLU H 380 -20.09 1.88 -29.43
CA GLU H 380 -19.01 1.66 -28.48
C GLU H 380 -18.02 0.61 -28.98
N ALA H 381 -18.52 -0.44 -29.63
CA ALA H 381 -17.64 -1.47 -30.19
C ALA H 381 -16.84 -0.92 -31.36
N VAL H 382 -17.45 -0.13 -32.22
CA VAL H 382 -16.77 0.33 -33.41
C VAL H 382 -15.79 1.44 -33.06
N ARG H 383 -16.16 2.31 -32.12
CA ARG H 383 -15.23 3.35 -31.73
C ARG H 383 -13.97 2.74 -31.15
N ASN H 384 -14.17 1.83 -30.19
CA ASN H 384 -13.03 1.22 -29.51
C ASN H 384 -12.11 0.55 -30.51
N THR H 385 -12.68 -0.25 -31.40
CA THR H 385 -11.87 -1.01 -32.35
C THR H 385 -11.08 -0.08 -33.28
N LEU H 386 -11.69 1.01 -33.72
CA LEU H 386 -10.96 1.92 -34.58
C LEU H 386 -9.77 2.55 -33.84
N SER H 387 -9.94 2.87 -32.57
CA SER H 387 -8.85 3.46 -31.81
C SER H 387 -7.64 2.52 -31.76
N LEU H 388 -7.88 1.22 -31.58
CA LEU H 388 -6.78 0.31 -31.36
C LEU H 388 -6.15 -0.11 -32.68
N MET H 389 -6.90 -0.06 -33.79
CA MET H 389 -6.27 -0.22 -35.09
C MET H 389 -5.37 0.96 -35.39
N HIS H 390 -5.79 2.17 -35.01
CA HIS H 390 -4.97 3.35 -35.20
C HIS H 390 -3.60 3.11 -34.60
N SER H 391 -3.54 2.67 -33.34
CA SER H 391 -2.28 2.64 -32.61
C SER H 391 -1.59 1.29 -32.60
N CYS H 392 -2.28 0.16 -32.79
CA CYS H 392 -1.65 -1.14 -32.60
C CYS H 392 -1.92 -2.12 -33.72
N GLY H 393 -2.33 -1.67 -34.89
CA GLY H 393 -2.84 -2.58 -35.89
C GLY H 393 -1.86 -3.11 -36.89
N MET H 394 -0.67 -2.55 -36.95
CA MET H 394 0.24 -2.80 -38.07
C MET H 394 1.57 -3.31 -37.58
N TYR H 395 1.56 -4.09 -36.51
CA TYR H 395 2.74 -4.76 -35.94
C TYR H 395 3.73 -3.66 -35.56
N ASP H 396 5.04 -3.88 -35.70
CA ASP H 396 6.00 -2.85 -35.31
C ASP H 396 5.95 -1.60 -36.17
N PHE H 397 5.15 -1.58 -37.24
CA PHE H 397 5.01 -0.38 -38.02
C PHE H 397 3.91 0.51 -37.52
N SER H 398 3.29 0.17 -36.37
CA SER H 398 2.07 0.84 -35.97
C SER H 398 2.30 2.31 -35.66
N GLY H 399 3.41 2.64 -35.01
CA GLY H 399 3.69 4.03 -34.71
C GLY H 399 3.94 4.83 -35.96
N GLN H 400 4.80 4.30 -36.84
CA GLN H 400 5.14 5.00 -38.08
C GLN H 400 3.93 5.11 -38.98
N PHE H 401 3.08 4.07 -38.98
CA PHE H 401 1.88 4.04 -39.81
C PHE H 401 0.86 5.06 -39.32
N ALA H 402 0.66 5.17 -38.01
CA ALA H 402 -0.25 6.19 -37.50
C ALA H 402 0.28 7.57 -37.85
N PHE H 403 1.60 7.75 -37.78
CA PHE H 403 2.17 9.05 -38.09
C PHE H 403 1.96 9.41 -39.55
N HIS H 404 2.42 8.56 -40.47
CA HIS H 404 2.42 8.97 -41.87
C HIS H 404 1.07 8.76 -42.53
N VAL H 405 0.39 7.65 -42.24
CA VAL H 405 -0.91 7.39 -42.86
C VAL H 405 -2.05 7.86 -41.98
N GLY H 406 -1.98 7.61 -40.67
CA GLY H 406 -3.04 8.12 -39.82
C GLY H 406 -4.40 7.55 -40.12
N LEU H 407 -4.48 6.27 -40.48
CA LEU H 407 -5.78 5.62 -40.61
C LEU H 407 -5.86 4.36 -39.77
N PRO H 408 -7.01 4.06 -39.18
CA PRO H 408 -7.19 2.76 -38.50
C PRO H 408 -7.06 1.65 -39.52
N ALA H 409 -6.11 0.74 -39.28
CA ALA H 409 -5.90 -0.37 -40.20
C ALA H 409 -5.45 -1.58 -39.42
N LYS H 410 -5.55 -2.75 -40.06
CA LYS H 410 -5.05 -3.99 -39.49
C LYS H 410 -4.39 -4.80 -40.60
N SER H 411 -3.20 -5.32 -40.33
CA SER H 411 -2.50 -6.14 -41.30
C SER H 411 -2.57 -7.58 -40.86
N GLY H 412 -2.34 -8.48 -41.82
CA GLY H 412 -2.32 -9.91 -41.54
C GLY H 412 -1.26 -10.59 -42.39
N VAL H 413 -0.88 -11.79 -41.98
CA VAL H 413 0.29 -12.42 -42.58
C VAL H 413 0.02 -13.00 -43.99
N ALA H 414 -1.23 -13.20 -44.36
CA ALA H 414 -1.53 -13.61 -45.72
C ALA H 414 -1.38 -12.50 -46.76
N GLY H 415 -1.07 -11.28 -46.33
CA GLY H 415 -0.89 -10.15 -47.23
C GLY H 415 -2.03 -9.15 -47.24
N GLY H 416 -3.01 -9.27 -46.36
CA GLY H 416 -4.12 -8.33 -46.34
C GLY H 416 -3.85 -7.13 -45.44
N ILE H 417 -4.44 -5.99 -45.79
CA ILE H 417 -4.50 -4.83 -44.90
C ILE H 417 -5.93 -4.30 -44.92
N LEU H 418 -6.63 -4.41 -43.81
CA LEU H 418 -7.98 -3.92 -43.71
C LEU H 418 -7.94 -2.46 -43.27
N LEU H 419 -8.41 -1.56 -44.12
CA LEU H 419 -8.26 -0.13 -43.90
C LEU H 419 -9.62 0.57 -43.79
N VAL H 420 -9.72 1.51 -42.84
CA VAL H 420 -10.94 2.25 -42.59
C VAL H 420 -10.63 3.73 -42.71
N VAL H 421 -11.42 4.44 -43.50
CA VAL H 421 -11.45 5.89 -43.45
C VAL H 421 -12.76 6.28 -42.77
N PRO H 422 -12.73 6.61 -41.50
CA PRO H 422 -13.98 6.91 -40.80
C PRO H 422 -14.83 7.91 -41.57
N ASN H 423 -16.14 7.65 -41.59
CA ASN H 423 -17.16 8.48 -42.22
C ASN H 423 -17.04 8.51 -43.73
N VAL H 424 -16.15 7.72 -44.30
CA VAL H 424 -15.99 7.73 -45.75
C VAL H 424 -16.07 6.34 -46.36
N MET H 425 -15.15 5.46 -46.00
CA MET H 425 -15.10 4.20 -46.74
C MET H 425 -14.25 3.20 -46.00
N GLY H 426 -14.36 1.95 -46.46
CA GLY H 426 -13.50 0.87 -46.03
C GLY H 426 -12.79 0.27 -47.21
N MET H 427 -11.68 -0.44 -46.98
CA MET H 427 -10.90 -1.04 -48.06
C MET H 427 -10.28 -2.32 -47.55
N MET H 428 -9.90 -3.17 -48.50
CA MET H 428 -9.00 -4.27 -48.20
C MET H 428 -7.97 -4.31 -49.31
N CYS H 429 -6.69 -4.27 -48.96
CA CYS H 429 -5.62 -4.47 -49.93
C CYS H 429 -4.99 -5.82 -49.65
N TRP H 430 -4.59 -6.49 -50.72
CA TRP H 430 -4.08 -7.86 -50.59
C TRP H 430 -2.98 -8.08 -51.61
N SER H 431 -1.78 -8.31 -51.10
CA SER H 431 -0.61 -8.79 -51.84
C SER H 431 0.19 -9.66 -50.88
N PRO H 432 0.36 -10.95 -51.18
CA PRO H 432 0.95 -11.89 -50.20
C PRO H 432 2.35 -11.54 -49.76
N PRO H 433 3.19 -10.90 -50.59
CA PRO H 433 4.56 -10.61 -50.13
C PRO H 433 4.60 -9.67 -48.94
N LEU H 434 5.21 -10.15 -47.85
CA LEU H 434 5.41 -9.34 -46.65
C LEU H 434 6.79 -8.71 -46.65
N ASP H 435 6.87 -7.57 -45.96
CA ASP H 435 8.12 -6.86 -45.71
C ASP H 435 8.73 -7.41 -44.42
N LYS H 436 9.81 -6.80 -43.95
CA LYS H 436 10.47 -7.46 -42.82
C LYS H 436 9.76 -7.19 -41.50
N MET H 437 8.67 -6.44 -41.51
CA MET H 437 7.89 -6.27 -40.30
C MET H 437 6.59 -7.08 -40.30
N GLY H 438 6.25 -7.72 -41.40
CA GLY H 438 5.05 -8.55 -41.49
C GLY H 438 3.91 -7.97 -42.30
N ASN H 439 4.08 -6.78 -42.89
CA ASN H 439 3.02 -6.10 -43.62
C ASN H 439 3.23 -6.24 -45.13
N SER H 440 2.12 -6.41 -45.86
CA SER H 440 2.17 -6.42 -47.30
C SER H 440 2.90 -5.21 -47.87
N VAL H 441 3.90 -5.46 -48.70
CA VAL H 441 4.69 -4.37 -49.29
C VAL H 441 3.80 -3.46 -50.13
N LYS H 442 3.12 -4.04 -51.11
CA LYS H 442 2.24 -3.26 -51.98
C LYS H 442 1.13 -2.61 -51.16
N GLY H 443 0.63 -3.32 -50.16
CA GLY H 443 -0.39 -2.73 -49.32
C GLY H 443 0.08 -1.42 -48.72
N ILE H 444 1.22 -1.49 -48.03
CA ILE H 444 1.73 -0.30 -47.33
C ILE H 444 2.03 0.81 -48.32
N HIS H 445 2.60 0.46 -49.47
CA HIS H 445 2.89 1.47 -50.48
C HIS H 445 1.61 2.17 -50.91
N PHE H 446 0.53 1.40 -51.04
CA PHE H 446 -0.75 1.96 -51.46
C PHE H 446 -1.29 2.94 -50.44
N CYS H 447 -1.11 2.66 -49.14
CA CYS H 447 -1.77 3.52 -48.18
C CYS H 447 -1.02 4.83 -47.98
N HIS H 448 0.30 4.82 -48.14
CA HIS H 448 1.03 6.07 -48.22
C HIS H 448 0.57 6.89 -49.40
N ASP H 449 0.56 6.29 -50.59
CA ASP H 449 0.11 7.00 -51.77
C ASP H 449 -1.30 7.55 -51.57
N LEU H 450 -2.15 6.78 -50.88
CA LEU H 450 -3.53 7.20 -50.72
C LEU H 450 -3.64 8.49 -49.97
N VAL H 451 -3.00 8.57 -48.80
CA VAL H 451 -3.15 9.77 -47.98
C VAL H 451 -2.34 10.93 -48.54
N SER H 452 -1.26 10.67 -49.28
CA SER H 452 -0.58 11.80 -49.87
C SER H 452 -1.46 12.45 -50.93
N LEU H 453 -2.37 11.66 -51.52
CA LEU H 453 -3.28 12.18 -52.54
C LEU H 453 -4.51 12.86 -51.94
N CYS H 454 -5.12 12.29 -50.89
CA CYS H 454 -6.36 12.78 -50.34
C CYS H 454 -6.23 13.13 -48.87
N ASN H 455 -7.12 14.00 -48.41
CA ASN H 455 -7.05 14.47 -47.02
C ASN H 455 -7.78 13.52 -46.09
N PHE H 456 -7.43 12.24 -46.19
CA PHE H 456 -8.03 11.24 -45.34
C PHE H 456 -7.27 11.01 -44.06
N HIS H 457 -6.05 11.54 -43.97
CA HIS H 457 -5.26 11.42 -42.74
C HIS H 457 -6.11 11.87 -41.57
N ASN H 458 -6.01 11.12 -40.48
CA ASN H 458 -6.83 11.39 -39.31
C ASN H 458 -6.75 12.83 -38.85
N TYR H 459 -5.69 13.53 -39.19
CA TYR H 459 -5.52 14.90 -38.73
C TYR H 459 -5.24 15.85 -39.88
N ASP H 460 -5.62 15.49 -41.10
CA ASP H 460 -5.75 16.52 -42.12
C ASP H 460 -6.90 17.45 -41.75
N ASN H 461 -6.88 18.65 -42.31
CA ASN H 461 -7.99 19.57 -42.11
C ASN H 461 -8.95 19.50 -43.29
N LEU H 462 -10.24 19.59 -43.01
CA LEU H 462 -11.25 19.58 -44.05
C LEU H 462 -11.41 20.94 -44.75
N ARG H 463 -10.81 22.00 -44.22
CA ARG H 463 -10.88 23.32 -44.84
C ARG H 463 -9.57 23.74 -45.51
N HIS H 464 -8.44 23.55 -44.85
CA HIS H 464 -7.16 23.98 -45.40
C HIS H 464 -6.24 22.77 -45.50
N PHE H 465 -6.10 22.24 -46.71
CA PHE H 465 -5.41 20.97 -46.87
C PHE H 465 -4.47 21.02 -48.06
N ALA H 466 -3.91 22.18 -48.35
CA ALA H 466 -2.78 22.30 -49.29
C ALA H 466 -3.24 21.73 -50.62
N LYS H 467 -2.45 20.92 -51.35
CA LYS H 467 -2.97 20.43 -52.62
C LYS H 467 -3.41 18.96 -52.55
N LYS H 468 -3.79 18.47 -51.36
CA LYS H 468 -4.45 17.17 -51.33
C LYS H 468 -5.80 17.33 -52.03
N LEU H 469 -6.28 16.24 -52.61
CA LEU H 469 -7.60 16.22 -53.24
C LEU H 469 -8.62 15.85 -52.18
N ASP H 470 -9.82 16.43 -52.23
CA ASP H 470 -10.90 16.06 -51.31
C ASP H 470 -12.06 15.41 -52.06
N PRO H 471 -12.17 14.09 -52.04
CA PRO H 471 -13.27 13.42 -52.76
C PRO H 471 -14.64 13.68 -52.17
N ARG H 472 -14.73 14.25 -50.98
CA ARG H 472 -16.05 14.53 -50.43
C ARG H 472 -16.73 15.77 -50.99
N ARG H 473 -16.03 16.56 -51.81
CA ARG H 473 -16.55 17.80 -52.36
C ARG H 473 -16.49 17.74 -53.88
N GLU H 474 -17.19 18.67 -54.54
CA GLU H 474 -17.26 18.57 -55.99
C GLU H 474 -16.27 19.46 -56.73
N GLY H 475 -16.49 20.77 -56.73
CA GLY H 475 -15.71 21.68 -57.55
C GLY H 475 -15.03 22.76 -56.76
N12 QA4 I . -9.89 11.11 16.34
C13 QA4 I . -8.96 10.46 15.47
C15 QA4 I . -10.76 8.76 14.82
C17 QA4 I . -12.04 9.55 14.60
C20 QA4 I . -9.43 12.94 24.56
C26 QA4 I . -12.79 9.19 28.25
C28 QA4 I . -13.09 6.66 28.40
C01 QA4 I . -7.30 14.57 22.31
C02 QA4 I . -7.70 14.41 23.75
C04 QA4 I . -10.00 14.55 22.85
C05 QA4 I . -9.53 14.14 21.46
C06 QA4 I . -8.11 13.62 21.45
C08 QA4 I . -8.35 13.40 19.14
C11 QA4 I . -9.45 12.08 17.30
C14 QA4 I . -9.44 9.43 14.45
C16 QA4 I . -11.65 8.44 13.65
C23 QA4 I . -10.61 10.99 25.68
C25 QA4 I . -11.77 10.12 27.59
C27 QA4 I . -12.79 7.85 27.53
C29 QA4 I . -11.67 6.94 27.96
N03 QA4 I . -9.06 14.11 23.82
N09 QA4 I . -9.31 14.06 18.45
N10 QA4 I . -9.89 13.34 17.46
N21 QA4 I . -8.67 12.08 25.26
N22 QA4 I . -9.28 11.05 25.88
N24 QA4 I . -11.56 10.06 26.18
O07 QA4 I . -7.53 13.84 20.19
O18 QA4 I . -7.76 10.70 15.51
O30 QA4 I . -11.13 10.91 28.26
S19 QA4 I . -8.21 11.85 18.48
S31 QA4 I . -11.01 12.34 24.70
N12 QA4 J . -13.28 -5.23 16.73
C13 QA4 J . -12.89 -4.27 15.73
C15 QA4 J . -11.22 -2.45 16.33
C17 QA4 J . -10.01 -1.68 15.84
C20 QA4 J . -20.90 -4.19 20.46
C26 QA4 J . -22.33 0.72 24.34
C28 QA4 J . -20.35 1.24 25.99
C01 QA4 J . -19.91 -7.19 18.48
C02 QA4 J . -20.91 -6.44 19.36
C04 QA4 J . -18.82 -5.36 20.12
C05 QA4 J . -18.26 -5.41 18.72
C06 QA4 J . -19.16 -6.10 17.72
C08 QA4 J . -17.03 -6.50 16.80
C11 QA4 J . -14.59 -5.77 16.85
C14 QA4 J . -11.43 -3.82 15.68
C16 QA4 J . -10.02 -2.29 17.23
C23 QA4 J . -21.84 -2.24 21.84
C25 QA4 J . -21.78 -0.02 23.11
C27 QA4 J . -21.42 1.76 25.03
C29 QA4 J . -21.63 1.85 26.52
N03 QA4 J . -20.23 -5.38 20.00
N09 QA4 J . -16.19 -7.27 17.51
N10 QA4 J . -14.89 -6.88 17.53
N21 QA4 J . -21.63 -3.26 19.79
N22 QA4 J . -22.13 -2.24 20.53
N24 QA4 J . -22.22 -1.36 22.91
O07 QA4 J . -18.42 -6.67 16.63
O18 QA4 J . -13.69 -3.84 14.93
O30 QA4 J . -21.01 0.53 22.33
S19 QA4 J . -16.07 -5.24 16.13
S31 QA4 J . -20.89 -3.64 22.08
N12 QA4 K . 14.21 -12.49 -23.55
C13 QA4 K . 14.63 -11.73 -24.71
C15 QA4 K . 16.36 -10.16 -23.66
C17 QA4 K . 17.38 -10.73 -22.69
C20 QA4 K . 6.61 -11.19 -19.64
C26 QA4 K . 5.40 -6.07 -15.68
C28 QA4 K . 4.55 -8.15 -14.34
C01 QA4 K . 7.23 -14.30 -21.77
C02 QA4 K . 6.36 -13.30 -20.99
C04 QA4 K . 8.49 -12.71 -19.95
C05 QA4 K . 9.21 -13.00 -21.28
C06 QA4 K . 8.35 -13.52 -22.43
C08 QA4 K . 10.51 -14.05 -23.22
C11 QA4 K . 12.93 -13.14 -23.37
C14 QA4 K . 16.01 -11.08 -24.83
C16 QA4 K . 17.78 -9.60 -23.61
C23 QA4 K . 5.90 -8.86 -18.54
C25 QA4 K . 5.26 -6.41 -17.21
C27 QA4 K . 5.67 -7.32 -14.95
C29 QA4 K . 5.39 -7.28 -13.48
N03 QA4 K . 7.11 -12.48 -20.10
N09 QA4 K . 11.44 -14.69 -22.52
N10 QA4 K . 12.70 -14.21 -22.59
N21 QA4 K . 5.76 -10.36 -20.29
N22 QA4 K . 5.36 -9.16 -19.73
N24 QA4 K . 5.79 -7.83 -17.55
O07 QA4 K . 9.12 -14.33 -23.31
O18 QA4 K . 13.89 -11.62 -25.64
O30 QA4 K . 4.99 -5.43 -17.88
S19 QA4 K . 11.36 -12.79 -24.01
S31 QA4 K . 6.85 -10.25 -18.20
N12 QA4 L . 17.91 3.14 -24.08
C13 QA4 L . 18.57 3.04 -25.33
C15 QA4 L . 16.93 1.19 -25.82
C17 QA4 L . 15.62 1.86 -26.14
C20 QA4 L . 18.35 5.61 -15.98
C26 QA4 L . 14.77 2.05 -12.33
C28 QA4 L . 15.23 -0.29 -13.41
C01 QA4 L . 20.37 6.02 -18.27
C02 QA4 L . 20.10 6.84 -17.03
C04 QA4 L . 17.74 7.23 -17.65
C05 QA4 L . 18.41 7.37 -19.01
C06 QA4 L . 19.27 6.14 -19.31
C08 QA4 L . 19.21 5.79 -21.52
C11 QA4 L . 18.25 4.21 -23.20
C14 QA4 L . 18.20 1.91 -26.28
C16 QA4 L . 16.08 0.67 -26.95
C23 QA4 L . 17.21 3.69 -14.76
C25 QA4 L . 15.75 3.06 -12.92
C27 QA4 L . 15.40 0.65 -12.23
C29 QA4 L . 14.40 -0.51 -12.17
N03 QA4 L . 18.72 6.75 -16.75
N09 QA4 L . 18.16 6.26 -22.20
N10 QA4 L . 17.63 5.41 -23.10
N21 QA4 L . 19.13 4.75 -15.28
N22 QA4 L . 18.54 3.73 -14.63
N24 QA4 L . 16.30 2.76 -14.19
O07 QA4 L . 19.94 6.43 -20.50
O18 QA4 L . 19.43 3.86 -25.65
O30 QA4 L . 16.05 4.10 -12.34
S19 QA4 L . 19.54 4.21 -22.06
S31 QA4 L . 16.77 5.03 -15.75
#